data_4UEQ
#
_entry.id   4UEQ
#
_cell.length_a   60.720
_cell.length_b   99.800
_cell.length_c   190.800
_cell.angle_alpha   90.21
_cell.angle_beta   98.61
_cell.angle_gamma   90.11
#
_symmetry.space_group_name_H-M   'P 1'
#
loop_
_entity.id
_entity.type
_entity.pdbx_description
1 polymer 'HYDROGENASE (NIFE) SMALL SUBUNIT HYDA'
2 polymer 'NICKEL-DEPENDENT HYDROGENASE LARGE SUBUNIT'
3 non-polymer 'IRON/SULFUR CLUSTER'
4 non-polymer 'FE3-S4 CLUSTER'
5 non-polymer 'CARBONMONOXIDE-(DICYANO) IRON'
6 non-polymer 'NICKEL (II) ION'
7 non-polymer 'HYDROSULFURIC ACID'
8 non-polymer 'MAGNESIUM ION'
9 non-polymer 'CALCIUM ION'
10 non-polymer GLYCEROL
11 non-polymer 'CARBONATE ION'
12 water water
#
loop_
_entity_poly.entity_id
_entity_poly.type
_entity_poly.pdbx_seq_one_letter_code
_entity_poly.pdbx_strand_id
1 'polypeptide(L)'
;LTAKHRPSVVWLHNAECTGCTEAAIRTIKPYIDALILDTISLDYQETIMAAAGEAAEAALHQALEGKDGYYLVVEGGLPT
IDGGQWGMVAGHPMIETTKKAAAKAKGIICIGTCSAYGGVQKAKPNPSQAKGVSEALGVKTINIPGCPPNPINFVGAVVH
VLTKGIPDLDENGRPKLFYGELVHDNCPRLPHFEASEFAPSFDSEEAKKGFCLYELGCKGPVTYNNCPKVLFNQVNWPVQ
AGHPCLGCSEPDFWDTMTPFYEQG
;
A,B,C,D,E,F
2 'polypeptide(L)'
;ASWSHPQFEKGASGAAESKPTPQSTFTGPIVVDPITRIEGHLRIMVEVENGKVKDAWSSSQLFRGLEIILKGRDPRDAQH
FTQRACGCCTYVHALASSRCVDDAVKVSIPANARMMRNLVMASQYLHDHLVHFYHLHALDWVDVTAALKADPNKAAKLAA
SIAPARPGNSAKALKAVQDKLKAFVESGQLGIFTNAYFLGGHKAYYLPPEVDLIATAHYLEALHMQVKAASAMAILGGKN
PHTQFTVVGGCSNYQGLTKDPLANYLALSKEVCQFVNECYIPDLLAVAGFYKDWGGIGGTSNYLAFGEFATDDSSPEKHL
ATSQFPSGVITGRDLGKVDNVDLGAIYEDVKYSWYAPGGDGKHPYDGVTDPKYTKLDDKDHYSWMKAPRYKGKAMEVGPL
ARTFIAYAKGQPDFKKVVDMVLGKLSVPATALHSTLGRTAARGIETAIVCANMEKWIKEMADSGAKDNTLCAKWEMPEES
KGVGLADAPRGALSHWIRIKGKKIDNFQLVVPSTWNLGPRGAQGDKSPVEEALIGTPIADPKRPVEILRTVHAFDP
(CSS)IACGVH
;
Q,R,S,T,U,V
#
loop_
_chem_comp.id
_chem_comp.type
_chem_comp.name
_chem_comp.formula
CA non-polymer 'CALCIUM ION' 'Ca 2'
CO3 non-polymer 'CARBONATE ION' 'C O3 -2'
F3S non-polymer 'FE3-S4 CLUSTER' 'Fe3 S4'
FCO non-polymer 'CARBONMONOXIDE-(DICYANO) IRON' 'C3 Fe N2 O'
GOL non-polymer GLYCEROL 'C3 H8 O3'
H2S non-polymer 'HYDROSULFURIC ACID' 'H2 S'
MG non-polymer 'MAGNESIUM ION' 'Mg 2'
NI non-polymer 'NICKEL (II) ION' 'Ni 2'
SF4 non-polymer 'IRON/SULFUR CLUSTER' 'Fe4 S4'
#
# COMPACT_ATOMS: atom_id res chain seq x y z
N ALA A 3 21.45 -52.84 12.45
CA ALA A 3 20.79 -51.63 11.87
C ALA A 3 19.46 -51.93 11.21
N LYS A 4 18.38 -51.82 11.98
CA LYS A 4 17.03 -52.12 11.48
C LYS A 4 16.59 -51.10 10.42
N HIS A 5 16.09 -51.59 9.27
CA HIS A 5 15.52 -50.73 8.22
C HIS A 5 14.32 -49.95 8.73
N ARG A 6 14.29 -48.63 8.48
CA ARG A 6 13.13 -47.80 8.87
C ARG A 6 12.29 -47.54 7.63
N PRO A 7 10.95 -47.63 7.77
CA PRO A 7 10.06 -47.44 6.60
C PRO A 7 10.20 -46.06 5.94
N SER A 8 10.25 -46.06 4.61
CA SER A 8 10.49 -44.85 3.83
C SER A 8 9.18 -44.06 3.73
N VAL A 9 9.27 -42.76 4.04
CA VAL A 9 8.18 -41.82 3.84
C VAL A 9 8.64 -40.72 2.87
N VAL A 10 7.85 -40.52 1.82
CA VAL A 10 8.06 -39.44 0.86
C VAL A 10 6.99 -38.41 1.15
N TRP A 11 7.37 -37.16 1.36
CA TRP A 11 6.41 -36.11 1.71
C TRP A 11 6.42 -35.05 0.58
N LEU A 12 5.26 -34.79 -0.04
CA LEU A 12 5.19 -33.79 -1.14
C LEU A 12 4.45 -32.55 -0.71
N HIS A 13 4.88 -31.40 -1.22
CA HIS A 13 4.23 -30.11 -0.94
C HIS A 13 3.65 -29.57 -2.24
N ASN A 14 2.33 -29.41 -2.30
CA ASN A 14 1.67 -28.94 -3.53
C ASN A 14 1.15 -27.51 -3.28
N ALA A 15 -0.16 -27.29 -3.35
CA ALA A 15 -0.70 -25.96 -3.07
C ALA A 15 -0.99 -25.89 -1.57
N GLU A 16 -0.03 -25.35 -0.82
CA GLU A 16 -0.09 -25.45 0.64
C GLU A 16 0.52 -24.19 1.21
N CYS A 17 0.29 -23.96 2.50
CA CYS A 17 0.88 -22.82 3.22
C CYS A 17 2.07 -23.23 4.12
N THR A 18 2.36 -24.54 4.15
CA THR A 18 3.39 -25.14 5.04
C THR A 18 3.00 -25.19 6.51
N GLY A 19 1.74 -24.82 6.86
CA GLY A 19 1.34 -24.92 8.25
C GLY A 19 1.17 -26.36 8.70
N CYS A 20 0.92 -27.26 7.75
CA CYS A 20 0.81 -28.71 8.04
C CYS A 20 2.17 -29.31 8.44
N THR A 21 3.20 -29.02 7.64
CA THR A 21 4.59 -29.33 8.03
C THR A 21 4.91 -28.69 9.40
N GLU A 22 4.62 -27.38 9.58
CA GLU A 22 4.86 -26.76 10.90
C GLU A 22 4.14 -27.51 12.02
N ALA A 23 2.89 -27.86 11.81
CA ALA A 23 2.13 -28.60 12.83
C ALA A 23 2.81 -29.93 13.16
N ALA A 24 3.19 -30.66 12.12
CA ALA A 24 3.85 -31.94 12.31
C ALA A 24 5.09 -31.82 13.20
N ILE A 25 5.89 -30.75 13.05
CA ILE A 25 7.08 -30.66 13.90
C ILE A 25 6.85 -30.22 15.35
N ARG A 26 5.58 -29.91 15.68
CA ARG A 26 5.19 -29.66 17.08
C ARG A 26 4.93 -30.95 17.85
N THR A 27 5.03 -32.11 17.19
CA THR A 27 4.87 -33.38 17.90
C THR A 27 5.81 -33.56 19.11
N ILE A 28 5.28 -34.12 20.20
CA ILE A 28 6.10 -34.46 21.35
C ILE A 28 6.07 -35.94 21.77
N LYS A 29 5.27 -36.76 21.10
CA LYS A 29 5.24 -38.18 21.47
C LYS A 29 5.28 -38.98 20.17
N PRO A 30 6.46 -39.18 19.57
CA PRO A 30 7.75 -38.63 19.98
C PRO A 30 8.02 -37.24 19.37
N TYR A 31 9.10 -36.60 19.79
CA TYR A 31 9.54 -35.40 19.11
C TYR A 31 10.02 -35.78 17.72
N ILE A 32 10.10 -34.78 16.84
CA ILE A 32 10.36 -35.01 15.42
C ILE A 32 11.74 -35.63 15.18
N ASP A 33 12.75 -35.24 15.96
CA ASP A 33 14.07 -35.87 15.80
C ASP A 33 14.04 -37.37 16.09
N ALA A 34 13.39 -37.78 17.18
CA ALA A 34 13.24 -39.22 17.47
C ALA A 34 12.46 -39.93 16.36
N LEU A 35 11.39 -39.31 15.84
CA LEU A 35 10.60 -39.92 14.77
C LEU A 35 11.46 -40.21 13.54
N ILE A 36 12.27 -39.24 13.11
CA ILE A 36 12.99 -39.40 11.87
C ILE A 36 14.35 -40.09 12.00
N LEU A 37 14.85 -40.22 13.23
CA LEU A 37 16.10 -40.97 13.47
C LEU A 37 15.83 -42.44 13.82
N ASP A 38 14.69 -42.71 14.44
CA ASP A 38 14.39 -44.05 14.99
C ASP A 38 13.24 -44.82 14.35
N THR A 39 12.24 -44.11 13.87
CA THR A 39 10.96 -44.73 13.49
C THR A 39 10.73 -44.80 11.98
N ILE A 40 10.95 -43.68 11.31
CA ILE A 40 10.75 -43.60 9.87
C ILE A 40 12.04 -43.16 9.20
N SER A 41 12.13 -43.39 7.89
CA SER A 41 13.15 -42.76 7.07
C SER A 41 12.45 -41.72 6.22
N LEU A 42 12.56 -40.46 6.65
CA LEU A 42 11.96 -39.34 5.94
C LEU A 42 12.86 -38.97 4.75
N ASP A 43 12.45 -39.41 3.56
CA ASP A 43 13.40 -39.50 2.44
C ASP A 43 13.25 -38.36 1.44
N TYR A 44 12.18 -37.59 1.60
CA TYR A 44 11.99 -36.37 0.81
C TYR A 44 11.07 -35.45 1.59
N GLN A 45 11.52 -34.21 1.81
CA GLN A 45 10.70 -33.25 2.53
C GLN A 45 11.31 -31.88 2.23
N GLU A 46 10.68 -31.11 1.34
CA GLU A 46 11.31 -29.88 0.79
C GLU A 46 11.65 -28.81 1.82
N THR A 47 10.84 -28.72 2.88
CA THR A 47 11.01 -27.71 3.91
C THR A 47 12.30 -27.89 4.70
N ILE A 48 12.72 -29.14 4.94
CA ILE A 48 13.89 -29.33 5.82
C ILE A 48 15.08 -30.04 5.19
N MET A 49 14.88 -30.60 4.00
CA MET A 49 15.99 -31.43 3.43
C MET A 49 17.21 -30.62 2.97
N ALA A 50 18.38 -31.26 3.08
CA ALA A 50 19.66 -30.62 2.77
C ALA A 50 19.84 -30.32 1.29
N ALA A 51 19.60 -31.33 0.46
CA ALA A 51 19.76 -31.22 -1.02
C ALA A 51 18.76 -30.20 -1.58
N ALA A 52 19.16 -29.51 -2.65
CA ALA A 52 18.25 -28.60 -3.36
C ALA A 52 18.29 -28.95 -4.84
N GLY A 53 17.37 -28.41 -5.63
CA GLY A 53 17.49 -28.49 -7.10
C GLY A 53 17.48 -29.92 -7.59
N GLU A 54 18.29 -30.19 -8.62
CA GLU A 54 18.39 -31.52 -9.21
C GLU A 54 18.79 -32.58 -8.16
N ALA A 55 19.62 -32.22 -7.17
CA ALA A 55 20.01 -33.18 -6.10
C ALA A 55 18.78 -33.63 -5.28
N ALA A 56 17.90 -32.68 -4.97
CA ALA A 56 16.66 -32.99 -4.28
C ALA A 56 15.72 -33.84 -5.15
N GLU A 57 15.57 -33.48 -6.41
CA GLU A 57 14.72 -34.24 -7.35
C GLU A 57 15.23 -35.69 -7.51
N ALA A 58 16.54 -35.86 -7.62
CA ALA A 58 17.15 -37.20 -7.63
C ALA A 58 16.82 -37.97 -6.35
N ALA A 59 16.83 -37.26 -5.21
CA ALA A 59 16.54 -37.92 -3.95
C ALA A 59 15.06 -38.44 -3.93
N LEU A 60 14.16 -37.65 -4.50
CA LEU A 60 12.72 -38.05 -4.60
C LEU A 60 12.67 -39.30 -5.48
N HIS A 61 13.31 -39.24 -6.63
CA HIS A 61 13.28 -40.42 -7.50
C HIS A 61 13.92 -41.65 -6.89
N GLN A 62 15.02 -41.43 -6.18
CA GLN A 62 15.69 -42.56 -5.55
C GLN A 62 14.78 -43.19 -4.48
N ALA A 63 14.01 -42.37 -3.78
CA ALA A 63 13.01 -42.88 -2.83
C ALA A 63 11.88 -43.60 -3.53
N LEU A 64 11.35 -43.02 -4.62
CA LEU A 64 10.22 -43.68 -5.30
C LEU A 64 10.62 -45.04 -5.87
N GLU A 65 11.92 -45.25 -6.14
CA GLU A 65 12.42 -46.51 -6.70
C GLU A 65 13.03 -47.45 -5.64
N GLY A 66 12.82 -47.11 -4.37
CA GLY A 66 13.34 -47.92 -3.26
C GLY A 66 12.81 -49.34 -3.27
N LYS A 67 13.71 -50.31 -3.07
CA LYS A 67 13.34 -51.73 -3.06
C LYS A 67 12.32 -52.10 -1.99
N ASP A 68 12.37 -51.42 -0.85
CA ASP A 68 11.47 -51.75 0.23
C ASP A 68 10.14 -51.00 0.16
N GLY A 69 9.96 -50.20 -0.90
CA GLY A 69 8.74 -49.40 -1.08
C GLY A 69 8.68 -48.24 -0.13
N TYR A 70 7.55 -47.52 -0.10
CA TYR A 70 7.48 -46.27 0.66
C TYR A 70 6.02 -45.86 0.87
N TYR A 71 5.81 -45.00 1.84
CA TYR A 71 4.51 -44.40 2.12
C TYR A 71 4.52 -42.92 1.68
N LEU A 72 3.37 -42.38 1.27
CA LEU A 72 3.35 -41.04 0.73
C LEU A 72 2.53 -40.15 1.63
N VAL A 73 3.11 -39.01 2.00
CA VAL A 73 2.38 -37.96 2.69
C VAL A 73 2.21 -36.84 1.67
N VAL A 74 0.99 -36.31 1.54
CA VAL A 74 0.74 -35.18 0.67
C VAL A 74 0.18 -34.00 1.47
N GLU A 75 0.86 -32.86 1.34
CA GLU A 75 0.43 -31.60 1.91
C GLU A 75 0.03 -30.65 0.77
N GLY A 76 -1.18 -30.08 0.89
CA GLY A 76 -1.65 -29.12 -0.11
C GLY A 76 -2.53 -29.70 -1.18
N GLY A 77 -3.35 -28.85 -1.76
CA GLY A 77 -4.24 -29.28 -2.86
C GLY A 77 -3.53 -29.28 -4.21
N LEU A 78 -4.21 -29.74 -5.24
CA LEU A 78 -3.63 -29.80 -6.57
C LEU A 78 -4.28 -28.78 -7.53
N PRO A 79 -3.49 -27.79 -8.00
CA PRO A 79 -4.05 -26.82 -8.94
C PRO A 79 -4.09 -27.41 -10.33
N THR A 80 -5.28 -27.48 -10.94
CA THR A 80 -5.40 -28.21 -12.21
C THR A 80 -5.62 -27.36 -13.45
N ILE A 81 -5.89 -26.06 -13.29
CA ILE A 81 -6.09 -25.21 -14.50
C ILE A 81 -4.80 -25.21 -15.38
N ASP A 82 -4.97 -25.00 -16.71
CA ASP A 82 -3.83 -24.83 -17.62
C ASP A 82 -2.90 -26.03 -17.57
N GLY A 83 -3.46 -27.24 -17.55
CA GLY A 83 -2.62 -28.45 -17.53
C GLY A 83 -1.79 -28.62 -16.26
N GLY A 84 -2.25 -28.03 -15.16
CA GLY A 84 -1.53 -28.09 -13.87
C GLY A 84 -0.36 -27.10 -13.71
N GLN A 85 -0.19 -26.20 -14.69
CA GLN A 85 1.03 -25.36 -14.73
C GLN A 85 1.14 -24.23 -13.70
N TRP A 86 0.06 -23.94 -12.98
CA TRP A 86 0.08 -22.88 -11.98
C TRP A 86 0.66 -23.38 -10.65
N GLY A 87 1.09 -24.66 -10.60
CA GLY A 87 1.76 -25.17 -9.39
C GLY A 87 2.80 -26.16 -9.89
N MET A 88 4.08 -25.76 -9.81
CA MET A 88 5.14 -26.58 -10.39
C MET A 88 6.31 -26.74 -9.45
N VAL A 89 6.97 -27.90 -9.56
CA VAL A 89 8.22 -28.15 -8.87
C VAL A 89 9.20 -28.78 -9.86
N ALA A 90 10.42 -28.24 -9.91
CA ALA A 90 11.47 -28.76 -10.82
C ALA A 90 10.95 -28.82 -12.27
N GLY A 91 10.07 -27.88 -12.61
CA GLY A 91 9.51 -27.76 -13.98
C GLY A 91 8.45 -28.77 -14.36
N HIS A 92 7.89 -29.47 -13.37
CA HIS A 92 6.81 -30.42 -13.58
C HIS A 92 5.57 -29.98 -12.84
N PRO A 93 4.38 -30.15 -13.46
CA PRO A 93 3.17 -29.81 -12.71
C PRO A 93 3.04 -30.68 -11.48
N MET A 94 2.60 -30.08 -10.36
CA MET A 94 2.41 -30.79 -9.11
C MET A 94 1.50 -32.01 -9.27
N ILE A 95 0.46 -31.88 -10.09
CA ILE A 95 -0.46 -33.02 -10.29
C ILE A 95 0.25 -34.21 -10.96
N GLU A 96 1.19 -33.94 -11.85
CA GLU A 96 1.95 -34.99 -12.54
C GLU A 96 2.86 -35.75 -11.56
N THR A 97 3.61 -34.99 -10.77
CA THR A 97 4.50 -35.58 -9.75
C THR A 97 3.75 -36.31 -8.65
N THR A 98 2.64 -35.73 -8.20
CA THR A 98 1.80 -36.42 -7.21
C THR A 98 1.21 -37.75 -7.74
N LYS A 99 0.71 -37.74 -8.99
CA LYS A 99 0.26 -38.95 -9.65
C LYS A 99 1.40 -39.99 -9.71
N LYS A 100 2.61 -39.59 -10.10
CA LYS A 100 3.69 -40.56 -10.20
C LYS A 100 4.04 -41.16 -8.85
N ALA A 101 4.07 -40.32 -7.82
CA ALA A 101 4.45 -40.78 -6.49
C ALA A 101 3.40 -41.69 -5.87
N ALA A 102 2.12 -41.38 -6.10
CA ALA A 102 1.03 -42.17 -5.57
C ALA A 102 0.94 -43.56 -6.19
N ALA A 103 1.39 -43.69 -7.44
CA ALA A 103 1.14 -44.92 -8.16
C ALA A 103 1.66 -46.15 -7.41
N LYS A 104 2.91 -46.10 -6.91
CA LYS A 104 3.51 -47.24 -6.17
C LYS A 104 3.49 -47.13 -4.65
N ALA A 105 2.84 -46.09 -4.09
CA ALA A 105 2.83 -45.86 -2.64
C ALA A 105 2.15 -47.02 -1.89
N LYS A 106 2.70 -47.43 -0.75
CA LYS A 106 2.06 -48.45 0.07
C LYS A 106 0.79 -47.89 0.69
N GLY A 107 0.74 -46.58 0.89
CA GLY A 107 -0.46 -45.92 1.44
C GLY A 107 -0.27 -44.43 1.25
N ILE A 108 -1.38 -43.68 1.27
CA ILE A 108 -1.31 -42.23 1.07
C ILE A 108 -2.01 -41.57 2.22
N ILE A 109 -1.28 -40.67 2.88
CA ILE A 109 -1.83 -39.90 3.97
C ILE A 109 -1.87 -38.44 3.53
N CYS A 110 -3.07 -37.87 3.55
CA CYS A 110 -3.26 -36.46 3.24
C CYS A 110 -3.25 -35.69 4.55
N ILE A 111 -2.18 -34.94 4.77
CA ILE A 111 -2.07 -34.08 5.93
C ILE A 111 -2.67 -32.73 5.60
N GLY A 112 -3.76 -32.43 6.31
CA GLY A 112 -4.43 -31.15 6.18
C GLY A 112 -5.68 -31.17 5.33
N THR A 113 -6.53 -30.18 5.56
CA THR A 113 -7.75 -30.00 4.79
C THR A 113 -7.47 -29.75 3.30
N CYS A 114 -6.33 -29.11 2.96
CA CYS A 114 -6.06 -28.83 1.53
C CYS A 114 -5.83 -30.10 0.72
N SER A 115 -4.90 -30.94 1.13
CA SER A 115 -4.74 -32.23 0.42
C SER A 115 -5.97 -33.14 0.54
N ALA A 116 -6.60 -33.15 1.71
CA ALA A 116 -7.76 -34.05 1.89
C ALA A 116 -8.89 -33.63 0.96
N TYR A 117 -9.19 -32.34 0.98
CA TYR A 117 -10.46 -31.85 0.40
C TYR A 117 -10.32 -30.70 -0.59
N GLY A 118 -9.11 -30.17 -0.76
CA GLY A 118 -8.95 -29.02 -1.67
C GLY A 118 -8.53 -27.77 -0.96
N GLY A 119 -9.16 -27.48 0.18
CA GLY A 119 -8.64 -26.43 1.07
C GLY A 119 -8.82 -24.99 0.57
N VAL A 120 -7.97 -24.11 1.07
CA VAL A 120 -8.23 -22.68 0.93
C VAL A 120 -8.26 -22.21 -0.52
N GLN A 121 -7.36 -22.71 -1.35
CA GLN A 121 -7.32 -22.34 -2.77
C GLN A 121 -8.54 -22.85 -3.59
N LYS A 122 -9.26 -23.84 -3.06
CA LYS A 122 -10.44 -24.36 -3.76
C LYS A 122 -11.67 -23.52 -3.39
N ALA A 123 -11.57 -22.69 -2.35
CA ALA A 123 -12.73 -21.82 -1.99
C ALA A 123 -13.15 -20.95 -3.19
N LYS A 124 -14.44 -20.60 -3.26
CA LYS A 124 -14.98 -19.94 -4.46
C LYS A 124 -14.22 -18.63 -4.61
N PRO A 125 -13.90 -18.23 -5.86
CA PRO A 125 -14.33 -18.91 -7.10
C PRO A 125 -13.25 -19.90 -7.65
N ASN A 126 -12.33 -20.35 -6.79
CA ASN A 126 -11.34 -21.38 -7.14
C ASN A 126 -10.59 -21.05 -8.44
N PRO A 127 -9.84 -19.94 -8.43
CA PRO A 127 -9.20 -19.55 -9.69
C PRO A 127 -8.23 -20.56 -10.30
N SER A 128 -7.54 -21.35 -9.49
CA SER A 128 -6.55 -22.31 -10.01
C SER A 128 -7.15 -23.70 -10.33
N GLN A 129 -8.46 -23.82 -10.16
CA GLN A 129 -9.15 -25.11 -10.32
C GLN A 129 -8.45 -26.16 -9.44
N ALA A 130 -8.25 -25.79 -8.17
CA ALA A 130 -7.68 -26.68 -7.19
C ALA A 130 -8.61 -27.84 -6.77
N LYS A 131 -8.02 -29.01 -6.55
CA LYS A 131 -8.75 -30.22 -6.12
C LYS A 131 -8.00 -30.88 -4.94
N GLY A 132 -8.75 -31.55 -4.07
CA GLY A 132 -8.16 -32.49 -3.08
C GLY A 132 -7.50 -33.67 -3.79
N VAL A 133 -6.60 -34.38 -3.10
CA VAL A 133 -5.86 -35.51 -3.75
C VAL A 133 -6.71 -36.67 -4.27
N SER A 134 -7.67 -37.12 -3.50
CA SER A 134 -8.49 -38.23 -3.97
C SER A 134 -9.19 -37.88 -5.29
N GLU A 135 -9.68 -36.65 -5.39
CA GLU A 135 -10.40 -36.25 -6.58
C GLU A 135 -9.48 -36.17 -7.77
N ALA A 136 -8.31 -35.57 -7.57
CA ALA A 136 -7.38 -35.40 -8.66
C ALA A 136 -6.77 -36.71 -9.13
N LEU A 137 -6.54 -37.64 -8.19
CA LEU A 137 -5.88 -38.91 -8.52
C LEU A 137 -6.81 -40.09 -8.81
N GLY A 138 -7.98 -40.07 -8.19
CA GLY A 138 -8.95 -41.16 -8.34
C GLY A 138 -8.59 -42.35 -7.46
N VAL A 139 -8.00 -42.07 -6.29
CA VAL A 139 -7.67 -43.12 -5.33
C VAL A 139 -8.06 -42.71 -3.92
N LYS A 140 -8.24 -43.69 -3.06
CA LYS A 140 -8.58 -43.42 -1.68
C LYS A 140 -7.36 -42.97 -0.89
N THR A 141 -7.56 -41.98 -0.04
CA THR A 141 -6.51 -41.45 0.79
C THR A 141 -6.94 -41.56 2.23
N ILE A 142 -5.95 -41.65 3.09
CA ILE A 142 -6.20 -41.48 4.53
C ILE A 142 -6.12 -40.00 4.86
N ASN A 143 -7.25 -39.40 5.23
CA ASN A 143 -7.34 -37.95 5.45
C ASN A 143 -7.15 -37.56 6.91
N ILE A 144 -6.24 -36.61 7.15
CA ILE A 144 -5.93 -36.07 8.49
C ILE A 144 -6.18 -34.56 8.41
N PRO A 145 -7.46 -34.15 8.43
CA PRO A 145 -7.75 -32.75 8.11
C PRO A 145 -7.72 -31.87 9.35
N GLY A 146 -8.08 -30.61 9.15
CA GLY A 146 -7.77 -29.56 10.08
C GLY A 146 -6.83 -28.61 9.36
N CYS A 147 -6.74 -27.38 9.86
CA CYS A 147 -6.03 -26.36 9.12
C CYS A 147 -5.15 -25.55 10.10
N PRO A 148 -4.07 -26.16 10.65
CA PRO A 148 -3.68 -27.54 10.32
C PRO A 148 -4.23 -28.59 11.31
N PRO A 149 -4.09 -29.88 10.98
CA PRO A 149 -4.37 -30.90 11.98
C PRO A 149 -3.45 -30.84 13.19
N ASN A 150 -3.92 -31.41 14.29
CA ASN A 150 -3.08 -31.64 15.44
C ASN A 150 -1.94 -32.63 15.11
N PRO A 151 -0.69 -32.35 15.54
CA PRO A 151 0.36 -33.38 15.29
C PRO A 151 0.04 -34.72 15.92
N ILE A 152 -0.72 -34.71 17.02
CA ILE A 152 -1.17 -35.96 17.66
C ILE A 152 -1.91 -36.85 16.63
N ASN A 153 -2.69 -36.20 15.77
CA ASN A 153 -3.55 -36.91 14.82
C ASN A 153 -2.74 -37.39 13.63
N PHE A 154 -1.81 -36.55 13.19
CA PHE A 154 -1.01 -36.88 12.04
C PHE A 154 0.06 -37.93 12.40
N VAL A 155 0.82 -37.68 13.46
CA VAL A 155 1.86 -38.63 13.85
C VAL A 155 1.18 -39.93 14.30
N GLY A 156 0.03 -39.81 14.98
CA GLY A 156 -0.74 -40.96 15.44
C GLY A 156 -1.14 -41.82 14.26
N ALA A 157 -1.60 -41.20 13.19
CA ALA A 157 -2.03 -41.94 11.99
C ALA A 157 -0.83 -42.59 11.32
N VAL A 158 0.25 -41.83 11.17
CA VAL A 158 1.48 -42.40 10.57
C VAL A 158 1.96 -43.66 11.32
N VAL A 159 2.12 -43.54 12.64
CA VAL A 159 2.52 -44.67 13.50
C VAL A 159 1.52 -45.82 13.37
N HIS A 160 0.23 -45.52 13.46
CA HIS A 160 -0.81 -46.52 13.29
C HIS A 160 -0.69 -47.30 11.98
N VAL A 161 -0.54 -46.58 10.87
CA VAL A 161 -0.38 -47.22 9.57
C VAL A 161 0.89 -48.06 9.49
N LEU A 162 1.98 -47.58 10.06
CA LEU A 162 3.21 -48.37 10.00
C LEU A 162 3.18 -49.62 10.86
N THR A 163 2.47 -49.56 11.97
CA THR A 163 2.57 -50.61 12.99
C THR A 163 1.34 -51.52 13.15
N LYS A 164 0.15 -50.99 12.84
CA LYS A 164 -1.09 -51.70 13.17
C LYS A 164 -1.88 -52.07 11.92
N GLY A 165 -1.87 -51.18 10.93
CA GLY A 165 -2.69 -51.32 9.73
C GLY A 165 -3.50 -50.05 9.47
N ILE A 166 -4.45 -50.12 8.54
CA ILE A 166 -5.18 -48.92 8.18
C ILE A 166 -6.30 -48.69 9.21
N PRO A 167 -6.29 -47.53 9.87
CA PRO A 167 -7.33 -47.32 10.89
C PRO A 167 -8.73 -47.19 10.28
N ASP A 168 -9.76 -47.53 11.03
CA ASP A 168 -11.13 -47.32 10.57
C ASP A 168 -11.32 -45.84 10.22
N LEU A 169 -11.87 -45.59 9.02
CA LEU A 169 -12.14 -44.24 8.52
C LEU A 169 -13.65 -43.91 8.48
N ASP A 170 -13.97 -42.63 8.59
CA ASP A 170 -15.35 -42.17 8.48
C ASP A 170 -15.66 -41.91 6.99
N GLU A 171 -16.91 -41.54 6.68
CA GLU A 171 -17.36 -41.22 5.32
C GLU A 171 -16.45 -40.17 4.60
N ASN A 172 -15.71 -39.35 5.35
CA ASN A 172 -14.83 -38.37 4.75
C ASN A 172 -13.37 -38.79 4.78
N GLY A 173 -13.15 -40.08 5.02
CA GLY A 173 -11.80 -40.66 5.01
C GLY A 173 -10.95 -40.37 6.24
N ARG A 174 -11.58 -39.90 7.31
CA ARG A 174 -10.85 -39.45 8.53
C ARG A 174 -10.78 -40.59 9.56
N PRO A 175 -9.61 -40.80 10.18
CA PRO A 175 -9.60 -41.89 11.19
C PRO A 175 -10.54 -41.61 12.35
N LYS A 176 -11.37 -42.58 12.67
CA LYS A 176 -12.33 -42.44 13.78
C LYS A 176 -11.63 -42.27 15.15
N LEU A 177 -10.39 -42.74 15.25
CA LEU A 177 -9.58 -42.57 16.45
C LEU A 177 -9.50 -41.10 16.88
N PHE A 178 -9.39 -40.19 15.92
CA PHE A 178 -9.20 -38.76 16.23
C PHE A 178 -10.38 -37.89 15.82
N TYR A 179 -11.14 -38.33 14.83
CA TYR A 179 -12.23 -37.53 14.28
C TYR A 179 -13.61 -38.10 14.54
N GLY A 180 -13.71 -39.07 15.45
CA GLY A 180 -14.97 -39.75 15.71
C GLY A 180 -16.01 -38.95 16.49
N GLU A 181 -15.56 -37.92 17.18
CA GLU A 181 -16.43 -37.13 18.09
C GLU A 181 -16.48 -35.67 17.66
N LEU A 182 -17.65 -35.05 17.88
CA LEU A 182 -17.81 -33.63 17.59
C LEU A 182 -16.97 -32.81 18.56
N VAL A 183 -16.40 -31.70 18.09
CA VAL A 183 -15.70 -30.75 18.97
C VAL A 183 -16.61 -30.38 20.16
N HIS A 184 -17.85 -30.04 19.81
CA HIS A 184 -18.87 -29.59 20.76
C HIS A 184 -19.13 -30.57 21.89
N ASP A 185 -19.09 -31.87 21.58
CA ASP A 185 -19.45 -32.90 22.58
C ASP A 185 -18.43 -32.99 23.72
N ASN A 186 -17.22 -32.49 23.48
CA ASN A 186 -16.19 -32.44 24.51
C ASN A 186 -15.84 -31.01 24.96
N CYS A 187 -16.67 -30.05 24.58
CA CYS A 187 -16.33 -28.65 24.90
C CYS A 187 -16.67 -28.32 26.37
N PRO A 188 -15.72 -27.72 27.12
CA PRO A 188 -16.04 -27.31 28.49
C PRO A 188 -17.18 -26.27 28.60
N ARG A 189 -17.52 -25.60 27.52
CA ARG A 189 -18.63 -24.63 27.57
C ARG A 189 -19.99 -25.27 27.29
N LEU A 190 -20.01 -26.59 27.10
CA LEU A 190 -21.26 -27.32 26.82
C LEU A 190 -22.39 -27.04 27.84
N PRO A 191 -22.08 -27.00 29.18
CA PRO A 191 -23.17 -26.64 30.11
C PRO A 191 -23.77 -25.26 29.86
N HIS A 192 -22.96 -24.29 29.39
CA HIS A 192 -23.54 -23.01 28.95
C HIS A 192 -24.48 -23.18 27.75
N PHE A 193 -24.06 -23.94 26.76
CA PHE A 193 -24.89 -24.19 25.55
C PHE A 193 -26.22 -24.78 25.99
N GLU A 194 -26.12 -25.80 26.84
CA GLU A 194 -27.31 -26.52 27.28
C GLU A 194 -28.25 -25.58 28.01
N ALA A 195 -27.70 -24.59 28.72
CA ALA A 195 -28.48 -23.63 29.50
C ALA A 195 -28.88 -22.35 28.72
N SER A 196 -28.57 -22.32 27.42
CA SER A 196 -28.82 -21.14 26.54
C SER A 196 -28.14 -19.89 27.10
N GLU A 197 -26.87 -20.06 27.46
CA GLU A 197 -26.04 -19.02 28.05
C GLU A 197 -25.01 -18.69 27.00
N PHE A 198 -25.34 -17.72 26.14
CA PHE A 198 -24.55 -17.40 24.97
C PHE A 198 -23.97 -15.98 25.06
N ALA A 199 -22.72 -15.81 24.67
CA ALA A 199 -22.16 -14.45 24.51
C ALA A 199 -22.73 -13.79 23.25
N PRO A 200 -23.29 -12.56 23.39
CA PRO A 200 -23.80 -11.81 22.25
C PRO A 200 -22.74 -11.01 21.49
N SER A 201 -21.55 -10.84 22.09
CA SER A 201 -20.45 -10.12 21.46
C SER A 201 -19.20 -10.43 22.25
N PHE A 202 -18.03 -10.14 21.67
CA PHE A 202 -16.76 -10.44 22.31
C PHE A 202 -16.44 -9.52 23.47
N ASP A 203 -17.06 -8.34 23.48
CA ASP A 203 -16.85 -7.33 24.54
C ASP A 203 -17.81 -7.54 25.74
N SER A 204 -18.80 -8.42 25.59
CA SER A 204 -19.88 -8.55 26.57
C SER A 204 -19.42 -9.17 27.90
N GLU A 205 -20.16 -8.90 28.97
CA GLU A 205 -19.86 -9.57 30.25
C GLU A 205 -19.95 -11.11 30.11
N GLU A 206 -20.88 -11.58 29.26
CA GLU A 206 -21.06 -13.01 28.96
C GLU A 206 -19.78 -13.62 28.42
N ALA A 207 -19.14 -12.90 27.51
CA ALA A 207 -17.88 -13.37 26.95
C ALA A 207 -16.80 -13.44 28.04
N LYS A 208 -16.77 -12.43 28.91
CA LYS A 208 -15.80 -12.48 30.02
C LYS A 208 -16.05 -13.65 30.99
N LYS A 209 -17.32 -14.01 31.18
CA LYS A 209 -17.65 -15.13 32.03
C LYS A 209 -17.46 -16.51 31.37
N GLY A 210 -17.01 -16.55 30.10
CA GLY A 210 -16.77 -17.82 29.39
C GLY A 210 -18.00 -18.53 28.86
N PHE A 211 -19.03 -17.76 28.54
CA PHE A 211 -20.31 -18.27 27.99
C PHE A 211 -20.09 -18.93 26.63
N CYS A 212 -21.04 -19.75 26.21
CA CYS A 212 -20.93 -20.46 24.93
C CYS A 212 -20.86 -19.45 23.77
N LEU A 213 -20.14 -19.84 22.71
CA LEU A 213 -19.81 -18.98 21.57
C LEU A 213 -20.68 -19.27 20.33
N TYR A 214 -21.76 -20.05 20.50
CA TYR A 214 -22.62 -20.45 19.38
C TYR A 214 -23.23 -19.23 18.62
N GLU A 215 -23.67 -18.22 19.37
CA GLU A 215 -24.35 -17.07 18.76
C GLU A 215 -23.31 -16.19 18.06
N LEU A 216 -22.02 -16.44 18.33
CA LEU A 216 -20.92 -15.77 17.65
C LEU A 216 -20.30 -16.65 16.55
N GLY A 217 -21.04 -17.68 16.15
CA GLY A 217 -20.65 -18.47 14.97
C GLY A 217 -19.93 -19.79 15.19
N CYS A 218 -19.78 -20.21 16.45
CA CYS A 218 -19.07 -21.45 16.73
C CYS A 218 -19.58 -22.69 15.97
N LYS A 219 -18.67 -23.35 15.24
CA LYS A 219 -19.08 -24.48 14.40
C LYS A 219 -18.79 -25.79 15.09
N GLY A 220 -18.49 -25.71 16.38
CA GLY A 220 -18.23 -26.95 17.14
C GLY A 220 -19.31 -28.01 17.04
N PRO A 221 -20.59 -27.62 17.03
CA PRO A 221 -21.66 -28.62 16.90
C PRO A 221 -21.72 -29.37 15.56
N VAL A 222 -20.98 -28.94 14.54
CA VAL A 222 -20.99 -29.64 13.25
C VAL A 222 -19.60 -30.03 12.76
N THR A 223 -18.64 -30.00 13.67
CA THR A 223 -17.19 -30.21 13.35
C THR A 223 -16.65 -31.38 14.15
N TYR A 224 -16.14 -32.37 13.41
CA TYR A 224 -15.52 -33.55 13.99
C TYR A 224 -14.00 -33.34 14.17
N ASN A 225 -13.53 -33.32 15.41
CA ASN A 225 -12.10 -33.19 15.71
C ASN A 225 -11.97 -33.38 17.23
N ASN A 226 -10.74 -33.48 17.71
CA ASN A 226 -10.51 -33.83 19.08
C ASN A 226 -9.91 -32.68 19.88
N CYS A 227 -10.04 -31.47 19.36
CA CYS A 227 -9.38 -30.27 19.92
C CYS A 227 -9.50 -30.07 21.45
N PRO A 228 -10.72 -30.10 22.00
CA PRO A 228 -10.82 -29.83 23.45
C PRO A 228 -10.22 -30.93 24.32
N LYS A 229 -10.17 -32.14 23.76
CA LYS A 229 -9.72 -33.30 24.51
C LYS A 229 -8.23 -33.30 24.61
N VAL A 230 -7.55 -33.00 23.51
CA VAL A 230 -6.05 -33.16 23.47
C VAL A 230 -5.30 -31.84 23.54
N LEU A 231 -6.00 -30.76 23.26
CA LEU A 231 -5.42 -29.42 23.11
C LEU A 231 -4.37 -29.28 21.98
N PHE A 232 -3.96 -28.03 21.77
CA PHE A 232 -2.81 -27.71 20.93
C PHE A 232 -1.67 -27.22 21.79
N ASN A 233 -0.45 -27.65 21.44
CA ASN A 233 0.77 -27.17 22.06
C ASN A 233 0.80 -27.46 23.55
N GLN A 234 0.01 -28.46 23.99
CA GLN A 234 -0.08 -28.85 25.40
C GLN A 234 -0.72 -27.79 26.27
N VAL A 235 -1.33 -26.75 25.68
CA VAL A 235 -1.77 -25.61 26.47
C VAL A 235 -3.17 -25.05 26.21
N ASN A 236 -3.71 -25.19 25.01
CA ASN A 236 -4.88 -24.34 24.70
C ASN A 236 -5.64 -24.84 23.49
N TRP A 237 -6.84 -24.31 23.28
CA TRP A 237 -7.50 -24.49 22.00
C TRP A 237 -8.41 -23.26 21.76
N PRO A 238 -8.93 -23.10 20.51
CA PRO A 238 -9.58 -21.85 20.18
C PRO A 238 -10.68 -21.41 21.11
N VAL A 239 -11.57 -22.32 21.53
CA VAL A 239 -12.71 -21.88 22.36
C VAL A 239 -12.21 -21.52 23.74
N GLN A 240 -11.11 -22.15 24.18
CA GLN A 240 -10.56 -21.83 25.49
C GLN A 240 -9.97 -20.41 25.46
N ALA A 241 -9.47 -20.03 24.28
CA ALA A 241 -9.01 -18.67 23.98
C ALA A 241 -10.15 -17.71 23.63
N GLY A 242 -11.41 -18.14 23.84
CA GLY A 242 -12.51 -17.22 23.70
C GLY A 242 -13.06 -17.03 22.28
N HIS A 243 -12.61 -17.86 21.35
CA HIS A 243 -12.95 -17.71 19.92
C HIS A 243 -13.73 -18.90 19.36
N PRO A 244 -14.76 -18.63 18.56
CA PRO A 244 -15.51 -19.74 17.99
C PRO A 244 -14.63 -20.65 17.11
N CYS A 245 -15.04 -21.92 17.04
CA CYS A 245 -14.51 -22.91 16.11
C CYS A 245 -14.94 -22.49 14.70
N LEU A 246 -14.01 -22.60 13.75
CA LEU A 246 -14.23 -22.30 12.32
C LEU A 246 -14.72 -23.51 11.53
N GLY A 247 -14.65 -24.69 12.14
CA GLY A 247 -15.01 -25.93 11.44
C GLY A 247 -13.89 -26.40 10.52
N CYS A 248 -12.62 -26.20 10.92
CA CYS A 248 -11.55 -26.29 9.90
C CYS A 248 -11.15 -27.70 9.48
N SER A 249 -11.67 -28.73 10.17
CA SER A 249 -11.44 -30.12 9.76
C SER A 249 -12.54 -30.64 8.82
N GLU A 250 -13.53 -29.80 8.52
CA GLU A 250 -14.61 -30.23 7.62
C GLU A 250 -14.33 -29.92 6.16
N PRO A 251 -14.75 -30.85 5.23
CA PRO A 251 -14.56 -30.58 3.81
C PRO A 251 -15.17 -29.25 3.36
N ASP A 252 -14.41 -28.50 2.55
CA ASP A 252 -14.88 -27.25 1.96
C ASP A 252 -15.36 -26.25 3.03
N PHE A 253 -14.82 -26.30 4.24
CA PHE A 253 -15.29 -25.40 5.30
C PHE A 253 -15.25 -23.92 4.95
N TRP A 254 -14.26 -23.53 4.16
CA TRP A 254 -14.21 -22.16 3.67
C TRP A 254 -15.50 -21.64 3.06
N ASP A 255 -16.27 -22.51 2.42
CA ASP A 255 -17.54 -22.12 1.88
C ASP A 255 -18.73 -22.61 2.64
N THR A 256 -18.60 -23.68 3.39
CA THR A 256 -19.77 -24.18 4.12
C THR A 256 -19.92 -23.59 5.53
N MET A 257 -18.82 -23.08 6.10
CA MET A 257 -18.82 -22.60 7.48
C MET A 257 -18.77 -21.08 7.58
N THR A 258 -18.75 -20.41 6.43
CA THR A 258 -18.74 -18.96 6.42
C THR A 258 -20.19 -18.48 6.22
N PRO A 259 -20.57 -17.33 6.80
CA PRO A 259 -19.72 -16.43 7.60
C PRO A 259 -19.28 -17.05 8.93
N PHE A 260 -18.01 -16.90 9.25
CA PHE A 260 -17.45 -17.54 10.44
C PHE A 260 -18.11 -17.04 11.75
N TYR A 261 -18.58 -15.80 11.78
CA TYR A 261 -19.08 -15.26 13.04
C TYR A 261 -20.59 -15.32 13.12
N GLU A 262 -21.20 -16.11 12.23
CA GLU A 262 -22.67 -16.25 12.26
C GLU A 262 -23.03 -17.71 12.08
N GLN A 263 -24.31 -18.03 12.25
CA GLN A 263 -24.79 -19.40 11.95
C GLN A 263 -25.54 -19.50 10.64
N GLY A 264 -25.76 -18.37 9.98
CA GLY A 264 -26.67 -18.32 8.85
C GLY A 264 -26.10 -18.87 7.57
N ALA B 3 41.29 42.46 -21.66
CA ALA B 3 42.50 41.63 -21.88
C ALA B 3 42.94 41.61 -23.34
N LYS B 4 44.24 41.44 -23.56
CA LYS B 4 44.81 41.33 -24.90
C LYS B 4 44.52 39.94 -25.46
N HIS B 5 44.06 39.89 -26.70
CA HIS B 5 43.90 38.61 -27.41
C HIS B 5 45.27 37.92 -27.55
N ARG B 6 45.31 36.63 -27.20
CA ARG B 6 46.50 35.82 -27.44
C ARG B 6 46.25 34.95 -28.68
N PRO B 7 47.25 34.82 -29.55
CA PRO B 7 47.04 34.11 -30.82
C PRO B 7 46.73 32.64 -30.58
N SER B 8 45.75 32.13 -31.29
CA SER B 8 45.28 30.76 -31.12
C SER B 8 46.21 29.75 -31.78
N VAL B 9 46.56 28.71 -31.02
CA VAL B 9 47.37 27.60 -31.53
C VAL B 9 46.59 26.29 -31.39
N VAL B 10 46.49 25.55 -32.50
CA VAL B 10 45.87 24.25 -32.50
C VAL B 10 47.02 23.28 -32.68
N TRP B 11 47.09 22.28 -31.80
CA TRP B 11 48.16 21.27 -31.84
C TRP B 11 47.57 19.88 -32.12
N LEU B 12 47.98 19.23 -33.21
CA LEU B 12 47.41 17.91 -33.53
C LEU B 12 48.44 16.79 -33.33
N HIS B 13 47.98 15.64 -32.83
CA HIS B 13 48.82 14.47 -32.64
C HIS B 13 48.39 13.40 -33.64
N ASN B 14 49.34 13.01 -34.50
CA ASN B 14 49.05 11.99 -35.52
C ASN B 14 49.80 10.72 -35.19
N ALA B 15 50.66 10.24 -36.09
CA ALA B 15 51.50 9.06 -35.78
C ALA B 15 52.77 9.52 -35.07
N GLU B 16 52.72 9.57 -33.74
CA GLU B 16 53.77 10.16 -32.92
C GLU B 16 53.99 9.34 -31.66
N CYS B 17 55.05 9.65 -30.92
CA CYS B 17 55.38 8.99 -29.65
C CYS B 17 55.18 9.93 -28.48
N THR B 18 54.78 11.17 -28.79
CA THR B 18 54.56 12.21 -27.78
C THR B 18 55.85 12.78 -27.23
N GLY B 19 56.99 12.32 -27.74
CA GLY B 19 58.27 12.89 -27.32
C GLY B 19 58.44 14.36 -27.70
N CYS B 20 57.79 14.78 -28.79
CA CYS B 20 57.84 16.21 -29.19
C CYS B 20 57.04 17.12 -28.25
N THR B 21 55.85 16.68 -27.84
CA THR B 21 55.11 17.34 -26.76
C THR B 21 55.96 17.45 -25.48
N GLU B 22 56.57 16.34 -25.09
CA GLU B 22 57.41 16.29 -23.89
C GLU B 22 58.59 17.24 -24.08
N ALA B 23 59.19 17.28 -25.27
CA ALA B 23 60.33 18.23 -25.46
C ALA B 23 59.86 19.66 -25.30
N ALA B 24 58.69 19.95 -25.89
CA ALA B 24 58.16 21.32 -25.85
C ALA B 24 57.99 21.82 -24.41
N ILE B 25 57.55 20.94 -23.51
CA ILE B 25 57.32 21.36 -22.11
C ILE B 25 58.60 21.45 -21.28
N ARG B 26 59.75 21.10 -21.87
CA ARG B 26 61.04 21.33 -21.25
C ARG B 26 61.57 22.77 -21.42
N THR B 27 60.84 23.59 -22.17
CA THR B 27 61.21 24.99 -22.34
C THR B 27 61.39 25.78 -21.03
N ILE B 28 62.41 26.66 -20.99
CA ILE B 28 62.60 27.56 -19.83
C ILE B 28 62.62 29.03 -20.24
N LYS B 29 62.54 29.31 -21.54
CA LYS B 29 62.57 30.72 -22.00
C LYS B 29 61.47 31.02 -23.01
N PRO B 30 60.20 31.11 -22.59
CA PRO B 30 59.77 31.03 -21.19
C PRO B 30 59.43 29.60 -20.77
N TYR B 31 59.06 29.40 -19.51
CA TYR B 31 58.46 28.12 -19.12
C TYR B 31 57.10 27.96 -19.78
N ILE B 32 56.65 26.71 -19.90
CA ILE B 32 55.40 26.40 -20.58
C ILE B 32 54.16 27.11 -19.99
N ASP B 33 54.12 27.30 -18.68
CA ASP B 33 52.98 27.99 -18.07
C ASP B 33 52.88 29.44 -18.56
N ALA B 34 54.01 30.14 -18.57
CA ALA B 34 54.05 31.52 -19.05
C ALA B 34 53.68 31.58 -20.53
N LEU B 35 54.14 30.62 -21.32
CA LEU B 35 53.82 30.60 -22.76
C LEU B 35 52.30 30.53 -22.96
N ILE B 36 51.62 29.63 -22.26
CA ILE B 36 50.21 29.42 -22.51
C ILE B 36 49.30 30.37 -21.72
N LEU B 37 49.84 31.02 -20.69
CA LEU B 37 49.04 32.01 -19.95
C LEU B 37 49.15 33.41 -20.51
N ASP B 38 50.31 33.72 -21.08
CA ASP B 38 50.64 35.10 -21.48
C ASP B 38 50.84 35.34 -22.98
N THR B 39 51.31 34.33 -23.70
CA THR B 39 51.81 34.54 -25.05
C THR B 39 50.87 33.97 -26.13
N ILE B 40 50.46 32.73 -25.94
CA ILE B 40 49.60 32.07 -26.91
C ILE B 40 48.33 31.60 -26.20
N SER B 41 47.33 31.23 -27.00
CA SER B 41 46.17 30.55 -26.50
C SER B 41 46.24 29.16 -27.08
N LEU B 42 46.62 28.19 -26.25
CA LEU B 42 46.78 26.83 -26.72
C LEU B 42 45.40 26.21 -26.61
N ASP B 43 44.73 26.01 -27.76
CA ASP B 43 43.28 25.82 -27.76
C ASP B 43 42.85 24.38 -28.00
N TYR B 44 43.83 23.55 -28.36
CA TYR B 44 43.62 22.09 -28.48
C TYR B 44 44.98 21.44 -28.34
N GLN B 45 45.09 20.48 -27.44
CA GLN B 45 46.38 19.78 -27.24
C GLN B 45 46.02 18.53 -26.43
N GLU B 46 45.86 17.39 -27.10
CA GLU B 46 45.31 16.17 -26.50
C GLU B 46 46.03 15.68 -25.25
N THR B 47 47.36 15.80 -25.17
CA THR B 47 48.12 15.34 -24.02
C THR B 47 47.76 16.07 -22.71
N ILE B 48 47.46 17.37 -22.75
CA ILE B 48 47.27 18.06 -21.47
C ILE B 48 45.85 18.66 -21.30
N MET B 49 45.03 18.66 -22.35
CA MET B 49 43.71 19.36 -22.23
C MET B 49 42.71 18.67 -21.29
N ALA B 50 41.84 19.47 -20.67
CA ALA B 50 40.86 19.02 -19.68
C ALA B 50 39.70 18.23 -20.29
N ALA B 51 39.11 18.77 -21.36
CA ALA B 51 38.02 18.08 -22.04
C ALA B 51 38.50 16.77 -22.68
N ALA B 52 37.59 15.81 -22.79
CA ALA B 52 37.82 14.53 -23.52
C ALA B 52 36.64 14.27 -24.46
N GLY B 53 36.80 13.32 -25.39
CA GLY B 53 35.68 12.83 -26.17
C GLY B 53 35.09 13.93 -26.99
N GLU B 54 33.76 13.96 -27.01
CA GLU B 54 33.04 14.89 -27.87
C GLU B 54 33.36 16.33 -27.44
N ALA B 55 33.54 16.54 -26.13
CA ALA B 55 33.81 17.89 -25.60
C ALA B 55 35.14 18.39 -26.15
N ALA B 56 36.13 17.48 -26.26
CA ALA B 56 37.43 17.81 -26.82
C ALA B 56 37.32 18.06 -28.34
N GLU B 57 36.58 17.21 -29.05
CA GLU B 57 36.34 17.44 -30.48
C GLU B 57 35.65 18.80 -30.73
N ALA B 58 34.66 19.13 -29.89
CA ALA B 58 34.02 20.44 -29.93
C ALA B 58 35.00 21.59 -29.72
N ALA B 59 35.90 21.45 -28.73
CA ALA B 59 36.99 22.41 -28.55
C ALA B 59 37.83 22.61 -29.83
N LEU B 60 38.16 21.51 -30.50
CA LEU B 60 38.93 21.61 -31.74
C LEU B 60 38.15 22.38 -32.81
N HIS B 61 36.87 22.03 -33.00
CA HIS B 61 36.02 22.66 -34.01
C HIS B 61 35.85 24.14 -33.72
N GLN B 62 35.71 24.48 -32.44
CA GLN B 62 35.55 25.86 -32.04
C GLN B 62 36.81 26.66 -32.36
N ALA B 63 37.95 26.01 -32.19
CA ALA B 63 39.26 26.62 -32.46
C ALA B 63 39.45 26.85 -33.95
N LEU B 64 39.16 25.83 -34.74
CA LEU B 64 39.23 25.92 -36.18
C LEU B 64 38.33 27.04 -36.74
N GLU B 65 37.15 27.23 -36.15
CA GLU B 65 36.21 28.27 -36.56
C GLU B 65 36.45 29.65 -35.92
N GLY B 66 37.53 29.78 -35.17
CA GLY B 66 37.85 31.04 -34.49
C GLY B 66 37.89 32.25 -35.42
N LYS B 67 37.22 33.34 -35.03
CA LYS B 67 37.15 34.54 -35.85
C LYS B 67 38.49 35.15 -36.13
N ASP B 68 39.46 34.92 -35.23
CA ASP B 68 40.80 35.47 -35.39
C ASP B 68 41.76 34.52 -36.10
N GLY B 69 41.29 33.34 -36.50
CA GLY B 69 42.17 32.34 -37.13
C GLY B 69 43.09 31.68 -36.12
N TYR B 70 43.99 30.82 -36.60
CA TYR B 70 44.80 30.00 -35.71
C TYR B 70 46.09 29.59 -36.42
N TYR B 71 47.12 29.30 -35.64
CA TYR B 71 48.33 28.65 -36.18
C TYR B 71 48.20 27.16 -35.87
N LEU B 72 48.80 26.32 -36.73
CA LEU B 72 48.68 24.88 -36.55
C LEU B 72 50.05 24.30 -36.22
N VAL B 73 50.12 23.53 -35.12
CA VAL B 73 51.29 22.70 -34.84
C VAL B 73 50.90 21.27 -35.14
N VAL B 74 51.78 20.54 -35.82
CA VAL B 74 51.48 19.14 -36.13
C VAL B 74 52.62 18.28 -35.59
N GLU B 75 52.25 17.30 -34.74
CA GLU B 75 53.19 16.32 -34.20
C GLU B 75 52.86 14.97 -34.79
N GLY B 76 53.86 14.29 -35.35
CA GLY B 76 53.67 12.95 -35.91
C GLY B 76 53.41 12.88 -37.39
N GLY B 77 53.70 11.70 -37.97
CA GLY B 77 53.51 11.48 -39.42
C GLY B 77 52.06 11.13 -39.73
N LEU B 78 51.75 10.96 -41.01
CA LEU B 78 50.38 10.65 -41.41
C LEU B 78 50.27 9.24 -42.02
N PRO B 79 49.59 8.30 -41.32
CA PRO B 79 49.51 6.97 -41.92
C PRO B 79 48.41 6.96 -43.00
N THR B 80 48.76 6.58 -44.22
CA THR B 80 47.83 6.72 -45.34
C THR B 80 47.23 5.41 -45.86
N ILE B 81 47.69 4.26 -45.36
CA ILE B 81 47.17 2.98 -45.88
C ILE B 81 45.68 2.84 -45.50
N ASP B 82 44.88 2.10 -46.29
CA ASP B 82 43.50 1.76 -45.94
C ASP B 82 42.70 3.04 -45.67
N GLY B 83 42.87 4.04 -46.53
CA GLY B 83 42.11 5.30 -46.48
C GLY B 83 42.40 6.09 -45.21
N GLY B 84 43.60 5.92 -44.67
CA GLY B 84 44.01 6.59 -43.43
C GLY B 84 43.47 5.98 -42.13
N GLN B 85 42.87 4.79 -42.21
CA GLN B 85 42.14 4.23 -41.07
C GLN B 85 43.00 3.60 -39.97
N TRP B 86 44.32 3.50 -40.19
CA TRP B 86 45.20 2.93 -39.20
C TRP B 86 45.64 3.96 -38.20
N GLY B 87 45.19 5.20 -38.36
CA GLY B 87 45.47 6.26 -37.40
C GLY B 87 44.26 7.16 -37.31
N MET B 88 43.47 7.01 -36.25
CA MET B 88 42.19 7.70 -36.12
C MET B 88 42.03 8.42 -34.78
N VAL B 89 41.32 9.55 -34.81
CA VAL B 89 40.92 10.28 -33.60
C VAL B 89 39.46 10.67 -33.78
N ALA B 90 38.64 10.39 -32.77
CA ALA B 90 37.17 10.63 -32.80
C ALA B 90 36.50 9.99 -34.02
N GLY B 91 37.03 8.86 -34.46
CA GLY B 91 36.46 8.14 -35.61
C GLY B 91 36.82 8.70 -36.98
N HIS B 92 37.75 9.66 -37.02
CA HIS B 92 38.17 10.29 -38.28
C HIS B 92 39.64 9.98 -38.57
N PRO B 93 39.97 9.62 -39.82
CA PRO B 93 41.38 9.42 -40.17
C PRO B 93 42.22 10.67 -39.84
N MET B 94 43.39 10.45 -39.30
CA MET B 94 44.31 11.56 -38.95
C MET B 94 44.60 12.45 -40.16
N ILE B 95 44.74 11.84 -41.33
CA ILE B 95 45.00 12.63 -42.54
C ILE B 95 43.83 13.58 -42.87
N GLU B 96 42.60 13.17 -42.61
CA GLU B 96 41.45 14.02 -42.90
C GLU B 96 41.40 15.26 -41.99
N THR B 97 41.65 15.05 -40.71
CA THR B 97 41.64 16.15 -39.74
C THR B 97 42.78 17.11 -40.01
N THR B 98 43.96 16.57 -40.31
CA THR B 98 45.12 17.41 -40.53
C THR B 98 44.91 18.24 -41.80
N LYS B 99 44.32 17.61 -42.82
CA LYS B 99 44.05 18.27 -44.10
C LYS B 99 43.09 19.45 -43.87
N LYS B 100 41.98 19.17 -43.19
CA LYS B 100 40.98 20.16 -42.82
C LYS B 100 41.58 21.33 -42.01
N ALA B 101 42.43 21.01 -41.03
CA ALA B 101 43.07 22.03 -40.19
C ALA B 101 44.13 22.87 -40.94
N ALA B 102 44.92 22.21 -41.78
CA ALA B 102 45.95 22.85 -42.60
C ALA B 102 45.39 23.88 -43.59
N ALA B 103 44.18 23.63 -44.07
CA ALA B 103 43.61 24.46 -45.14
C ALA B 103 43.33 25.90 -44.71
N LYS B 104 42.96 26.12 -43.44
CA LYS B 104 42.70 27.49 -42.95
C LYS B 104 43.77 28.05 -41.99
N ALA B 105 44.78 27.26 -41.68
CA ALA B 105 45.86 27.70 -40.80
C ALA B 105 46.57 28.96 -41.33
N LYS B 106 46.91 29.88 -40.42
CA LYS B 106 47.73 31.05 -40.77
C LYS B 106 49.16 30.62 -41.07
N GLY B 107 49.55 29.48 -40.53
CA GLY B 107 50.89 28.93 -40.74
C GLY B 107 50.90 27.55 -40.11
N ILE B 108 51.83 26.70 -40.55
CA ILE B 108 51.90 25.32 -40.09
C ILE B 108 53.32 25.05 -39.64
N ILE B 109 53.47 24.66 -38.37
CA ILE B 109 54.77 24.28 -37.82
C ILE B 109 54.71 22.79 -37.59
N CYS B 110 55.66 22.07 -38.18
CA CYS B 110 55.78 20.63 -37.95
C CYS B 110 56.84 20.41 -36.91
N ILE B 111 56.37 20.08 -35.70
CA ILE B 111 57.28 19.74 -34.61
C ILE B 111 57.77 18.28 -34.71
N GLY B 112 59.08 18.10 -34.93
CA GLY B 112 59.69 16.78 -34.99
C GLY B 112 59.92 16.25 -36.38
N THR B 113 60.90 15.36 -36.48
CA THR B 113 61.15 14.65 -37.71
C THR B 113 59.95 13.90 -38.26
N CYS B 114 59.08 13.41 -37.38
CA CYS B 114 57.88 12.68 -37.82
C CYS B 114 56.94 13.52 -38.68
N SER B 115 56.48 14.64 -38.15
CA SER B 115 55.58 15.47 -38.94
C SER B 115 56.33 16.14 -40.10
N ALA B 116 57.60 16.48 -39.88
CA ALA B 116 58.34 17.17 -40.95
C ALA B 116 58.52 16.27 -42.17
N TYR B 117 58.96 15.02 -41.92
CA TYR B 117 59.55 14.17 -42.96
C TYR B 117 58.98 12.76 -43.02
N GLY B 118 58.21 12.37 -42.00
CA GLY B 118 57.63 11.03 -41.98
C GLY B 118 58.03 10.27 -40.73
N GLY B 119 59.31 10.33 -40.39
CA GLY B 119 59.85 9.78 -39.14
C GLY B 119 59.85 8.27 -39.00
N VAL B 120 59.79 7.82 -37.75
CA VAL B 120 60.09 6.41 -37.43
C VAL B 120 59.14 5.42 -38.14
N GLN B 121 57.84 5.73 -38.16
CA GLN B 121 56.89 4.83 -38.78
C GLN B 121 57.05 4.75 -40.31
N LYS B 122 57.70 5.75 -40.92
CA LYS B 122 57.98 5.72 -42.37
C LYS B 122 59.20 4.85 -42.71
N ALA B 123 60.03 4.55 -41.72
CA ALA B 123 61.23 3.70 -41.96
C ALA B 123 60.84 2.37 -42.66
N LYS B 124 61.70 1.87 -43.54
CA LYS B 124 61.40 0.63 -44.28
C LYS B 124 60.95 -0.50 -43.35
N PRO B 125 59.91 -1.26 -43.74
CA PRO B 125 59.20 -1.18 -45.01
C PRO B 125 57.89 -0.37 -44.93
N ASN B 126 57.82 0.55 -43.97
CA ASN B 126 56.70 1.50 -43.85
C ASN B 126 55.31 0.84 -43.95
N PRO B 127 54.98 -0.05 -43.00
CA PRO B 127 53.74 -0.82 -43.13
C PRO B 127 52.44 0.03 -43.15
N SER B 128 52.44 1.19 -42.51
CA SER B 128 51.20 2.03 -42.49
C SER B 128 51.19 3.08 -43.62
N GLN B 129 52.22 3.06 -44.48
CA GLN B 129 52.34 4.03 -45.59
C GLN B 129 52.28 5.45 -45.01
N ALA B 130 53.13 5.64 -44.00
CA ALA B 130 53.22 6.92 -43.33
C ALA B 130 54.01 7.91 -44.15
N LYS B 131 53.58 9.15 -44.07
CA LYS B 131 54.19 10.25 -44.82
C LYS B 131 54.40 11.49 -43.92
N GLY B 132 55.40 12.32 -44.25
CA GLY B 132 55.43 13.67 -43.67
C GLY B 132 54.20 14.48 -44.08
N VAL B 133 53.96 15.63 -43.44
CA VAL B 133 52.76 16.45 -43.75
C VAL B 133 52.83 17.07 -45.15
N SER B 134 53.98 17.66 -45.49
CA SER B 134 54.18 18.20 -46.84
C SER B 134 54.18 17.07 -47.89
N GLU B 135 54.77 15.93 -47.54
CA GLU B 135 54.75 14.76 -48.39
C GLU B 135 53.31 14.31 -48.73
N ALA B 136 52.43 14.33 -47.72
CA ALA B 136 51.08 13.79 -47.85
C ALA B 136 50.14 14.80 -48.47
N LEU B 137 50.33 16.08 -48.15
CA LEU B 137 49.32 17.11 -48.49
C LEU B 137 49.76 18.13 -49.54
N GLY B 138 51.06 18.28 -49.74
CA GLY B 138 51.58 19.23 -50.71
C GLY B 138 51.53 20.66 -50.22
N VAL B 139 51.43 20.85 -48.91
CA VAL B 139 51.46 22.20 -48.31
C VAL B 139 52.86 22.50 -47.81
N LYS B 140 53.28 23.77 -47.88
CA LYS B 140 54.57 24.15 -47.31
C LYS B 140 54.42 24.21 -45.80
N THR B 141 55.44 23.74 -45.09
CA THR B 141 55.43 23.72 -43.63
C THR B 141 56.74 24.31 -43.12
N ILE B 142 56.69 24.90 -41.92
CA ILE B 142 57.91 25.28 -41.18
C ILE B 142 58.34 24.05 -40.35
N ASN B 143 59.49 23.47 -40.69
CA ASN B 143 59.94 22.22 -40.07
C ASN B 143 60.93 22.41 -38.93
N ILE B 144 60.62 21.84 -37.76
CA ILE B 144 61.47 21.92 -36.56
C ILE B 144 61.82 20.47 -36.23
N PRO B 145 62.77 19.87 -36.99
CA PRO B 145 63.00 18.43 -36.84
C PRO B 145 64.04 18.10 -35.77
N GLY B 146 64.32 16.82 -35.63
CA GLY B 146 65.00 16.31 -34.45
C GLY B 146 64.02 15.28 -33.89
N CYS B 147 64.53 14.37 -33.08
CA CYS B 147 63.68 13.31 -32.56
C CYS B 147 63.89 13.13 -31.03
N PRO B 148 63.44 14.09 -30.18
CA PRO B 148 62.68 15.27 -30.60
C PRO B 148 63.58 16.50 -30.83
N PRO B 149 63.02 17.60 -31.40
CA PRO B 149 63.76 18.85 -31.49
C PRO B 149 64.01 19.42 -30.11
N ASN B 150 65.04 20.23 -29.98
CA ASN B 150 65.23 21.05 -28.78
C ASN B 150 64.03 22.01 -28.58
N PRO B 151 63.53 22.19 -27.32
CA PRO B 151 62.45 23.19 -27.06
C PRO B 151 62.89 24.59 -27.47
N ILE B 152 64.21 24.89 -27.34
CA ILE B 152 64.75 26.18 -27.81
C ILE B 152 64.36 26.47 -29.28
N ASN B 153 64.44 25.43 -30.12
CA ASN B 153 64.17 25.52 -31.55
C ASN B 153 62.69 25.67 -31.81
N PHE B 154 61.90 24.87 -31.13
CA PHE B 154 60.44 24.91 -31.34
C PHE B 154 59.81 26.19 -30.78
N VAL B 155 60.10 26.49 -29.51
CA VAL B 155 59.55 27.71 -28.92
C VAL B 155 60.12 28.95 -29.64
N GLY B 156 61.40 28.90 -30.03
CA GLY B 156 61.99 29.99 -30.79
C GLY B 156 61.25 30.24 -32.10
N ALA B 157 60.93 29.17 -32.82
CA ALA B 157 60.24 29.29 -34.09
C ALA B 157 58.85 29.86 -33.89
N VAL B 158 58.13 29.36 -32.88
CA VAL B 158 56.77 29.83 -32.56
C VAL B 158 56.74 31.36 -32.23
N VAL B 159 57.66 31.81 -31.38
CA VAL B 159 57.77 33.24 -31.03
C VAL B 159 58.15 34.09 -32.25
N HIS B 160 59.10 33.61 -33.05
CA HIS B 160 59.55 34.34 -34.24
C HIS B 160 58.38 34.51 -35.20
N VAL B 161 57.58 33.46 -35.33
CA VAL B 161 56.41 33.47 -36.20
C VAL B 161 55.36 34.47 -35.70
N LEU B 162 55.15 34.57 -34.39
CA LEU B 162 54.23 35.57 -33.84
C LEU B 162 54.74 37.02 -33.81
N THR B 163 56.06 37.20 -33.84
CA THR B 163 56.65 38.54 -33.68
C THR B 163 57.28 39.11 -34.97
N LYS B 164 57.90 38.26 -35.77
CA LYS B 164 58.63 38.72 -36.95
C LYS B 164 58.08 38.17 -38.25
N GLY B 165 57.49 36.99 -38.20
CA GLY B 165 56.95 36.32 -39.39
C GLY B 165 57.66 34.99 -39.61
N ILE B 166 57.75 34.56 -40.86
CA ILE B 166 58.38 33.30 -41.16
C ILE B 166 59.89 33.49 -41.24
N PRO B 167 60.65 32.69 -40.46
CA PRO B 167 62.12 32.73 -40.49
C PRO B 167 62.64 32.24 -41.82
N ASP B 168 63.88 32.63 -42.13
CA ASP B 168 64.60 32.09 -43.26
C ASP B 168 64.69 30.57 -43.10
N LEU B 169 64.24 29.84 -44.11
CA LEU B 169 64.24 28.38 -44.10
C LEU B 169 65.29 27.86 -45.06
N ASP B 170 65.84 26.69 -44.79
CA ASP B 170 66.72 26.01 -45.74
C ASP B 170 65.88 25.14 -46.69
N GLU B 171 66.54 24.40 -47.56
CA GLU B 171 65.90 23.54 -48.55
C GLU B 171 65.00 22.46 -47.93
N ASN B 172 65.26 22.09 -46.68
CA ASN B 172 64.44 21.09 -46.00
C ASN B 172 63.38 21.72 -45.09
N GLY B 173 63.11 23.03 -45.27
CA GLY B 173 62.08 23.74 -44.50
C GLY B 173 62.49 24.10 -43.08
N ARG B 174 63.77 23.99 -42.76
CA ARG B 174 64.19 24.18 -41.36
C ARG B 174 64.68 25.62 -41.16
N PRO B 175 64.33 26.27 -40.04
CA PRO B 175 64.89 27.61 -39.82
C PRO B 175 66.42 27.63 -39.67
N LYS B 176 67.10 28.43 -40.50
CA LYS B 176 68.55 28.62 -40.42
C LYS B 176 69.01 29.19 -39.07
N LEU B 177 68.11 29.85 -38.35
CA LEU B 177 68.42 30.30 -36.99
C LEU B 177 68.94 29.18 -36.11
N PHE B 178 68.43 27.95 -36.34
CA PHE B 178 68.75 26.82 -35.46
C PHE B 178 69.42 25.67 -36.18
N TYR B 179 69.22 25.56 -37.49
CA TYR B 179 69.67 24.40 -38.27
C TYR B 179 70.67 24.78 -39.34
N GLY B 180 71.22 26.00 -39.27
CA GLY B 180 72.11 26.48 -40.31
C GLY B 180 73.51 25.86 -40.29
N GLU B 181 73.88 25.29 -39.14
CA GLU B 181 75.25 24.80 -38.90
C GLU B 181 75.26 23.28 -38.67
N LEU B 182 76.32 22.62 -39.13
CA LEU B 182 76.47 21.19 -38.88
C LEU B 182 76.75 20.98 -37.39
N VAL B 183 76.23 19.88 -36.83
CA VAL B 183 76.58 19.45 -35.46
C VAL B 183 78.12 19.39 -35.33
N HIS B 184 78.74 18.73 -36.29
CA HIS B 184 80.16 18.48 -36.28
C HIS B 184 80.98 19.78 -36.19
N ASP B 185 80.55 20.84 -36.86
CA ASP B 185 81.33 22.08 -36.88
C ASP B 185 81.40 22.79 -35.52
N ASN B 186 80.47 22.46 -34.62
CA ASN B 186 80.45 22.99 -33.27
C ASN B 186 80.82 21.97 -32.16
N CYS B 187 81.26 20.78 -32.56
CA CYS B 187 81.53 19.71 -31.61
C CYS B 187 82.86 19.92 -30.87
N PRO B 188 82.85 19.84 -29.53
CA PRO B 188 84.11 19.99 -28.79
C PRO B 188 85.15 18.91 -29.12
N ARG B 189 84.73 17.82 -29.77
CA ARG B 189 85.68 16.75 -30.12
C ARG B 189 86.31 16.95 -31.51
N LEU B 190 85.98 18.07 -32.14
CA LEU B 190 86.49 18.42 -33.46
C LEU B 190 88.03 18.38 -33.57
N PRO B 191 88.77 18.89 -32.55
CA PRO B 191 90.24 18.73 -32.64
C PRO B 191 90.71 17.26 -32.70
N HIS B 192 89.98 16.34 -32.06
CA HIS B 192 90.33 14.92 -32.17
C HIS B 192 90.10 14.41 -33.61
N PHE B 193 88.95 14.75 -34.19
CA PHE B 193 88.62 14.40 -35.58
C PHE B 193 89.71 14.85 -36.55
N GLU B 194 90.16 16.09 -36.40
CA GLU B 194 91.18 16.67 -37.26
C GLU B 194 92.53 16.03 -37.05
N ALA B 195 92.75 15.49 -35.86
CA ALA B 195 93.99 14.79 -35.57
C ALA B 195 93.90 13.28 -35.79
N SER B 196 92.79 12.83 -36.39
CA SER B 196 92.51 11.40 -36.57
C SER B 196 92.62 10.60 -35.26
N GLU B 197 92.07 11.17 -34.19
CA GLU B 197 92.07 10.53 -32.88
C GLU B 197 90.65 10.00 -32.65
N PHE B 198 90.45 8.73 -33.02
CA PHE B 198 89.11 8.11 -33.02
C PHE B 198 89.03 6.97 -32.01
N ALA B 199 87.90 6.88 -31.29
CA ALA B 199 87.63 5.72 -30.45
C ALA B 199 87.24 4.52 -31.33
N PRO B 200 87.95 3.37 -31.17
CA PRO B 200 87.59 2.19 -31.98
C PRO B 200 86.49 1.33 -31.40
N SER B 201 86.05 1.64 -30.17
CA SER B 201 85.02 0.91 -29.42
C SER B 201 84.67 1.73 -28.19
N PHE B 202 83.51 1.45 -27.59
CA PHE B 202 83.09 2.17 -26.40
C PHE B 202 83.87 1.85 -25.13
N ASP B 203 84.45 0.65 -25.07
CA ASP B 203 85.27 0.23 -23.91
C ASP B 203 86.73 0.70 -23.99
N SER B 204 87.13 1.25 -25.13
CA SER B 204 88.55 1.57 -25.38
C SER B 204 89.08 2.74 -24.52
N GLU B 205 90.40 2.79 -24.32
CA GLU B 205 91.01 3.92 -23.60
C GLU B 205 90.74 5.24 -24.33
N GLU B 206 90.66 5.17 -25.66
CA GLU B 206 90.35 6.31 -26.49
C GLU B 206 88.97 6.89 -26.18
N ALA B 207 87.97 6.01 -25.98
CA ALA B 207 86.63 6.45 -25.58
C ALA B 207 86.67 7.13 -24.22
N LYS B 208 87.36 6.52 -23.26
CA LYS B 208 87.56 7.12 -21.94
C LYS B 208 88.21 8.52 -22.02
N LYS B 209 89.20 8.70 -22.91
CA LYS B 209 89.84 10.00 -23.16
C LYS B 209 88.99 11.00 -24.00
N GLY B 210 87.73 10.68 -24.28
CA GLY B 210 86.87 11.57 -25.07
C GLY B 210 87.22 11.79 -26.54
N PHE B 211 87.86 10.79 -27.16
CA PHE B 211 88.19 10.85 -28.59
C PHE B 211 86.94 10.95 -29.48
N CYS B 212 87.15 11.35 -30.72
CA CYS B 212 86.07 11.49 -31.70
C CYS B 212 85.38 10.16 -31.94
N LEU B 213 84.06 10.22 -32.12
CA LEU B 213 83.20 9.05 -32.28
C LEU B 213 82.88 8.68 -33.74
N TYR B 214 83.62 9.25 -34.69
CA TYR B 214 83.40 9.00 -36.13
C TYR B 214 83.40 7.52 -36.54
N GLU B 215 84.38 6.75 -36.07
CA GLU B 215 84.46 5.32 -36.41
C GLU B 215 83.31 4.51 -35.83
N LEU B 216 82.70 5.07 -34.79
CA LEU B 216 81.59 4.43 -34.08
C LEU B 216 80.24 4.90 -34.64
N GLY B 217 80.30 5.54 -35.81
CA GLY B 217 79.12 5.87 -36.59
C GLY B 217 78.57 7.28 -36.46
N CYS B 218 79.31 8.18 -35.80
CA CYS B 218 78.78 9.54 -35.55
C CYS B 218 78.35 10.26 -36.84
N LYS B 219 77.11 10.73 -36.86
CA LYS B 219 76.56 11.40 -38.05
C LYS B 219 76.62 12.94 -37.96
N GLY B 220 77.27 13.45 -36.92
CA GLY B 220 77.60 14.87 -36.82
C GLY B 220 78.03 15.56 -38.12
N PRO B 221 78.95 14.96 -38.91
CA PRO B 221 79.46 15.61 -40.13
C PRO B 221 78.41 15.81 -41.26
N VAL B 222 77.26 15.17 -41.14
CA VAL B 222 76.18 15.29 -42.15
C VAL B 222 74.83 15.74 -41.57
N THR B 223 74.84 16.18 -40.31
CA THR B 223 73.58 16.52 -39.60
C THR B 223 73.56 17.99 -39.21
N TYR B 224 72.49 18.67 -39.59
CA TYR B 224 72.32 20.09 -39.29
C TYR B 224 71.47 20.25 -38.05
N ASN B 225 72.06 20.82 -36.99
CA ASN B 225 71.36 21.01 -35.70
C ASN B 225 72.28 21.82 -34.79
N ASN B 226 71.73 22.33 -33.69
CA ASN B 226 72.49 23.24 -32.81
C ASN B 226 72.85 22.60 -31.45
N CYS B 227 72.76 21.27 -31.37
CA CYS B 227 72.94 20.51 -30.13
C CYS B 227 74.19 20.86 -29.29
N PRO B 228 75.41 20.87 -29.89
CA PRO B 228 76.55 21.21 -29.02
C PRO B 228 76.55 22.67 -28.56
N LYS B 229 75.94 23.56 -29.33
CA LYS B 229 75.90 24.99 -28.98
C LYS B 229 74.93 25.30 -27.85
N VAL B 230 73.75 24.69 -27.90
CA VAL B 230 72.69 25.03 -26.93
C VAL B 230 72.50 23.97 -25.82
N LEU B 231 72.94 22.73 -26.09
CA LEU B 231 72.72 21.58 -25.20
C LEU B 231 71.22 21.24 -25.05
N PHE B 232 70.95 20.14 -24.36
CA PHE B 232 69.61 19.76 -23.93
C PHE B 232 69.52 19.83 -22.40
N ASN B 233 68.35 20.26 -21.90
CA ASN B 233 68.06 20.33 -20.48
C ASN B 233 69.09 21.14 -19.68
N GLN B 234 69.73 22.09 -20.37
CA GLN B 234 70.73 22.99 -19.82
C GLN B 234 72.01 22.27 -19.37
N VAL B 235 72.18 21.00 -19.75
CA VAL B 235 73.23 20.17 -19.14
C VAL B 235 74.11 19.29 -20.04
N ASN B 236 73.58 18.81 -21.17
CA ASN B 236 74.28 17.73 -21.87
C ASN B 236 73.86 17.62 -23.32
N TRP B 237 74.61 16.85 -24.10
CA TRP B 237 74.15 16.39 -25.42
C TRP B 237 74.81 15.03 -25.71
N PRO B 238 74.35 14.28 -26.74
CA PRO B 238 74.76 12.88 -26.88
C PRO B 238 76.27 12.65 -26.99
N VAL B 239 76.97 13.50 -27.73
CA VAL B 239 78.42 13.29 -27.87
C VAL B 239 79.17 13.58 -26.55
N GLN B 240 78.68 14.57 -25.79
CA GLN B 240 79.24 14.85 -24.47
C GLN B 240 79.03 13.64 -23.54
N ALA B 241 77.95 12.88 -23.80
CA ALA B 241 77.64 11.66 -23.05
C ALA B 241 78.31 10.44 -23.70
N GLY B 242 79.27 10.69 -24.59
CA GLY B 242 80.09 9.63 -25.21
C GLY B 242 79.44 8.81 -26.32
N HIS B 243 78.29 9.26 -26.82
CA HIS B 243 77.56 8.51 -27.84
C HIS B 243 77.49 9.24 -29.18
N PRO B 244 77.65 8.51 -30.31
CA PRO B 244 77.57 9.12 -31.64
C PRO B 244 76.18 9.76 -31.90
N CYS B 245 76.19 10.78 -32.76
CA CYS B 245 74.99 11.43 -33.25
C CYS B 245 74.33 10.46 -34.24
N LEU B 246 73.00 10.34 -34.13
CA LEU B 246 72.19 9.47 -34.99
C LEU B 246 71.76 10.14 -36.30
N GLY B 247 71.94 11.46 -36.40
CA GLY B 247 71.48 12.25 -37.55
C GLY B 247 69.98 12.55 -37.45
N CYS B 248 69.44 12.62 -36.25
CA CYS B 248 67.96 12.59 -36.04
C CYS B 248 67.16 13.80 -36.55
N SER B 249 67.86 14.86 -36.97
CA SER B 249 67.17 16.05 -37.57
C SER B 249 67.16 16.00 -39.09
N GLU B 250 67.71 14.95 -39.65
CA GLU B 250 67.77 14.78 -41.10
C GLU B 250 66.59 13.95 -41.64
N PRO B 251 66.03 14.35 -42.80
CA PRO B 251 64.91 13.62 -43.42
C PRO B 251 65.24 12.15 -43.62
N ASP B 252 64.30 11.29 -43.24
CA ASP B 252 64.42 9.82 -43.43
C ASP B 252 65.68 9.24 -42.77
N PHE B 253 66.14 9.83 -41.67
CA PHE B 253 67.43 9.38 -41.08
C PHE B 253 67.38 7.90 -40.66
N TRP B 254 66.19 7.40 -40.30
CA TRP B 254 66.03 5.98 -39.96
C TRP B 254 66.58 5.03 -41.02
N ASP B 255 66.51 5.43 -42.29
CA ASP B 255 67.04 4.64 -43.40
C ASP B 255 68.33 5.19 -43.99
N THR B 256 68.57 6.49 -43.87
CA THR B 256 69.80 7.03 -44.47
C THR B 256 71.00 6.98 -43.55
N MET B 257 70.75 6.94 -42.24
CA MET B 257 71.85 7.02 -41.27
C MET B 257 72.13 5.69 -40.58
N THR B 258 71.37 4.66 -40.93
CA THR B 258 71.53 3.32 -40.37
C THR B 258 72.33 2.42 -41.32
N PRO B 259 73.02 1.39 -40.83
CA PRO B 259 73.17 1.09 -39.39
C PRO B 259 73.84 2.22 -38.62
N PHE B 260 73.32 2.52 -37.44
CA PHE B 260 73.75 3.70 -36.67
C PHE B 260 75.21 3.67 -36.21
N TYR B 261 75.77 2.47 -35.97
CA TYR B 261 77.18 2.35 -35.49
C TYR B 261 78.19 2.15 -36.61
N GLU B 262 77.71 2.36 -37.83
CA GLU B 262 78.54 2.26 -38.99
C GLU B 262 78.70 3.65 -39.60
N GLN B 263 79.84 3.85 -40.24
CA GLN B 263 80.10 5.14 -40.84
C GLN B 263 79.98 5.04 -42.36
N GLY B 264 79.16 5.92 -42.93
CA GLY B 264 79.00 5.95 -44.37
C GLY B 264 77.66 6.56 -44.67
N LYS C 4 68.76 -42.68 -45.03
CA LYS C 4 67.71 -41.73 -44.49
C LYS C 4 68.06 -41.06 -43.16
N HIS C 5 68.28 -39.76 -43.23
CA HIS C 5 68.49 -38.97 -42.04
C HIS C 5 67.15 -38.76 -41.33
N ARG C 6 67.14 -39.11 -40.05
CA ARG C 6 65.96 -39.00 -39.24
C ARG C 6 66.22 -37.88 -38.25
N PRO C 7 65.18 -37.10 -37.91
CA PRO C 7 65.39 -35.97 -37.01
C PRO C 7 65.95 -36.42 -35.66
N SER C 8 66.97 -35.72 -35.18
CA SER C 8 67.63 -36.04 -33.92
C SER C 8 66.78 -35.64 -32.71
N VAL C 9 66.63 -36.58 -31.77
CA VAL C 9 65.95 -36.34 -30.51
C VAL C 9 66.90 -36.64 -29.36
N VAL C 10 67.04 -35.65 -28.47
CA VAL C 10 67.83 -35.77 -27.24
C VAL C 10 66.81 -35.84 -26.09
N TRP C 11 66.92 -36.89 -25.28
CA TRP C 11 65.98 -37.10 -24.17
C TRP C 11 66.74 -36.98 -22.86
N LEU C 12 66.34 -36.04 -22.00
CA LEU C 12 67.03 -35.85 -20.70
C LEU C 12 66.18 -36.32 -19.57
N HIS C 13 66.82 -36.96 -18.58
CA HIS C 13 66.19 -37.38 -17.34
C HIS C 13 66.65 -36.55 -16.15
N ASN C 14 65.72 -35.83 -15.51
CA ASN C 14 66.09 -34.96 -14.38
C ASN C 14 65.50 -35.57 -13.10
N ALA C 15 64.65 -34.82 -12.38
CA ALA C 15 64.06 -35.38 -11.17
C ALA C 15 62.81 -36.10 -11.60
N GLU C 16 62.93 -37.40 -11.78
CA GLU C 16 61.89 -38.20 -12.40
C GLU C 16 61.86 -39.60 -11.81
N CYS C 17 60.77 -40.33 -12.08
CA CYS C 17 60.60 -41.72 -11.60
C CYS C 17 60.76 -42.73 -12.73
N THR C 18 60.94 -42.22 -13.96
CA THR C 18 61.11 -43.04 -15.19
C THR C 18 59.79 -43.63 -15.68
N GLY C 19 58.69 -43.30 -15.00
CA GLY C 19 57.35 -43.69 -15.45
C GLY C 19 57.00 -43.12 -16.81
N CYS C 20 57.59 -41.98 -17.15
CA CYS C 20 57.30 -41.35 -18.43
C CYS C 20 57.99 -42.06 -19.59
N THR C 21 59.26 -42.44 -19.39
CA THR C 21 59.94 -43.28 -20.34
C THR C 21 59.15 -44.59 -20.51
N GLU C 22 58.71 -45.18 -19.40
CA GLU C 22 57.97 -46.45 -19.43
C GLU C 22 56.68 -46.28 -20.22
N ALA C 23 55.94 -45.18 -19.97
CA ALA C 23 54.74 -44.90 -20.77
C ALA C 23 55.03 -44.80 -22.26
N ALA C 24 56.09 -44.06 -22.60
CA ALA C 24 56.45 -43.86 -24.00
C ALA C 24 56.64 -45.20 -24.70
N ILE C 25 57.31 -46.14 -24.02
CA ILE C 25 57.55 -47.42 -24.69
C ILE C 25 56.32 -48.35 -24.81
N ARG C 26 55.17 -47.94 -24.25
CA ARG C 26 53.91 -48.67 -24.44
C ARG C 26 53.20 -48.32 -25.75
N THR C 27 53.79 -47.42 -26.53
CA THR C 27 53.21 -46.98 -27.78
C THR C 27 52.98 -48.14 -28.75
N ILE C 28 51.85 -48.13 -29.44
CA ILE C 28 51.61 -49.13 -30.49
C ILE C 28 51.35 -48.53 -31.87
N LYS C 29 51.35 -47.21 -31.96
CA LYS C 29 51.15 -46.60 -33.28
C LYS C 29 52.08 -45.43 -33.46
N PRO C 30 53.33 -45.68 -33.85
CA PRO C 30 53.92 -47.01 -34.08
C PRO C 30 54.46 -47.64 -32.77
N TYR C 31 54.95 -48.88 -32.84
CA TYR C 31 55.69 -49.42 -31.71
C TYR C 31 57.03 -48.71 -31.59
N ILE C 32 57.66 -48.79 -30.42
CA ILE C 32 58.87 -48.03 -30.17
C ILE C 32 60.03 -48.35 -31.11
N ASP C 33 60.14 -49.61 -31.52
CA ASP C 33 61.23 -50.00 -32.41
C ASP C 33 61.07 -49.32 -33.77
N ALA C 34 59.84 -49.29 -34.28
CA ALA C 34 59.57 -48.61 -35.54
C ALA C 34 59.87 -47.10 -35.40
N LEU C 35 59.49 -46.50 -34.28
CA LEU C 35 59.68 -45.08 -34.09
C LEU C 35 61.18 -44.73 -34.14
N ILE C 36 61.99 -45.49 -33.42
CA ILE C 36 63.44 -45.19 -33.38
C ILE C 36 64.28 -45.71 -34.54
N LEU C 37 63.72 -46.64 -35.32
CA LEU C 37 64.41 -47.15 -36.50
C LEU C 37 64.03 -46.35 -37.75
N ASP C 38 62.79 -45.86 -37.81
CA ASP C 38 62.26 -45.29 -39.06
C ASP C 38 61.93 -43.78 -39.04
N THR C 39 61.61 -43.26 -37.87
CA THR C 39 61.00 -41.95 -37.78
C THR C 39 61.89 -40.90 -37.12
N ILE C 40 62.47 -41.24 -35.97
CA ILE C 40 63.35 -40.29 -35.27
C ILE C 40 64.73 -40.95 -35.14
N SER C 41 65.74 -40.14 -34.82
CA SER C 41 67.03 -40.64 -34.38
C SER C 41 67.11 -40.30 -32.89
N LEU C 42 66.83 -41.29 -32.06
CA LEU C 42 66.90 -41.12 -30.61
C LEU C 42 68.37 -41.17 -30.19
N ASP C 43 68.97 -40.01 -29.95
CA ASP C 43 70.44 -39.94 -29.89
C ASP C 43 71.03 -39.91 -28.48
N TYR C 44 70.16 -39.77 -27.50
CA TYR C 44 70.55 -39.83 -26.09
C TYR C 44 69.32 -40.21 -25.29
N GLN C 45 69.41 -41.29 -24.51
CA GLN C 45 68.26 -41.72 -23.69
C GLN C 45 68.85 -42.68 -22.66
N GLU C 46 69.04 -42.19 -21.44
CA GLU C 46 69.81 -42.90 -20.41
C GLU C 46 69.26 -44.27 -20.03
N THR C 47 67.94 -44.42 -20.03
CA THR C 47 67.32 -45.69 -19.67
C THR C 47 67.69 -46.84 -20.58
N ILE C 48 67.88 -46.59 -21.88
CA ILE C 48 68.02 -47.71 -22.82
C ILE C 48 69.30 -47.69 -23.66
N MET C 49 70.08 -46.61 -23.58
CA MET C 49 71.27 -46.49 -24.45
C MET C 49 72.41 -47.41 -24.03
N ALA C 50 73.18 -47.81 -25.02
CA ALA C 50 74.27 -48.76 -24.83
C ALA C 50 75.45 -48.18 -24.09
N ALA C 51 75.88 -46.98 -24.51
CA ALA C 51 77.05 -46.30 -23.93
C ALA C 51 76.78 -45.90 -22.47
N ALA C 52 77.79 -45.96 -21.61
CA ALA C 52 77.68 -45.45 -20.24
C ALA C 52 78.82 -44.48 -19.96
N GLY C 53 78.71 -43.72 -18.87
CA GLY C 53 79.84 -42.87 -18.42
C GLY C 53 80.30 -41.88 -19.47
N GLU C 54 81.62 -41.77 -19.67
CA GLU C 54 82.18 -40.80 -20.60
C GLU C 54 81.71 -41.02 -22.03
N ALA C 55 81.48 -42.28 -22.39
CA ALA C 55 81.01 -42.61 -23.73
C ALA C 55 79.58 -42.11 -23.94
N ALA C 56 78.74 -42.21 -22.90
CA ALA C 56 77.39 -41.64 -22.94
C ALA C 56 77.42 -40.10 -22.98
N GLU C 57 78.30 -39.48 -22.21
CA GLU C 57 78.39 -38.02 -22.20
C GLU C 57 78.88 -37.53 -23.59
N ALA C 58 79.82 -38.29 -24.20
CA ALA C 58 80.28 -38.04 -25.58
C ALA C 58 79.11 -38.13 -26.57
N ALA C 59 78.25 -39.14 -26.46
CA ALA C 59 77.11 -39.21 -27.38
C ALA C 59 76.16 -38.00 -27.22
N LEU C 60 75.96 -37.54 -25.98
CA LEU C 60 75.16 -36.32 -25.73
C LEU C 60 75.81 -35.13 -26.43
N HIS C 61 77.13 -35.00 -26.28
CA HIS C 61 77.81 -33.85 -26.83
C HIS C 61 77.78 -33.86 -28.35
N GLN C 62 77.94 -35.04 -28.92
CA GLN C 62 77.82 -35.24 -30.37
C GLN C 62 76.45 -34.84 -30.92
N ALA C 63 75.38 -35.23 -30.22
CA ALA C 63 74.02 -34.87 -30.63
C ALA C 63 73.76 -33.38 -30.52
N LEU C 64 74.18 -32.79 -29.41
CA LEU C 64 74.03 -31.35 -29.20
C LEU C 64 74.76 -30.50 -30.23
N GLU C 65 75.84 -31.03 -30.81
CA GLU C 65 76.67 -30.33 -31.80
C GLU C 65 76.36 -30.76 -33.25
N GLY C 66 75.45 -31.73 -33.39
CA GLY C 66 74.97 -32.20 -34.70
C GLY C 66 74.54 -31.05 -35.59
N LYS C 67 74.82 -31.20 -36.88
CA LYS C 67 74.71 -30.12 -37.86
C LYS C 67 73.28 -29.80 -38.23
N ASP C 68 72.42 -30.82 -38.21
CA ASP C 68 71.00 -30.66 -38.54
C ASP C 68 70.16 -30.22 -37.35
N GLY C 69 70.80 -30.05 -36.19
CA GLY C 69 70.08 -29.66 -34.98
C GLY C 69 69.40 -30.84 -34.33
N TYR C 70 68.58 -30.57 -33.31
CA TYR C 70 67.90 -31.61 -32.56
C TYR C 70 66.66 -31.09 -31.85
N TYR C 71 65.76 -31.99 -31.53
CA TYR C 71 64.64 -31.65 -30.65
C TYR C 71 64.93 -32.19 -29.23
N LEU C 72 64.41 -31.51 -28.21
CA LEU C 72 64.69 -31.91 -26.84
C LEU C 72 63.43 -32.42 -26.13
N VAL C 73 63.50 -33.63 -25.55
CA VAL C 73 62.46 -34.15 -24.66
C VAL C 73 63.02 -34.09 -23.25
N VAL C 74 62.25 -33.53 -22.33
CA VAL C 74 62.67 -33.48 -20.93
C VAL C 74 61.69 -34.24 -20.06
N GLU C 75 62.23 -35.15 -19.27
CA GLU C 75 61.48 -35.94 -18.30
C GLU C 75 61.99 -35.59 -16.91
N GLY C 76 61.07 -35.20 -16.02
CA GLY C 76 61.42 -34.81 -14.66
C GLY C 76 61.51 -33.30 -14.41
N GLY C 77 61.32 -32.92 -13.16
CA GLY C 77 61.50 -31.54 -12.74
C GLY C 77 62.98 -31.21 -12.51
N LEU C 78 63.23 -29.95 -12.19
CA LEU C 78 64.59 -29.49 -11.92
C LEU C 78 64.78 -29.11 -10.42
N PRO C 79 65.64 -29.86 -9.69
CA PRO C 79 65.95 -29.48 -8.29
C PRO C 79 66.93 -28.32 -8.25
N THR C 80 66.52 -27.21 -7.66
CA THR C 80 67.37 -26.01 -7.75
C THR C 80 68.09 -25.64 -6.44
N ILE C 81 67.73 -26.27 -5.33
CA ILE C 81 68.44 -25.94 -4.05
C ILE C 81 69.96 -26.23 -4.15
N ASP C 82 70.77 -25.52 -3.38
CA ASP C 82 72.24 -25.73 -3.34
C ASP C 82 72.88 -25.71 -4.73
N GLY C 83 72.53 -24.70 -5.52
CA GLY C 83 73.08 -24.53 -6.87
C GLY C 83 72.82 -25.73 -7.76
N GLY C 84 71.70 -26.40 -7.52
CA GLY C 84 71.25 -27.52 -8.37
C GLY C 84 71.92 -28.86 -8.09
N GLN C 85 72.67 -28.94 -7.00
CA GLN C 85 73.55 -30.08 -6.75
C GLN C 85 72.86 -31.33 -6.20
N TRP C 86 71.56 -31.24 -5.89
CA TRP C 86 70.84 -32.40 -5.36
C TRP C 86 70.34 -33.29 -6.49
N GLY C 87 70.61 -32.87 -7.73
CA GLY C 87 70.30 -33.67 -8.91
C GLY C 87 71.41 -33.50 -9.93
N MET C 88 72.23 -34.54 -10.12
CA MET C 88 73.41 -34.44 -10.97
C MET C 88 73.61 -35.62 -11.90
N VAL C 89 74.16 -35.34 -13.08
CA VAL C 89 74.54 -36.39 -14.05
C VAL C 89 75.95 -36.05 -14.51
N ALA C 90 76.85 -37.03 -14.52
CA ALA C 90 78.23 -36.86 -14.97
C ALA C 90 78.91 -35.67 -14.26
N GLY C 91 78.53 -35.43 -13.01
CA GLY C 91 79.13 -34.39 -12.18
C GLY C 91 78.67 -32.97 -12.46
N HIS C 92 77.58 -32.82 -13.21
CA HIS C 92 76.99 -31.53 -13.54
C HIS C 92 75.58 -31.45 -13.01
N PRO C 93 75.18 -30.29 -12.42
CA PRO C 93 73.78 -30.11 -12.02
C PRO C 93 72.81 -30.30 -13.20
N MET C 94 71.73 -31.02 -12.96
CA MET C 94 70.68 -31.23 -13.96
C MET C 94 70.18 -29.89 -14.56
N ILE C 95 70.01 -28.88 -13.72
CA ILE C 95 69.60 -27.57 -14.26
C ILE C 95 70.57 -26.99 -15.31
N GLU C 96 71.87 -27.14 -15.07
CA GLU C 96 72.89 -26.67 -16.00
C GLU C 96 72.83 -27.39 -17.36
N THR C 97 72.74 -28.72 -17.34
CA THR C 97 72.68 -29.49 -18.58
C THR C 97 71.41 -29.21 -19.37
N THR C 98 70.28 -29.20 -18.67
CA THR C 98 69.00 -28.86 -19.26
C THR C 98 69.00 -27.45 -19.87
N LYS C 99 69.51 -26.46 -19.13
CA LYS C 99 69.68 -25.11 -19.69
C LYS C 99 70.52 -25.16 -20.99
N LYS C 100 71.67 -25.82 -20.95
CA LYS C 100 72.56 -25.94 -22.09
C LYS C 100 71.88 -26.62 -23.31
N ALA C 101 71.23 -27.77 -23.11
CA ALA C 101 70.51 -28.45 -24.20
C ALA C 101 69.32 -27.63 -24.74
N ALA C 102 68.61 -26.94 -23.85
CA ALA C 102 67.44 -26.17 -24.28
C ALA C 102 67.83 -24.98 -25.14
N ALA C 103 69.00 -24.40 -24.88
CA ALA C 103 69.46 -23.20 -25.59
C ALA C 103 69.37 -23.31 -27.11
N LYS C 104 69.78 -24.45 -27.66
CA LYS C 104 69.85 -24.61 -29.10
C LYS C 104 68.81 -25.59 -29.70
N ALA C 105 67.88 -26.08 -28.87
CA ALA C 105 66.87 -27.04 -29.31
C ALA C 105 65.92 -26.41 -30.32
N LYS C 106 65.50 -27.19 -31.33
CA LYS C 106 64.48 -26.75 -32.28
C LYS C 106 63.11 -26.63 -31.64
N GLY C 107 62.95 -27.31 -30.51
CA GLY C 107 61.67 -27.37 -29.81
C GLY C 107 61.88 -28.21 -28.57
N ILE C 108 61.08 -27.93 -27.53
CA ILE C 108 61.21 -28.63 -26.24
C ILE C 108 59.86 -29.23 -25.85
N ILE C 109 59.85 -30.54 -25.67
CA ILE C 109 58.65 -31.28 -25.33
C ILE C 109 58.89 -31.77 -23.91
N CYS C 110 58.04 -31.32 -22.99
CA CYS C 110 58.08 -31.83 -21.63
C CYS C 110 57.14 -33.02 -21.46
N ILE C 111 57.73 -34.20 -21.33
CA ILE C 111 56.96 -35.41 -21.08
C ILE C 111 56.70 -35.57 -19.59
N GLY C 112 55.42 -35.48 -19.24
CA GLY C 112 54.93 -35.69 -17.89
C GLY C 112 54.71 -34.41 -17.10
N THR C 113 53.92 -34.53 -16.04
CA THR C 113 53.62 -33.43 -15.13
C THR C 113 54.85 -32.87 -14.46
N CYS C 114 55.86 -33.71 -14.20
CA CYS C 114 57.07 -33.22 -13.52
C CYS C 114 57.85 -32.22 -14.36
N SER C 115 58.21 -32.60 -15.58
CA SER C 115 58.93 -31.62 -16.44
C SER C 115 58.00 -30.45 -16.78
N ALA C 116 56.72 -30.75 -17.06
CA ALA C 116 55.81 -29.63 -17.40
C ALA C 116 55.66 -28.59 -16.29
N TYR C 117 55.46 -29.06 -15.07
CA TYR C 117 54.90 -28.24 -13.99
C TYR C 117 55.65 -28.35 -12.67
N GLY C 118 56.63 -29.26 -12.59
CA GLY C 118 57.32 -29.49 -11.33
C GLY C 118 57.09 -30.87 -10.73
N GLY C 119 55.82 -31.27 -10.63
CA GLY C 119 55.48 -32.69 -10.35
C GLY C 119 55.68 -33.07 -8.92
N VAL C 120 55.90 -34.36 -8.68
CA VAL C 120 55.81 -34.91 -7.33
C VAL C 120 56.84 -34.30 -6.33
N GLN C 121 58.08 -34.10 -6.77
CA GLN C 121 59.07 -33.54 -5.88
C GLN C 121 58.84 -32.05 -5.51
N LYS C 122 58.01 -31.37 -6.30
CA LYS C 122 57.63 -29.96 -5.99
C LYS C 122 56.48 -29.86 -4.98
N ALA C 123 55.82 -30.98 -4.70
CA ALA C 123 54.77 -31.00 -3.71
C ALA C 123 55.28 -30.46 -2.38
N LYS C 124 54.44 -29.73 -1.66
CA LYS C 124 54.84 -29.15 -0.35
C LYS C 124 55.46 -30.22 0.55
N PRO C 125 56.56 -29.90 1.25
CA PRO C 125 57.18 -28.57 1.32
C PRO C 125 58.35 -28.36 0.34
N ASN C 126 58.40 -29.21 -0.69
CA ASN C 126 59.36 -29.07 -1.79
C ASN C 126 60.81 -28.94 -1.29
N PRO C 127 61.33 -30.00 -0.66
CA PRO C 127 62.66 -29.87 -0.03
C PRO C 127 63.82 -29.59 -1.02
N SER C 128 63.70 -30.07 -2.26
CA SER C 128 64.79 -29.84 -3.24
C SER C 128 64.62 -28.55 -4.04
N GLN C 129 63.57 -27.77 -3.75
CA GLN C 129 63.23 -26.55 -4.51
C GLN C 129 63.12 -26.90 -5.99
N ALA C 130 62.35 -27.94 -6.27
CA ALA C 130 62.12 -28.42 -7.61
C ALA C 130 61.23 -27.48 -8.41
N LYS C 131 61.51 -27.36 -9.72
CA LYS C 131 60.70 -26.50 -10.61
C LYS C 131 60.41 -27.25 -11.89
N GLY C 132 59.29 -26.90 -12.53
CA GLY C 132 59.04 -27.23 -13.94
C GLY C 132 60.09 -26.63 -14.86
N VAL C 133 60.22 -27.17 -16.07
CA VAL C 133 61.21 -26.69 -17.02
C VAL C 133 61.02 -25.22 -17.43
N SER C 134 59.79 -24.80 -17.76
CA SER C 134 59.58 -23.44 -18.26
C SER C 134 59.91 -22.43 -17.18
N GLU C 135 59.58 -22.78 -15.94
CA GLU C 135 59.81 -21.86 -14.86
C GLU C 135 61.31 -21.70 -14.65
N ALA C 136 62.04 -22.81 -14.53
CA ALA C 136 63.49 -22.73 -14.34
C ALA C 136 64.26 -22.08 -15.49
N LEU C 137 63.79 -22.28 -16.72
CA LEU C 137 64.56 -21.83 -17.86
C LEU C 137 64.09 -20.51 -18.49
N GLY C 138 62.82 -20.15 -18.27
CA GLY C 138 62.28 -18.95 -18.92
C GLY C 138 62.08 -19.18 -20.40
N VAL C 139 61.72 -20.41 -20.77
CA VAL C 139 61.43 -20.72 -22.19
C VAL C 139 60.12 -21.48 -22.38
N LYS C 140 59.43 -21.27 -23.50
CA LYS C 140 58.18 -21.98 -23.79
C LYS C 140 58.39 -23.46 -24.04
N THR C 141 57.53 -24.29 -23.46
CA THR C 141 57.63 -25.73 -23.62
C THR C 141 56.31 -26.24 -24.13
N ILE C 142 56.37 -27.35 -24.89
CA ILE C 142 55.18 -28.09 -25.27
C ILE C 142 54.95 -29.15 -24.19
N ASN C 143 53.84 -29.03 -23.46
CA ASN C 143 53.62 -29.84 -22.27
C ASN C 143 52.73 -31.00 -22.53
N ILE C 144 53.25 -32.20 -22.23
CA ILE C 144 52.49 -33.47 -22.37
C ILE C 144 52.30 -34.11 -20.97
N PRO C 145 51.39 -33.52 -20.17
CA PRO C 145 51.37 -33.92 -18.76
C PRO C 145 50.46 -35.11 -18.48
N GLY C 146 50.38 -35.47 -17.21
CA GLY C 146 49.83 -36.74 -16.82
C GLY C 146 50.97 -37.41 -16.10
N CYS C 147 50.63 -38.40 -15.28
CA CYS C 147 51.60 -38.97 -14.38
C CYS C 147 51.54 -40.53 -14.43
N PRO C 148 51.94 -41.17 -15.55
CA PRO C 148 52.48 -40.52 -16.75
C PRO C 148 51.43 -40.19 -17.81
N PRO C 149 51.80 -39.36 -18.80
CA PRO C 149 50.91 -39.21 -19.94
C PRO C 149 50.72 -40.50 -20.73
N ASN C 150 49.58 -40.57 -21.40
CA ASN C 150 49.36 -41.61 -22.43
C ASN C 150 50.44 -41.56 -23.53
N PRO C 151 51.04 -42.73 -23.92
CA PRO C 151 51.94 -42.69 -25.08
C PRO C 151 51.29 -42.11 -26.34
N ILE C 152 49.96 -42.25 -26.45
CA ILE C 152 49.24 -41.70 -27.61
C ILE C 152 49.49 -40.20 -27.68
N ASN C 153 49.47 -39.56 -26.51
CA ASN C 153 49.63 -38.12 -26.39
C ASN C 153 51.07 -37.68 -26.61
N PHE C 154 52.02 -38.45 -26.09
CA PHE C 154 53.43 -38.12 -26.27
C PHE C 154 53.95 -38.36 -27.69
N VAL C 155 53.78 -39.60 -28.18
CA VAL C 155 54.15 -39.94 -29.56
C VAL C 155 53.39 -39.09 -30.54
N GLY C 156 52.10 -38.87 -30.30
CA GLY C 156 51.32 -38.00 -31.17
C GLY C 156 51.93 -36.62 -31.27
N ALA C 157 52.36 -36.06 -30.14
CA ALA C 157 52.89 -34.71 -30.12
C ALA C 157 54.25 -34.67 -30.78
N VAL C 158 55.08 -35.66 -30.47
CA VAL C 158 56.41 -35.77 -31.12
C VAL C 158 56.30 -35.80 -32.65
N VAL C 159 55.46 -36.68 -33.16
CA VAL C 159 55.27 -36.77 -34.61
C VAL C 159 54.72 -35.45 -35.17
N HIS C 160 53.76 -34.84 -34.46
CA HIS C 160 53.19 -33.57 -34.93
C HIS C 160 54.27 -32.49 -35.02
N VAL C 161 55.13 -32.38 -34.01
CA VAL C 161 56.20 -31.36 -34.01
C VAL C 161 57.27 -31.57 -35.08
N LEU C 162 57.66 -32.81 -35.31
CA LEU C 162 58.69 -33.08 -36.29
C LEU C 162 58.17 -32.83 -37.72
N THR C 163 56.85 -32.82 -37.90
CA THR C 163 56.23 -32.90 -39.23
C THR C 163 55.35 -31.72 -39.64
N LYS C 164 54.47 -31.28 -38.73
CA LYS C 164 53.54 -30.19 -39.06
C LYS C 164 53.94 -28.91 -38.34
N GLY C 165 54.57 -29.07 -37.18
CA GLY C 165 55.03 -27.94 -36.39
C GLY C 165 54.34 -28.03 -35.04
N ILE C 166 54.42 -26.94 -34.28
CA ILE C 166 53.81 -26.87 -32.96
C ILE C 166 52.28 -26.94 -32.98
N PRO C 167 51.69 -27.93 -32.29
CA PRO C 167 50.23 -28.01 -32.27
C PRO C 167 49.60 -26.86 -31.49
N ASP C 168 48.32 -26.58 -31.74
CA ASP C 168 47.62 -25.60 -30.93
C ASP C 168 47.62 -26.03 -29.47
N LEU C 169 48.10 -25.12 -28.63
CA LEU C 169 48.20 -25.37 -27.20
C LEU C 169 47.16 -24.59 -26.37
N ASP C 170 46.75 -25.21 -25.27
CA ASP C 170 45.91 -24.53 -24.27
C ASP C 170 46.74 -23.63 -23.32
N GLU C 171 46.05 -22.99 -22.38
CA GLU C 171 46.67 -21.99 -21.48
C GLU C 171 47.84 -22.56 -20.63
N ASN C 172 47.89 -23.90 -20.50
CA ASN C 172 48.90 -24.57 -19.69
C ASN C 172 49.96 -25.26 -20.56
N GLY C 173 50.00 -24.85 -21.84
CA GLY C 173 50.96 -25.39 -22.82
C GLY C 173 50.66 -26.80 -23.33
N ARG C 174 49.41 -27.26 -23.17
CA ARG C 174 49.04 -28.64 -23.54
C ARG C 174 48.38 -28.69 -24.94
N PRO C 175 48.80 -29.64 -25.81
CA PRO C 175 48.08 -29.75 -27.10
C PRO C 175 46.57 -29.99 -26.96
N LYS C 176 45.77 -29.15 -27.60
CA LYS C 176 44.31 -29.28 -27.53
C LYS C 176 43.84 -30.60 -28.17
N LEU C 177 44.65 -31.14 -29.09
CA LEU C 177 44.40 -32.44 -29.74
C LEU C 177 44.12 -33.54 -28.72
N PHE C 178 44.81 -33.47 -27.58
CA PHE C 178 44.71 -34.50 -26.55
C PHE C 178 44.10 -34.00 -25.25
N TYR C 179 44.29 -32.72 -24.94
CA TYR C 179 43.97 -32.17 -23.63
C TYR C 179 42.82 -31.17 -23.67
N GLY C 180 42.16 -31.07 -24.82
CA GLY C 180 41.11 -30.07 -25.01
C GLY C 180 39.80 -30.38 -24.31
N GLU C 181 39.61 -31.63 -23.89
CA GLU C 181 38.31 -32.02 -23.26
C GLU C 181 38.55 -32.51 -21.83
N LEU C 182 37.55 -32.27 -20.97
CA LEU C 182 37.59 -32.76 -19.58
C LEU C 182 37.49 -34.27 -19.62
N VAL C 183 38.24 -34.95 -18.76
CA VAL C 183 38.02 -36.39 -18.49
C VAL C 183 36.50 -36.66 -18.29
N HIS C 184 35.90 -35.92 -17.38
CA HIS C 184 34.46 -36.07 -17.03
C HIS C 184 33.49 -36.05 -18.23
N ASP C 185 33.74 -35.16 -19.18
CA ASP C 185 32.82 -35.00 -20.31
C ASP C 185 32.78 -36.25 -21.21
N ASN C 186 33.80 -37.11 -21.10
CA ASN C 186 33.83 -38.37 -21.86
C ASN C 186 33.67 -39.66 -21.02
N CYS C 187 33.32 -39.49 -19.74
CA CYS C 187 33.27 -40.61 -18.79
C CYS C 187 32.00 -41.41 -18.98
N PRO C 188 32.11 -42.76 -19.12
CA PRO C 188 30.88 -43.55 -19.22
C PRO C 188 29.96 -43.48 -17.98
N ARG C 189 30.46 -42.98 -16.85
CA ARG C 189 29.62 -42.86 -15.64
C ARG C 189 28.88 -41.52 -15.60
N LEU C 190 29.06 -40.71 -16.64
CA LEU C 190 28.41 -39.39 -16.69
C LEU C 190 26.87 -39.45 -16.47
N PRO C 191 26.17 -40.45 -17.02
CA PRO C 191 24.72 -40.50 -16.70
C PRO C 191 24.43 -40.65 -15.19
N HIS C 192 25.34 -41.33 -14.47
CA HIS C 192 25.17 -41.46 -13.03
C HIS C 192 25.39 -40.11 -12.34
N PHE C 193 26.45 -39.40 -12.73
CA PHE C 193 26.69 -38.05 -12.24
C PHE C 193 25.49 -37.14 -12.43
N GLU C 194 24.93 -37.16 -13.64
CA GLU C 194 23.78 -36.32 -13.96
C GLU C 194 22.54 -36.66 -13.12
N ALA C 195 22.41 -37.92 -12.77
CA ALA C 195 21.28 -38.42 -11.97
C ALA C 195 21.57 -38.39 -10.45
N SER C 196 22.70 -37.83 -10.04
CA SER C 196 23.11 -37.83 -8.62
C SER C 196 23.11 -39.26 -8.02
N GLU C 197 23.64 -40.20 -8.80
CA GLU C 197 23.85 -41.58 -8.37
C GLU C 197 25.33 -41.71 -8.04
N PHE C 198 25.69 -41.52 -6.77
CA PHE C 198 27.11 -41.50 -6.36
C PHE C 198 27.39 -42.67 -5.43
N ALA C 199 28.56 -43.30 -5.57
CA ALA C 199 29.02 -44.29 -4.56
C ALA C 199 29.45 -43.54 -3.27
N PRO C 200 28.96 -43.97 -2.09
CA PRO C 200 29.41 -43.37 -0.81
C PRO C 200 30.66 -44.00 -0.24
N SER C 201 31.01 -45.19 -0.71
CA SER C 201 32.23 -45.86 -0.27
C SER C 201 32.59 -46.92 -1.30
N PHE C 202 33.82 -47.43 -1.22
CA PHE C 202 34.25 -48.46 -2.16
C PHE C 202 33.59 -49.83 -1.94
N ASP C 203 33.06 -50.07 -0.74
CA ASP C 203 32.45 -51.37 -0.42
C ASP C 203 30.95 -51.37 -0.71
N SER C 204 30.39 -50.19 -0.96
CA SER C 204 28.94 -50.01 -1.14
C SER C 204 28.37 -50.73 -2.37
N GLU C 205 27.09 -51.05 -2.31
CA GLU C 205 26.41 -51.60 -3.50
C GLU C 205 26.47 -50.63 -4.70
N GLU C 206 26.43 -49.34 -4.41
CA GLU C 206 26.55 -48.34 -5.45
C GLU C 206 27.87 -48.46 -6.23
N ALA C 207 28.97 -48.71 -5.51
CA ALA C 207 30.27 -48.89 -6.12
C ALA C 207 30.23 -50.16 -7.00
N LYS C 208 29.62 -51.24 -6.52
CA LYS C 208 29.51 -52.45 -7.33
C LYS C 208 28.70 -52.20 -8.61
N LYS C 209 27.68 -51.33 -8.54
CA LYS C 209 26.87 -51.00 -9.71
C LYS C 209 27.53 -50.02 -10.69
N GLY C 210 28.75 -49.60 -10.40
CA GLY C 210 29.45 -48.63 -11.22
C GLY C 210 28.94 -47.19 -11.17
N PHE C 211 28.42 -46.78 -10.00
CA PHE C 211 27.94 -45.41 -9.82
C PHE C 211 29.11 -44.41 -9.91
N CYS C 212 28.79 -43.12 -10.04
CA CYS C 212 29.81 -42.10 -10.21
C CYS C 212 30.64 -41.96 -8.92
N LEU C 213 31.95 -41.68 -9.10
CA LEU C 213 32.94 -41.62 -8.02
C LEU C 213 33.20 -40.19 -7.46
N TYR C 214 32.35 -39.21 -7.78
CA TYR C 214 32.55 -37.81 -7.41
C TYR C 214 32.58 -37.61 -5.88
N GLU C 215 31.71 -38.33 -5.18
CA GLU C 215 31.63 -38.19 -3.73
C GLU C 215 32.85 -38.85 -3.07
N LEU C 216 33.54 -39.70 -3.82
CA LEU C 216 34.79 -40.36 -3.39
C LEU C 216 36.00 -39.62 -3.92
N GLY C 217 35.80 -38.35 -4.31
CA GLY C 217 36.92 -37.46 -4.69
C GLY C 217 37.34 -37.38 -6.14
N CYS C 218 36.60 -38.02 -7.03
CA CYS C 218 36.95 -38.00 -8.46
C CYS C 218 37.17 -36.58 -9.00
N LYS C 219 38.35 -36.34 -9.56
CA LYS C 219 38.67 -35.03 -10.14
C LYS C 219 38.43 -34.89 -11.62
N GLY C 220 37.75 -35.86 -12.21
CA GLY C 220 37.41 -35.76 -13.64
C GLY C 220 36.79 -34.42 -14.08
N PRO C 221 35.85 -33.85 -13.25
CA PRO C 221 35.21 -32.58 -13.64
C PRO C 221 36.15 -31.36 -13.76
N VAL C 222 37.39 -31.49 -13.26
CA VAL C 222 38.34 -30.37 -13.32
C VAL C 222 39.64 -30.78 -14.00
N THR C 223 39.63 -31.89 -14.70
CA THR C 223 40.89 -32.46 -15.28
C THR C 223 40.80 -32.60 -16.78
N TYR C 224 41.73 -31.97 -17.47
CA TYR C 224 41.76 -32.03 -18.93
C TYR C 224 42.67 -33.19 -19.36
N ASN C 225 42.09 -34.23 -19.96
CA ASN C 225 42.86 -35.40 -20.47
C ASN C 225 41.92 -36.29 -21.32
N ASN C 226 42.46 -37.25 -22.05
CA ASN C 226 41.62 -38.02 -22.99
C ASN C 226 41.42 -39.48 -22.56
N CYS C 227 41.72 -39.75 -21.28
CA CYS C 227 41.73 -41.10 -20.72
C CYS C 227 40.53 -42.01 -21.04
N PRO C 228 39.28 -41.51 -20.85
CA PRO C 228 38.21 -42.46 -21.19
C PRO C 228 38.02 -42.69 -22.69
N LYS C 229 38.38 -41.69 -23.49
CA LYS C 229 38.30 -41.81 -24.95
C LYS C 229 39.29 -42.80 -25.58
N VAL C 230 40.57 -42.71 -25.18
CA VAL C 230 41.62 -43.57 -25.77
C VAL C 230 41.99 -44.81 -24.93
N LEU C 231 41.73 -44.75 -23.63
CA LEU C 231 42.13 -45.76 -22.64
C LEU C 231 43.67 -45.85 -22.50
N PHE C 232 44.10 -46.63 -21.51
CA PHE C 232 45.53 -47.05 -21.36
C PHE C 232 45.74 -48.51 -21.74
N ASN C 233 46.90 -48.82 -22.36
CA ASN C 233 47.27 -50.22 -22.66
C ASN C 233 46.19 -50.97 -23.49
N GLN C 234 45.38 -50.19 -24.20
CA GLN C 234 44.30 -50.67 -25.06
C GLN C 234 43.17 -51.37 -24.29
N VAL C 235 43.11 -51.19 -22.95
CA VAL C 235 42.18 -52.01 -22.13
C VAL C 235 41.41 -51.34 -21.01
N ASN C 236 41.90 -50.23 -20.47
CA ASN C 236 41.32 -49.72 -19.24
C ASN C 236 41.65 -48.27 -18.93
N TRP C 237 40.93 -47.72 -17.95
CA TRP C 237 41.36 -46.48 -17.29
C TRP C 237 40.87 -46.44 -15.84
N PRO C 238 41.39 -45.49 -15.04
CA PRO C 238 41.18 -45.58 -13.59
C PRO C 238 39.71 -45.65 -13.17
N VAL C 239 38.83 -44.87 -13.78
CA VAL C 239 37.40 -44.90 -13.38
C VAL C 239 36.73 -46.21 -13.80
N GLN C 240 37.15 -46.78 -14.94
CA GLN C 240 36.61 -48.09 -15.36
C GLN C 240 37.02 -49.16 -14.33
N ALA C 241 38.21 -48.97 -13.73
CA ALA C 241 38.71 -49.83 -12.64
C ALA C 241 38.17 -49.40 -11.24
N GLY C 242 37.13 -48.57 -11.25
CA GLY C 242 36.37 -48.26 -10.06
C GLY C 242 37.01 -47.21 -9.16
N HIS C 243 38.07 -46.54 -9.64
CA HIS C 243 38.82 -45.58 -8.80
C HIS C 243 38.70 -44.14 -9.31
N PRO C 244 38.56 -43.16 -8.39
CA PRO C 244 38.48 -41.75 -8.82
C PRO C 244 39.71 -41.28 -9.59
N CYS C 245 39.53 -40.36 -10.54
CA CYS C 245 40.62 -39.60 -11.13
C CYS C 245 41.31 -38.67 -10.07
N LEU C 246 42.64 -38.63 -10.12
CA LEU C 246 43.48 -37.88 -9.17
C LEU C 246 43.71 -36.47 -9.70
N GLY C 247 43.42 -36.27 -10.98
CA GLY C 247 43.69 -34.98 -11.68
C GLY C 247 45.17 -34.86 -12.09
N CYS C 248 45.80 -35.99 -12.41
CA CYS C 248 47.26 -36.06 -12.58
C CYS C 248 47.86 -35.30 -13.78
N SER C 249 47.02 -34.82 -14.71
CA SER C 249 47.49 -33.97 -15.80
C SER C 249 47.40 -32.45 -15.51
N GLU C 250 46.95 -32.09 -14.30
CA GLU C 250 46.82 -30.70 -13.97
C GLU C 250 48.06 -30.20 -13.23
N PRO C 251 48.45 -28.94 -13.47
CA PRO C 251 49.59 -28.36 -12.74
C PRO C 251 49.42 -28.46 -11.23
N ASP C 252 50.47 -28.94 -10.56
CA ASP C 252 50.55 -28.91 -9.10
C ASP C 252 49.42 -29.73 -8.45
N PHE C 253 48.96 -30.78 -9.14
CA PHE C 253 47.80 -31.54 -8.67
C PHE C 253 48.05 -32.17 -7.28
N TRP C 254 49.31 -32.51 -6.99
CA TRP C 254 49.67 -33.03 -5.67
C TRP C 254 49.22 -32.12 -4.52
N ASP C 255 49.12 -30.83 -4.78
CA ASP C 255 48.66 -29.90 -3.77
C ASP C 255 47.28 -29.33 -4.02
N THR C 256 46.83 -29.31 -5.27
CA THR C 256 45.52 -28.71 -5.56
C THR C 256 44.40 -29.75 -5.53
N MET C 257 44.73 -31.01 -5.78
CA MET C 257 43.73 -32.09 -5.88
C MET C 257 43.65 -33.00 -4.65
N THR C 258 44.52 -32.77 -3.67
CA THR C 258 44.52 -33.51 -2.40
C THR C 258 43.66 -32.77 -1.36
N PRO C 259 42.94 -33.47 -0.47
CA PRO C 259 42.90 -34.94 -0.34
C PRO C 259 42.24 -35.59 -1.54
N PHE C 260 42.82 -36.70 -2.00
CA PHE C 260 42.36 -37.33 -3.23
C PHE C 260 41.01 -37.97 -3.09
N TYR C 261 40.66 -38.40 -1.88
CA TYR C 261 39.37 -39.09 -1.71
C TYR C 261 38.22 -38.19 -1.28
N GLU C 262 38.37 -36.88 -1.45
CA GLU C 262 37.27 -35.95 -1.07
C GLU C 262 37.30 -34.79 -2.04
N GLN C 263 36.30 -33.91 -1.94
CA GLN C 263 36.25 -32.72 -2.80
C GLN C 263 36.57 -31.42 -2.06
N GLY C 264 36.92 -31.52 -0.79
CA GLY C 264 37.12 -30.31 -0.01
C GLY C 264 38.51 -29.74 -0.19
N ALA D 3 -31.46 20.66 -16.74
CA ALA D 3 -30.12 20.97 -16.18
C ALA D 3 -29.32 19.72 -15.85
N LYS D 4 -28.27 19.47 -16.64
CA LYS D 4 -27.40 18.32 -16.39
C LYS D 4 -26.47 18.62 -15.21
N HIS D 5 -26.45 17.71 -14.22
CA HIS D 5 -25.57 17.86 -13.05
C HIS D 5 -24.07 17.95 -13.45
N ARG D 6 -23.35 18.94 -12.90
CA ARG D 6 -21.91 19.05 -13.16
C ARG D 6 -21.18 18.43 -11.99
N PRO D 7 -20.11 17.67 -12.28
CA PRO D 7 -19.39 17.03 -11.18
C PRO D 7 -18.82 18.03 -10.18
N SER D 8 -18.96 17.71 -8.92
CA SER D 8 -18.53 18.54 -7.82
C SER D 8 -17.01 18.42 -7.60
N VAL D 9 -16.36 19.57 -7.48
CA VAL D 9 -14.94 19.69 -7.14
C VAL D 9 -14.82 20.55 -5.89
N VAL D 10 -14.11 20.01 -4.91
CA VAL D 10 -13.76 20.69 -3.68
C VAL D 10 -12.28 20.96 -3.80
N TRP D 11 -11.90 22.22 -3.57
CA TRP D 11 -10.50 22.63 -3.71
C TRP D 11 -10.00 23.13 -2.36
N LEU D 12 -8.93 22.52 -1.82
CA LEU D 12 -8.41 22.95 -0.50
C LEU D 12 -7.09 23.69 -0.61
N HIS D 13 -6.90 24.73 0.22
CA HIS D 13 -5.60 25.43 0.25
C HIS D 13 -4.91 25.15 1.57
N ASN D 14 -3.69 24.63 1.56
CA ASN D 14 -3.02 24.25 2.82
C ASN D 14 -1.80 25.14 2.97
N ALA D 15 -0.59 24.58 2.99
CA ALA D 15 0.60 25.42 3.00
C ALA D 15 1.00 25.73 1.56
N GLU D 16 0.55 26.88 1.08
CA GLU D 16 0.66 27.21 -0.35
C GLU D 16 0.92 28.70 -0.50
N CYS D 17 1.37 29.09 -1.69
CA CYS D 17 1.55 30.52 -2.04
C CYS D 17 0.42 31.10 -2.92
N THR D 18 -0.53 30.23 -3.29
CA THR D 18 -1.66 30.54 -4.19
C THR D 18 -1.25 30.67 -5.64
N GLY D 19 0.02 30.37 -5.96
CA GLY D 19 0.43 30.45 -7.33
C GLY D 19 -0.16 29.35 -8.17
N CYS D 20 -0.53 28.23 -7.53
CA CYS D 20 -1.22 27.16 -8.23
C CYS D 20 -2.65 27.55 -8.64
N THR D 21 -3.37 28.18 -7.72
CA THR D 21 -4.69 28.73 -8.05
C THR D 21 -4.52 29.75 -9.20
N GLU D 22 -3.54 30.65 -9.08
CA GLU D 22 -3.30 31.63 -10.14
C GLU D 22 -2.99 30.95 -11.48
N ALA D 23 -2.13 29.92 -11.48
CA ALA D 23 -1.87 29.21 -12.72
C ALA D 23 -3.16 28.65 -13.33
N ALA D 24 -3.95 28.02 -12.48
CA ALA D 24 -5.21 27.40 -12.93
C ALA D 24 -6.11 28.40 -13.69
N ILE D 25 -6.25 29.61 -13.16
CA ILE D 25 -7.09 30.58 -13.87
C ILE D 25 -6.49 31.19 -15.14
N ARG D 26 -5.23 30.83 -15.46
CA ARG D 26 -4.66 31.22 -16.77
C ARG D 26 -5.09 30.30 -17.90
N THR D 27 -5.89 29.28 -17.59
CA THR D 27 -6.39 28.35 -18.63
C THR D 27 -7.17 29.06 -19.76
N ILE D 28 -6.95 28.60 -20.99
CA ILE D 28 -7.70 29.10 -22.15
C ILE D 28 -8.43 28.01 -22.95
N LYS D 29 -8.22 26.73 -22.62
CA LYS D 29 -8.97 25.67 -23.32
C LYS D 29 -9.58 24.73 -22.27
N PRO D 30 -10.73 25.08 -21.68
CA PRO D 30 -11.46 26.32 -21.84
C PRO D 30 -10.98 27.40 -20.87
N TYR D 31 -11.50 28.62 -20.99
CA TYR D 31 -11.25 29.62 -19.95
C TYR D 31 -11.96 29.21 -18.67
N ILE D 32 -11.55 29.83 -17.56
CA ILE D 32 -12.03 29.41 -16.25
C ILE D 32 -13.55 29.58 -16.04
N ASP D 33 -14.12 30.63 -16.62
CA ASP D 33 -15.58 30.83 -16.51
C ASP D 33 -16.34 29.68 -17.20
N ALA D 34 -15.93 29.31 -18.40
CA ALA D 34 -16.56 28.16 -19.07
C ALA D 34 -16.40 26.88 -18.25
N LEU D 35 -15.20 26.62 -17.69
CA LEU D 35 -14.99 25.44 -16.85
C LEU D 35 -15.98 25.37 -15.68
N ILE D 36 -16.13 26.48 -14.96
CA ILE D 36 -16.93 26.43 -13.75
C ILE D 36 -18.44 26.65 -13.98
N LEU D 37 -18.81 27.16 -15.16
CA LEU D 37 -20.22 27.31 -15.50
C LEU D 37 -20.76 26.08 -16.23
N ASP D 38 -19.91 25.42 -17.02
CA ASP D 38 -20.37 24.36 -17.93
C ASP D 38 -19.93 22.93 -17.63
N THR D 39 -18.74 22.77 -17.06
CA THR D 39 -18.06 21.49 -17.00
C THR D 39 -18.01 20.91 -15.58
N ILE D 40 -17.60 21.74 -14.63
CA ILE D 40 -17.54 21.30 -13.23
C ILE D 40 -18.44 22.20 -12.37
N SER D 41 -18.70 21.75 -11.15
CA SER D 41 -19.31 22.58 -10.12
C SER D 41 -18.19 22.74 -9.09
N LEU D 42 -17.56 23.91 -9.12
CA LEU D 42 -16.52 24.24 -8.19
C LEU D 42 -17.18 24.72 -6.91
N ASP D 43 -17.26 23.81 -5.92
CA ASP D 43 -18.12 24.00 -4.75
C ASP D 43 -17.43 24.57 -3.47
N TYR D 44 -16.10 24.63 -3.51
CA TYR D 44 -15.36 25.25 -2.43
C TYR D 44 -14.02 25.68 -3.00
N GLN D 45 -13.72 26.98 -2.88
CA GLN D 45 -12.46 27.53 -3.38
C GLN D 45 -12.23 28.88 -2.67
N GLU D 46 -11.38 28.87 -1.66
CA GLU D 46 -11.21 30.02 -0.75
C GLU D 46 -10.80 31.30 -1.44
N THR D 47 -9.99 31.21 -2.50
CA THR D 47 -9.53 32.40 -3.20
C THR D 47 -10.65 33.21 -3.86
N ILE D 48 -11.69 32.55 -4.36
CA ILE D 48 -12.64 33.26 -5.19
C ILE D 48 -14.07 33.13 -4.67
N MET D 49 -14.30 32.26 -3.69
CA MET D 49 -15.72 32.06 -3.26
C MET D 49 -16.36 33.25 -2.53
N ALA D 50 -17.66 33.40 -2.71
CA ALA D 50 -18.41 34.53 -2.15
C ALA D 50 -18.53 34.42 -0.64
N ALA D 51 -18.94 33.26 -0.15
CA ALA D 51 -19.12 33.07 1.32
C ALA D 51 -17.78 33.20 2.06
N ALA D 52 -17.82 33.66 3.30
CA ALA D 52 -16.65 33.68 4.18
C ALA D 52 -17.00 33.03 5.52
N GLY D 53 -16.01 32.78 6.36
CA GLY D 53 -16.27 32.40 7.78
C GLY D 53 -17.08 31.10 7.85
N GLU D 54 -18.02 31.04 8.78
CA GLU D 54 -18.80 29.85 9.00
C GLU D 54 -19.64 29.50 7.76
N ALA D 55 -20.06 30.52 6.99
CA ALA D 55 -20.83 30.32 5.73
C ALA D 55 -20.00 29.54 4.71
N ALA D 56 -18.71 29.86 4.62
CA ALA D 56 -17.77 29.14 3.76
C ALA D 56 -17.53 27.71 4.27
N GLU D 57 -17.30 27.57 5.58
CA GLU D 57 -17.10 26.24 6.19
C GLU D 57 -18.35 25.36 5.97
N ALA D 58 -19.51 25.95 6.10
CA ALA D 58 -20.75 25.21 5.79
C ALA D 58 -20.81 24.78 4.31
N ALA D 59 -20.37 25.64 3.40
CA ALA D 59 -20.32 25.31 1.98
C ALA D 59 -19.43 24.10 1.78
N LEU D 60 -18.29 24.09 2.47
CA LEU D 60 -17.37 22.95 2.39
C LEU D 60 -18.09 21.68 2.86
N HIS D 61 -18.69 21.73 4.03
CA HIS D 61 -19.35 20.54 4.58
C HIS D 61 -20.55 20.03 3.74
N GLN D 62 -21.30 20.96 3.14
CA GLN D 62 -22.35 20.60 2.20
C GLN D 62 -21.82 19.87 0.96
N ALA D 63 -20.69 20.34 0.41
CA ALA D 63 -20.09 19.69 -0.74
C ALA D 63 -19.61 18.29 -0.36
N LEU D 64 -19.00 18.14 0.81
CA LEU D 64 -18.45 16.82 1.23
C LEU D 64 -19.58 15.83 1.46
N GLU D 65 -20.77 16.34 1.76
CA GLU D 65 -21.90 15.45 2.01
C GLU D 65 -22.81 15.36 0.81
N GLY D 66 -22.39 15.90 -0.32
CA GLY D 66 -23.22 15.87 -1.53
C GLY D 66 -23.54 14.45 -1.99
N LYS D 67 -24.80 14.23 -2.37
CA LYS D 67 -25.24 12.88 -2.73
C LYS D 67 -24.55 12.29 -3.98
N ASP D 68 -24.07 13.13 -4.88
CA ASP D 68 -23.40 12.68 -6.10
C ASP D 68 -21.87 12.52 -5.92
N GLY D 69 -21.38 12.78 -4.70
CA GLY D 69 -19.94 12.75 -4.45
C GLY D 69 -19.19 13.90 -5.08
N TYR D 70 -17.86 13.82 -5.02
CA TYR D 70 -17.01 14.94 -5.38
C TYR D 70 -15.59 14.48 -5.58
N TYR D 71 -14.86 15.28 -6.34
CA TYR D 71 -13.41 15.14 -6.53
C TYR D 71 -12.67 16.15 -5.65
N LEU D 72 -11.45 15.81 -5.20
CA LEU D 72 -10.71 16.73 -4.33
C LEU D 72 -9.46 17.24 -5.04
N VAL D 73 -9.30 18.56 -5.06
CA VAL D 73 -8.07 19.20 -5.51
C VAL D 73 -7.39 19.77 -4.28
N VAL D 74 -6.08 19.53 -4.14
CA VAL D 74 -5.35 19.99 -2.96
C VAL D 74 -4.17 20.82 -3.43
N GLU D 75 -4.11 22.04 -2.90
CA GLU D 75 -3.02 22.96 -3.18
C GLU D 75 -2.26 23.17 -1.87
N GLY D 76 -0.94 23.02 -1.90
CA GLY D 76 -0.15 23.22 -0.69
C GLY D 76 0.20 21.95 0.06
N GLY D 77 1.33 22.00 0.75
CA GLY D 77 1.73 20.88 1.60
C GLY D 77 1.06 20.95 2.96
N LEU D 78 1.31 19.95 3.79
CA LEU D 78 0.66 19.87 5.09
C LEU D 78 1.68 20.06 6.23
N PRO D 79 1.54 21.13 7.02
CA PRO D 79 2.45 21.32 8.15
C PRO D 79 2.02 20.44 9.35
N THR D 80 2.90 19.58 9.81
CA THR D 80 2.49 18.57 10.80
C THR D 80 3.06 18.79 12.20
N ILE D 81 4.01 19.71 12.37
CA ILE D 81 4.53 19.97 13.73
C ILE D 81 3.41 20.42 14.68
N ASP D 82 3.56 20.18 15.99
CA ASP D 82 2.62 20.65 17.02
C ASP D 82 1.18 20.24 16.69
N GLY D 83 0.96 18.97 16.32
CA GLY D 83 -0.41 18.49 16.02
C GLY D 83 -1.08 19.18 14.83
N GLY D 84 -0.26 19.70 13.92
CA GLY D 84 -0.78 20.42 12.73
C GLY D 84 -1.21 21.88 12.99
N GLN D 85 -0.90 22.42 14.15
CA GLN D 85 -1.46 23.72 14.54
C GLN D 85 -0.85 24.94 13.86
N TRP D 86 0.28 24.75 13.19
CA TRP D 86 0.93 25.86 12.48
C TRP D 86 0.30 26.17 11.14
N GLY D 87 -0.74 25.41 10.77
CA GLY D 87 -1.50 25.69 9.54
C GLY D 87 -2.97 25.37 9.86
N MET D 88 -3.81 26.39 10.00
CA MET D 88 -5.21 26.17 10.39
C MET D 88 -6.20 26.92 9.52
N VAL D 89 -7.40 26.34 9.35
CA VAL D 89 -8.51 27.04 8.73
C VAL D 89 -9.76 26.76 9.57
N ALA D 90 -10.49 27.83 9.90
CA ALA D 90 -11.70 27.78 10.74
C ALA D 90 -11.43 27.05 12.05
N GLY D 91 -10.21 27.22 12.56
CA GLY D 91 -9.81 26.68 13.87
C GLY D 91 -9.48 25.19 13.87
N HIS D 92 -9.34 24.59 12.68
CA HIS D 92 -8.96 23.18 12.53
C HIS D 92 -7.63 23.06 11.83
N PRO D 93 -6.75 22.16 12.32
CA PRO D 93 -5.51 21.92 11.58
C PRO D 93 -5.82 21.49 10.14
N MET D 94 -5.03 22.03 9.21
CA MET D 94 -5.13 21.68 7.78
C MET D 94 -5.02 20.16 7.55
N ILE D 95 -4.14 19.50 8.27
CA ILE D 95 -4.03 18.05 8.11
C ILE D 95 -5.34 17.32 8.47
N GLU D 96 -6.05 17.81 9.49
CA GLU D 96 -7.34 17.18 9.87
C GLU D 96 -8.42 17.38 8.79
N THR D 97 -8.58 18.60 8.29
CA THR D 97 -9.55 18.88 7.22
C THR D 97 -9.27 18.13 5.91
N THR D 98 -7.99 18.09 5.52
CA THR D 98 -7.58 17.39 4.30
C THR D 98 -7.84 15.87 4.41
N LYS D 99 -7.48 15.29 5.56
CA LYS D 99 -7.80 13.91 5.88
C LYS D 99 -9.31 13.63 5.74
N LYS D 100 -10.15 14.51 6.28
CA LYS D 100 -11.60 14.34 6.22
C LYS D 100 -12.13 14.44 4.79
N ALA D 101 -11.65 15.43 4.04
CA ALA D 101 -12.08 15.65 2.66
C ALA D 101 -11.64 14.52 1.75
N ALA D 102 -10.45 13.99 2.01
CA ALA D 102 -9.88 12.92 1.21
C ALA D 102 -10.60 11.58 1.38
N ALA D 103 -11.08 11.31 2.60
CA ALA D 103 -11.77 10.05 2.90
C ALA D 103 -12.80 9.65 1.84
N LYS D 104 -13.73 10.54 1.49
CA LYS D 104 -14.82 10.20 0.59
C LYS D 104 -14.60 10.61 -0.87
N ALA D 105 -13.47 11.22 -1.17
CA ALA D 105 -13.21 11.77 -2.52
C ALA D 105 -13.21 10.68 -3.58
N LYS D 106 -13.79 10.98 -4.75
CA LYS D 106 -13.78 10.05 -5.86
C LYS D 106 -12.36 9.97 -6.42
N GLY D 107 -11.55 10.97 -6.14
CA GLY D 107 -10.17 10.97 -6.61
C GLY D 107 -9.52 12.23 -6.10
N ILE D 108 -8.20 12.21 -6.03
CA ILE D 108 -7.48 13.32 -5.43
C ILE D 108 -6.43 13.76 -6.42
N ILE D 109 -6.51 15.02 -6.78
CA ILE D 109 -5.54 15.68 -7.62
C ILE D 109 -4.76 16.70 -6.79
N CYS D 110 -3.44 16.51 -6.76
CA CYS D 110 -2.51 17.44 -6.12
C CYS D 110 -1.98 18.42 -7.16
N ILE D 111 -2.44 19.65 -7.06
CA ILE D 111 -2.00 20.73 -7.91
C ILE D 111 -0.77 21.35 -7.29
N GLY D 112 0.36 21.18 -7.98
CA GLY D 112 1.62 21.78 -7.56
C GLY D 112 2.60 20.87 -6.86
N THR D 113 3.87 21.24 -6.92
CA THR D 113 4.91 20.53 -6.19
C THR D 113 4.70 20.49 -4.68
N CYS D 114 4.10 21.52 -4.07
CA CYS D 114 3.89 21.47 -2.61
C CYS D 114 2.91 20.37 -2.16
N SER D 115 1.72 20.34 -2.75
CA SER D 115 0.83 19.23 -2.39
C SER D 115 1.35 17.86 -2.87
N ALA D 116 1.94 17.81 -4.05
CA ALA D 116 2.46 16.51 -4.51
C ALA D 116 3.55 15.95 -3.61
N TYR D 117 4.53 16.79 -3.26
CA TYR D 117 5.81 16.32 -2.72
C TYR D 117 6.25 17.05 -1.45
N GLY D 118 5.54 18.10 -1.05
CA GLY D 118 5.96 18.84 0.14
C GLY D 118 6.30 20.28 -0.15
N GLY D 119 7.08 20.51 -1.21
CA GLY D 119 7.30 21.87 -1.73
C GLY D 119 8.20 22.76 -0.89
N VAL D 120 8.05 24.07 -1.03
CA VAL D 120 9.08 25.00 -0.54
C VAL D 120 9.18 24.93 0.98
N GLN D 121 8.06 24.78 1.70
CA GLN D 121 8.11 24.74 3.19
C GLN D 121 8.78 23.46 3.74
N LYS D 122 8.89 22.42 2.91
CA LYS D 122 9.53 21.17 3.32
C LYS D 122 11.04 21.27 3.09
N ALA D 123 11.49 22.27 2.31
CA ALA D 123 12.94 22.42 2.06
C ALA D 123 13.70 22.51 3.39
N LYS D 124 14.93 21.97 3.46
CA LYS D 124 15.69 21.93 4.73
C LYS D 124 15.77 23.34 5.36
N PRO D 125 15.62 23.49 6.69
CA PRO D 125 15.46 22.39 7.67
C PRO D 125 13.99 22.09 8.04
N ASN D 126 13.06 22.47 7.17
CA ASN D 126 11.64 22.12 7.30
C ASN D 126 11.08 22.44 8.71
N PRO D 127 11.04 23.73 9.04
CA PRO D 127 10.66 24.07 10.42
C PRO D 127 9.22 23.64 10.81
N SER D 128 8.31 23.62 9.83
CA SER D 128 6.92 23.24 10.14
C SER D 128 6.66 21.75 10.01
N GLN D 129 7.69 20.96 9.72
CA GLN D 129 7.51 19.51 9.49
C GLN D 129 6.44 19.28 8.41
N ALA D 130 6.63 20.01 7.31
CA ALA D 130 5.74 19.90 6.18
C ALA D 130 5.88 18.57 5.41
N LYS D 131 4.75 18.06 4.97
CA LYS D 131 4.70 16.83 4.17
C LYS D 131 3.80 17.01 2.94
N GLY D 132 4.15 16.30 1.87
CA GLY D 132 3.21 16.15 0.74
C GLY D 132 1.96 15.38 1.17
N VAL D 133 0.89 15.54 0.38
CA VAL D 133 -0.42 14.94 0.69
C VAL D 133 -0.36 13.41 0.76
N SER D 134 0.27 12.74 -0.23
CA SER D 134 0.27 11.28 -0.14
C SER D 134 0.94 10.77 1.14
N GLU D 135 2.03 11.43 1.52
CA GLU D 135 2.76 11.04 2.70
C GLU D 135 1.94 11.27 3.93
N ALA D 136 1.28 12.42 3.98
CA ALA D 136 0.52 12.80 5.15
C ALA D 136 -0.70 11.92 5.35
N LEU D 137 -1.35 11.54 4.26
CA LEU D 137 -2.63 10.84 4.34
C LEU D 137 -2.53 9.33 4.16
N GLY D 138 -1.47 8.88 3.50
CA GLY D 138 -1.25 7.47 3.19
C GLY D 138 -2.17 6.97 2.08
N VAL D 139 -2.40 7.82 1.08
CA VAL D 139 -3.19 7.44 -0.12
C VAL D 139 -2.48 7.89 -1.38
N LYS D 140 -2.74 7.20 -2.48
CA LYS D 140 -2.21 7.59 -3.79
C LYS D 140 -2.89 8.86 -4.28
N THR D 141 -2.12 9.75 -4.88
CA THR D 141 -2.67 11.01 -5.38
C THR D 141 -2.26 11.13 -6.84
N ILE D 142 -3.05 11.86 -7.62
CA ILE D 142 -2.65 12.16 -8.99
C ILE D 142 -1.91 13.48 -8.88
N ASN D 143 -0.59 13.47 -9.14
CA ASN D 143 0.25 14.63 -8.99
C ASN D 143 0.42 15.47 -10.25
N ILE D 144 0.22 16.78 -10.11
CA ILE D 144 0.37 17.72 -11.23
C ILE D 144 1.41 18.75 -10.80
N PRO D 145 2.71 18.38 -10.85
CA PRO D 145 3.66 19.22 -10.15
C PRO D 145 4.23 20.28 -11.07
N GLY D 146 5.20 21.04 -10.56
CA GLY D 146 5.57 22.31 -11.17
C GLY D 146 5.26 23.37 -10.13
N CYS D 147 5.95 24.51 -10.24
CA CYS D 147 5.85 25.52 -9.18
C CYS D 147 5.60 26.89 -9.83
N PRO D 148 4.41 27.11 -10.44
CA PRO D 148 3.32 26.15 -10.46
C PRO D 148 3.25 25.33 -11.75
N PRO D 149 2.43 24.26 -11.75
CA PRO D 149 2.21 23.58 -13.04
C PRO D 149 1.55 24.48 -14.09
N ASN D 150 1.75 24.11 -15.35
CA ASN D 150 1.01 24.68 -16.44
C ASN D 150 -0.51 24.40 -16.30
N PRO D 151 -1.35 25.42 -16.51
CA PRO D 151 -2.82 25.16 -16.51
C PRO D 151 -3.21 24.08 -17.51
N ILE D 152 -2.44 23.95 -18.57
CA ILE D 152 -2.71 22.91 -19.58
C ILE D 152 -2.72 21.52 -18.91
N ASN D 153 -1.74 21.33 -18.01
CA ASN D 153 -1.53 20.05 -17.33
C ASN D 153 -2.59 19.81 -16.28
N PHE D 154 -2.94 20.86 -15.54
CA PHE D 154 -3.90 20.71 -14.46
C PHE D 154 -5.31 20.57 -15.00
N VAL D 155 -5.72 21.50 -15.87
CA VAL D 155 -7.06 21.41 -16.46
C VAL D 155 -7.16 20.13 -17.33
N GLY D 156 -6.09 19.79 -18.04
CA GLY D 156 -6.10 18.56 -18.84
C GLY D 156 -6.33 17.33 -17.96
N ALA D 157 -5.65 17.28 -16.83
CA ALA D 157 -5.79 16.16 -15.90
C ALA D 157 -7.20 16.10 -15.36
N VAL D 158 -7.72 17.24 -14.93
CA VAL D 158 -9.10 17.30 -14.38
C VAL D 158 -10.13 16.79 -15.40
N VAL D 159 -10.08 17.31 -16.63
CA VAL D 159 -10.99 16.89 -17.70
C VAL D 159 -10.81 15.39 -18.00
N HIS D 160 -9.57 14.91 -18.02
CA HIS D 160 -9.26 13.48 -18.24
C HIS D 160 -9.91 12.57 -17.16
N VAL D 161 -9.75 12.95 -15.90
CA VAL D 161 -10.32 12.18 -14.79
C VAL D 161 -11.84 12.16 -14.91
N LEU D 162 -12.44 13.29 -15.25
CA LEU D 162 -13.93 13.34 -15.32
C LEU D 162 -14.54 12.59 -16.49
N THR D 163 -13.79 12.51 -17.59
CA THR D 163 -14.34 12.00 -18.85
C THR D 163 -13.82 10.62 -19.27
N LYS D 164 -12.53 10.39 -19.11
CA LYS D 164 -11.84 9.22 -19.68
C LYS D 164 -11.47 8.16 -18.65
N GLY D 165 -11.09 8.60 -17.44
CA GLY D 165 -10.57 7.72 -16.39
C GLY D 165 -9.29 8.30 -15.81
N ILE D 166 -8.64 7.56 -14.93
CA ILE D 166 -7.41 8.02 -14.32
C ILE D 166 -6.24 7.83 -15.30
N PRO D 167 -5.53 8.93 -15.65
CA PRO D 167 -4.42 8.78 -16.63
C PRO D 167 -3.26 7.91 -16.11
N ASP D 168 -2.57 7.24 -17.02
CA ASP D 168 -1.36 6.48 -16.68
C ASP D 168 -0.39 7.43 -15.99
N LEU D 169 0.07 7.05 -14.79
CA LEU D 169 1.05 7.83 -14.00
C LEU D 169 2.47 7.25 -13.98
N ASP D 170 3.46 8.11 -13.82
CA ASP D 170 4.83 7.65 -13.66
C ASP D 170 5.08 7.30 -12.17
N GLU D 171 6.34 6.97 -11.88
CA GLU D 171 6.79 6.51 -10.58
C GLU D 171 6.57 7.57 -9.50
N ASN D 172 6.45 8.84 -9.91
CA ASN D 172 6.20 9.94 -9.00
C ASN D 172 4.75 10.42 -9.05
N GLY D 173 3.87 9.60 -9.59
CA GLY D 173 2.45 9.95 -9.62
C GLY D 173 1.99 10.94 -10.69
N ARG D 174 2.86 11.28 -11.64
CA ARG D 174 2.62 12.36 -12.63
C ARG D 174 2.02 11.77 -13.91
N PRO D 175 0.95 12.39 -14.46
CA PRO D 175 0.43 11.83 -15.72
C PRO D 175 1.48 11.90 -16.83
N LYS D 176 1.74 10.75 -17.45
CA LYS D 176 2.65 10.66 -18.59
C LYS D 176 2.23 11.52 -19.79
N LEU D 177 0.93 11.80 -19.91
CA LEU D 177 0.39 12.71 -20.93
C LEU D 177 1.16 14.02 -20.96
N PHE D 178 1.56 14.51 -19.77
CA PHE D 178 2.20 15.83 -19.64
C PHE D 178 3.63 15.78 -19.14
N TYR D 179 3.96 14.73 -18.37
CA TYR D 179 5.26 14.65 -17.72
C TYR D 179 6.12 13.52 -18.24
N GLY D 180 5.72 12.92 -19.36
CA GLY D 180 6.41 11.75 -19.94
C GLY D 180 7.78 12.03 -20.55
N GLU D 181 8.02 13.28 -20.91
CA GLU D 181 9.28 13.66 -21.58
C GLU D 181 10.10 14.67 -20.82
N LEU D 182 11.41 14.57 -20.95
CA LEU D 182 12.30 15.52 -20.35
C LEU D 182 12.10 16.89 -20.97
N VAL D 183 12.17 17.95 -20.15
CA VAL D 183 12.22 19.33 -20.67
C VAL D 183 13.28 19.45 -21.77
N HIS D 184 14.47 18.93 -21.47
CA HIS D 184 15.65 19.03 -22.32
C HIS D 184 15.41 18.39 -23.70
N ASP D 185 14.64 17.30 -23.76
CA ASP D 185 14.49 16.59 -25.02
C ASP D 185 13.72 17.40 -26.07
N ASN D 186 12.93 18.36 -25.60
CA ASN D 186 12.18 19.25 -26.46
C ASN D 186 12.70 20.69 -26.48
N CYS D 187 13.92 20.91 -25.98
CA CYS D 187 14.41 22.28 -25.86
C CYS D 187 14.99 22.75 -27.19
N PRO D 188 14.61 23.97 -27.64
CA PRO D 188 15.21 24.51 -28.87
C PRO D 188 16.74 24.70 -28.80
N ARG D 189 17.31 24.77 -27.60
CA ARG D 189 18.77 24.92 -27.48
C ARG D 189 19.53 23.60 -27.53
N LEU D 190 18.79 22.49 -27.71
CA LEU D 190 19.40 21.15 -27.73
C LEU D 190 20.56 21.02 -28.73
N PRO D 191 20.43 21.59 -29.97
CA PRO D 191 21.61 21.48 -30.85
C PRO D 191 22.87 22.16 -30.31
N HIS D 192 22.71 23.26 -29.54
CA HIS D 192 23.85 23.85 -28.81
C HIS D 192 24.44 22.88 -27.78
N PHE D 193 23.58 22.28 -26.97
CA PHE D 193 24.02 21.26 -25.99
C PHE D 193 24.81 20.18 -26.71
N GLU D 194 24.28 19.69 -27.84
CA GLU D 194 24.91 18.58 -28.52
C GLU D 194 26.30 18.94 -29.05
N ALA D 195 26.49 20.22 -29.38
CA ALA D 195 27.73 20.72 -29.95
C ALA D 195 28.66 21.32 -28.89
N SER D 196 28.30 21.16 -27.61
CA SER D 196 29.06 21.74 -26.49
C SER D 196 29.20 23.26 -26.63
N GLU D 197 28.09 23.93 -26.89
CA GLU D 197 28.07 25.38 -27.09
C GLU D 197 27.32 25.92 -25.89
N PHE D 198 28.07 26.23 -24.83
CA PHE D 198 27.48 26.64 -23.54
C PHE D 198 27.79 28.11 -23.20
N ALA D 199 26.82 28.83 -22.64
CA ALA D 199 27.06 30.16 -22.11
C ALA D 199 27.78 30.02 -20.78
N PRO D 200 28.94 30.71 -20.63
CA PRO D 200 29.66 30.71 -19.35
C PRO D 200 29.16 31.71 -18.31
N SER D 201 28.33 32.66 -18.74
CA SER D 201 27.76 33.68 -17.85
C SER D 201 26.61 34.34 -18.59
N PHE D 202 25.79 35.08 -17.84
CA PHE D 202 24.60 35.72 -18.43
C PHE D 202 24.97 36.93 -19.27
N ASP D 203 26.14 37.53 -19.01
CA ASP D 203 26.58 38.71 -19.76
C ASP D 203 27.33 38.35 -21.04
N SER D 204 27.69 37.08 -21.20
CA SER D 204 28.57 36.64 -22.29
C SER D 204 27.93 36.74 -23.68
N GLU D 205 28.77 36.86 -24.69
CA GLU D 205 28.28 36.84 -26.08
C GLU D 205 27.52 35.53 -26.37
N GLU D 206 27.92 34.44 -25.72
CA GLU D 206 27.29 33.13 -25.93
C GLU D 206 25.86 33.18 -25.45
N ALA D 207 25.69 33.80 -24.29
CA ALA D 207 24.33 34.01 -23.78
C ALA D 207 23.50 34.83 -24.76
N LYS D 208 24.09 35.86 -25.37
CA LYS D 208 23.34 36.71 -26.29
C LYS D 208 22.90 35.95 -27.57
N LYS D 209 23.76 35.02 -28.00
CA LYS D 209 23.53 34.16 -29.17
C LYS D 209 22.58 33.00 -28.84
N GLY D 210 22.14 32.87 -27.59
CA GLY D 210 21.18 31.82 -27.17
C GLY D 210 21.75 30.42 -27.03
N PHE D 211 23.03 30.34 -26.67
CA PHE D 211 23.70 29.08 -26.35
C PHE D 211 23.01 28.37 -25.15
N CYS D 212 23.28 27.07 -25.05
CA CYS D 212 22.71 26.21 -24.02
C CYS D 212 23.11 26.73 -22.63
N LEU D 213 22.20 26.54 -21.67
CA LEU D 213 22.37 27.08 -20.30
C LEU D 213 22.84 26.02 -19.28
N TYR D 214 23.32 24.86 -19.76
CA TYR D 214 23.70 23.76 -18.88
C TYR D 214 24.81 24.19 -17.90
N GLU D 215 25.83 24.89 -18.41
CA GLU D 215 26.93 25.35 -17.58
C GLU D 215 26.48 26.40 -16.53
N LEU D 216 25.28 26.98 -16.71
CA LEU D 216 24.71 27.98 -15.80
C LEU D 216 23.63 27.33 -14.92
N GLY D 217 23.61 25.99 -14.89
CA GLY D 217 22.80 25.29 -13.90
C GLY D 217 21.53 24.68 -14.43
N CYS D 218 21.27 24.76 -15.74
CA CYS D 218 20.00 24.27 -16.29
C CYS D 218 19.70 22.81 -15.93
N LYS D 219 18.52 22.58 -15.36
CA LYS D 219 18.14 21.22 -14.87
C LYS D 219 17.24 20.52 -15.86
N GLY D 220 17.15 21.09 -17.05
CA GLY D 220 16.31 20.49 -18.10
C GLY D 220 16.60 19.00 -18.33
N PRO D 221 17.88 18.61 -18.33
CA PRO D 221 18.22 17.20 -18.61
C PRO D 221 17.74 16.18 -17.56
N VAL D 222 17.28 16.67 -16.39
CA VAL D 222 16.81 15.78 -15.33
C VAL D 222 15.37 16.10 -14.87
N THR D 223 14.67 16.91 -15.66
CA THR D 223 13.34 17.43 -15.25
C THR D 223 12.29 17.01 -16.27
N TYR D 224 11.24 16.34 -15.78
CA TYR D 224 10.14 15.90 -16.63
C TYR D 224 9.03 16.93 -16.61
N ASN D 225 8.76 17.54 -17.77
CA ASN D 225 7.70 18.54 -17.89
C ASN D 225 7.60 18.87 -19.39
N ASN D 226 6.52 19.54 -19.77
CA ASN D 226 6.25 19.82 -21.16
C ASN D 226 6.49 21.26 -21.59
N CYS D 227 7.24 22.00 -20.77
CA CYS D 227 7.36 23.48 -20.91
C CYS D 227 7.72 23.99 -22.33
N PRO D 228 8.77 23.46 -22.95
CA PRO D 228 9.07 23.99 -24.28
C PRO D 228 8.01 23.65 -25.34
N LYS D 229 7.25 22.56 -25.14
CA LYS D 229 6.30 22.10 -26.15
C LYS D 229 5.09 22.99 -26.11
N VAL D 230 4.65 23.35 -24.92
CA VAL D 230 3.33 23.99 -24.77
C VAL D 230 3.45 25.47 -24.43
N LEU D 231 4.62 25.85 -23.92
CA LEU D 231 4.85 27.22 -23.38
C LEU D 231 3.94 27.60 -22.21
N PHE D 232 4.26 28.75 -21.61
CA PHE D 232 3.43 29.40 -20.61
C PHE D 232 2.80 30.65 -21.18
N ASN D 233 1.51 30.84 -20.87
CA ASN D 233 0.80 32.08 -21.24
C ASN D 233 0.75 32.31 -22.74
N GLN D 234 0.85 31.21 -23.49
CA GLN D 234 0.86 31.20 -24.95
C GLN D 234 2.06 31.93 -25.57
N VAL D 235 3.11 32.23 -24.79
CA VAL D 235 4.14 33.13 -25.29
C VAL D 235 5.60 32.78 -24.97
N ASN D 236 5.86 32.05 -23.87
CA ASN D 236 7.26 31.96 -23.40
C ASN D 236 7.53 30.77 -22.50
N TRP D 237 8.81 30.47 -22.28
CA TRP D 237 9.16 29.60 -21.18
C TRP D 237 10.56 30.00 -20.71
N PRO D 238 10.97 29.57 -19.50
CA PRO D 238 12.17 30.14 -18.89
C PRO D 238 13.45 30.13 -19.75
N VAL D 239 13.71 29.03 -20.44
CA VAL D 239 14.94 28.95 -21.26
C VAL D 239 14.82 29.89 -22.45
N GLN D 240 13.62 30.06 -22.97
CA GLN D 240 13.43 31.00 -24.07
C GLN D 240 13.73 32.43 -23.61
N ALA D 241 13.43 32.67 -22.33
CA ALA D 241 13.77 33.93 -21.63
C ALA D 241 15.21 33.96 -21.12
N GLY D 242 16.03 33.01 -21.57
CA GLY D 242 17.45 33.05 -21.26
C GLY D 242 17.86 32.52 -19.89
N HIS D 243 16.93 31.87 -19.19
CA HIS D 243 17.23 31.45 -17.81
C HIS D 243 17.18 29.92 -17.67
N PRO D 244 18.13 29.32 -16.93
CA PRO D 244 18.09 27.87 -16.73
C PRO D 244 16.79 27.39 -16.07
N CYS D 245 16.39 26.17 -16.38
CA CYS D 245 15.33 25.46 -15.69
C CYS D 245 15.80 25.13 -14.26
N LEU D 246 14.89 25.30 -13.29
CA LEU D 246 15.14 25.04 -11.85
C LEU D 246 14.85 23.60 -11.45
N GLY D 247 14.21 22.87 -12.35
CA GLY D 247 13.73 21.52 -12.03
C GLY D 247 12.46 21.50 -11.20
N CYS D 248 11.58 22.50 -11.38
CA CYS D 248 10.51 22.73 -10.38
C CYS D 248 9.35 21.72 -10.33
N SER D 249 9.29 20.80 -11.31
CA SER D 249 8.30 19.70 -11.27
C SER D 249 8.86 18.43 -10.61
N GLU D 250 10.13 18.45 -10.20
CA GLU D 250 10.72 17.27 -9.55
C GLU D 250 10.53 17.30 -8.04
N PRO D 251 10.29 16.13 -7.42
CA PRO D 251 10.17 16.06 -5.96
C PRO D 251 11.36 16.65 -5.23
N ASP D 252 11.05 17.47 -4.21
CA ASP D 252 12.09 18.01 -3.32
C ASP D 252 13.16 18.79 -4.10
N PHE D 253 12.80 19.39 -5.24
CA PHE D 253 13.78 20.10 -6.07
C PHE D 253 14.51 21.21 -5.34
N TRP D 254 13.83 21.85 -4.38
CA TRP D 254 14.50 22.84 -3.52
C TRP D 254 15.80 22.37 -2.90
N ASP D 255 15.88 21.08 -2.58
CA ASP D 255 17.11 20.53 -2.06
C ASP D 255 17.91 19.69 -3.03
N THR D 256 17.27 19.12 -4.05
CA THR D 256 18.04 18.26 -4.98
C THR D 256 18.62 19.02 -6.18
N MET D 257 18.03 20.17 -6.50
CA MET D 257 18.41 20.94 -7.69
C MET D 257 19.20 22.20 -7.37
N THR D 258 19.43 22.47 -6.09
CA THR D 258 20.24 23.60 -5.68
C THR D 258 21.71 23.16 -5.51
N PRO D 259 22.69 24.01 -5.81
CA PRO D 259 22.53 25.43 -6.17
C PRO D 259 21.96 25.51 -7.58
N PHE D 260 21.04 26.44 -7.78
CA PHE D 260 20.32 26.50 -9.06
C PHE D 260 21.21 26.91 -10.23
N TYR D 261 22.29 27.65 -9.96
CA TYR D 261 23.12 28.16 -11.07
C TYR D 261 24.34 27.26 -11.27
N GLU D 262 24.33 26.08 -10.68
CA GLU D 262 25.47 25.17 -10.93
C GLU D 262 24.95 23.75 -11.19
N GLN D 263 25.85 22.84 -11.57
CA GLN D 263 25.48 21.40 -11.64
C GLN D 263 25.98 20.55 -10.45
N GLY D 264 26.78 21.15 -9.56
CA GLY D 264 27.45 20.38 -8.53
C GLY D 264 26.49 19.96 -7.44
N ALA E 3 -27.05 3.23 28.39
CA ALA E 3 -28.54 3.08 28.48
C ALA E 3 -29.01 2.98 29.93
N LYS E 4 -30.24 3.46 30.17
CA LYS E 4 -30.85 3.40 31.50
C LYS E 4 -31.47 2.02 31.70
N HIS E 5 -31.26 1.45 32.88
CA HIS E 5 -31.89 0.19 33.26
C HIS E 5 -33.43 0.32 33.30
N ARG E 6 -34.12 -0.57 32.59
CA ARG E 6 -35.58 -0.62 32.69
C ARG E 6 -35.94 -1.77 33.61
N PRO E 7 -36.90 -1.55 34.55
CA PRO E 7 -37.31 -2.55 35.51
C PRO E 7 -37.82 -3.81 34.84
N SER E 8 -37.36 -4.94 35.32
CA SER E 8 -37.70 -6.23 34.77
C SER E 8 -39.07 -6.72 35.24
N VAL E 9 -39.85 -7.16 34.26
CA VAL E 9 -41.18 -7.71 34.49
C VAL E 9 -41.24 -9.13 33.91
N VAL E 10 -41.62 -10.08 34.76
CA VAL E 10 -41.84 -11.45 34.35
C VAL E 10 -43.35 -11.66 34.35
N TRP E 11 -43.90 -12.13 33.22
CA TRP E 11 -45.35 -12.33 33.08
C TRP E 11 -45.66 -13.83 32.93
N LEU E 12 -46.47 -14.38 33.83
CA LEU E 12 -46.76 -15.82 33.77
C LEU E 12 -48.20 -16.05 33.37
N HIS E 13 -48.41 -17.08 32.55
CA HIS E 13 -49.74 -17.50 32.13
C HIS E 13 -50.07 -18.84 32.79
N ASN E 14 -51.15 -18.89 33.57
CA ASN E 14 -51.58 -20.14 34.22
C ASN E 14 -52.88 -20.63 33.59
N ALA E 15 -53.95 -20.76 34.38
CA ALA E 15 -55.25 -21.15 33.84
C ALA E 15 -55.96 -19.88 33.41
N GLU E 16 -55.81 -19.55 32.13
CA GLU E 16 -56.23 -18.27 31.61
C GLU E 16 -56.76 -18.47 30.18
N CYS E 17 -57.43 -17.44 29.66
CA CYS E 17 -57.99 -17.43 28.30
C CYS E 17 -57.19 -16.50 27.39
N THR E 18 -56.19 -15.83 27.97
CA THR E 18 -55.34 -14.85 27.27
C THR E 18 -56.05 -13.53 27.00
N GLY E 19 -57.29 -13.40 27.46
CA GLY E 19 -57.99 -12.12 27.32
C GLY E 19 -57.33 -10.98 28.10
N CYS E 20 -56.67 -11.30 29.21
CA CYS E 20 -55.96 -10.28 30.00
C CYS E 20 -54.71 -9.74 29.27
N THR E 21 -53.94 -10.63 28.65
CA THR E 21 -52.86 -10.20 27.77
C THR E 21 -53.41 -9.32 26.63
N GLU E 22 -54.49 -9.77 26.00
CA GLU E 22 -55.13 -8.99 24.93
C GLU E 22 -55.59 -7.63 25.44
N ALA E 23 -56.17 -7.57 26.63
CA ALA E 23 -56.61 -6.27 27.19
C ALA E 23 -55.41 -5.36 27.35
N ALA E 24 -54.32 -5.95 27.86
CA ALA E 24 -53.13 -5.16 28.19
C ALA E 24 -52.58 -4.49 26.94
N ILE E 25 -52.63 -5.20 25.81
CA ILE E 25 -52.09 -4.60 24.57
C ILE E 25 -53.03 -3.60 23.88
N ARG E 26 -54.26 -3.43 24.39
CA ARG E 26 -55.11 -2.32 23.98
C ARG E 26 -54.75 -0.95 24.60
N THR E 27 -53.76 -0.90 25.50
CA THR E 27 -53.30 0.36 26.09
C THR E 27 -52.96 1.43 25.03
N ILE E 28 -53.32 2.68 25.29
CA ILE E 28 -52.86 3.79 24.43
C ILE E 28 -52.12 4.86 25.23
N LYS E 29 -52.05 4.69 26.55
CA LYS E 29 -51.32 5.66 27.34
C LYS E 29 -50.33 4.99 28.31
N PRO E 30 -49.16 4.56 27.84
CA PRO E 30 -48.70 4.64 26.46
C PRO E 30 -49.18 3.44 25.65
N TYR E 31 -48.87 3.39 24.36
CA TYR E 31 -49.06 2.16 23.59
C TYR E 31 -48.07 1.11 24.07
N ILE E 32 -48.37 -0.16 23.77
CA ILE E 32 -47.59 -1.27 24.29
C ILE E 32 -46.11 -1.25 23.84
N ASP E 33 -45.86 -0.79 22.62
CA ASP E 33 -44.48 -0.70 22.13
C ASP E 33 -43.66 0.29 22.97
N ALA E 34 -44.22 1.47 23.25
CA ALA E 34 -43.50 2.44 24.07
C ALA E 34 -43.26 1.89 25.50
N LEU E 35 -44.27 1.20 26.03
CA LEU E 35 -44.13 0.60 27.37
C LEU E 35 -42.91 -0.36 27.44
N ILE E 36 -42.83 -1.28 26.48
CA ILE E 36 -41.79 -2.30 26.54
C ILE E 36 -40.44 -1.87 25.94
N LEU E 37 -40.43 -0.77 25.17
CA LEU E 37 -39.15 -0.23 24.68
C LEU E 37 -38.55 0.79 25.63
N ASP E 38 -39.40 1.54 26.32
CA ASP E 38 -38.93 2.70 27.11
C ASP E 38 -39.08 2.59 28.63
N THR E 39 -40.08 1.86 29.09
CA THR E 39 -40.51 1.94 30.49
C THR E 39 -40.14 0.70 31.29
N ILE E 40 -40.47 -0.47 30.75
CA ILE E 40 -40.20 -1.73 31.42
C ILE E 40 -39.34 -2.61 30.53
N SER E 41 -38.78 -3.66 31.11
CA SER E 41 -38.13 -4.69 30.32
C SER E 41 -38.97 -5.92 30.52
N LEU E 42 -39.79 -6.23 29.53
CA LEU E 42 -40.72 -7.36 29.61
C LEU E 42 -39.92 -8.60 29.19
N ASP E 43 -39.55 -9.40 30.18
CA ASP E 43 -38.47 -10.35 30.03
C ASP E 43 -38.96 -11.78 29.84
N TYR E 44 -40.26 -11.97 29.98
CA TYR E 44 -40.87 -13.28 29.74
C TYR E 44 -42.36 -13.04 29.55
N GLN E 45 -42.89 -13.50 28.42
CA GLN E 45 -44.32 -13.29 28.14
C GLN E 45 -44.64 -14.27 27.00
N GLU E 46 -45.24 -15.40 27.34
CA GLU E 46 -45.43 -16.52 26.40
C GLU E 46 -46.14 -16.17 25.12
N THR E 47 -47.11 -15.26 25.19
CA THR E 47 -47.90 -14.90 24.04
C THR E 47 -47.14 -14.19 22.93
N ILE E 48 -46.11 -13.40 23.25
CA ILE E 48 -45.50 -12.61 22.22
C ILE E 48 -44.00 -12.87 22.11
N MET E 49 -43.41 -13.62 23.05
CA MET E 49 -41.94 -13.77 23.01
C MET E 49 -41.42 -14.61 21.83
N ALA E 50 -40.22 -14.27 21.39
CA ALA E 50 -39.54 -14.91 20.26
C ALA E 50 -39.08 -16.35 20.56
N ALA E 51 -38.39 -16.54 21.67
CA ALA E 51 -37.89 -17.85 22.05
C ALA E 51 -39.07 -18.81 22.34
N ALA E 52 -38.84 -20.10 22.15
CA ALA E 52 -39.82 -21.16 22.46
C ALA E 52 -39.08 -22.29 23.17
N GLY E 53 -39.81 -23.17 23.84
CA GLY E 53 -39.23 -24.39 24.36
C GLY E 53 -38.18 -24.10 25.42
N GLU E 54 -37.06 -24.81 25.35
CA GLU E 54 -36.04 -24.70 26.37
C GLU E 54 -35.46 -23.29 26.37
N ALA E 55 -35.35 -22.65 25.19
CA ALA E 55 -34.79 -21.28 25.08
C ALA E 55 -35.69 -20.28 25.82
N ALA E 56 -37.01 -20.48 25.73
CA ALA E 56 -37.98 -19.64 26.49
C ALA E 56 -37.88 -19.93 27.99
N GLU E 57 -37.78 -21.20 28.38
CA GLU E 57 -37.62 -21.53 29.80
C GLU E 57 -36.32 -20.96 30.38
N ALA E 58 -35.24 -21.00 29.59
CA ALA E 58 -34.00 -20.34 30.00
C ALA E 58 -34.16 -18.83 30.19
N ALA E 59 -34.90 -18.18 29.28
CA ALA E 59 -35.16 -16.76 29.38
C ALA E 59 -35.87 -16.45 30.70
N LEU E 60 -36.87 -17.28 31.05
CA LEU E 60 -37.55 -17.16 32.33
C LEU E 60 -36.57 -17.24 33.52
N HIS E 61 -35.76 -18.31 33.54
CA HIS E 61 -34.78 -18.53 34.61
C HIS E 61 -33.79 -17.38 34.69
N GLN E 62 -33.40 -16.87 33.53
CA GLN E 62 -32.44 -15.79 33.47
C GLN E 62 -33.04 -14.52 34.06
N ALA E 63 -34.33 -14.32 33.82
CA ALA E 63 -35.05 -13.20 34.45
C ALA E 63 -35.17 -13.36 35.97
N LEU E 64 -35.59 -14.53 36.43
CA LEU E 64 -35.74 -14.77 37.87
C LEU E 64 -34.44 -14.56 38.67
N GLU E 65 -33.31 -14.79 38.02
CA GLU E 65 -31.98 -14.72 38.64
C GLU E 65 -31.31 -13.37 38.43
N GLY E 66 -32.03 -12.45 37.79
CA GLY E 66 -31.49 -11.13 37.43
C GLY E 66 -31.01 -10.33 38.64
N LYS E 67 -29.79 -9.79 38.55
CA LYS E 67 -29.18 -9.03 39.65
C LYS E 67 -30.09 -7.97 40.22
N ASP E 68 -30.88 -7.32 39.36
CA ASP E 68 -31.72 -6.22 39.81
C ASP E 68 -33.13 -6.61 40.31
N GLY E 69 -33.43 -7.92 40.34
CA GLY E 69 -34.76 -8.39 40.73
C GLY E 69 -35.79 -8.05 39.67
N TYR E 70 -37.05 -8.42 39.93
CA TYR E 70 -38.08 -8.35 38.92
C TYR E 70 -39.41 -8.17 39.63
N TYR E 71 -40.38 -7.69 38.86
CA TYR E 71 -41.79 -7.66 39.28
C TYR E 71 -42.47 -8.79 38.54
N LEU E 72 -43.47 -9.38 39.20
CA LEU E 72 -44.19 -10.49 38.67
C LEU E 72 -45.64 -10.12 38.32
N VAL E 73 -46.01 -10.39 37.06
CA VAL E 73 -47.40 -10.27 36.64
C VAL E 73 -47.91 -11.70 36.51
N VAL E 74 -49.10 -11.96 37.06
CA VAL E 74 -49.69 -13.28 36.94
C VAL E 74 -51.07 -13.21 36.27
N GLU E 75 -51.23 -14.01 35.23
CA GLU E 75 -52.48 -14.10 34.49
C GLU E 75 -52.99 -15.53 34.64
N GLY E 76 -54.25 -15.67 35.03
CA GLY E 76 -54.88 -16.97 35.26
C GLY E 76 -54.83 -17.53 36.66
N GLY E 77 -55.76 -18.46 36.91
CA GLY E 77 -55.87 -19.13 38.17
C GLY E 77 -54.88 -20.28 38.26
N LEU E 78 -54.80 -20.90 39.42
CA LEU E 78 -53.89 -22.03 39.60
C LEU E 78 -54.65 -23.35 39.81
N PRO E 79 -54.58 -24.28 38.83
CA PRO E 79 -55.24 -25.58 39.07
C PRO E 79 -54.42 -26.49 39.98
N THR E 80 -55.03 -26.95 41.07
CA THR E 80 -54.26 -27.65 42.09
C THR E 80 -54.52 -29.15 42.21
N ILE E 81 -55.54 -29.64 41.52
CA ILE E 81 -55.87 -31.09 41.62
C ILE E 81 -54.68 -31.91 41.09
N ASP E 82 -54.51 -33.16 41.58
CA ASP E 82 -53.48 -34.09 41.07
C ASP E 82 -52.10 -33.44 41.10
N GLY E 83 -51.74 -32.80 42.21
CA GLY E 83 -50.42 -32.21 42.36
C GLY E 83 -50.09 -31.10 41.36
N GLY E 84 -51.13 -30.40 40.90
CA GLY E 84 -50.98 -29.29 39.96
C GLY E 84 -50.78 -29.72 38.51
N GLN E 85 -50.95 -31.01 38.23
CA GLN E 85 -50.58 -31.54 36.91
C GLN E 85 -51.57 -31.28 35.76
N TRP E 86 -52.75 -30.72 36.06
CA TRP E 86 -53.72 -30.40 35.02
C TRP E 86 -53.41 -29.08 34.31
N GLY E 87 -52.38 -28.38 34.78
CA GLY E 87 -51.92 -27.14 34.18
C GLY E 87 -50.40 -27.10 34.27
N MET E 88 -49.72 -27.36 33.16
CA MET E 88 -48.25 -27.50 33.14
C MET E 88 -47.60 -26.68 32.03
N VAL E 89 -46.39 -26.17 32.30
CA VAL E 89 -45.54 -25.50 31.31
C VAL E 89 -44.13 -26.05 31.45
N ALA E 90 -43.55 -26.46 30.33
CA ALA E 90 -42.18 -27.04 30.27
C ALA E 90 -42.07 -28.22 31.23
N GLY E 91 -43.19 -28.93 31.41
CA GLY E 91 -43.23 -30.13 32.24
C GLY E 91 -43.33 -29.89 33.74
N HIS E 92 -43.61 -28.65 34.14
CA HIS E 92 -43.65 -28.27 35.56
C HIS E 92 -45.04 -27.76 35.88
N PRO E 93 -45.63 -28.22 36.99
CA PRO E 93 -46.95 -27.69 37.37
C PRO E 93 -46.95 -26.15 37.46
N MET E 94 -48.01 -25.53 36.97
CA MET E 94 -48.15 -24.07 37.01
C MET E 94 -47.99 -23.49 38.43
N ILE E 95 -48.58 -24.18 39.40
CA ILE E 95 -48.45 -23.76 40.80
C ILE E 95 -46.99 -23.73 41.31
N GLU E 96 -46.17 -24.66 40.85
CA GLU E 96 -44.79 -24.71 41.27
C GLU E 96 -44.00 -23.53 40.68
N THR E 97 -44.24 -23.18 39.42
CA THR E 97 -43.50 -22.08 38.81
C THR E 97 -43.92 -20.74 39.42
N THR E 98 -45.21 -20.62 39.74
CA THR E 98 -45.74 -19.36 40.18
C THR E 98 -45.24 -19.12 41.62
N LYS E 99 -45.20 -20.21 42.39
CA LYS E 99 -44.68 -20.22 43.76
C LYS E 99 -43.21 -19.79 43.77
N LYS E 100 -42.41 -20.41 42.89
CA LYS E 100 -40.97 -20.10 42.74
C LYS E 100 -40.75 -18.64 42.33
N ALA E 101 -41.51 -18.19 41.35
CA ALA E 101 -41.48 -16.79 40.89
C ALA E 101 -41.94 -15.76 41.96
N ALA E 102 -43.02 -16.09 42.68
CA ALA E 102 -43.57 -15.20 43.71
C ALA E 102 -42.58 -14.99 44.85
N ALA E 103 -41.77 -16.02 45.15
CA ALA E 103 -40.94 -16.00 46.35
C ALA E 103 -39.95 -14.83 46.36
N LYS E 104 -39.39 -14.51 45.18
CA LYS E 104 -38.33 -13.50 45.03
C LYS E 104 -38.78 -12.20 44.33
N ALA E 105 -40.04 -12.11 43.94
CA ALA E 105 -40.58 -10.92 43.26
C ALA E 105 -40.56 -9.68 44.15
N LYS E 106 -40.26 -8.53 43.56
CA LYS E 106 -40.35 -7.25 44.27
C LYS E 106 -41.81 -6.90 44.58
N GLY E 107 -42.72 -7.44 43.78
CA GLY E 107 -44.15 -7.22 43.95
C GLY E 107 -44.88 -8.12 42.96
N ILE E 108 -46.15 -8.38 43.25
CA ILE E 108 -46.93 -9.29 42.44
C ILE E 108 -48.20 -8.57 42.04
N ILE E 109 -48.41 -8.44 40.73
CA ILE E 109 -49.67 -7.91 40.19
C ILE E 109 -50.43 -9.06 39.56
N CYS E 110 -51.66 -9.25 40.02
CA CYS E 110 -52.55 -10.23 39.41
C CYS E 110 -53.47 -9.54 38.44
N ILE E 111 -53.18 -9.71 37.15
CA ILE E 111 -54.00 -9.14 36.10
C ILE E 111 -55.21 -10.07 35.87
N GLY E 112 -56.42 -9.56 36.15
CA GLY E 112 -57.69 -10.27 35.91
C GLY E 112 -58.26 -10.97 37.11
N THR E 113 -59.57 -11.17 37.05
CA THR E 113 -60.28 -11.93 38.04
C THR E 113 -59.75 -13.32 38.25
N CYS E 114 -59.25 -13.97 37.20
CA CYS E 114 -58.69 -15.34 37.35
C CYS E 114 -57.50 -15.42 38.31
N SER E 115 -56.47 -14.64 38.07
CA SER E 115 -55.33 -14.70 38.95
C SER E 115 -55.65 -14.07 40.30
N ALA E 116 -56.45 -13.00 40.30
CA ALA E 116 -56.82 -12.36 41.58
C ALA E 116 -57.62 -13.27 42.53
N TYR E 117 -58.62 -13.96 42.01
CA TYR E 117 -59.65 -14.61 42.81
C TYR E 117 -59.96 -16.05 42.41
N GLY E 118 -59.44 -16.49 41.27
CA GLY E 118 -59.70 -17.87 40.84
C GLY E 118 -60.38 -17.94 39.49
N GLY E 119 -61.40 -17.10 39.30
CA GLY E 119 -61.97 -16.86 37.96
C GLY E 119 -62.83 -17.97 37.42
N VAL E 120 -62.92 -18.04 36.09
CA VAL E 120 -63.93 -18.92 35.44
C VAL E 120 -63.76 -20.42 35.77
N GLN E 121 -62.52 -20.92 35.78
CA GLN E 121 -62.29 -22.32 36.06
C GLN E 121 -62.61 -22.71 37.54
N LYS E 122 -62.64 -21.72 38.44
CA LYS E 122 -62.98 -22.00 39.84
C LYS E 122 -64.50 -22.09 40.03
N ALA E 123 -65.27 -21.59 39.07
CA ALA E 123 -66.74 -21.70 39.14
C ALA E 123 -67.20 -23.14 39.42
N LYS E 124 -68.27 -23.30 40.20
CA LYS E 124 -68.77 -24.63 40.58
C LYS E 124 -69.00 -25.52 39.32
N PRO E 125 -68.58 -26.79 39.38
CA PRO E 125 -68.04 -27.48 40.58
C PRO E 125 -66.49 -27.53 40.62
N ASN E 126 -65.85 -26.60 39.92
CA ASN E 126 -64.39 -26.40 39.96
C ASN E 126 -63.60 -27.73 39.80
N PRO E 127 -63.71 -28.36 38.64
CA PRO E 127 -63.14 -29.69 38.47
C PRO E 127 -61.59 -29.72 38.60
N SER E 128 -60.90 -28.63 38.29
CA SER E 128 -59.40 -28.65 38.38
C SER E 128 -58.91 -28.17 39.78
N GLN E 129 -59.86 -27.88 40.65
CA GLN E 129 -59.53 -27.32 41.96
C GLN E 129 -58.65 -26.07 41.77
N ALA E 130 -59.18 -25.17 40.96
CA ALA E 130 -58.50 -23.92 40.66
C ALA E 130 -58.64 -22.92 41.79
N LYS E 131 -57.57 -22.20 42.00
CA LYS E 131 -57.52 -21.21 43.08
C LYS E 131 -56.96 -19.86 42.59
N GLY E 132 -57.38 -18.76 43.21
CA GLY E 132 -56.63 -17.49 43.05
C GLY E 132 -55.19 -17.61 43.54
N VAL E 133 -54.32 -16.67 43.18
CA VAL E 133 -52.90 -16.75 43.59
C VAL E 133 -52.72 -16.65 45.13
N SER E 134 -53.33 -15.64 45.73
CA SER E 134 -53.28 -15.50 47.18
C SER E 134 -53.98 -16.68 47.87
N GLU E 135 -55.03 -17.17 47.25
CA GLU E 135 -55.75 -18.30 47.80
C GLU E 135 -54.86 -19.53 47.87
N ALA E 136 -54.09 -19.76 46.81
CA ALA E 136 -53.24 -20.94 46.67
C ALA E 136 -51.97 -20.81 47.46
N LEU E 137 -51.43 -19.60 47.52
CA LEU E 137 -50.09 -19.40 48.05
C LEU E 137 -50.00 -18.66 49.39
N GLY E 138 -51.03 -17.90 49.76
CA GLY E 138 -50.96 -17.02 50.93
C GLY E 138 -50.09 -15.77 50.83
N VAL E 139 -49.70 -15.37 49.62
CA VAL E 139 -48.93 -14.14 49.44
C VAL E 139 -49.91 -12.99 49.20
N LYS E 140 -49.57 -11.79 49.64
CA LYS E 140 -50.38 -10.62 49.28
C LYS E 140 -50.07 -10.25 47.82
N THR E 141 -51.13 -9.94 47.07
CA THR E 141 -51.01 -9.55 45.67
C THR E 141 -51.76 -8.22 45.46
N ILE E 142 -51.28 -7.43 44.49
CA ILE E 142 -52.04 -6.28 43.98
C ILE E 142 -52.98 -6.79 42.90
N ASN E 143 -54.29 -6.68 43.14
CA ASN E 143 -55.30 -7.23 42.23
C ASN E 143 -55.90 -6.22 41.24
N ILE E 144 -55.88 -6.57 39.95
CA ILE E 144 -56.45 -5.73 38.87
C ILE E 144 -57.49 -6.61 38.18
N PRO E 145 -58.68 -6.74 38.82
CA PRO E 145 -59.67 -7.69 38.35
C PRO E 145 -60.61 -7.07 37.33
N GLY E 146 -61.55 -7.89 36.86
CA GLY E 146 -62.28 -7.63 35.64
C GLY E 146 -61.95 -8.80 34.74
N CYS E 147 -62.86 -9.08 33.81
CA CYS E 147 -62.72 -10.22 32.92
C CYS E 147 -62.82 -9.82 31.42
N PRO E 148 -61.84 -9.08 30.86
CA PRO E 148 -60.60 -8.69 31.49
C PRO E 148 -60.70 -7.27 32.11
N PRO E 149 -59.69 -6.89 32.94
CA PRO E 149 -59.65 -5.51 33.39
C PRO E 149 -59.38 -4.56 32.23
N ASN E 150 -59.75 -3.30 32.41
CA ASN E 150 -59.39 -2.25 31.49
C ASN E 150 -57.84 -2.08 31.48
N PRO E 151 -57.21 -1.91 30.28
CA PRO E 151 -55.75 -1.66 30.24
C PRO E 151 -55.37 -0.42 31.04
N ILE E 152 -56.27 0.58 31.10
CA ILE E 152 -56.02 1.81 31.91
C ILE E 152 -55.69 1.44 33.36
N ASN E 153 -56.43 0.46 33.89
CA ASN E 153 -56.28 0.00 35.27
C ASN E 153 -54.99 -0.80 35.45
N PHE E 154 -54.72 -1.70 34.51
CA PHE E 154 -53.51 -2.53 34.60
C PHE E 154 -52.23 -1.71 34.39
N VAL E 155 -52.17 -0.99 33.27
CA VAL E 155 -50.96 -0.19 32.98
C VAL E 155 -50.82 0.89 34.06
N GLY E 156 -51.93 1.49 34.47
CA GLY E 156 -51.91 2.47 35.56
C GLY E 156 -51.31 1.93 36.84
N ALA E 157 -51.67 0.71 37.22
CA ALA E 157 -51.13 0.10 38.43
C ALA E 157 -49.64 -0.19 38.26
N VAL E 158 -49.26 -0.75 37.11
CA VAL E 158 -47.84 -1.08 36.85
C VAL E 158 -46.96 0.16 36.96
N VAL E 159 -47.43 1.26 36.37
CA VAL E 159 -46.67 2.52 36.38
C VAL E 159 -46.57 3.12 37.79
N HIS E 160 -47.69 3.10 38.52
CA HIS E 160 -47.76 3.56 39.90
C HIS E 160 -46.75 2.84 40.78
N VAL E 161 -46.69 1.53 40.63
CA VAL E 161 -45.76 0.65 41.34
C VAL E 161 -44.31 1.01 41.03
N LEU E 162 -44.00 1.30 39.78
CA LEU E 162 -42.63 1.68 39.38
C LEU E 162 -42.20 3.11 39.74
N THR E 163 -43.17 4.00 39.97
CA THR E 163 -42.87 5.41 40.17
C THR E 163 -43.19 5.93 41.58
N LYS E 164 -44.24 5.37 42.20
CA LYS E 164 -44.74 5.89 43.47
C LYS E 164 -44.82 4.84 44.59
N GLY E 165 -44.87 3.57 44.24
CA GLY E 165 -45.02 2.47 45.22
C GLY E 165 -46.39 1.83 45.17
N ILE E 166 -46.76 1.11 46.24
CA ILE E 166 -47.99 0.33 46.23
C ILE E 166 -49.17 1.27 46.46
N PRO E 167 -50.12 1.30 45.50
CA PRO E 167 -51.31 2.14 45.69
C PRO E 167 -52.15 1.69 46.87
N ASP E 168 -52.91 2.61 47.45
CA ASP E 168 -54.02 2.30 48.36
C ASP E 168 -54.90 1.16 47.82
N LEU E 169 -54.97 0.05 48.54
CA LEU E 169 -55.78 -1.09 48.12
C LEU E 169 -57.04 -1.19 48.96
N ASP E 170 -58.10 -1.75 48.38
CA ASP E 170 -59.27 -2.06 49.19
C ASP E 170 -59.11 -3.44 49.82
N GLU E 171 -60.17 -3.89 50.46
CA GLU E 171 -60.19 -5.16 51.17
C GLU E 171 -60.00 -6.36 50.20
N ASN E 172 -60.36 -6.19 48.94
CA ASN E 172 -60.15 -7.25 47.96
C ASN E 172 -58.84 -7.08 47.19
N GLY E 173 -57.95 -6.23 47.72
CA GLY E 173 -56.63 -5.98 47.12
C GLY E 173 -56.63 -5.12 45.87
N ARG E 174 -57.74 -4.43 45.61
CA ARG E 174 -57.85 -3.70 44.33
C ARG E 174 -57.45 -2.24 44.53
N PRO E 175 -56.71 -1.65 43.56
CA PRO E 175 -56.39 -0.21 43.79
C PRO E 175 -57.62 0.71 43.79
N LYS E 176 -57.78 1.52 44.84
CA LYS E 176 -58.91 2.45 44.97
C LYS E 176 -58.96 3.51 43.87
N LEU E 177 -57.79 3.83 43.32
CA LEU E 177 -57.67 4.68 42.15
C LEU E 177 -58.64 4.30 41.03
N PHE E 178 -58.89 3.00 40.89
CA PHE E 178 -59.68 2.49 39.76
C PHE E 178 -60.95 1.79 40.21
N TYR E 179 -60.91 1.20 41.40
CA TYR E 179 -61.99 0.34 41.88
C TYR E 179 -62.70 0.89 43.12
N GLY E 180 -62.48 2.16 43.43
CA GLY E 180 -63.07 2.75 44.63
C GLY E 180 -64.55 3.07 44.53
N GLU E 181 -65.07 3.14 43.31
CA GLU E 181 -66.47 3.50 43.10
C GLU E 181 -67.29 2.40 42.41
N LEU E 182 -68.57 2.33 42.76
CA LEU E 182 -69.50 1.39 42.16
C LEU E 182 -69.71 1.78 40.70
N VAL E 183 -69.83 0.79 39.82
CA VAL E 183 -70.23 1.02 38.42
C VAL E 183 -71.54 1.83 38.39
N HIS E 184 -72.52 1.37 39.17
CA HIS E 184 -73.84 1.99 39.21
C HIS E 184 -73.79 3.48 39.55
N ASP E 185 -72.88 3.89 40.43
CA ASP E 185 -72.83 5.29 40.87
C ASP E 185 -72.39 6.27 39.77
N ASN E 186 -71.79 5.73 38.72
CA ASN E 186 -71.33 6.53 37.58
C ASN E 186 -72.10 6.23 36.30
N CYS E 187 -73.18 5.47 36.41
CA CYS E 187 -73.88 4.99 35.21
C CYS E 187 -74.80 6.09 34.67
N PRO E 188 -74.70 6.39 33.36
CA PRO E 188 -75.61 7.37 32.75
C PRO E 188 -77.08 7.00 32.86
N ARG E 189 -77.39 5.73 33.14
CA ARG E 189 -78.80 5.34 33.28
C ARG E 189 -79.33 5.51 34.71
N LEU E 190 -78.49 6.05 35.59
CA LEU E 190 -78.84 6.23 37.00
C LEU E 190 -80.15 7.03 37.21
N PRO E 191 -80.40 8.09 36.42
CA PRO E 191 -81.68 8.78 36.61
C PRO E 191 -82.91 7.90 36.32
N HIS E 192 -82.77 6.94 35.41
CA HIS E 192 -83.83 5.97 35.15
C HIS E 192 -84.07 5.06 36.36
N PHE E 193 -82.98 4.55 36.93
CA PHE E 193 -83.01 3.71 38.14
C PHE E 193 -83.74 4.44 39.26
N GLU E 194 -83.37 5.70 39.48
CA GLU E 194 -83.95 6.50 40.54
C GLU E 194 -85.43 6.75 40.29
N ALA E 195 -85.84 6.74 39.03
CA ALA E 195 -87.23 6.95 38.67
C ALA E 195 -88.00 5.65 38.45
N SER E 196 -87.38 4.51 38.77
CA SER E 196 -88.00 3.19 38.57
C SER E 196 -88.42 2.99 37.10
N GLU E 197 -87.56 3.44 36.19
CA GLU E 197 -87.79 3.27 34.76
C GLU E 197 -86.90 2.13 34.27
N PHE E 198 -87.47 0.92 34.28
CA PHE E 198 -86.70 -0.31 34.01
C PHE E 198 -87.15 -0.99 32.71
N ALA E 199 -86.21 -1.46 31.90
CA ALA E 199 -86.55 -2.33 30.76
C ALA E 199 -86.97 -3.73 31.27
N PRO E 200 -88.17 -4.22 30.86
CA PRO E 200 -88.59 -5.55 31.30
C PRO E 200 -88.10 -6.68 30.43
N SER E 201 -87.52 -6.34 29.26
CA SER E 201 -87.01 -7.31 28.28
C SER E 201 -86.17 -6.51 27.29
N PHE E 202 -85.29 -7.21 26.57
CA PHE E 202 -84.42 -6.56 25.58
C PHE E 202 -85.15 -6.06 24.33
N ASP E 203 -86.32 -6.63 24.02
CA ASP E 203 -87.08 -6.22 22.84
C ASP E 203 -88.07 -5.08 23.17
N SER E 204 -88.20 -4.75 24.45
CA SER E 204 -89.19 -3.74 24.90
C SER E 204 -88.88 -2.31 24.42
N GLU E 205 -89.92 -1.47 24.33
CA GLU E 205 -89.74 -0.07 23.98
C GLU E 205 -88.84 0.61 25.02
N GLU E 206 -88.96 0.16 26.26
CA GLU E 206 -88.17 0.64 27.36
C GLU E 206 -86.67 0.44 27.11
N ALA E 207 -86.29 -0.74 26.59
CA ALA E 207 -84.89 -1.01 26.25
C ALA E 207 -84.45 -0.04 25.15
N LYS E 208 -85.29 0.15 24.15
CA LYS E 208 -84.99 1.02 23.03
C LYS E 208 -84.78 2.45 23.51
N LYS E 209 -85.54 2.86 24.53
CA LYS E 209 -85.39 4.18 25.14
C LYS E 209 -84.23 4.27 26.12
N GLY E 210 -83.41 3.22 26.22
CA GLY E 210 -82.27 3.25 27.13
C GLY E 210 -82.56 3.25 28.63
N PHE E 211 -83.69 2.66 29.03
CA PHE E 211 -84.06 2.56 30.44
C PHE E 211 -83.04 1.71 31.22
N CYS E 212 -83.11 1.78 32.55
CA CYS E 212 -82.20 1.02 33.42
C CYS E 212 -82.37 -0.49 33.26
N LEU E 213 -81.23 -1.21 33.27
CA LEU E 213 -81.20 -2.67 33.07
C LEU E 213 -81.28 -3.52 34.35
N TYR E 214 -81.64 -2.92 35.49
CA TYR E 214 -81.69 -3.61 36.79
C TYR E 214 -82.54 -4.88 36.78
N GLU E 215 -83.72 -4.81 36.14
CA GLU E 215 -84.62 -5.95 36.10
C GLU E 215 -84.08 -7.04 35.20
N LEU E 216 -83.19 -6.65 34.30
CA LEU E 216 -82.56 -7.61 33.41
C LEU E 216 -81.28 -8.19 33.99
N GLY E 217 -81.04 -7.93 35.28
CA GLY E 217 -79.93 -8.55 36.00
C GLY E 217 -78.68 -7.72 36.23
N CYS E 218 -78.72 -6.44 35.86
CA CYS E 218 -77.51 -5.59 35.97
C CYS E 218 -76.89 -5.64 37.36
N LYS E 219 -75.59 -5.96 37.43
CA LYS E 219 -74.92 -6.04 38.73
C LYS E 219 -74.15 -4.76 39.05
N GLY E 220 -74.37 -3.72 38.25
CA GLY E 220 -73.76 -2.43 38.53
C GLY E 220 -73.82 -1.98 40.00
N PRO E 221 -75.02 -2.12 40.66
CA PRO E 221 -75.16 -1.67 42.05
C PRO E 221 -74.27 -2.37 43.09
N VAL E 222 -73.60 -3.47 42.72
CA VAL E 222 -72.78 -4.26 43.65
C VAL E 222 -71.36 -4.48 43.12
N THR E 223 -71.02 -3.80 42.03
CA THR E 223 -69.73 -4.03 41.34
C THR E 223 -68.84 -2.82 41.35
N TYR E 224 -67.61 -3.01 41.79
CA TYR E 224 -66.67 -1.88 41.91
C TYR E 224 -65.77 -1.89 40.69
N ASN E 225 -65.90 -0.85 39.86
CA ASN E 225 -65.12 -0.71 38.63
C ASN E 225 -65.33 0.69 38.06
N ASN E 226 -64.51 1.10 37.08
CA ASN E 226 -64.58 2.46 36.55
C ASN E 226 -65.09 2.54 35.11
N CYS E 227 -65.71 1.44 34.68
CA CYS E 227 -66.18 1.24 33.31
C CYS E 227 -66.95 2.43 32.71
N PRO E 228 -67.98 2.98 33.40
CA PRO E 228 -68.68 4.09 32.71
C PRO E 228 -67.86 5.37 32.64
N LYS E 229 -66.89 5.50 33.55
CA LYS E 229 -66.05 6.70 33.63
C LYS E 229 -64.98 6.74 32.56
N VAL E 230 -64.32 5.61 32.30
CA VAL E 230 -63.18 5.59 31.38
C VAL E 230 -63.50 4.91 30.04
N LEU E 231 -64.55 4.09 30.01
CA LEU E 231 -65.00 3.32 28.83
C LEU E 231 -63.95 2.26 28.45
N PHE E 232 -64.28 1.43 27.47
CA PHE E 232 -63.33 0.49 26.87
C PHE E 232 -63.04 0.88 25.40
N ASN E 233 -61.78 0.70 24.97
CA ASN E 233 -61.37 0.95 23.59
C ASN E 233 -61.69 2.37 23.12
N GLN E 234 -61.77 3.29 24.10
CA GLN E 234 -62.06 4.69 23.90
C GLN E 234 -63.47 4.96 23.37
N VAL E 235 -64.36 3.97 23.42
CA VAL E 235 -65.64 4.09 22.71
C VAL E 235 -66.93 3.65 23.41
N ASN E 236 -66.85 2.67 24.30
CA ASN E 236 -68.10 2.03 24.73
C ASN E 236 -67.95 1.30 26.04
N TRP E 237 -69.08 0.91 26.63
CA TRP E 237 -69.07 -0.05 27.74
C TRP E 237 -70.39 -0.81 27.75
N PRO E 238 -70.47 -1.94 28.51
CA PRO E 238 -71.61 -2.85 28.28
C PRO E 238 -73.00 -2.24 28.44
N VAL E 239 -73.18 -1.41 29.45
CA VAL E 239 -74.49 -0.78 29.63
C VAL E 239 -74.82 0.18 28.48
N GLN E 240 -73.82 0.90 27.97
CA GLN E 240 -74.03 1.77 26.80
C GLN E 240 -74.46 0.95 25.59
N ALA E 241 -73.99 -0.30 25.53
CA ALA E 241 -74.36 -1.23 24.46
C ALA E 241 -75.64 -1.98 24.83
N GLY E 242 -76.36 -1.48 25.86
CA GLY E 242 -77.68 -2.01 26.23
C GLY E 242 -77.71 -3.34 26.99
N HIS E 243 -76.55 -3.75 27.51
CA HIS E 243 -76.44 -5.04 28.21
C HIS E 243 -76.12 -4.87 29.70
N PRO E 244 -76.77 -5.68 30.58
CA PRO E 244 -76.45 -5.57 32.00
C PRO E 244 -74.97 -5.86 32.34
N CYS E 245 -74.47 -5.23 33.41
CA CYS E 245 -73.19 -5.57 34.02
C CYS E 245 -73.25 -6.98 34.62
N LEU E 246 -72.19 -7.76 34.39
CA LEU E 246 -72.06 -9.14 34.89
C LEU E 246 -71.46 -9.20 36.30
N GLY E 247 -70.88 -8.09 36.78
CA GLY E 247 -70.19 -8.04 38.08
C GLY E 247 -68.77 -8.62 37.92
N CYS E 248 -68.19 -8.53 36.73
CA CYS E 248 -66.94 -9.31 36.41
C CYS E 248 -65.64 -8.93 37.15
N SER E 249 -65.63 -7.81 37.88
CA SER E 249 -64.50 -7.41 38.74
C SER E 249 -64.64 -7.87 40.20
N GLU E 250 -65.72 -8.58 40.49
CA GLU E 250 -65.98 -9.07 41.84
C GLU E 250 -65.49 -10.51 42.03
N PRO E 251 -64.88 -10.81 43.19
CA PRO E 251 -64.43 -12.17 43.54
C PRO E 251 -65.55 -13.22 43.36
N ASP E 252 -65.23 -14.31 42.65
CA ASP E 252 -66.16 -15.45 42.48
C ASP E 252 -67.49 -15.04 41.82
N PHE E 253 -67.45 -14.03 40.93
CA PHE E 253 -68.71 -13.53 40.32
C PHE E 253 -69.44 -14.59 39.51
N TRP E 254 -68.72 -15.54 38.95
CA TRP E 254 -69.33 -16.66 38.22
C TRP E 254 -70.36 -17.41 39.04
N ASP E 255 -70.19 -17.40 40.37
CA ASP E 255 -71.15 -18.05 41.26
C ASP E 255 -71.98 -17.08 42.08
N THR E 256 -71.46 -15.88 42.36
CA THR E 256 -72.25 -14.93 43.17
C THR E 256 -73.23 -14.08 42.37
N MET E 257 -72.93 -13.87 41.09
CA MET E 257 -73.71 -12.96 40.25
C MET E 257 -74.60 -13.67 39.23
N THR E 258 -74.55 -15.01 39.23
CA THR E 258 -75.40 -15.80 38.35
C THR E 258 -76.62 -16.32 39.08
N PRO E 259 -77.70 -16.63 38.38
CA PRO E 259 -77.88 -16.42 36.93
C PRO E 259 -77.72 -14.95 36.55
N PHE E 260 -77.05 -14.68 35.43
CA PHE E 260 -76.68 -13.29 35.09
C PHE E 260 -77.87 -12.38 34.80
N TYR E 261 -78.98 -12.95 34.33
CA TYR E 261 -80.16 -12.17 33.91
C TYR E 261 -81.19 -12.04 35.02
N GLU E 262 -80.81 -12.46 36.21
CA GLU E 262 -81.70 -12.38 37.35
C GLU E 262 -81.09 -11.39 38.33
N GLN E 263 -81.96 -10.65 39.00
CA GLN E 263 -81.51 -9.64 39.93
C GLN E 263 -81.57 -10.17 41.37
N GLY E 264 -80.44 -10.13 42.06
CA GLY E 264 -80.37 -10.53 43.46
C GLY E 264 -78.95 -10.80 43.87
N LYS F 4 -69.74 39.35 44.51
CA LYS F 4 -68.32 39.64 44.09
C LYS F 4 -68.19 40.75 43.05
N HIS F 5 -67.65 41.88 43.48
CA HIS F 5 -67.35 42.97 42.58
C HIS F 5 -66.03 42.69 41.87
N ARG F 6 -66.10 42.62 40.55
CA ARG F 6 -64.96 42.34 39.70
C ARG F 6 -64.48 43.65 39.08
N PRO F 7 -63.15 43.79 38.87
CA PRO F 7 -62.63 45.05 38.31
C PRO F 7 -63.24 45.34 36.93
N SER F 8 -63.67 46.58 36.73
CA SER F 8 -64.30 47.04 35.48
C SER F 8 -63.28 47.20 34.34
N VAL F 9 -63.57 46.61 33.19
CA VAL F 9 -62.74 46.78 32.00
C VAL F 9 -63.59 47.38 30.89
N VAL F 10 -63.11 48.48 30.32
CA VAL F 10 -63.74 49.14 29.17
C VAL F 10 -62.84 48.83 27.98
N TRP F 11 -63.44 48.30 26.91
CA TRP F 11 -62.67 47.87 25.73
C TRP F 11 -63.14 48.73 24.56
N LEU F 12 -62.22 49.53 23.99
CA LEU F 12 -62.58 50.38 22.85
C LEU F 12 -62.03 49.84 21.54
N HIS F 13 -62.83 49.96 20.49
CA HIS F 13 -62.42 49.56 19.13
C HIS F 13 -62.24 50.80 18.24
N ASN F 14 -61.01 51.04 17.76
CA ASN F 14 -60.78 52.21 16.90
C ASN F 14 -60.53 51.77 15.45
N ALA F 15 -59.37 52.11 14.89
CA ALA F 15 -59.02 51.65 13.54
C ALA F 15 -58.42 50.27 13.67
N GLU F 16 -59.26 49.27 13.53
CA GLU F 16 -58.87 47.90 13.81
C GLU F 16 -59.56 46.95 12.85
N CYS F 17 -59.06 45.71 12.82
CA CYS F 17 -59.68 44.62 12.00
C CYS F 17 -60.50 43.62 12.83
N THR F 18 -60.45 43.77 14.16
CA THR F 18 -61.15 42.89 15.13
C THR F 18 -60.43 41.56 15.34
N GLY F 19 -59.28 41.40 14.68
CA GLY F 19 -58.46 40.21 14.89
C GLY F 19 -57.92 40.10 16.33
N CYS F 20 -57.77 41.23 17.01
CA CYS F 20 -57.29 41.25 18.39
C CYS F 20 -58.37 40.77 19.37
N THR F 21 -59.60 41.25 19.18
CA THR F 21 -60.76 40.68 19.87
C THR F 21 -60.86 39.17 19.62
N GLU F 22 -60.76 38.75 18.35
CA GLU F 22 -60.80 37.33 18.02
C GLU F 22 -59.69 36.56 18.72
N ALA F 23 -58.44 37.09 18.68
CA ALA F 23 -57.34 36.45 19.40
C ALA F 23 -57.67 36.28 20.88
N ALA F 24 -58.20 37.34 21.49
CA ALA F 24 -58.47 37.30 22.94
C ALA F 24 -59.44 36.16 23.30
N ILE F 25 -60.46 35.93 22.46
CA ILE F 25 -61.44 34.89 22.79
C ILE F 25 -60.93 33.47 22.51
N ARG F 26 -59.71 33.35 21.98
CA ARG F 26 -59.07 32.03 21.88
C ARG F 26 -58.41 31.58 23.18
N THR F 27 -58.42 32.42 24.22
CA THR F 27 -57.83 32.07 25.49
C THR F 27 -58.39 30.76 26.09
N ILE F 28 -57.50 29.96 26.68
CA ILE F 28 -57.95 28.76 27.39
C ILE F 28 -57.49 28.75 28.85
N LYS F 29 -56.72 29.75 29.26
CA LYS F 29 -56.33 29.75 30.69
C LYS F 29 -56.49 31.14 31.28
N PRO F 30 -57.71 31.52 31.69
CA PRO F 30 -58.95 30.74 31.56
C PRO F 30 -59.63 30.89 30.19
N TYR F 31 -60.71 30.16 29.96
CA TYR F 31 -61.56 30.45 28.80
C TYR F 31 -62.27 31.77 29.04
N ILE F 32 -62.79 32.37 27.97
CA ILE F 32 -63.28 33.74 28.00
C ILE F 32 -64.51 33.87 28.87
N ASP F 33 -65.32 32.80 28.95
CA ASP F 33 -66.52 32.87 29.76
C ASP F 33 -66.11 32.95 31.23
N ALA F 34 -65.12 32.16 31.63
CA ALA F 34 -64.63 32.19 33.02
C ALA F 34 -64.02 33.57 33.35
N LEU F 35 -63.30 34.14 32.39
CA LEU F 35 -62.67 35.44 32.58
C LEU F 35 -63.72 36.52 32.87
N ILE F 36 -64.76 36.59 32.04
CA ILE F 36 -65.77 37.64 32.21
C ILE F 36 -66.88 37.34 33.23
N LEU F 37 -67.00 36.08 33.67
CA LEU F 37 -67.95 35.76 34.74
C LEU F 37 -67.30 35.84 36.12
N ASP F 38 -65.99 35.53 36.19
CA ASP F 38 -65.33 35.37 37.50
C ASP F 38 -64.24 36.38 37.85
N THR F 39 -63.57 36.91 36.84
CA THR F 39 -62.32 37.64 37.06
C THR F 39 -62.45 39.14 36.78
N ILE F 40 -63.01 39.50 35.64
CA ILE F 40 -63.19 40.91 35.30
C ILE F 40 -64.68 41.19 35.12
N SER F 41 -65.04 42.46 35.10
CA SER F 41 -66.36 42.90 34.65
C SER F 41 -66.15 43.61 33.32
N LEU F 42 -66.45 42.90 32.23
CA LEU F 42 -66.24 43.46 30.90
C LEU F 42 -67.43 44.36 30.57
N ASP F 43 -67.24 45.67 30.72
CA ASP F 43 -68.42 46.58 30.82
C ASP F 43 -68.79 47.28 29.51
N TYR F 44 -67.87 47.21 28.56
CA TYR F 44 -68.10 47.75 27.22
C TYR F 44 -67.24 46.98 26.24
N GLN F 45 -67.86 46.39 25.21
CA GLN F 45 -67.12 45.65 24.21
C GLN F 45 -68.01 45.49 22.99
N GLU F 46 -67.77 46.31 21.97
CA GLU F 46 -68.72 46.42 20.84
C GLU F 46 -68.99 45.13 20.06
N THR F 47 -67.98 44.27 19.93
CA THR F 47 -68.13 43.04 19.21
C THR F 47 -69.15 42.10 19.84
N ILE F 48 -69.26 42.07 21.17
CA ILE F 48 -70.06 41.01 21.77
C ILE F 48 -71.20 41.51 22.67
N MET F 49 -71.23 42.81 22.98
CA MET F 49 -72.23 43.32 23.92
C MET F 49 -73.65 43.32 23.35
N ALA F 50 -74.62 43.13 24.25
CA ALA F 50 -76.05 43.04 23.90
C ALA F 50 -76.64 44.37 23.44
N ALA F 51 -76.38 45.44 24.19
CA ALA F 51 -76.90 46.78 23.90
C ALA F 51 -76.31 47.35 22.59
N ALA F 52 -77.11 48.13 21.86
CA ALA F 52 -76.64 48.81 20.66
C ALA F 52 -77.03 50.29 20.75
N GLY F 53 -76.42 51.14 19.92
CA GLY F 53 -76.90 52.53 19.78
C GLY F 53 -76.79 53.30 21.09
N GLU F 54 -77.85 54.05 21.42
CA GLU F 54 -77.81 54.88 22.62
C GLU F 54 -77.67 54.07 23.90
N ALA F 55 -78.22 52.84 23.91
CA ALA F 55 -78.13 51.98 25.09
C ALA F 55 -76.65 51.53 25.31
N ALA F 56 -75.97 51.24 24.22
CA ALA F 56 -74.53 50.94 24.30
C ALA F 56 -73.71 52.15 24.75
N GLU F 57 -74.02 53.33 24.23
CA GLU F 57 -73.30 54.53 24.61
C GLU F 57 -73.56 54.84 26.11
N ALA F 58 -74.82 54.65 26.57
CA ALA F 58 -75.16 54.72 27.99
C ALA F 58 -74.34 53.72 28.84
N ALA F 59 -74.19 52.47 28.37
CA ALA F 59 -73.37 51.51 29.10
C ALA F 59 -71.93 52.02 29.21
N LEU F 60 -71.40 52.59 28.12
CA LEU F 60 -70.04 53.16 28.16
C LEU F 60 -69.95 54.25 29.23
N HIS F 61 -70.88 55.19 29.21
N HIS F 61 -70.88 55.21 29.21
CA HIS F 61 -70.80 56.32 30.15
CA HIS F 61 -70.87 56.33 30.15
C HIS F 61 -70.97 55.87 31.61
C HIS F 61 -70.94 55.85 31.60
N GLN F 62 -71.79 54.84 31.84
CA GLN F 62 -71.95 54.23 33.17
C GLN F 62 -70.63 53.65 33.67
N ALA F 63 -69.94 52.94 32.79
CA ALA F 63 -68.64 52.34 33.12
C ALA F 63 -67.57 53.37 33.43
N LEU F 64 -67.49 54.41 32.60
CA LEU F 64 -66.51 55.47 32.82
C LEU F 64 -66.77 56.28 34.07
N GLU F 65 -68.03 56.31 34.53
CA GLU F 65 -68.46 57.03 35.75
C GLU F 65 -68.51 56.16 37.02
N GLY F 66 -68.33 54.85 36.85
CA GLY F 66 -68.30 53.91 37.99
C GLY F 66 -67.40 54.39 39.13
N LYS F 67 -67.86 54.15 40.35
CA LYS F 67 -67.21 54.64 41.56
C LYS F 67 -65.86 53.97 41.77
N ASP F 68 -65.72 52.73 41.33
CA ASP F 68 -64.49 51.95 41.59
C ASP F 68 -63.43 52.08 40.51
N GLY F 69 -63.70 52.93 39.52
CA GLY F 69 -62.79 53.13 38.39
C GLY F 69 -62.81 51.96 37.44
N TYR F 70 -61.91 52.00 36.46
CA TYR F 70 -61.90 51.01 35.40
C TYR F 70 -60.53 50.96 34.77
N TYR F 71 -60.30 49.89 34.04
CA TYR F 71 -59.11 49.77 33.23
C TYR F 71 -59.50 49.88 31.76
N LEU F 72 -58.59 50.39 30.94
CA LEU F 72 -58.92 50.59 29.54
C LEU F 72 -58.11 49.65 28.66
N VAL F 73 -58.82 48.88 27.83
CA VAL F 73 -58.17 48.14 26.77
C VAL F 73 -58.49 48.87 25.47
N VAL F 74 -57.48 49.11 24.65
CA VAL F 74 -57.68 49.75 23.35
C VAL F 74 -57.19 48.86 22.20
N GLU F 75 -58.08 48.66 21.24
CA GLU F 75 -57.78 47.87 20.06
C GLU F 75 -57.89 48.82 18.88
N GLY F 76 -56.82 48.89 18.07
CA GLY F 76 -56.77 49.69 16.86
C GLY F 76 -56.03 51.00 17.04
N GLY F 77 -55.58 51.56 15.92
CA GLY F 77 -54.91 52.86 15.90
C GLY F 77 -55.93 53.99 15.89
N LEU F 78 -55.42 55.21 15.91
CA LEU F 78 -56.30 56.39 15.91
C LEU F 78 -56.15 57.20 14.60
N PRO F 79 -57.23 57.25 13.79
CA PRO F 79 -57.15 58.08 12.57
C PRO F 79 -57.28 59.55 12.92
N THR F 80 -56.27 60.35 12.63
CA THR F 80 -56.30 61.76 13.06
C THR F 80 -56.62 62.80 11.96
N ILE F 81 -56.60 62.41 10.69
CA ILE F 81 -56.90 63.42 9.63
C ILE F 81 -58.33 64.00 9.81
N ASP F 82 -58.55 65.22 9.36
CA ASP F 82 -59.89 65.83 9.36
C ASP F 82 -60.49 65.88 10.75
N GLY F 83 -59.65 66.23 11.73
CA GLY F 83 -60.10 66.32 13.12
C GLY F 83 -60.65 65.02 13.66
N GLY F 84 -60.12 63.92 13.15
CA GLY F 84 -60.48 62.57 13.62
C GLY F 84 -61.75 61.97 13.01
N GLN F 85 -62.35 62.67 12.05
CA GLN F 85 -63.64 62.28 11.50
C GLN F 85 -63.68 61.04 10.60
N TRP F 86 -62.52 60.51 10.19
CA TRP F 86 -62.53 59.31 9.35
C TRP F 86 -62.71 58.04 10.17
N GLY F 87 -62.79 58.19 11.50
CA GLY F 87 -63.08 57.05 12.40
C GLY F 87 -63.98 57.55 13.52
N MET F 88 -65.25 57.16 13.49
CA MET F 88 -66.25 57.68 14.44
C MET F 88 -67.14 56.59 15.02
N VAL F 89 -67.55 56.76 16.28
CA VAL F 89 -68.52 55.88 16.90
C VAL F 89 -69.54 56.80 17.56
N ALA F 90 -70.83 56.52 17.36
CA ALA F 90 -71.91 57.31 17.95
C ALA F 90 -71.77 58.80 17.65
N GLY F 91 -71.26 59.11 16.47
CA GLY F 91 -71.09 60.49 16.03
C GLY F 91 -69.91 61.23 16.64
N HIS F 92 -68.99 60.51 17.29
CA HIS F 92 -67.84 61.15 17.93
C HIS F 92 -66.55 60.58 17.32
N PRO F 93 -65.57 61.46 17.03
CA PRO F 93 -64.29 60.92 16.57
C PRO F 93 -63.68 59.93 17.59
N MET F 94 -63.10 58.85 17.06
CA MET F 94 -62.45 57.84 17.90
C MET F 94 -61.38 58.45 18.82
N ILE F 95 -60.61 59.38 18.28
CA ILE F 95 -59.59 60.03 19.12
C ILE F 95 -60.18 60.79 20.34
N GLU F 96 -61.34 61.41 20.16
CA GLU F 96 -61.99 62.13 21.26
C GLU F 96 -62.48 61.15 22.35
N THR F 97 -63.13 60.07 21.94
CA THR F 97 -63.61 59.10 22.90
C THR F 97 -62.47 58.40 23.62
N THR F 98 -61.43 58.03 22.85
CA THR F 98 -60.27 57.40 23.48
C THR F 98 -59.53 58.34 24.44
N LYS F 99 -59.40 59.61 24.07
CA LYS F 99 -58.84 60.61 25.01
C LYS F 99 -59.67 60.68 26.30
N LYS F 100 -60.99 60.74 26.16
CA LYS F 100 -61.88 60.86 27.31
C LYS F 100 -61.76 59.63 28.25
N ALA F 101 -61.74 58.42 27.67
CA ALA F 101 -61.64 57.19 28.44
C ALA F 101 -60.25 57.03 29.07
N ALA F 102 -59.21 57.49 28.39
CA ALA F 102 -57.83 57.32 28.85
C ALA F 102 -57.59 58.19 30.07
N ALA F 103 -58.31 59.32 30.12
CA ALA F 103 -58.12 60.35 31.15
C ALA F 103 -58.15 59.82 32.59
N LYS F 104 -59.14 59.00 32.88
CA LYS F 104 -59.39 58.53 34.22
C LYS F 104 -59.14 57.02 34.41
N ALA F 105 -58.60 56.36 33.37
CA ALA F 105 -58.28 54.92 33.44
C ALA F 105 -57.23 54.62 34.51
N LYS F 106 -57.42 53.53 35.25
CA LYS F 106 -56.40 53.05 36.19
C LYS F 106 -55.15 52.56 35.44
N GLY F 107 -55.32 52.15 34.20
CA GLY F 107 -54.23 51.63 33.41
C GLY F 107 -54.76 51.47 32.00
N ILE F 108 -53.85 51.50 31.03
CA ILE F 108 -54.22 51.37 29.63
C ILE F 108 -53.43 50.24 29.01
N ILE F 109 -54.16 49.25 28.49
CA ILE F 109 -53.54 48.14 27.80
C ILE F 109 -53.88 48.30 26.33
N CYS F 110 -52.83 48.36 25.52
CA CYS F 110 -53.00 48.36 24.07
C CYS F 110 -52.88 46.95 23.51
N ILE F 111 -54.03 46.36 23.14
CA ILE F 111 -54.03 45.04 22.52
C ILE F 111 -53.77 45.18 21.02
N GLY F 112 -52.61 44.67 20.62
CA GLY F 112 -52.25 44.58 19.22
C GLY F 112 -51.25 45.64 18.78
N THR F 113 -50.59 45.37 17.67
CA THR F 113 -49.65 46.31 17.09
C THR F 113 -50.31 47.62 16.68
N CYS F 114 -51.59 47.59 16.30
CA CYS F 114 -52.27 48.82 15.86
C CYS F 114 -52.42 49.86 16.98
N SER F 115 -52.96 49.44 18.13
CA SER F 115 -53.11 50.38 19.23
C SER F 115 -51.76 50.71 19.81
N ALA F 116 -50.87 49.72 19.85
CA ALA F 116 -49.56 49.98 20.43
C ALA F 116 -48.78 50.98 19.61
N TYR F 117 -48.74 50.79 18.29
CA TYR F 117 -47.74 51.49 17.48
C TYR F 117 -48.30 52.15 16.21
N GLY F 118 -49.58 51.94 15.95
CA GLY F 118 -50.20 52.51 14.74
C GLY F 118 -50.70 51.45 13.77
N GLY F 119 -49.90 50.43 13.51
CA GLY F 119 -50.41 49.25 12.81
C GLY F 119 -50.62 49.41 11.32
N VAL F 120 -51.48 48.59 10.73
CA VAL F 120 -51.57 48.48 9.28
C VAL F 120 -52.01 49.81 8.58
N GLN F 121 -53.00 50.51 9.16
CA GLN F 121 -53.43 51.78 8.60
C GLN F 121 -52.38 52.89 8.66
N LYS F 122 -51.36 52.73 9.50
CA LYS F 122 -50.28 53.71 9.56
C LYS F 122 -49.19 53.46 8.50
N ALA F 123 -49.18 52.28 7.90
CA ALA F 123 -48.22 51.95 6.85
C ALA F 123 -48.27 53.01 5.76
N LYS F 124 -47.13 53.30 5.14
CA LYS F 124 -47.05 54.32 4.10
C LYS F 124 -48.09 54.10 2.99
N PRO F 125 -48.77 55.16 2.53
CA PRO F 125 -48.48 56.57 2.87
C PRO F 125 -49.46 57.12 3.95
N ASN F 126 -50.08 56.21 4.69
CA ASN F 126 -50.89 56.55 5.88
C ASN F 126 -51.96 57.60 5.56
N PRO F 127 -52.89 57.25 4.66
CA PRO F 127 -53.91 58.21 4.24
C PRO F 127 -54.77 58.80 5.39
N SER F 128 -55.08 58.02 6.43
CA SER F 128 -55.95 58.53 7.52
C SER F 128 -55.16 59.25 8.62
N GLN F 129 -53.84 59.35 8.44
CA GLN F 129 -52.95 59.90 9.46
C GLN F 129 -53.15 59.19 10.79
N ALA F 130 -53.07 57.86 10.72
CA ALA F 130 -53.26 57.02 11.86
C ALA F 130 -52.05 57.04 12.80
N LYS F 131 -52.35 57.02 14.10
CA LYS F 131 -51.30 57.05 15.15
C LYS F 131 -51.52 55.94 16.17
N GLY F 132 -50.44 55.44 16.78
CA GLY F 132 -50.58 54.62 18.00
C GLY F 132 -51.23 55.41 19.14
N VAL F 133 -51.79 54.71 20.14
CA VAL F 133 -52.46 55.37 21.26
C VAL F 133 -51.53 56.33 22.04
N SER F 134 -50.33 55.85 22.43
CA SER F 134 -49.42 56.68 23.23
C SER F 134 -49.00 57.94 22.49
N GLU F 135 -48.78 57.80 21.20
CA GLU F 135 -48.38 58.96 20.44
C GLU F 135 -49.51 59.98 20.36
N ALA F 136 -50.69 59.51 19.96
CA ALA F 136 -51.88 60.36 19.90
C ALA F 136 -52.25 61.00 21.22
N LEU F 137 -52.12 60.27 22.33
CA LEU F 137 -52.65 60.74 23.59
C LEU F 137 -51.61 61.32 24.57
N GLY F 138 -50.34 61.01 24.35
CA GLY F 138 -49.31 61.50 25.26
C GLY F 138 -49.35 60.83 26.61
N VAL F 139 -49.72 59.56 26.61
CA VAL F 139 -49.81 58.79 27.88
C VAL F 139 -49.14 57.42 27.76
N LYS F 140 -48.63 56.90 28.88
CA LYS F 140 -47.95 55.61 28.84
C LYS F 140 -48.95 54.48 28.68
N THR F 141 -48.63 53.51 27.84
CA THR F 141 -49.52 52.37 27.62
C THR F 141 -48.75 51.09 27.88
N ILE F 142 -49.46 50.06 28.31
CA ILE F 142 -48.88 48.72 28.35
C ILE F 142 -49.20 48.05 27.01
N ASN F 143 -48.15 47.75 26.27
CA ASN F 143 -48.29 47.30 24.89
C ASN F 143 -48.21 45.81 24.76
N ILE F 144 -49.24 45.22 24.16
CA ILE F 144 -49.31 43.76 23.89
C ILE F 144 -49.39 43.53 22.36
N PRO F 145 -48.27 43.72 21.66
CA PRO F 145 -48.34 43.76 20.21
C PRO F 145 -48.22 42.38 19.57
N GLY F 146 -48.18 42.36 18.23
CA GLY F 146 -48.49 41.16 17.52
C GLY F 146 -49.71 41.52 16.70
N CYS F 147 -49.90 40.79 15.61
CA CYS F 147 -50.95 41.11 14.67
C CYS F 147 -51.75 39.82 14.29
N PRO F 148 -52.49 39.23 15.24
CA PRO F 148 -52.71 39.74 16.60
C PRO F 148 -51.75 39.12 17.61
N PRO F 149 -51.70 39.69 18.85
CA PRO F 149 -50.99 39.01 19.93
C PRO F 149 -51.59 37.67 20.27
N ASN F 150 -50.76 36.78 20.78
CA ASN F 150 -51.25 35.55 21.43
C ASN F 150 -52.17 35.87 22.61
N PRO F 151 -53.34 35.17 22.74
CA PRO F 151 -54.19 35.38 23.93
C PRO F 151 -53.43 35.18 25.25
N ILE F 152 -52.43 34.29 25.25
CA ILE F 152 -51.63 34.06 26.44
C ILE F 152 -51.02 35.39 26.95
N ASN F 153 -50.56 36.21 26.01
CA ASN F 153 -49.83 37.46 26.30
C ASN F 153 -50.83 38.53 26.76
N PHE F 154 -52.01 38.55 26.13
CA PHE F 154 -53.00 39.57 26.45
C PHE F 154 -53.71 39.25 27.76
N VAL F 155 -54.26 38.05 27.86
CA VAL F 155 -54.89 37.65 29.14
C VAL F 155 -53.90 37.64 30.30
N GLY F 156 -52.67 37.14 30.06
CA GLY F 156 -51.63 37.19 31.08
C GLY F 156 -51.37 38.62 31.56
N ALA F 157 -51.27 39.58 30.63
CA ALA F 157 -51.02 40.96 30.98
C ALA F 157 -52.17 41.55 31.78
N VAL F 158 -53.40 41.33 31.31
CA VAL F 158 -54.61 41.80 32.00
C VAL F 158 -54.65 41.32 33.45
N VAL F 159 -54.55 40.00 33.61
CA VAL F 159 -54.51 39.43 34.94
C VAL F 159 -53.39 40.06 35.80
N HIS F 160 -52.16 40.12 35.27
CA HIS F 160 -51.04 40.73 36.00
C HIS F 160 -51.35 42.16 36.43
N VAL F 161 -51.91 42.95 35.54
CA VAL F 161 -52.19 44.36 35.88
C VAL F 161 -53.25 44.50 36.96
N LEU F 162 -54.30 43.68 36.87
CA LEU F 162 -55.39 43.79 37.82
C LEU F 162 -54.95 43.34 39.22
N THR F 163 -53.96 42.43 39.27
CA THR F 163 -53.58 41.75 40.51
C THR F 163 -52.26 42.16 41.17
N LYS F 164 -51.18 42.20 40.38
CA LYS F 164 -49.84 42.46 40.89
C LYS F 164 -49.38 43.88 40.56
N GLY F 165 -49.96 44.48 39.52
CA GLY F 165 -49.60 45.81 39.09
C GLY F 165 -48.96 45.71 37.72
N ILE F 166 -48.35 46.81 37.30
CA ILE F 166 -47.72 46.91 35.98
C ILE F 166 -46.51 45.99 35.83
N PRO F 167 -46.54 45.05 34.87
CA PRO F 167 -45.35 44.17 34.73
C PRO F 167 -44.12 44.93 34.23
N ASP F 168 -42.94 44.36 34.44
CA ASP F 168 -41.72 44.95 33.87
C ASP F 168 -41.79 45.05 32.34
N LEU F 169 -41.61 46.27 31.84
CA LEU F 169 -41.68 46.54 30.39
C LEU F 169 -40.32 46.76 29.70
N ASP F 170 -40.24 46.36 28.43
CA ASP F 170 -39.12 46.76 27.58
C ASP F 170 -39.23 48.21 27.05
N GLU F 171 -38.20 48.62 26.31
CA GLU F 171 -38.12 49.97 25.71
C GLU F 171 -39.34 50.33 24.79
N ASN F 172 -40.09 49.33 24.33
CA ASN F 172 -41.26 49.55 23.48
C ASN F 172 -42.58 49.33 24.23
N GLY F 173 -42.51 49.34 25.57
CA GLY F 173 -43.71 49.18 26.42
C GLY F 173 -44.26 47.77 26.50
N ARG F 174 -43.49 46.76 26.07
CA ARG F 174 -43.97 45.36 26.02
C ARG F 174 -43.56 44.58 27.29
N PRO F 175 -44.46 43.76 27.87
CA PRO F 175 -44.03 42.97 29.04
C PRO F 175 -42.89 41.99 28.75
N LYS F 176 -41.80 42.08 29.50
CA LYS F 176 -40.67 41.17 29.26
C LYS F 176 -41.08 39.72 29.54
N LEU F 177 -42.14 39.53 30.33
CA LEU F 177 -42.72 38.21 30.60
C LEU F 177 -43.04 37.43 29.32
N PHE F 178 -43.49 38.15 28.29
CA PHE F 178 -43.83 37.51 27.01
C PHE F 178 -42.93 37.90 25.86
N TYR F 179 -42.35 39.10 25.93
CA TYR F 179 -41.64 39.68 24.77
C TYR F 179 -40.13 39.84 25.00
N GLY F 180 -39.64 39.25 26.07
CA GLY F 180 -38.22 39.41 26.44
C GLY F 180 -37.22 38.66 25.56
N GLU F 181 -37.68 37.70 24.76
CA GLU F 181 -36.77 36.86 23.96
C GLU F 181 -37.15 36.95 22.48
N LEU F 182 -36.14 36.88 21.62
CA LEU F 182 -36.33 36.83 20.16
C LEU F 182 -37.07 35.57 19.80
N VAL F 183 -38.00 35.67 18.83
CA VAL F 183 -38.59 34.48 18.19
C VAL F 183 -37.48 33.51 17.81
N HIS F 184 -36.47 34.03 17.14
CA HIS F 184 -35.36 33.19 16.62
C HIS F 184 -34.68 32.32 17.66
N ASP F 185 -34.49 32.88 18.86
CA ASP F 185 -33.72 32.23 19.90
C ASP F 185 -34.40 30.96 20.41
N ASN F 186 -35.71 30.82 20.18
CA ASN F 186 -36.48 29.65 20.58
C ASN F 186 -36.99 28.83 19.41
N CYS F 187 -36.51 29.12 18.21
CA CYS F 187 -37.01 28.43 17.02
C CYS F 187 -36.41 27.04 16.85
N PRO F 188 -37.25 26.02 16.63
CA PRO F 188 -36.67 24.67 16.40
C PRO F 188 -35.79 24.56 15.14
N ARG F 189 -35.84 25.53 14.22
CA ARG F 189 -34.95 25.49 13.04
C ARG F 189 -33.60 26.17 13.28
N LEU F 190 -33.40 26.67 14.49
CA LEU F 190 -32.14 27.29 14.88
C LEU F 190 -30.86 26.45 14.55
N PRO F 191 -30.89 25.12 14.76
CA PRO F 191 -29.69 24.37 14.31
C PRO F 191 -29.43 24.45 12.80
N HIS F 192 -30.48 24.56 11.97
CA HIS F 192 -30.30 24.80 10.53
C HIS F 192 -29.68 26.19 10.28
N PHE F 193 -30.20 27.23 10.92
CA PHE F 193 -29.59 28.58 10.81
C PHE F 193 -28.10 28.54 11.18
N GLU F 194 -27.80 27.93 12.32
CA GLU F 194 -26.41 27.81 12.76
C GLU F 194 -25.51 27.11 11.74
N ALA F 195 -26.07 26.13 11.03
CA ALA F 195 -25.31 25.34 10.05
C ALA F 195 -25.40 25.91 8.62
N SER F 196 -25.97 27.10 8.46
CA SER F 196 -26.20 27.71 7.12
C SER F 196 -26.95 26.77 6.17
N GLU F 197 -28.02 26.16 6.70
CA GLU F 197 -28.89 25.28 5.94
C GLU F 197 -30.19 26.05 5.70
N PHE F 198 -30.21 26.78 4.59
CA PHE F 198 -31.34 27.68 4.29
C PHE F 198 -32.13 27.16 3.10
N ALA F 199 -33.46 27.27 3.16
CA ALA F 199 -34.29 27.00 1.97
C ALA F 199 -34.16 28.16 0.97
N PRO F 200 -33.88 27.85 -0.32
CA PRO F 200 -33.82 28.93 -1.32
C PRO F 200 -35.16 29.32 -1.98
N SER F 201 -36.16 28.46 -1.84
CA SER F 201 -37.51 28.71 -2.32
C SER F 201 -38.46 27.79 -1.54
N PHE F 202 -39.74 28.12 -1.59
CA PHE F 202 -40.75 27.26 -0.98
C PHE F 202 -40.94 25.86 -1.63
N ASP F 203 -40.60 25.72 -2.91
CA ASP F 203 -40.77 24.44 -3.60
C ASP F 203 -39.54 23.52 -3.45
N SER F 204 -38.46 24.04 -2.88
CA SER F 204 -37.15 23.35 -2.83
C SER F 204 -37.14 22.11 -1.92
N GLU F 205 -36.21 21.17 -2.18
CA GLU F 205 -36.05 20.04 -1.27
C GLU F 205 -35.68 20.52 0.15
N GLU F 206 -34.93 21.63 0.23
CA GLU F 206 -34.57 22.23 1.51
C GLU F 206 -35.80 22.67 2.33
N ALA F 207 -36.76 23.32 1.68
CA ALA F 207 -38.03 23.66 2.32
C ALA F 207 -38.75 22.39 2.82
N LYS F 208 -38.80 21.34 1.99
CA LYS F 208 -39.48 20.10 2.43
C LYS F 208 -38.81 19.48 3.65
N LYS F 209 -37.48 19.61 3.72
CA LYS F 209 -36.73 19.15 4.90
C LYS F 209 -36.81 20.04 6.15
N GLY F 210 -37.57 21.14 6.09
CA GLY F 210 -37.68 22.06 7.23
C GLY F 210 -36.44 22.90 7.52
N PHE F 211 -35.65 23.21 6.49
CA PHE F 211 -34.49 24.10 6.64
C PHE F 211 -34.91 25.52 7.10
N CYS F 212 -33.94 26.32 7.49
CA CYS F 212 -34.22 27.65 8.03
C CYS F 212 -34.76 28.56 6.91
N LEU F 213 -35.66 29.48 7.27
CA LEU F 213 -36.35 30.34 6.32
C LEU F 213 -35.74 31.75 6.21
N TYR F 214 -34.52 31.94 6.74
CA TYR F 214 -33.86 33.26 6.73
C TYR F 214 -33.68 33.88 5.32
N GLU F 215 -33.29 33.04 4.36
CA GLU F 215 -33.08 33.48 2.99
C GLU F 215 -34.40 33.79 2.29
N LEU F 216 -35.48 33.31 2.88
CA LEU F 216 -36.84 33.59 2.42
C LEU F 216 -37.47 34.72 3.23
N GLY F 217 -36.65 35.50 3.92
CA GLY F 217 -37.17 36.73 4.58
C GLY F 217 -37.56 36.65 6.05
N CYS F 218 -37.34 35.49 6.70
CA CYS F 218 -37.77 35.34 8.11
C CYS F 218 -37.20 36.45 9.01
N LYS F 219 -38.09 37.13 9.73
CA LYS F 219 -37.65 38.21 10.62
C LYS F 219 -37.52 37.75 12.06
N GLY F 220 -37.54 36.43 12.30
CA GLY F 220 -37.33 35.91 13.65
C GLY F 220 -36.14 36.53 14.38
N PRO F 221 -34.99 36.69 13.68
CA PRO F 221 -33.80 37.21 14.35
C PRO F 221 -33.89 38.67 14.88
N VAL F 222 -34.93 39.41 14.51
CA VAL F 222 -35.09 40.80 14.92
C VAL F 222 -36.45 41.05 15.58
N THR F 223 -37.15 39.96 15.92
CA THR F 223 -38.55 40.06 16.43
C THR F 223 -38.66 39.48 17.82
N TYR F 224 -39.13 40.31 18.75
CA TYR F 224 -39.34 39.85 20.11
C TYR F 224 -40.76 39.34 20.27
N ASN F 225 -40.90 38.05 20.53
CA ASN F 225 -42.24 37.43 20.75
C ASN F 225 -42.00 35.99 21.23
N ASN F 226 -43.05 35.32 21.69
CA ASN F 226 -42.88 34.03 22.36
C ASN F 226 -43.48 32.91 21.53
N CYS F 227 -43.72 33.19 20.25
CA CYS F 227 -44.46 32.28 19.38
C CYS F 227 -43.99 30.81 19.38
N PRO F 228 -42.67 30.54 19.24
CA PRO F 228 -42.36 29.13 19.16
C PRO F 228 -42.46 28.44 20.52
N LYS F 229 -42.35 29.23 21.59
CA LYS F 229 -42.39 28.69 22.94
C LYS F 229 -43.80 28.26 23.34
N VAL F 230 -44.78 29.12 23.08
CA VAL F 230 -46.18 28.87 23.53
C VAL F 230 -47.10 28.34 22.43
N LEU F 231 -46.72 28.56 21.18
CA LEU F 231 -47.56 28.25 19.98
C LEU F 231 -48.87 29.07 19.96
N PHE F 232 -49.58 28.96 18.86
CA PHE F 232 -50.94 29.50 18.75
C PHE F 232 -51.95 28.36 18.71
N ASN F 233 -53.15 28.59 19.26
CA ASN F 233 -54.24 27.60 19.22
C ASN F 233 -53.83 26.19 19.71
N GLN F 234 -52.80 26.16 20.56
CA GLN F 234 -52.24 24.94 21.17
C GLN F 234 -51.60 23.97 20.18
N VAL F 235 -51.41 24.40 18.93
CA VAL F 235 -51.02 23.49 17.86
C VAL F 235 -49.89 23.91 16.89
N ASN F 236 -49.64 25.21 16.70
CA ASN F 236 -48.78 25.60 15.57
C ASN F 236 -48.21 26.99 15.68
N TRP F 237 -47.23 27.30 14.83
CA TRP F 237 -46.88 28.71 14.61
C TRP F 237 -46.32 28.85 13.17
N PRO F 238 -46.12 30.10 12.68
CA PRO F 238 -45.85 30.29 11.25
C PRO F 238 -44.64 29.50 10.72
N VAL F 239 -43.56 29.47 11.46
CA VAL F 239 -42.36 28.75 10.97
C VAL F 239 -42.56 27.25 10.94
N GLN F 240 -43.29 26.72 11.92
CA GLN F 240 -43.64 25.29 11.93
C GLN F 240 -44.48 24.95 10.68
N ALA F 241 -45.28 25.94 10.24
CA ALA F 241 -46.12 25.85 9.03
C ALA F 241 -45.36 26.23 7.75
N GLY F 242 -44.03 26.30 7.88
CA GLY F 242 -43.12 26.47 6.76
C GLY F 242 -42.99 27.90 6.25
N HIS F 243 -43.50 28.88 7.02
CA HIS F 243 -43.56 30.27 6.52
C HIS F 243 -42.71 31.23 7.39
N PRO F 244 -41.96 32.18 6.75
CA PRO F 244 -41.15 33.13 7.53
C PRO F 244 -41.98 33.98 8.46
N CYS F 245 -41.39 34.36 9.60
CA CYS F 245 -41.94 35.38 10.46
C CYS F 245 -41.92 36.73 9.72
N LEU F 246 -43.00 37.48 9.89
CA LEU F 246 -43.16 38.81 9.32
C LEU F 246 -42.63 39.93 10.24
N GLY F 247 -42.33 39.59 11.50
CA GLY F 247 -41.92 40.60 12.51
C GLY F 247 -43.11 41.37 13.10
N CYS F 248 -44.26 40.70 13.19
CA CYS F 248 -45.54 41.42 13.39
C CYS F 248 -45.74 42.04 14.79
N SER F 249 -44.88 41.70 15.75
CA SER F 249 -44.87 42.34 17.07
C SER F 249 -43.96 43.58 17.19
N GLU F 250 -43.31 43.95 16.09
CA GLU F 250 -42.39 45.07 16.12
C GLU F 250 -43.07 46.36 15.66
N PRO F 251 -42.72 47.49 16.29
CA PRO F 251 -43.30 48.76 15.83
C PRO F 251 -43.07 49.01 14.32
N ASP F 252 -44.14 49.40 13.64
CA ASP F 252 -44.07 49.87 12.26
C ASP F 252 -43.55 48.75 11.33
N PHE F 253 -43.81 47.48 11.67
CA PHE F 253 -43.21 46.35 10.93
C PHE F 253 -43.63 46.37 9.45
N TRP F 254 -44.83 46.92 9.19
CA TRP F 254 -45.33 47.02 7.81
C TRP F 254 -44.35 47.75 6.87
N ASP F 255 -43.61 48.71 7.42
CA ASP F 255 -42.60 49.43 6.66
C ASP F 255 -41.16 49.04 6.96
N THR F 256 -40.87 48.50 8.13
CA THR F 256 -39.48 48.15 8.44
C THR F 256 -39.13 46.70 8.07
N MET F 257 -40.14 45.84 7.96
CA MET F 257 -39.90 44.40 7.71
C MET F 257 -40.25 43.96 6.30
N THR F 258 -40.75 44.90 5.50
CA THR F 258 -41.03 44.65 4.07
C THR F 258 -39.80 45.02 3.23
N PRO F 259 -39.53 44.32 2.12
CA PRO F 259 -40.32 43.20 1.59
C PRO F 259 -40.25 41.99 2.50
N PHE F 260 -41.39 41.35 2.70
CA PHE F 260 -41.47 40.24 3.64
C PHE F 260 -40.65 38.99 3.26
N TYR F 261 -40.48 38.72 1.95
CA TYR F 261 -39.79 37.51 1.49
C TYR F 261 -38.30 37.70 1.22
N GLU F 262 -37.75 38.81 1.75
CA GLU F 262 -36.29 39.14 1.56
C GLU F 262 -35.73 39.79 2.82
N GLN F 263 -34.40 39.94 2.88
CA GLN F 263 -33.76 40.62 4.01
C GLN F 263 -33.21 42.03 3.67
N GLY F 264 -33.37 42.45 2.42
CA GLY F 264 -32.84 43.74 1.98
C GLY F 264 -33.71 44.90 2.40
N PRO G 20 41.65 -17.18 -0.18
CA PRO G 20 40.61 -16.47 -0.92
C PRO G 20 39.33 -17.32 -1.05
N THR G 21 38.20 -16.68 -1.33
CA THR G 21 36.92 -17.40 -1.48
C THR G 21 36.94 -18.35 -2.66
N PRO G 22 36.65 -19.66 -2.43
CA PRO G 22 36.73 -20.61 -3.53
C PRO G 22 35.77 -20.24 -4.66
N GLN G 23 36.22 -20.44 -5.89
CA GLN G 23 35.50 -19.99 -7.04
C GLN G 23 36.00 -20.77 -8.24
N SER G 24 35.06 -21.38 -8.95
CA SER G 24 35.39 -22.16 -10.16
C SER G 24 35.62 -21.22 -11.33
N THR G 25 35.88 -21.81 -12.51
CA THR G 25 35.93 -21.05 -13.74
C THR G 25 34.66 -21.24 -14.59
N PHE G 26 33.62 -21.85 -14.02
CA PHE G 26 32.38 -22.19 -14.74
C PHE G 26 31.67 -20.99 -15.41
N THR G 27 31.36 -21.16 -16.69
CA THR G 27 30.51 -20.22 -17.44
C THR G 27 29.32 -20.99 -18.00
N GLY G 28 28.13 -20.49 -17.71
CA GLY G 28 26.92 -21.12 -18.17
C GLY G 28 25.76 -20.87 -17.22
N PRO G 29 24.60 -21.45 -17.56
CA PRO G 29 23.43 -21.29 -16.71
C PRO G 29 23.41 -22.31 -15.56
N ILE G 30 22.81 -21.91 -14.44
CA ILE G 30 22.48 -22.83 -13.34
C ILE G 30 21.04 -22.58 -12.95
N VAL G 31 20.25 -23.64 -12.85
CA VAL G 31 18.88 -23.55 -12.31
C VAL G 31 18.82 -24.36 -11.03
N VAL G 32 18.21 -23.79 -9.97
CA VAL G 32 17.98 -24.53 -8.72
C VAL G 32 16.48 -24.50 -8.47
N ASP G 33 15.87 -25.67 -8.64
CA ASP G 33 14.42 -25.84 -8.51
C ASP G 33 14.17 -27.33 -8.14
N PRO G 34 13.73 -27.63 -6.92
CA PRO G 34 13.24 -26.65 -5.91
C PRO G 34 14.34 -25.99 -5.07
N ILE G 35 14.15 -24.75 -4.68
CA ILE G 35 14.91 -24.22 -3.54
C ILE G 35 14.30 -24.86 -2.30
N THR G 36 15.04 -25.73 -1.61
CA THR G 36 14.56 -26.39 -0.42
C THR G 36 14.88 -25.51 0.80
N ARG G 37 14.35 -25.88 1.96
CA ARG G 37 14.66 -25.14 3.19
C ARG G 37 14.24 -23.66 3.08
N ILE G 38 13.12 -23.47 2.36
CA ILE G 38 12.31 -22.25 2.45
C ILE G 38 10.87 -22.66 2.64
N GLU G 39 9.99 -21.69 2.90
CA GLU G 39 8.57 -21.94 2.74
C GLU G 39 8.19 -21.71 1.26
N GLY G 40 7.51 -22.68 0.67
CA GLY G 40 6.90 -22.49 -0.67
C GLY G 40 7.79 -22.82 -1.86
N HIS G 41 7.32 -22.44 -3.04
CA HIS G 41 7.89 -23.04 -4.27
C HIS G 41 8.63 -22.04 -5.13
N LEU G 42 9.97 -22.15 -5.13
CA LEU G 42 10.82 -21.15 -5.78
C LEU G 42 11.80 -21.83 -6.71
N ARG G 43 11.96 -21.25 -7.89
CA ARG G 43 12.97 -21.62 -8.88
C ARG G 43 13.90 -20.42 -9.01
N ILE G 44 15.21 -20.65 -8.87
CA ILE G 44 16.19 -19.59 -9.12
C ILE G 44 16.96 -19.94 -10.39
N MET G 45 17.08 -18.98 -11.31
CA MET G 45 17.89 -19.17 -12.52
C MET G 45 18.99 -18.12 -12.47
N VAL G 46 20.21 -18.55 -12.73
CA VAL G 46 21.30 -17.61 -12.80
C VAL G 46 22.12 -17.86 -14.06
N GLU G 47 22.79 -16.79 -14.52
CA GLU G 47 23.85 -16.91 -15.51
C GLU G 47 25.16 -16.69 -14.79
N VAL G 48 26.11 -17.59 -15.02
CA VAL G 48 27.41 -17.56 -14.35
C VAL G 48 28.50 -17.37 -15.42
N GLU G 49 29.47 -16.51 -15.09
CA GLU G 49 30.60 -16.28 -15.97
C GLU G 49 31.90 -16.31 -15.15
N ASN G 50 32.86 -17.12 -15.59
CA ASN G 50 34.11 -17.27 -14.82
C ASN G 50 33.92 -17.53 -13.32
N GLY G 51 32.94 -18.36 -12.96
CA GLY G 51 32.70 -18.70 -11.56
C GLY G 51 31.86 -17.72 -10.72
N LYS G 52 31.40 -16.62 -11.31
CA LYS G 52 30.56 -15.65 -10.60
C LYS G 52 29.23 -15.42 -11.28
N VAL G 53 28.16 -15.32 -10.49
CA VAL G 53 26.85 -14.99 -11.05
C VAL G 53 26.87 -13.60 -11.69
N LYS G 54 26.44 -13.53 -12.95
CA LYS G 54 26.40 -12.24 -13.64
C LYS G 54 24.95 -11.75 -13.86
N ASP G 55 23.97 -12.67 -13.80
CA ASP G 55 22.54 -12.26 -13.89
C ASP G 55 21.65 -13.25 -13.18
N ALA G 56 20.44 -12.84 -12.78
CA ALA G 56 19.63 -13.69 -11.91
C ALA G 56 18.14 -13.43 -12.08
N TRP G 57 17.36 -14.46 -11.83
CA TRP G 57 15.89 -14.39 -11.88
C TRP G 57 15.32 -15.18 -10.72
N SER G 58 14.33 -14.59 -10.05
CA SER G 58 13.65 -15.22 -8.95
C SER G 58 12.24 -15.54 -9.41
N SER G 59 12.01 -16.84 -9.61
CA SER G 59 10.80 -17.33 -10.24
C SER G 59 9.90 -18.10 -9.26
N SER G 60 8.84 -17.46 -8.76
CA SER G 60 7.90 -18.11 -7.84
C SER G 60 6.94 -19.02 -8.61
N GLN G 61 6.71 -20.26 -8.13
CA GLN G 61 6.19 -21.37 -8.98
C GLN G 61 4.77 -21.84 -8.64
N LEU G 62 4.10 -21.15 -7.72
CA LEU G 62 2.73 -21.53 -7.35
C LEU G 62 1.89 -20.28 -7.19
N PHE G 63 0.65 -20.36 -7.66
CA PHE G 63 -0.36 -19.32 -7.40
C PHE G 63 -1.55 -19.95 -6.72
N ARG G 64 -2.06 -19.27 -5.69
CA ARG G 64 -3.34 -19.72 -5.10
C ARG G 64 -4.48 -18.73 -5.29
N GLY G 65 -4.21 -17.45 -5.04
CA GLY G 65 -5.21 -16.39 -5.31
C GLY G 65 -6.19 -16.00 -4.23
N LEU G 66 -5.67 -15.84 -3.01
CA LEU G 66 -6.47 -15.50 -1.88
C LEU G 66 -7.20 -14.17 -2.09
N GLU G 67 -6.57 -13.21 -2.77
CA GLU G 67 -7.25 -11.91 -3.01
C GLU G 67 -8.52 -12.06 -3.87
N ILE G 68 -8.46 -12.97 -4.84
CA ILE G 68 -9.61 -13.29 -5.66
C ILE G 68 -10.70 -13.95 -4.81
N ILE G 69 -10.28 -14.93 -4.03
CA ILE G 69 -11.18 -15.70 -3.15
C ILE G 69 -11.96 -14.79 -2.18
N LEU G 70 -11.30 -13.72 -1.71
CA LEU G 70 -11.90 -12.83 -0.71
C LEU G 70 -13.06 -11.96 -1.25
N LYS G 71 -13.16 -11.75 -2.57
CA LYS G 71 -14.10 -10.78 -3.10
C LYS G 71 -15.52 -11.21 -2.75
N GLY G 72 -16.33 -10.29 -2.26
CA GLY G 72 -17.72 -10.61 -1.93
C GLY G 72 -17.95 -11.12 -0.51
N ARG G 73 -16.87 -11.50 0.18
CA ARG G 73 -17.01 -12.09 1.50
C ARG G 73 -17.19 -11.06 2.63
N ASP G 74 -17.52 -11.54 3.82
CA ASP G 74 -17.67 -10.71 5.03
C ASP G 74 -16.29 -10.21 5.47
N PRO G 75 -16.12 -8.88 5.62
CA PRO G 75 -14.80 -8.42 6.05
C PRO G 75 -14.27 -9.05 7.35
N ARG G 76 -15.17 -9.47 8.25
CA ARG G 76 -14.77 -10.21 9.49
C ARG G 76 -14.08 -11.55 9.17
N ASP G 77 -14.37 -12.10 8.00
CA ASP G 77 -13.80 -13.38 7.65
C ASP G 77 -12.38 -13.28 7.12
N ALA G 78 -11.97 -12.08 6.70
CA ALA G 78 -10.70 -11.93 5.97
C ALA G 78 -9.51 -12.53 6.72
N GLN G 79 -9.38 -12.19 8.02
CA GLN G 79 -8.24 -12.68 8.78
C GLN G 79 -8.08 -14.20 8.78
N HIS G 80 -9.19 -14.94 8.76
CA HIS G 80 -9.10 -16.42 8.73
C HIS G 80 -8.63 -16.97 7.38
N PHE G 81 -9.00 -16.32 6.31
CA PHE G 81 -8.51 -16.72 4.98
C PHE G 81 -7.06 -16.25 4.85
N THR G 82 -6.78 -14.97 5.21
CA THR G 82 -5.42 -14.47 4.98
C THR G 82 -4.37 -15.12 5.83
N GLN G 83 -4.76 -15.61 7.01
CA GLN G 83 -3.80 -16.28 7.85
C GLN G 83 -3.21 -17.48 7.10
N ARG G 84 -3.99 -18.10 6.21
CA ARG G 84 -3.52 -19.26 5.42
C ARG G 84 -2.66 -18.87 4.22
N ALA G 85 -2.26 -17.59 4.11
CA ALA G 85 -1.25 -17.23 3.16
C ALA G 85 0.01 -17.99 3.52
N CYS G 86 0.21 -18.22 4.81
CA CYS G 86 1.40 -18.93 5.25
C CYS G 86 1.31 -19.46 6.65
N GLY G 87 1.86 -20.66 6.83
CA GLY G 87 1.89 -21.36 8.11
C GLY G 87 3.20 -21.25 8.86
N CYS G 88 4.25 -20.74 8.20
CA CYS G 88 5.49 -20.47 8.91
C CYS G 88 5.38 -19.15 9.70
N CYS G 89 5.15 -18.03 9.00
CA CYS G 89 4.72 -16.80 9.70
C CYS G 89 3.21 -16.87 9.95
N THR G 90 2.80 -17.92 10.63
CA THR G 90 1.45 -17.96 11.09
C THR G 90 1.25 -16.74 12.01
N TYR G 91 -0.02 -16.42 12.28
CA TYR G 91 -0.46 -15.25 13.00
C TYR G 91 -0.38 -13.94 12.23
N VAL G 92 0.77 -13.63 11.64
CA VAL G 92 1.01 -12.26 11.15
C VAL G 92 -0.05 -11.75 10.17
N HIS G 93 -0.57 -12.61 9.29
CA HIS G 93 -1.60 -12.18 8.39
C HIS G 93 -2.93 -11.96 9.10
N ALA G 94 -3.24 -12.75 10.13
CA ALA G 94 -4.49 -12.52 10.92
C ALA G 94 -4.37 -11.16 11.56
N LEU G 95 -3.14 -10.82 12.02
CA LEU G 95 -2.91 -9.54 12.67
C LEU G 95 -3.07 -8.37 11.70
N ALA G 96 -2.44 -8.52 10.55
CA ALA G 96 -2.49 -7.50 9.49
C ALA G 96 -3.94 -7.29 9.02
N SER G 97 -4.70 -8.38 8.84
CA SER G 97 -6.10 -8.22 8.39
C SER G 97 -6.94 -7.58 9.47
N SER G 98 -6.70 -7.95 10.73
CA SER G 98 -7.44 -7.40 11.87
C SER G 98 -7.14 -5.92 11.99
N ARG G 99 -5.88 -5.54 11.84
CA ARG G 99 -5.51 -4.11 11.86
C ARG G 99 -6.18 -3.37 10.70
N CYS G 100 -6.30 -4.04 9.55
CA CYS G 100 -6.82 -3.45 8.32
C CYS G 100 -8.32 -3.20 8.46
N VAL G 101 -9.03 -4.20 8.96
CA VAL G 101 -10.47 -4.03 9.17
C VAL G 101 -10.74 -3.05 10.31
N ASP G 102 -9.90 -3.05 11.35
CA ASP G 102 -10.04 -2.09 12.44
C ASP G 102 -9.95 -0.67 11.88
N ASP G 103 -8.99 -0.46 10.99
CA ASP G 103 -8.80 0.83 10.36
C ASP G 103 -10.02 1.22 9.51
N ALA G 104 -10.50 0.27 8.69
CA ALA G 104 -11.66 0.50 7.84
C ALA G 104 -12.96 0.81 8.62
N VAL G 105 -13.17 0.18 9.77
CA VAL G 105 -14.38 0.45 10.58
C VAL G 105 -14.15 1.58 11.60
N LYS G 106 -12.89 2.03 11.66
CA LYS G 106 -12.47 3.14 12.51
C LYS G 106 -12.68 2.86 14.00
N VAL G 107 -12.18 1.72 14.45
CA VAL G 107 -12.20 1.36 15.85
C VAL G 107 -10.77 1.38 16.41
N SER G 108 -10.63 1.92 17.61
CA SER G 108 -9.36 1.91 18.33
C SER G 108 -9.42 0.79 19.37
N ILE G 109 -8.54 -0.21 19.23
CA ILE G 109 -8.59 -1.38 20.11
C ILE G 109 -8.14 -0.98 21.54
N PRO G 110 -8.63 -1.72 22.56
CA PRO G 110 -8.22 -1.44 23.94
C PRO G 110 -6.73 -1.71 24.16
N ALA G 111 -6.16 -1.06 25.17
CA ALA G 111 -4.73 -1.21 25.47
C ALA G 111 -4.39 -2.68 25.65
N ASN G 112 -5.26 -3.45 26.33
CA ASN G 112 -4.95 -4.88 26.57
C ASN G 112 -4.80 -5.67 25.26
N ALA G 113 -5.62 -5.33 24.28
CA ALA G 113 -5.56 -5.99 22.98
C ALA G 113 -4.31 -5.59 22.20
N ARG G 114 -3.94 -4.31 22.25
CA ARG G 114 -2.63 -3.91 21.68
C ARG G 114 -1.49 -4.72 22.29
N MET G 115 -1.47 -4.83 23.62
CA MET G 115 -0.41 -5.57 24.30
C MET G 115 -0.44 -7.07 23.90
N MET G 116 -1.62 -7.66 23.84
CA MET G 116 -1.71 -9.09 23.58
C MET G 116 -1.30 -9.40 22.17
N ARG G 117 -1.78 -8.58 21.23
CA ARG G 117 -1.41 -8.75 19.81
C ARG G 117 0.10 -8.58 19.65
N ASN G 118 0.68 -7.61 20.34
CA ASN G 118 2.15 -7.40 20.16
C ASN G 118 3.00 -8.50 20.79
N LEU G 119 2.55 -9.04 21.90
CA LEU G 119 3.23 -10.15 22.58
C LEU G 119 3.19 -11.41 21.71
N VAL G 120 2.03 -11.69 21.10
CA VAL G 120 1.95 -12.83 20.17
C VAL G 120 2.93 -12.65 18.98
N MET G 121 3.05 -11.42 18.48
CA MET G 121 4.02 -11.13 17.45
C MET G 121 5.46 -11.43 17.94
N ALA G 122 5.78 -11.00 19.16
CA ALA G 122 7.10 -11.22 19.73
C ALA G 122 7.40 -12.72 19.82
N SER G 123 6.42 -13.48 20.31
CA SER G 123 6.53 -14.95 20.42
C SER G 123 6.77 -15.54 19.04
N GLN G 124 6.06 -15.01 18.04
CA GLN G 124 6.26 -15.45 16.65
C GLN G 124 7.70 -15.18 16.17
N TYR G 125 8.22 -13.97 16.41
CA TYR G 125 9.63 -13.70 16.04
C TYR G 125 10.60 -14.76 16.62
N LEU G 126 10.47 -15.03 17.92
CA LEU G 126 11.33 -16.01 18.59
C LEU G 126 11.26 -17.41 17.96
N HIS G 127 10.05 -17.91 17.74
CA HIS G 127 9.91 -19.21 17.12
C HIS G 127 10.49 -19.20 15.70
N ASP G 128 10.17 -18.15 14.95
CA ASP G 128 10.38 -18.14 13.52
C ASP G 128 11.90 -18.03 13.27
N HIS G 129 12.55 -17.07 13.91
CA HIS G 129 14.00 -16.89 13.75
C HIS G 129 14.87 -18.09 14.15
N LEU G 130 14.49 -18.76 15.23
CA LEU G 130 15.22 -19.92 15.71
C LEU G 130 15.13 -21.06 14.72
N VAL G 131 13.91 -21.33 14.24
CA VAL G 131 13.74 -22.37 13.26
C VAL G 131 14.47 -22.03 11.97
N HIS G 132 14.46 -20.75 11.59
CA HIS G 132 15.10 -20.39 10.34
C HIS G 132 16.60 -20.62 10.44
N PHE G 133 17.20 -20.13 11.50
CA PHE G 133 18.65 -20.25 11.60
C PHE G 133 19.09 -21.71 11.62
N TYR G 134 18.47 -22.53 12.48
CA TYR G 134 18.94 -23.93 12.62
C TYR G 134 18.45 -24.85 11.52
N HIS G 135 17.15 -24.83 11.28
CA HIS G 135 16.58 -25.86 10.46
C HIS G 135 16.52 -25.50 8.97
N LEU G 136 16.52 -24.21 8.65
CA LEU G 136 16.48 -23.80 7.26
C LEU G 136 17.88 -23.36 6.76
N HIS G 137 18.57 -22.52 7.51
CA HIS G 137 19.76 -21.87 6.99
C HIS G 137 21.03 -22.63 7.31
N ALA G 138 21.13 -23.26 8.49
CA ALA G 138 22.43 -23.72 8.96
C ALA G 138 23.12 -24.75 8.05
N LEU G 139 22.32 -25.61 7.40
CA LEU G 139 22.89 -26.65 6.51
C LEU G 139 23.66 -26.11 5.30
N ASP G 140 23.52 -24.81 4.99
CA ASP G 140 24.32 -24.14 3.97
C ASP G 140 25.75 -23.87 4.44
N TRP G 141 25.97 -23.91 5.76
CA TRP G 141 27.24 -23.43 6.38
C TRP G 141 27.93 -24.53 7.19
N VAL G 142 27.11 -25.47 7.67
CA VAL G 142 27.52 -26.57 8.56
C VAL G 142 27.53 -27.89 7.80
N ASP G 143 28.69 -28.55 7.79
CA ASP G 143 28.82 -29.90 7.22
C ASP G 143 28.50 -30.93 8.31
N VAL G 144 27.26 -31.39 8.33
CA VAL G 144 26.86 -32.34 9.38
C VAL G 144 27.70 -33.63 9.40
N THR G 145 27.96 -34.22 8.25
CA THR G 145 28.81 -35.41 8.20
C THR G 145 30.23 -35.18 8.73
N ALA G 146 30.74 -33.96 8.61
CA ALA G 146 32.06 -33.64 9.16
C ALA G 146 32.06 -33.66 10.70
N ALA G 147 30.88 -33.49 11.32
CA ALA G 147 30.76 -33.59 12.80
C ALA G 147 31.25 -34.94 13.33
N LEU G 148 31.13 -35.96 12.48
CA LEU G 148 31.60 -37.31 12.80
C LEU G 148 33.11 -37.43 12.96
N LYS G 149 33.86 -36.48 12.38
CA LYS G 149 35.32 -36.42 12.52
C LYS G 149 35.76 -35.70 13.79
N ALA G 150 34.86 -34.96 14.43
CA ALA G 150 35.22 -34.13 15.58
C ALA G 150 35.62 -34.96 16.79
N ASP G 151 36.59 -34.43 17.54
CA ASP G 151 36.90 -34.90 18.88
C ASP G 151 35.95 -34.17 19.83
N PRO G 152 35.04 -34.91 20.53
CA PRO G 152 34.06 -34.23 21.42
C PRO G 152 34.64 -33.53 22.64
N ASN G 153 35.81 -33.98 23.12
CA ASN G 153 36.54 -33.27 24.17
C ASN G 153 36.99 -31.90 23.69
N LYS G 154 37.55 -31.85 22.47
CA LYS G 154 37.92 -30.57 21.83
C LYS G 154 36.73 -29.68 21.53
N ALA G 155 35.63 -30.29 21.08
CA ALA G 155 34.39 -29.54 20.87
C ALA G 155 33.91 -28.88 22.17
N ALA G 156 33.82 -29.67 23.24
CA ALA G 156 33.37 -29.16 24.53
C ALA G 156 34.28 -28.03 25.02
N LYS G 157 35.60 -28.19 24.83
CA LYS G 157 36.52 -27.12 25.17
C LYS G 157 36.17 -25.86 24.38
N LEU G 158 36.07 -26.00 23.06
CA LEU G 158 35.69 -24.89 22.17
C LEU G 158 34.37 -24.24 22.61
N ALA G 159 33.32 -25.05 22.82
CA ALA G 159 32.04 -24.54 23.28
C ALA G 159 32.18 -23.76 24.59
N ALA G 160 33.12 -24.20 25.43
CA ALA G 160 33.35 -23.56 26.73
C ALA G 160 33.96 -22.17 26.58
N SER G 161 34.66 -21.94 25.48
CA SER G 161 35.34 -20.66 25.29
C SER G 161 34.50 -19.66 24.50
N ILE G 162 33.54 -20.17 23.72
CA ILE G 162 32.78 -19.34 22.80
C ILE G 162 31.32 -19.12 23.23
N ALA G 163 30.92 -19.72 24.35
CA ALA G 163 29.53 -19.68 24.83
C ALA G 163 29.40 -19.94 26.35
N PRO G 164 28.31 -19.44 26.96
CA PRO G 164 28.09 -19.68 28.40
C PRO G 164 28.10 -21.17 28.73
N ALA G 165 28.60 -21.51 29.91
CA ALA G 165 28.64 -22.89 30.41
C ALA G 165 27.23 -23.50 30.43
N ARG G 166 27.11 -24.71 29.88
CA ARG G 166 25.81 -25.41 29.87
C ARG G 166 26.03 -26.93 29.72
N PRO G 167 25.15 -27.73 30.33
CA PRO G 167 25.37 -29.19 30.29
C PRO G 167 25.23 -29.78 28.88
N GLY G 168 24.38 -29.15 28.06
CA GLY G 168 24.27 -29.50 26.65
C GLY G 168 25.56 -29.36 25.85
N ASN G 169 26.54 -28.60 26.36
CA ASN G 169 27.81 -28.44 25.63
C ASN G 169 28.95 -29.28 26.19
N SER G 170 28.63 -30.22 27.09
CA SER G 170 29.67 -31.07 27.68
C SER G 170 30.16 -32.10 26.67
N ALA G 171 31.36 -32.62 26.92
CA ALA G 171 31.93 -33.67 26.08
C ALA G 171 31.00 -34.89 26.03
N LYS G 172 30.47 -35.29 27.19
CA LYS G 172 29.47 -36.34 27.26
C LYS G 172 28.28 -36.08 26.31
N ALA G 173 27.69 -34.88 26.39
CA ALA G 173 26.51 -34.53 25.58
C ALA G 173 26.83 -34.50 24.09
N LEU G 174 27.99 -33.97 23.75
CA LEU G 174 28.43 -33.88 22.35
C LEU G 174 28.80 -35.25 21.76
N LYS G 175 29.45 -36.09 22.56
CA LYS G 175 29.71 -37.48 22.14
C LYS G 175 28.42 -38.25 21.87
N ALA G 176 27.42 -38.04 22.72
CA ALA G 176 26.09 -38.65 22.52
C ALA G 176 25.46 -38.27 21.18
N VAL G 177 25.55 -36.98 20.83
CA VAL G 177 25.07 -36.46 19.55
C VAL G 177 25.84 -37.13 18.41
N GLN G 178 27.17 -37.14 18.53
CA GLN G 178 27.99 -37.75 17.51
C GLN G 178 27.65 -39.24 17.31
N ASP G 179 27.44 -39.98 18.41
CA ASP G 179 27.10 -41.42 18.34
C ASP G 179 25.74 -41.68 17.69
N LYS G 180 24.76 -40.84 18.00
CA LYS G 180 23.44 -40.88 17.40
C LYS G 180 23.58 -40.65 15.89
N LEU G 181 24.29 -39.59 15.51
CA LEU G 181 24.57 -39.24 14.13
C LEU G 181 25.30 -40.37 13.38
N LYS G 182 26.30 -40.95 14.03
CA LYS G 182 27.06 -42.05 13.44
C LYS G 182 26.16 -43.26 13.11
N ALA G 183 25.34 -43.68 14.08
CA ALA G 183 24.39 -44.78 13.87
C ALA G 183 23.43 -44.50 12.72
N PHE G 184 22.99 -43.25 12.58
CA PHE G 184 22.09 -42.84 11.50
C PHE G 184 22.76 -42.94 10.13
N VAL G 185 23.92 -42.32 10.02
CA VAL G 185 24.72 -42.36 8.78
C VAL G 185 25.07 -43.79 8.40
N GLU G 186 25.50 -44.55 9.38
CA GLU G 186 25.91 -45.92 9.11
C GLU G 186 24.73 -46.84 8.73
N SER G 187 23.49 -46.44 9.02
CA SER G 187 22.29 -47.19 8.59
C SER G 187 22.13 -47.22 7.08
N GLY G 188 22.75 -46.25 6.40
CA GLY G 188 22.64 -46.11 4.96
C GLY G 188 21.35 -45.44 4.52
N GLN G 189 20.45 -45.14 5.45
CA GLN G 189 19.28 -44.34 5.12
C GLN G 189 19.48 -42.91 5.59
N LEU G 190 20.01 -42.04 4.71
CA LEU G 190 20.44 -40.70 5.16
C LEU G 190 19.26 -39.72 5.27
N GLY G 191 18.09 -40.15 4.82
CA GLY G 191 16.85 -39.36 4.99
C GLY G 191 16.99 -37.96 4.44
N ILE G 192 16.76 -36.97 5.29
CA ILE G 192 16.83 -35.56 4.90
C ILE G 192 18.23 -35.09 4.47
N PHE G 193 19.25 -35.89 4.72
CA PHE G 193 20.62 -35.52 4.33
C PHE G 193 21.04 -36.16 3.01
N THR G 194 20.15 -36.95 2.43
CA THR G 194 20.40 -37.59 1.13
C THR G 194 20.86 -36.60 0.06
N ASN G 195 21.97 -36.92 -0.60
CA ASN G 195 22.54 -36.05 -1.64
C ASN G 195 22.85 -34.63 -1.23
N ALA G 196 23.14 -34.40 0.07
CA ALA G 196 23.45 -33.05 0.58
C ALA G 196 24.67 -32.54 -0.15
N TYR G 197 24.73 -31.22 -0.35
CA TYR G 197 25.87 -30.64 -1.06
C TYR G 197 27.21 -30.83 -0.35
N PHE G 198 27.20 -31.05 0.95
CA PHE G 198 28.45 -31.26 1.69
C PHE G 198 29.02 -32.70 1.66
N LEU G 199 28.25 -33.67 1.17
CA LEU G 199 28.71 -35.06 1.23
C LEU G 199 29.95 -35.19 0.37
N GLY G 200 30.97 -35.83 0.93
CA GLY G 200 32.28 -35.96 0.26
C GLY G 200 33.16 -34.73 0.38
N GLY G 201 32.65 -33.69 1.04
CA GLY G 201 33.44 -32.48 1.29
C GLY G 201 33.14 -31.48 0.19
N HIS G 202 33.44 -30.21 0.45
CA HIS G 202 32.99 -29.15 -0.44
C HIS G 202 33.82 -27.93 -0.08
N LYS G 203 34.43 -27.32 -1.08
CA LYS G 203 35.38 -26.25 -0.80
C LYS G 203 34.74 -25.01 -0.20
N ALA G 204 33.42 -24.86 -0.38
CA ALA G 204 32.70 -23.70 0.17
C ALA G 204 32.32 -23.85 1.65
N TYR G 205 32.47 -25.06 2.20
CA TYR G 205 32.20 -25.33 3.63
C TYR G 205 33.52 -25.22 4.41
N TYR G 206 33.59 -24.25 5.32
CA TYR G 206 34.87 -23.87 5.96
C TYR G 206 35.07 -24.33 7.41
N LEU G 207 34.00 -24.75 8.07
CA LEU G 207 34.05 -24.98 9.52
C LEU G 207 34.92 -26.17 9.93
N PRO G 208 35.66 -26.01 11.04
CA PRO G 208 36.27 -27.19 11.68
C PRO G 208 35.18 -28.18 12.14
N PRO G 209 35.46 -29.48 12.10
CA PRO G 209 34.54 -30.52 12.56
C PRO G 209 33.96 -30.25 13.95
N GLU G 210 34.79 -29.72 14.85
CA GLU G 210 34.36 -29.36 16.21
C GLU G 210 33.18 -28.39 16.20
N VAL G 211 33.25 -27.38 15.33
CA VAL G 211 32.20 -26.41 15.18
C VAL G 211 30.98 -27.05 14.54
N ASP G 212 31.21 -27.92 13.55
CA ASP G 212 30.09 -28.66 12.96
C ASP G 212 29.37 -29.48 14.01
N LEU G 213 30.13 -30.10 14.93
CA LEU G 213 29.48 -30.92 15.97
C LEU G 213 28.63 -30.08 16.94
N ILE G 214 29.21 -28.96 17.40
CA ILE G 214 28.49 -28.03 18.27
C ILE G 214 27.20 -27.55 17.60
N ALA G 215 27.29 -27.14 16.33
CA ALA G 215 26.13 -26.65 15.61
C ALA G 215 25.07 -27.76 15.43
N THR G 216 25.50 -28.99 15.15
CA THR G 216 24.57 -30.13 14.97
C THR G 216 23.85 -30.51 16.29
N ALA G 217 24.60 -30.51 17.40
CA ALA G 217 23.99 -30.68 18.72
C ALA G 217 22.90 -29.65 18.95
N HIS G 218 23.17 -28.38 18.63
CA HIS G 218 22.16 -27.32 18.84
C HIS G 218 20.96 -27.40 17.88
N TYR G 219 21.20 -27.83 16.65
CA TYR G 219 20.16 -28.07 15.67
C TYR G 219 19.14 -29.03 16.26
N LEU G 220 19.62 -30.14 16.81
CA LEU G 220 18.77 -31.11 17.51
C LEU G 220 18.04 -30.49 18.73
N GLU G 221 18.77 -29.77 19.55
CA GLU G 221 18.15 -29.09 20.70
C GLU G 221 17.07 -28.09 20.27
N ALA G 222 17.35 -27.40 19.15
CA ALA G 222 16.45 -26.42 18.58
C ALA G 222 15.12 -27.05 18.15
N LEU G 223 15.16 -28.30 17.71
CA LEU G 223 13.91 -29.02 17.37
C LEU G 223 12.97 -29.13 18.57
N HIS G 224 13.56 -29.27 19.76
CA HIS G 224 12.79 -29.37 20.98
C HIS G 224 12.39 -27.98 21.46
N MET G 225 13.30 -27.02 21.31
CA MET G 225 13.04 -25.69 21.86
C MET G 225 11.93 -24.98 21.07
N GLN G 226 11.83 -25.26 19.77
CA GLN G 226 10.80 -24.61 18.96
C GLN G 226 9.41 -25.05 19.41
N VAL G 227 9.30 -26.27 19.95
CA VAL G 227 8.03 -26.74 20.49
C VAL G 227 7.63 -25.83 21.67
N LYS G 228 8.62 -25.54 22.49
CA LYS G 228 8.42 -24.66 23.66
C LYS G 228 7.99 -23.25 23.24
N ALA G 229 8.68 -22.67 22.23
CA ALA G 229 8.36 -21.35 21.65
C ALA G 229 6.93 -21.29 21.12
N ALA G 230 6.48 -22.34 20.44
CA ALA G 230 5.11 -22.43 19.95
C ALA G 230 4.09 -22.56 21.10
N SER G 231 4.44 -23.34 22.13
CA SER G 231 3.58 -23.47 23.32
C SER G 231 3.34 -22.11 23.97
N ALA G 232 4.43 -21.35 24.13
CA ALA G 232 4.32 -20.00 24.68
C ALA G 232 3.36 -19.18 23.83
N MET G 233 3.57 -19.18 22.54
CA MET G 233 2.72 -18.42 21.65
C MET G 233 1.23 -18.84 21.77
N ALA G 234 0.98 -20.14 21.86
CA ALA G 234 -0.39 -20.69 21.98
C ALA G 234 -1.14 -20.34 23.27
N ILE G 235 -0.42 -20.02 24.35
CA ILE G 235 -1.07 -19.57 25.58
C ILE G 235 -1.92 -18.34 25.33
N LEU G 236 -1.36 -17.42 24.54
CA LEU G 236 -2.07 -16.20 24.16
C LEU G 236 -2.88 -16.37 22.88
N GLY G 237 -2.34 -17.18 21.95
CA GLY G 237 -2.93 -17.27 20.61
C GLY G 237 -3.96 -18.37 20.37
N GLY G 238 -4.10 -19.26 21.34
CA GLY G 238 -5.09 -20.36 21.28
C GLY G 238 -4.55 -21.69 20.71
N LYS G 239 -3.68 -21.58 19.72
CA LYS G 239 -2.99 -22.73 19.09
C LYS G 239 -1.94 -22.21 18.13
N ASN G 240 -0.93 -23.04 17.84
CA ASN G 240 0.03 -22.75 16.81
C ASN G 240 0.31 -24.08 16.09
N PRO G 241 0.25 -24.15 14.76
CA PRO G 241 0.07 -22.99 13.88
C PRO G 241 -1.40 -22.50 13.81
N HIS G 242 -1.52 -21.29 13.26
CA HIS G 242 -2.79 -20.62 12.92
C HIS G 242 -3.57 -20.24 14.15
N THR G 243 -3.23 -19.07 14.70
CA THR G 243 -3.77 -18.65 16.00
C THR G 243 -5.24 -18.29 15.79
N GLN G 244 -5.96 -18.12 16.88
CA GLN G 244 -7.42 -17.96 16.78
C GLN G 244 -7.90 -17.20 18.03
N PHE G 245 -7.44 -15.95 18.15
CA PHE G 245 -7.74 -15.15 19.37
C PHE G 245 -8.01 -13.67 19.00
N THR G 246 -7.86 -13.32 17.74
CA THR G 246 -8.02 -11.91 17.27
C THR G 246 -9.47 -11.76 16.75
N VAL G 247 -10.06 -10.59 16.98
CA VAL G 247 -11.40 -10.27 16.47
C VAL G 247 -11.37 -8.78 16.08
N VAL G 248 -12.29 -8.35 15.22
CA VAL G 248 -12.39 -6.91 14.91
C VAL G 248 -12.58 -6.16 16.24
N GLY G 249 -11.78 -5.15 16.49
CA GLY G 249 -11.94 -4.43 17.75
C GLY G 249 -11.06 -4.90 18.89
N GLY G 250 -10.31 -6.01 18.72
CA GLY G 250 -9.35 -6.43 19.74
C GLY G 250 -9.01 -7.93 19.76
N CYS G 251 -9.17 -8.53 20.93
CA CYS G 251 -8.93 -9.97 21.08
C CYS G 251 -10.06 -10.62 21.86
N SER G 252 -10.14 -11.95 21.77
CA SER G 252 -11.19 -12.74 22.41
C SER G 252 -10.73 -13.42 23.73
N ASN G 253 -9.42 -13.43 23.93
CA ASN G 253 -8.78 -14.31 24.93
C ASN G 253 -8.63 -13.72 26.33
N TYR G 254 -9.75 -13.61 27.04
CA TYR G 254 -9.76 -13.10 28.43
C TYR G 254 -8.84 -13.90 29.36
N GLN G 255 -8.72 -15.19 29.06
CA GLN G 255 -7.88 -16.08 29.86
C GLN G 255 -6.41 -15.67 29.80
N GLY G 256 -6.03 -15.06 28.68
CA GLY G 256 -4.65 -14.63 28.44
C GLY G 256 -4.24 -13.44 29.29
N LEU G 257 -5.21 -12.81 29.94
CA LEU G 257 -4.93 -11.71 30.86
C LEU G 257 -4.70 -12.13 32.31
N THR G 258 -4.90 -13.42 32.59
CA THR G 258 -4.93 -13.94 33.97
C THR G 258 -3.56 -14.47 34.45
N LYS G 259 -3.48 -14.72 35.76
CA LYS G 259 -2.21 -14.96 36.46
C LYS G 259 -1.44 -16.20 35.98
N ASP G 260 -2.09 -17.36 36.07
CA ASP G 260 -1.45 -18.65 35.80
C ASP G 260 -0.98 -18.77 34.36
N PRO G 261 -1.87 -18.45 33.40
CA PRO G 261 -1.42 -18.45 32.01
C PRO G 261 -0.21 -17.54 31.75
N LEU G 262 -0.23 -16.33 32.31
CA LEU G 262 0.90 -15.42 32.06
C LEU G 262 2.19 -15.86 32.73
N ALA G 263 2.08 -16.56 33.86
CA ALA G 263 3.25 -17.07 34.56
C ALA G 263 3.88 -18.14 33.70
N ASN G 264 3.05 -19.03 33.15
CA ASN G 264 3.51 -20.08 32.23
C ASN G 264 4.13 -19.51 30.92
N TYR G 265 3.48 -18.47 30.42
CA TYR G 265 3.97 -17.76 29.25
C TYR G 265 5.37 -17.19 29.47
N LEU G 266 5.54 -16.48 30.59
CA LEU G 266 6.86 -15.96 30.96
C LEU G 266 7.90 -17.09 31.13
N ALA G 267 7.52 -18.16 31.82
CA ALA G 267 8.47 -19.25 32.10
C ALA G 267 8.97 -19.92 30.79
N LEU G 268 8.05 -20.20 29.90
CA LEU G 268 8.43 -20.78 28.59
C LEU G 268 9.27 -19.79 27.78
N SER G 269 8.87 -18.51 27.82
CA SER G 269 9.60 -17.46 27.07
C SER G 269 11.02 -17.30 27.57
N LYS G 270 11.20 -17.34 28.89
CA LYS G 270 12.52 -17.32 29.50
C LYS G 270 13.41 -18.51 29.09
N GLU G 271 12.83 -19.70 29.04
CA GLU G 271 13.53 -20.91 28.54
C GLU G 271 14.04 -20.71 27.11
N VAL G 272 13.13 -20.33 26.20
CA VAL G 272 13.44 -19.98 24.81
C VAL G 272 14.54 -18.92 24.69
N CYS G 273 14.41 -17.84 25.48
CA CYS G 273 15.39 -16.77 25.48
C CYS G 273 16.75 -17.22 25.96
N GLN G 274 16.79 -18.12 26.94
CA GLN G 274 18.04 -18.69 27.40
C GLN G 274 18.72 -19.43 26.27
N PHE G 275 17.95 -20.17 25.50
CA PHE G 275 18.49 -20.86 24.31
C PHE G 275 19.01 -19.88 23.24
N VAL G 276 18.28 -18.79 23.01
CA VAL G 276 18.73 -17.72 22.09
C VAL G 276 20.09 -17.20 22.55
N ASN G 277 20.21 -16.90 23.85
CA ASN G 277 21.44 -16.31 24.34
C ASN G 277 22.58 -17.32 24.51
N GLU G 278 22.28 -18.57 24.86
CA GLU G 278 23.34 -19.58 25.07
C GLU G 278 23.80 -20.29 23.80
N CYS G 279 22.89 -20.48 22.85
CA CYS G 279 23.17 -21.26 21.63
C CYS G 279 23.10 -20.47 20.33
N TYR G 280 21.95 -19.84 20.06
CA TYR G 280 21.76 -19.13 18.78
C TYR G 280 22.80 -18.02 18.55
N ILE G 281 22.86 -17.04 19.44
CA ILE G 281 23.80 -15.95 19.22
C ILE G 281 25.27 -16.45 19.17
N PRO G 282 25.69 -17.28 20.13
CA PRO G 282 27.10 -17.75 20.03
C PRO G 282 27.39 -18.58 18.75
N ASP G 283 26.44 -19.40 18.32
CA ASP G 283 26.64 -20.17 17.07
C ASP G 283 26.70 -19.25 15.87
N LEU G 284 25.78 -18.31 15.83
CA LEU G 284 25.74 -17.33 14.74
C LEU G 284 27.10 -16.60 14.63
N LEU G 285 27.66 -16.17 15.76
CA LEU G 285 28.88 -15.38 15.75
C LEU G 285 30.09 -16.25 15.37
N ALA G 286 30.08 -17.50 15.83
CA ALA G 286 31.15 -18.45 15.52
C ALA G 286 31.13 -18.74 14.02
N VAL G 287 29.94 -18.98 13.47
CA VAL G 287 29.81 -19.21 12.03
C VAL G 287 30.26 -17.96 11.27
N ALA G 288 29.74 -16.80 11.69
CA ALA G 288 30.09 -15.52 11.07
C ALA G 288 31.60 -15.30 11.04
N GLY G 289 32.29 -15.70 12.09
CA GLY G 289 33.72 -15.50 12.24
C GLY G 289 34.54 -16.28 11.23
N PHE G 290 34.06 -17.47 10.85
CA PHE G 290 34.71 -18.30 9.82
C PHE G 290 34.36 -17.89 8.39
N TYR G 291 33.19 -17.29 8.21
CA TYR G 291 32.72 -16.86 6.89
C TYR G 291 32.78 -15.33 6.72
N LYS G 292 33.81 -14.70 7.26
CA LYS G 292 33.92 -13.24 7.18
C LYS G 292 33.88 -12.74 5.71
N ASP G 293 34.35 -13.56 4.77
CA ASP G 293 34.30 -13.18 3.33
C ASP G 293 32.87 -12.92 2.82
N TRP G 294 31.89 -13.53 3.46
CA TRP G 294 30.46 -13.35 3.15
C TRP G 294 29.90 -11.97 3.58
N GLY G 295 30.73 -11.20 4.29
CA GLY G 295 30.48 -9.77 4.52
C GLY G 295 30.67 -8.90 3.28
N GLY G 296 31.20 -9.50 2.22
CA GLY G 296 31.40 -8.79 0.95
C GLY G 296 30.58 -9.35 -0.19
N ILE G 297 29.57 -10.17 0.12
CA ILE G 297 28.76 -10.85 -0.91
C ILE G 297 27.27 -10.64 -0.56
N GLY G 298 26.44 -10.38 -1.55
CA GLY G 298 24.98 -10.37 -1.32
C GLY G 298 24.34 -9.10 -0.80
N GLY G 299 25.01 -7.97 -0.97
CA GLY G 299 24.48 -6.70 -0.45
C GLY G 299 23.47 -6.04 -1.36
N THR G 300 22.54 -5.29 -0.75
CA THR G 300 21.64 -4.42 -1.51
C THR G 300 21.75 -3.01 -0.92
N SER G 301 20.86 -2.11 -1.35
CA SER G 301 21.02 -0.68 -1.04
C SER G 301 19.83 0.00 -0.39
N ASN G 302 18.62 -0.48 -0.63
CA ASN G 302 17.43 0.23 -0.08
C ASN G 302 16.68 -0.61 0.95
N TYR G 303 16.21 0.01 2.03
CA TYR G 303 15.59 -0.74 3.14
C TYR G 303 14.32 -0.03 3.57
N LEU G 304 13.29 -0.84 3.83
CA LEU G 304 11.98 -0.36 4.26
C LEU G 304 11.45 -1.15 5.46
N ALA G 305 10.81 -0.45 6.39
CA ALA G 305 10.11 -1.11 7.50
C ALA G 305 8.90 -0.28 7.90
N PHE G 306 7.80 -0.95 8.23
CA PHE G 306 6.61 -0.32 8.78
C PHE G 306 6.69 -0.23 10.30
N GLY G 307 7.72 -0.85 10.88
CA GLY G 307 7.90 -0.91 12.32
C GLY G 307 7.00 -1.96 13.00
N GLU G 308 7.34 -2.31 14.23
CA GLU G 308 6.53 -3.24 15.01
C GLU G 308 6.71 -2.94 16.49
N PHE G 309 5.75 -3.43 17.29
CA PHE G 309 5.76 -3.25 18.75
C PHE G 309 5.52 -1.79 19.13
N ALA G 310 4.39 -1.28 18.64
CA ALA G 310 4.03 0.13 18.82
C ALA G 310 3.33 0.30 20.15
N THR G 311 3.53 1.47 20.74
CA THR G 311 2.83 1.81 21.98
C THR G 311 1.48 2.44 21.70
N ASP G 312 1.21 2.77 20.44
CA ASP G 312 -0.07 3.36 20.04
C ASP G 312 -0.44 2.76 18.69
N ASP G 313 -1.42 1.87 18.71
CA ASP G 313 -1.88 1.18 17.50
C ASP G 313 -3.30 1.61 17.12
N SER G 314 -3.66 2.85 17.49
CA SER G 314 -5.00 3.37 17.25
C SER G 314 -5.27 3.70 15.76
N SER G 315 -4.21 3.77 14.95
CA SER G 315 -4.27 4.10 13.53
C SER G 315 -2.95 3.68 12.90
N PRO G 316 -2.93 3.51 11.55
CA PRO G 316 -1.67 3.18 10.86
C PRO G 316 -0.62 4.30 11.06
N GLU G 317 -1.06 5.56 11.07
CA GLU G 317 -0.16 6.69 11.36
C GLU G 317 0.53 6.47 12.72
N LYS G 318 -0.26 6.15 13.74
CA LYS G 318 0.30 5.99 15.09
C LYS G 318 1.21 4.76 15.16
N HIS G 319 0.85 3.69 14.45
CA HIS G 319 1.71 2.53 14.35
C HIS G 319 3.09 2.92 13.77
N LEU G 320 3.09 3.52 12.58
CA LEU G 320 4.35 4.01 12.01
C LEU G 320 5.17 4.91 12.95
N ALA G 321 4.49 5.77 13.70
CA ALA G 321 5.19 6.73 14.53
C ALA G 321 5.68 6.18 15.87
N THR G 322 5.04 5.14 16.39
CA THR G 322 5.31 4.75 17.79
C THR G 322 5.83 3.32 17.93
N SER G 323 6.09 2.68 16.79
CA SER G 323 6.72 1.34 16.78
C SER G 323 8.06 1.35 17.50
N GLN G 324 8.26 0.44 18.46
CA GLN G 324 9.51 0.44 19.21
C GLN G 324 10.66 -0.13 18.39
N PHE G 325 10.36 -1.01 17.41
CA PHE G 325 11.33 -1.32 16.32
C PHE G 325 10.84 -0.35 15.24
N PRO G 326 11.56 0.76 15.04
CA PRO G 326 10.96 1.88 14.30
C PRO G 326 10.74 1.63 12.79
N SER G 327 9.81 2.38 12.22
CA SER G 327 9.56 2.40 10.79
C SER G 327 10.55 3.33 10.09
N GLY G 328 10.66 3.18 8.78
CA GLY G 328 11.44 4.16 8.02
C GLY G 328 11.81 3.64 6.65
N VAL G 329 12.50 4.49 5.89
CA VAL G 329 13.04 4.18 4.54
C VAL G 329 14.48 4.66 4.43
N ILE G 330 15.35 3.74 4.04
CA ILE G 330 16.76 4.04 3.73
C ILE G 330 16.97 3.77 2.23
N THR G 331 17.65 4.71 1.55
CA THR G 331 17.95 4.65 0.12
C THR G 331 19.45 4.79 -0.09
N GLY G 332 20.02 3.93 -0.94
CA GLY G 332 21.42 4.04 -1.34
C GLY G 332 22.39 3.89 -0.19
N ARG G 333 22.02 3.07 0.79
CA ARG G 333 22.85 2.77 1.97
C ARG G 333 23.12 3.99 2.85
N ASP G 334 22.30 5.04 2.72
CA ASP G 334 22.64 6.28 3.40
C ASP G 334 22.00 6.28 4.78
N LEU G 335 22.78 5.89 5.78
CA LEU G 335 22.24 5.82 7.15
C LEU G 335 22.03 7.19 7.78
N GLY G 336 22.51 8.24 7.10
CA GLY G 336 22.34 9.61 7.56
C GLY G 336 20.96 10.20 7.32
N LYS G 337 20.07 9.48 6.63
CA LYS G 337 18.80 10.01 6.15
C LYS G 337 17.73 8.93 6.18
N VAL G 338 17.02 8.81 7.30
CA VAL G 338 15.91 7.86 7.36
C VAL G 338 14.65 8.65 7.05
N ASP G 339 13.97 8.29 5.98
CA ASP G 339 12.76 8.99 5.60
C ASP G 339 11.55 8.33 6.24
N ASN G 340 10.51 9.12 6.47
CA ASN G 340 9.21 8.56 6.86
C ASN G 340 8.57 7.74 5.75
N VAL G 341 7.79 6.72 6.12
CA VAL G 341 7.10 5.90 5.13
C VAL G 341 5.91 6.66 4.51
N ASP G 342 5.87 6.75 3.18
CA ASP G 342 4.70 7.29 2.44
C ASP G 342 3.89 6.12 1.87
N LEU G 343 2.79 5.80 2.54
CA LEU G 343 1.94 4.66 2.14
C LEU G 343 1.29 4.88 0.76
N GLY G 344 1.11 6.14 0.36
CA GLY G 344 0.62 6.43 -0.97
C GLY G 344 1.61 6.21 -2.13
N ALA G 345 2.89 6.04 -1.81
CA ALA G 345 3.97 5.82 -2.81
C ALA G 345 4.28 4.36 -3.11
N ILE G 346 3.61 3.46 -2.38
CA ILE G 346 3.75 2.02 -2.60
C ILE G 346 2.91 1.65 -3.81
N TYR G 347 3.48 0.88 -4.73
CA TYR G 347 2.66 0.28 -5.76
C TYR G 347 3.23 -1.08 -6.14
N GLU G 348 2.49 -1.82 -6.96
CA GLU G 348 2.98 -3.11 -7.50
C GLU G 348 2.91 -3.17 -9.01
N ASP G 349 4.01 -3.64 -9.60
CA ASP G 349 4.07 -3.91 -11.01
C ASP G 349 3.79 -5.39 -11.33
N VAL G 350 3.35 -5.66 -12.56
CA VAL G 350 3.15 -7.03 -13.03
C VAL G 350 3.87 -7.31 -14.36
N LYS G 351 4.64 -6.32 -14.87
CA LYS G 351 5.29 -6.45 -16.18
C LYS G 351 6.03 -7.77 -16.40
N TYR G 352 6.75 -8.24 -15.39
CA TYR G 352 7.56 -9.46 -15.53
C TYR G 352 6.89 -10.61 -14.77
N SER G 353 5.59 -10.47 -14.49
CA SER G 353 4.89 -11.45 -13.68
C SER G 353 3.82 -12.14 -14.49
N TRP G 354 3.32 -13.26 -13.96
CA TRP G 354 2.24 -14.00 -14.63
C TRP G 354 0.85 -13.42 -14.39
N TYR G 355 0.69 -12.14 -14.74
CA TYR G 355 -0.64 -11.46 -14.66
C TYR G 355 -0.87 -10.72 -15.99
N ALA G 356 -2.12 -10.36 -16.24
CA ALA G 356 -2.51 -9.65 -17.44
C ALA G 356 -1.72 -8.34 -17.61
N PRO G 357 -1.14 -8.11 -18.81
CA PRO G 357 -0.62 -6.78 -19.06
C PRO G 357 -1.70 -5.74 -18.88
N GLY G 358 -1.28 -4.59 -18.35
CA GLY G 358 -2.20 -3.52 -18.07
C GLY G 358 -2.24 -3.26 -16.59
N GLY G 359 -1.69 -4.17 -15.80
CA GLY G 359 -1.77 -4.04 -14.36
C GLY G 359 -0.61 -3.36 -13.63
N ASP G 360 0.29 -2.69 -14.34
CA ASP G 360 1.43 -2.05 -13.67
C ASP G 360 1.02 -0.85 -12.84
N GLY G 361 1.85 -0.49 -11.86
CA GLY G 361 1.69 0.80 -11.18
C GLY G 361 0.48 0.94 -10.27
N LYS G 362 -0.06 -0.17 -9.78
CA LYS G 362 -1.26 -0.08 -8.92
C LYS G 362 -0.96 0.07 -7.46
N HIS G 363 -1.39 1.19 -6.86
CA HIS G 363 -1.45 1.25 -5.41
C HIS G 363 -2.38 0.13 -4.91
N PRO G 364 -2.06 -0.47 -3.74
CA PRO G 364 -2.82 -1.66 -3.33
C PRO G 364 -4.33 -1.40 -3.07
N TYR G 365 -4.72 -0.15 -2.82
CA TYR G 365 -6.15 0.12 -2.71
C TYR G 365 -6.85 -0.07 -4.09
N ASP G 366 -6.08 0.01 -5.17
CA ASP G 366 -6.57 -0.14 -6.54
C ASP G 366 -6.01 -1.42 -7.17
N GLY G 367 -5.59 -2.35 -6.32
CA GLY G 367 -4.84 -3.49 -6.79
C GLY G 367 -5.68 -4.42 -7.61
N VAL G 368 -5.03 -5.16 -8.51
CA VAL G 368 -5.72 -6.07 -9.47
C VAL G 368 -4.98 -7.39 -9.48
N THR G 369 -5.70 -8.49 -9.43
CA THR G 369 -5.05 -9.81 -9.46
C THR G 369 -5.68 -10.65 -10.56
N ASP G 370 -5.10 -10.56 -11.76
CA ASP G 370 -5.66 -11.17 -12.97
C ASP G 370 -4.61 -12.15 -13.54
N PRO G 371 -4.63 -13.41 -13.06
CA PRO G 371 -3.57 -14.36 -13.44
C PRO G 371 -3.58 -14.69 -14.92
N LYS G 372 -2.39 -14.80 -15.50
CA LYS G 372 -2.23 -15.15 -16.91
C LYS G 372 -0.85 -15.82 -17.05
N TYR G 373 -0.83 -17.15 -17.15
CA TYR G 373 0.46 -17.84 -17.24
C TYR G 373 0.97 -17.81 -18.67
N THR G 374 2.29 -17.84 -18.87
CA THR G 374 2.81 -17.98 -20.23
C THR G 374 3.49 -19.35 -20.33
N LYS G 375 4.78 -19.41 -20.04
CA LYS G 375 5.54 -20.66 -20.06
C LYS G 375 6.71 -20.57 -19.10
N LEU G 376 7.19 -21.73 -18.68
CA LEU G 376 8.37 -21.81 -17.82
C LEU G 376 9.55 -21.07 -18.45
N ASP G 377 10.18 -20.24 -17.63
CA ASP G 377 11.41 -19.54 -17.98
C ASP G 377 11.26 -18.47 -19.06
N ASP G 378 10.04 -18.02 -19.28
CA ASP G 378 9.80 -16.90 -20.17
C ASP G 378 10.47 -15.65 -19.55
N LYS G 379 11.50 -15.09 -20.21
CA LYS G 379 12.21 -13.92 -19.65
C LYS G 379 11.33 -12.66 -19.50
N ASP G 380 10.22 -12.63 -20.24
CA ASP G 380 9.27 -11.53 -20.12
C ASP G 380 8.23 -11.68 -19.02
N HIS G 381 8.02 -12.91 -18.56
CA HIS G 381 7.03 -13.20 -17.50
C HIS G 381 7.49 -14.45 -16.81
N TYR G 382 8.03 -14.31 -15.61
CA TYR G 382 8.68 -15.44 -14.99
C TYR G 382 8.36 -15.65 -13.52
N SER G 383 7.29 -15.03 -12.98
CA SER G 383 7.03 -15.23 -11.58
C SER G 383 5.57 -14.97 -11.24
N TRP G 384 5.05 -15.72 -10.28
CA TRP G 384 3.70 -15.48 -9.79
C TRP G 384 3.70 -14.38 -8.73
N MET G 385 4.88 -13.91 -8.35
CA MET G 385 4.91 -12.73 -7.49
C MET G 385 4.76 -11.44 -8.29
N LYS G 386 3.97 -10.50 -7.77
CA LYS G 386 4.00 -9.12 -8.20
C LYS G 386 5.32 -8.50 -7.80
N ALA G 387 5.60 -7.32 -8.36
CA ALA G 387 6.83 -6.60 -8.10
C ALA G 387 6.51 -5.29 -7.33
N PRO G 388 6.59 -5.31 -5.99
CA PRO G 388 6.28 -4.08 -5.24
C PRO G 388 7.44 -3.08 -5.34
N ARG G 389 7.12 -1.82 -5.54
CA ARG G 389 8.17 -0.79 -5.71
C ARG G 389 7.74 0.44 -4.89
N TYR G 390 8.71 1.24 -4.49
CA TYR G 390 8.48 2.42 -3.67
C TYR G 390 9.06 3.60 -4.43
N LYS G 391 8.16 4.44 -4.97
CA LYS G 391 8.51 5.56 -5.85
C LYS G 391 9.50 5.05 -6.92
N GLY G 392 9.25 3.84 -7.43
CA GLY G 392 10.07 3.28 -8.50
C GLY G 392 11.27 2.48 -8.08
N LYS G 393 11.53 2.37 -6.77
CA LYS G 393 12.71 1.65 -6.28
C LYS G 393 12.35 0.33 -5.60
N ALA G 394 13.20 -0.69 -5.77
CA ALA G 394 13.04 -1.97 -5.06
C ALA G 394 13.49 -1.74 -3.61
N MET G 395 12.89 -2.45 -2.66
CA MET G 395 13.17 -2.25 -1.23
C MET G 395 13.38 -3.61 -0.61
N GLU G 396 14.53 -3.80 0.05
CA GLU G 396 14.72 -4.93 0.95
C GLU G 396 13.98 -4.67 2.28
N VAL G 397 13.31 -5.70 2.76
CA VAL G 397 12.56 -5.65 4.00
C VAL G 397 13.02 -6.83 4.86
N GLY G 398 12.78 -6.71 6.16
CA GLY G 398 13.12 -7.79 7.08
C GLY G 398 14.11 -7.40 8.16
N PRO G 399 14.71 -8.40 8.82
CA PRO G 399 15.56 -8.04 9.96
C PRO G 399 16.70 -7.08 9.62
N LEU G 400 17.36 -7.25 8.48
CA LEU G 400 18.43 -6.29 8.12
C LEU G 400 17.94 -4.84 7.94
N ALA G 401 16.82 -4.69 7.25
CA ALA G 401 16.12 -3.38 7.09
C ALA G 401 15.79 -2.80 8.44
N ARG G 402 15.13 -3.57 9.30
CA ARG G 402 14.82 -3.10 10.67
C ARG G 402 16.06 -2.69 11.44
N THR G 403 17.14 -3.43 11.26
CA THR G 403 18.35 -3.21 12.04
C THR G 403 19.01 -1.92 11.59
N PHE G 404 19.12 -1.72 10.27
CA PHE G 404 19.74 -0.50 9.76
C PHE G 404 18.94 0.73 10.13
N ILE G 405 17.61 0.63 10.00
CA ILE G 405 16.74 1.73 10.38
C ILE G 405 16.81 2.08 11.86
N ALA G 406 16.77 1.06 12.71
CA ALA G 406 16.89 1.29 14.14
C ALA G 406 18.26 1.82 14.53
N TYR G 407 19.33 1.28 13.92
CA TYR G 407 20.69 1.70 14.23
C TYR G 407 20.85 3.16 13.84
N ALA G 408 20.41 3.50 12.63
CA ALA G 408 20.46 4.86 12.11
C ALA G 408 19.70 5.89 12.98
N LYS G 409 18.58 5.47 13.57
CA LYS G 409 17.77 6.34 14.40
C LYS G 409 18.27 6.38 15.84
N GLY G 410 19.30 5.59 16.17
CA GLY G 410 19.89 5.53 17.52
C GLY G 410 19.08 4.79 18.56
N GLN G 411 18.26 3.83 18.12
CA GLN G 411 17.47 2.98 19.00
C GLN G 411 18.49 2.28 19.91
N PRO G 412 18.38 2.49 21.25
CA PRO G 412 19.51 2.12 22.12
C PRO G 412 19.81 0.61 22.20
N ASP G 413 18.78 -0.23 22.13
CA ASP G 413 18.98 -1.69 22.08
C ASP G 413 19.74 -2.12 20.82
N PHE G 414 19.28 -1.66 19.65
CA PHE G 414 19.97 -1.96 18.39
C PHE G 414 21.40 -1.43 18.34
N LYS G 415 21.61 -0.21 18.82
CA LYS G 415 22.94 0.40 18.88
C LYS G 415 23.89 -0.48 19.72
N LYS G 416 23.41 -0.92 20.88
CA LYS G 416 24.19 -1.79 21.78
C LYS G 416 24.53 -3.11 21.12
N VAL G 417 23.52 -3.80 20.56
CA VAL G 417 23.70 -5.16 20.08
C VAL G 417 24.51 -5.19 18.78
N VAL G 418 24.22 -4.25 17.88
CA VAL G 418 24.93 -4.17 16.61
C VAL G 418 26.41 -3.92 16.91
N ASP G 419 26.69 -2.95 17.78
CA ASP G 419 28.09 -2.65 18.15
C ASP G 419 28.81 -3.86 18.79
N MET G 420 28.11 -4.62 19.62
CA MET G 420 28.68 -5.84 20.18
C MET G 420 29.09 -6.77 19.04
N VAL G 421 28.17 -6.99 18.10
CA VAL G 421 28.44 -7.88 16.96
C VAL G 421 29.60 -7.37 16.09
N LEU G 422 29.59 -6.08 15.79
CA LEU G 422 30.67 -5.50 14.97
C LEU G 422 32.02 -5.64 15.67
N GLY G 423 32.01 -5.40 16.99
CA GLY G 423 33.23 -5.51 17.80
C GLY G 423 33.76 -6.94 17.84
N LYS G 424 32.85 -7.90 17.93
CA LYS G 424 33.22 -9.30 18.04
C LYS G 424 33.80 -9.81 16.73
N LEU G 425 33.21 -9.39 15.62
CA LEU G 425 33.65 -9.81 14.28
C LEU G 425 34.81 -8.97 13.73
N SER G 426 35.08 -7.83 14.36
CA SER G 426 36.06 -6.86 13.89
C SER G 426 35.81 -6.48 12.45
N VAL G 427 34.59 -6.03 12.19
CA VAL G 427 34.21 -5.53 10.87
C VAL G 427 33.47 -4.20 11.05
N PRO G 428 33.57 -3.29 10.05
CA PRO G 428 32.81 -2.03 10.09
C PRO G 428 31.33 -2.26 9.81
N ALA G 429 30.49 -1.30 10.14
CA ALA G 429 29.04 -1.42 9.90
C ALA G 429 28.69 -1.63 8.43
N THR G 430 29.55 -1.13 7.54
CA THR G 430 29.32 -1.26 6.11
C THR G 430 29.30 -2.74 5.69
N ALA G 431 29.93 -3.60 6.50
CA ALA G 431 29.99 -5.03 6.18
C ALA G 431 28.64 -5.70 6.41
N LEU G 432 27.73 -4.99 7.08
CA LEU G 432 26.40 -5.55 7.29
C LEU G 432 25.52 -5.55 6.03
N HIS G 433 25.89 -4.76 5.03
CA HIS G 433 25.17 -4.76 3.74
C HIS G 433 25.64 -5.97 2.94
N SER G 434 25.18 -7.15 3.35
CA SER G 434 25.69 -8.38 2.80
C SER G 434 24.84 -9.52 3.29
N THR G 435 25.07 -10.69 2.73
CA THR G 435 24.41 -11.91 3.21
C THR G 435 24.84 -12.25 4.64
N LEU G 436 26.12 -12.03 4.98
CA LEU G 436 26.54 -12.20 6.37
C LEU G 436 25.75 -11.25 7.30
N GLY G 437 25.66 -9.98 6.90
CA GLY G 437 24.91 -9.00 7.66
C GLY G 437 23.43 -9.36 7.83
N ARG G 438 22.81 -9.88 6.77
CA ARG G 438 21.42 -10.22 6.73
C ARG G 438 21.15 -11.34 7.74
N THR G 439 22.04 -12.32 7.75
CA THR G 439 21.98 -13.44 8.69
C THR G 439 22.18 -12.98 10.16
N ALA G 440 23.20 -12.14 10.37
CA ALA G 440 23.51 -11.58 11.70
C ALA G 440 22.33 -10.76 12.24
N ALA G 441 21.73 -9.95 11.38
CA ALA G 441 20.63 -9.07 11.83
C ALA G 441 19.43 -9.85 12.40
N ARG G 442 19.14 -11.00 11.79
CA ARG G 442 18.09 -11.87 12.27
C ARG G 442 18.37 -12.29 13.72
N GLY G 443 19.64 -12.60 14.03
CA GLY G 443 20.05 -12.95 15.40
C GLY G 443 19.98 -11.74 16.32
N ILE G 444 20.49 -10.61 15.85
CA ILE G 444 20.50 -9.38 16.61
C ILE G 444 19.10 -9.04 17.14
N GLU G 445 18.12 -9.01 16.25
CA GLU G 445 16.76 -8.64 16.67
C GLU G 445 16.08 -9.69 17.57
N THR G 446 16.49 -10.95 17.44
CA THR G 446 15.97 -12.06 18.29
C THR G 446 16.43 -11.79 19.73
N ALA G 447 17.70 -11.42 19.89
CA ALA G 447 18.21 -11.08 21.23
C ALA G 447 17.48 -9.89 21.84
N ILE G 448 17.14 -8.90 21.02
CA ILE G 448 16.45 -7.70 21.51
C ILE G 448 14.98 -7.99 21.89
N VAL G 449 14.28 -8.81 21.12
CA VAL G 449 12.93 -9.20 21.50
C VAL G 449 13.03 -9.90 22.86
N CYS G 450 14.01 -10.79 23.01
CA CYS G 450 14.17 -11.54 24.26
C CYS G 450 14.34 -10.60 25.42
N ALA G 451 15.17 -9.57 25.20
CA ALA G 451 15.47 -8.61 26.25
C ALA G 451 14.24 -7.81 26.69
N ASN G 452 13.22 -7.74 25.84
CA ASN G 452 12.02 -6.98 26.17
C ASN G 452 10.84 -7.80 26.70
N MET G 453 10.93 -9.13 26.60
CA MET G 453 9.77 -9.99 26.89
C MET G 453 9.19 -9.75 28.29
N GLU G 454 10.05 -9.76 29.29
CA GLU G 454 9.59 -9.61 30.66
C GLU G 454 8.87 -8.28 30.88
N LYS G 455 9.46 -7.19 30.40
CA LYS G 455 8.82 -5.86 30.53
C LYS G 455 7.42 -5.89 29.89
N TRP G 456 7.33 -6.44 28.68
CA TRP G 456 6.05 -6.47 27.96
C TRP G 456 5.01 -7.32 28.68
N ILE G 457 5.43 -8.49 29.14
CA ILE G 457 4.55 -9.39 29.90
C ILE G 457 4.05 -8.72 31.21
N LYS G 458 4.98 -8.17 31.98
CA LYS G 458 4.60 -7.45 33.20
C LYS G 458 3.62 -6.30 32.92
N GLU G 459 3.87 -5.53 31.86
CA GLU G 459 2.96 -4.43 31.47
C GLU G 459 1.52 -4.92 31.23
N MET G 460 1.39 -6.03 30.48
CA MET G 460 0.06 -6.57 30.18
C MET G 460 -0.57 -7.17 31.43
N ALA G 461 0.21 -7.92 32.19
CA ALA G 461 -0.28 -8.48 33.46
C ALA G 461 -0.94 -7.37 34.33
N ASP G 462 -0.28 -6.20 34.42
CA ASP G 462 -0.77 -5.09 35.28
C ASP G 462 -1.98 -4.38 34.65
N SER G 463 -1.97 -4.25 33.32
CA SER G 463 -3.06 -3.63 32.57
C SER G 463 -4.32 -4.47 32.69
N GLY G 464 -4.16 -5.79 32.56
CA GLY G 464 -5.26 -6.73 32.71
C GLY G 464 -5.78 -6.87 34.13
N ALA G 465 -4.92 -6.67 35.12
CA ALA G 465 -5.33 -6.79 36.52
C ALA G 465 -6.28 -5.64 36.83
N LYS G 466 -5.93 -4.49 36.26
CA LYS G 466 -6.64 -3.24 36.36
C LYS G 466 -8.07 -3.26 35.82
N ASP G 467 -8.27 -3.94 34.69
CA ASP G 467 -9.40 -3.69 33.81
C ASP G 467 -9.21 -4.71 32.72
N ASN G 468 -10.12 -5.67 32.60
CA ASN G 468 -9.85 -6.69 31.58
C ASN G 468 -10.54 -6.45 30.25
N THR G 469 -10.89 -5.18 29.99
CA THR G 469 -11.38 -4.78 28.64
C THR G 469 -10.42 -5.28 27.54
N LEU G 470 -10.97 -6.00 26.58
CA LEU G 470 -10.13 -6.66 25.57
C LEU G 470 -10.65 -6.44 24.16
N CYS G 471 -11.93 -6.07 24.02
CA CYS G 471 -12.50 -5.84 22.69
C CYS G 471 -13.34 -4.55 22.73
N ALA G 472 -13.17 -3.68 21.74
CA ALA G 472 -13.97 -2.45 21.63
C ALA G 472 -15.24 -2.67 20.79
N LYS G 473 -16.26 -1.84 21.03
CA LYS G 473 -17.49 -1.88 20.21
C LYS G 473 -17.19 -1.19 18.88
N TRP G 474 -17.83 -1.67 17.82
CA TRP G 474 -17.63 -1.09 16.49
C TRP G 474 -18.85 -1.40 15.64
N GLU G 475 -18.95 -0.76 14.47
CA GLU G 475 -20.04 -0.96 13.52
C GLU G 475 -19.49 -1.04 12.12
N MET G 476 -20.08 -1.92 11.31
CA MET G 476 -19.66 -2.15 9.94
C MET G 476 -20.21 -1.05 9.04
N PRO G 477 -19.33 -0.32 8.37
CA PRO G 477 -19.84 0.76 7.54
C PRO G 477 -20.29 0.21 6.19
N GLU G 478 -21.21 0.91 5.52
CA GLU G 478 -21.64 0.57 4.17
C GLU G 478 -20.42 0.60 3.21
N GLU G 479 -19.66 1.69 3.27
CA GLU G 479 -18.50 1.82 2.40
C GLU G 479 -17.32 2.39 3.15
N SER G 480 -16.12 1.83 2.95
CA SER G 480 -14.91 2.34 3.61
C SER G 480 -13.66 1.72 3.02
N LYS G 481 -12.51 2.15 3.49
CA LYS G 481 -11.27 1.44 3.16
C LYS G 481 -10.35 1.51 4.37
N GLY G 482 -9.32 0.66 4.39
CA GLY G 482 -8.46 0.65 5.55
C GLY G 482 -7.19 -0.10 5.22
N VAL G 483 -6.13 0.18 5.96
CA VAL G 483 -4.85 -0.53 5.76
C VAL G 483 -4.38 -1.04 7.12
N GLY G 484 -3.87 -2.27 7.15
CA GLY G 484 -3.22 -2.88 8.35
C GLY G 484 -1.75 -3.07 8.06
N LEU G 485 -0.91 -2.50 8.94
CA LEU G 485 0.57 -2.64 8.81
C LEU G 485 1.12 -3.52 9.89
N ALA G 486 2.19 -4.27 9.57
CA ALA G 486 2.90 -5.00 10.58
C ALA G 486 4.31 -5.19 10.05
N ASP G 487 5.29 -5.31 10.93
CA ASP G 487 6.58 -5.85 10.50
C ASP G 487 6.64 -7.30 10.96
N ALA G 488 6.41 -8.20 10.01
CA ALA G 488 6.43 -9.63 10.26
C ALA G 488 7.91 -10.07 10.33
N PRO G 489 8.19 -11.30 10.80
CA PRO G 489 9.59 -11.74 10.85
C PRO G 489 10.39 -11.52 9.59
N ARG G 490 9.78 -11.61 8.41
CA ARG G 490 10.49 -11.34 7.15
C ARG G 490 10.42 -9.90 6.66
N GLY G 491 9.63 -9.06 7.35
CA GLY G 491 9.61 -7.62 7.00
C GLY G 491 8.23 -6.98 6.85
N ALA G 492 8.22 -5.86 6.13
CA ALA G 492 7.05 -4.96 6.00
C ALA G 492 5.84 -5.63 5.33
N LEU G 493 4.77 -5.77 6.10
CA LEU G 493 3.55 -6.45 5.64
C LEU G 493 2.39 -5.48 5.67
N SER G 494 1.61 -5.45 4.58
CA SER G 494 0.43 -4.60 4.59
C SER G 494 -0.77 -5.29 3.92
N HIS G 495 -1.95 -5.10 4.49
CA HIS G 495 -3.20 -5.60 3.90
C HIS G 495 -4.07 -4.40 3.71
N TRP G 496 -4.79 -4.36 2.59
CA TRP G 496 -5.51 -3.17 2.17
C TRP G 496 -6.90 -3.61 1.74
N ILE G 497 -7.91 -3.02 2.36
CA ILE G 497 -9.29 -3.42 2.05
C ILE G 497 -10.11 -2.25 1.49
N ARG G 498 -10.99 -2.54 0.53
CA ARG G 498 -12.09 -1.65 0.22
C ARG G 498 -13.39 -2.39 0.52
N ILE G 499 -14.28 -1.72 1.28
CA ILE G 499 -15.58 -2.28 1.66
C ILE G 499 -16.66 -1.53 0.88
N LYS G 500 -17.59 -2.28 0.30
CA LYS G 500 -18.70 -1.69 -0.38
C LYS G 500 -19.91 -2.57 -0.09
N GLY G 501 -21.06 -1.96 0.21
CA GLY G 501 -22.25 -2.73 0.61
C GLY G 501 -21.99 -3.66 1.79
N LYS G 502 -21.07 -3.23 2.69
CA LYS G 502 -20.63 -4.00 3.86
C LYS G 502 -19.92 -5.31 3.53
N LYS G 503 -19.50 -5.49 2.29
CA LYS G 503 -18.73 -6.67 1.87
C LYS G 503 -17.37 -6.27 1.35
N ILE G 504 -16.49 -7.25 1.20
CA ILE G 504 -15.17 -7.02 0.60
C ILE G 504 -15.33 -6.72 -0.89
N ASP G 505 -14.92 -5.52 -1.30
CA ASP G 505 -14.92 -5.14 -2.73
C ASP G 505 -13.54 -5.37 -3.32
N ASN G 506 -12.50 -5.12 -2.54
CA ASN G 506 -11.12 -5.44 -2.94
C ASN G 506 -10.35 -5.75 -1.66
N PHE G 507 -9.44 -6.72 -1.71
CA PHE G 507 -8.57 -6.99 -0.59
C PHE G 507 -7.23 -7.32 -1.20
N GLN G 508 -6.21 -6.59 -0.79
CA GLN G 508 -4.88 -6.81 -1.42
C GLN G 508 -3.85 -6.99 -0.32
N LEU G 509 -2.97 -8.00 -0.48
CA LEU G 509 -1.88 -8.24 0.43
C LEU G 509 -0.62 -7.87 -0.33
N VAL G 510 0.25 -7.14 0.36
CA VAL G 510 1.62 -6.90 -0.13
C VAL G 510 2.54 -7.36 0.97
N VAL G 511 3.35 -8.40 0.67
CA VAL G 511 3.91 -9.19 1.75
C VAL G 511 5.45 -9.06 1.71
N PRO G 512 6.15 -9.26 2.85
CA PRO G 512 7.60 -9.02 2.82
C PRO G 512 8.36 -9.82 1.78
N SER G 513 8.02 -11.10 1.60
CA SER G 513 8.69 -11.86 0.52
C SER G 513 8.34 -11.37 -0.88
N THR G 514 7.19 -10.70 -1.03
CA THR G 514 6.90 -10.03 -2.30
C THR G 514 7.92 -8.91 -2.55
N TRP G 515 8.18 -8.06 -1.54
CA TRP G 515 9.23 -7.02 -1.65
C TRP G 515 10.60 -7.64 -1.95
N ASN G 516 10.95 -8.72 -1.25
CA ASN G 516 12.35 -9.25 -1.35
C ASN G 516 12.57 -10.14 -2.55
N LEU G 517 11.57 -10.96 -2.89
CA LEU G 517 11.81 -12.09 -3.83
C LEU G 517 10.98 -12.01 -5.11
N GLY G 518 10.24 -10.92 -5.27
CA GLY G 518 9.48 -10.69 -6.49
C GLY G 518 10.40 -10.54 -7.69
N PRO G 519 9.83 -10.50 -8.90
CA PRO G 519 10.61 -10.32 -10.10
C PRO G 519 11.01 -8.83 -10.33
N ARG G 520 11.60 -8.57 -11.49
CA ARG G 520 11.83 -7.22 -12.02
C ARG G 520 10.53 -6.39 -12.04
N GLY G 521 10.68 -5.09 -11.80
CA GLY G 521 9.56 -4.15 -11.91
C GLY G 521 9.41 -3.66 -13.35
N ALA G 522 8.52 -2.70 -13.55
CA ALA G 522 8.17 -2.23 -14.90
C ALA G 522 9.34 -1.65 -15.70
N GLN G 523 10.31 -1.07 -15.01
CA GLN G 523 11.52 -0.53 -15.65
C GLN G 523 12.58 -1.61 -15.84
N GLY G 524 12.26 -2.86 -15.51
CA GLY G 524 13.22 -3.99 -15.69
C GLY G 524 14.30 -4.06 -14.61
N ASP G 525 14.02 -3.41 -13.49
CA ASP G 525 14.94 -3.33 -12.37
C ASP G 525 14.79 -4.56 -11.48
N LYS G 526 15.92 -5.23 -11.25
CA LYS G 526 16.00 -6.39 -10.39
C LYS G 526 15.47 -6.20 -8.96
N SER G 527 14.85 -7.28 -8.45
CA SER G 527 14.39 -7.29 -7.06
C SER G 527 15.57 -7.37 -6.11
N PRO G 528 15.35 -7.22 -4.78
CA PRO G 528 16.48 -7.31 -3.83
C PRO G 528 17.23 -8.66 -3.94
N VAL G 529 16.49 -9.78 -3.96
CA VAL G 529 17.18 -11.10 -4.11
C VAL G 529 17.98 -11.23 -5.42
N GLU G 530 17.42 -10.72 -6.53
CA GLU G 530 18.06 -10.81 -7.82
C GLU G 530 19.35 -9.98 -7.81
N GLU G 531 19.27 -8.77 -7.24
CA GLU G 531 20.46 -7.94 -7.11
C GLU G 531 21.52 -8.57 -6.20
N ALA G 532 21.08 -9.12 -5.06
CA ALA G 532 21.99 -9.69 -4.08
C ALA G 532 22.79 -10.84 -4.67
N LEU G 533 22.15 -11.60 -5.57
CA LEU G 533 22.76 -12.76 -6.22
C LEU G 533 23.89 -12.42 -7.19
N ILE G 534 23.90 -11.19 -7.72
CA ILE G 534 24.96 -10.77 -8.64
C ILE G 534 26.27 -10.75 -7.88
N GLY G 535 27.31 -11.35 -8.47
CA GLY G 535 28.65 -11.42 -7.84
C GLY G 535 28.87 -12.67 -6.98
N THR G 536 27.88 -13.54 -6.86
CA THR G 536 27.98 -14.74 -6.03
C THR G 536 29.03 -15.65 -6.63
N PRO G 537 30.06 -16.03 -5.84
CA PRO G 537 31.05 -16.96 -6.39
C PRO G 537 30.51 -18.37 -6.29
N ILE G 538 30.92 -19.25 -7.21
CA ILE G 538 30.40 -20.62 -7.28
C ILE G 538 31.62 -21.54 -7.30
N ALA G 539 31.87 -22.20 -6.18
CA ALA G 539 33.06 -23.04 -6.07
C ALA G 539 32.86 -24.31 -6.90
N ASP G 540 31.61 -24.79 -6.94
CA ASP G 540 31.28 -26.06 -7.60
C ASP G 540 29.88 -25.94 -8.20
N PRO G 541 29.79 -25.85 -9.56
CA PRO G 541 28.47 -25.58 -10.19
C PRO G 541 27.51 -26.76 -10.05
N LYS G 542 28.06 -27.95 -9.80
CA LYS G 542 27.19 -29.11 -9.47
C LYS G 542 26.49 -28.99 -8.11
N ARG G 543 27.06 -28.19 -7.20
CA ARG G 543 26.55 -28.13 -5.82
C ARG G 543 26.60 -26.64 -5.40
N PRO G 544 25.70 -25.82 -5.96
CA PRO G 544 25.83 -24.35 -5.83
C PRO G 544 25.33 -23.83 -4.49
N VAL G 545 26.00 -24.26 -3.43
CA VAL G 545 25.60 -23.84 -2.06
C VAL G 545 25.58 -22.30 -1.88
N GLU G 546 26.45 -21.58 -2.58
CA GLU G 546 26.52 -20.11 -2.46
C GLU G 546 25.24 -19.39 -2.86
N ILE G 547 24.54 -19.94 -3.86
CA ILE G 547 23.20 -19.46 -4.22
C ILE G 547 22.22 -19.61 -3.06
N LEU G 548 22.25 -20.78 -2.42
CA LEU G 548 21.40 -21.08 -1.30
C LEU G 548 21.67 -20.16 -0.11
N ARG G 549 22.96 -19.86 0.12
CA ARG G 549 23.34 -19.00 1.27
C ARG G 549 22.63 -17.68 1.18
N THR G 550 22.67 -17.07 0.00
CA THR G 550 22.10 -15.72 -0.15
C THR G 550 20.59 -15.76 -0.18
N VAL G 551 20.03 -16.69 -0.94
CA VAL G 551 18.58 -16.84 -1.02
C VAL G 551 18.02 -17.12 0.37
N HIS G 552 18.59 -18.10 1.07
CA HIS G 552 18.13 -18.40 2.42
C HIS G 552 18.27 -17.22 3.38
N ALA G 553 19.27 -16.37 3.18
CA ALA G 553 19.46 -15.22 4.09
C ALA G 553 18.28 -14.29 4.10
N PHE G 554 17.52 -14.23 2.99
CA PHE G 554 16.29 -13.43 2.92
C PHE G 554 15.08 -14.13 3.60
N ASP G 555 15.22 -15.42 3.91
CA ASP G 555 14.18 -16.18 4.59
C ASP G 555 12.92 -16.19 3.73
N PRO G 556 13.05 -16.71 2.49
CA PRO G 556 11.95 -16.67 1.53
C PRO G 556 10.73 -17.43 1.96
N CSS G 557 9.58 -16.82 1.64
CA CSS G 557 8.30 -17.43 1.90
CB CSS G 557 7.63 -16.73 3.07
SG CSS G 557 8.07 -17.35 4.69
SD CSS G 557 6.60 -16.44 5.75
C CSS G 557 7.41 -17.19 0.67
O CSS G 557 6.89 -16.08 0.49
N CYS G 557 9.58 -16.82 1.64
CA CYS G 557 8.30 -17.43 1.90
C CYS G 557 7.41 -17.19 0.67
N ILE G 558 7.31 -18.19 -0.21
CA ILE G 558 6.70 -18.01 -1.52
C ILE G 558 5.17 -18.05 -1.44
N ALA G 559 4.66 -18.84 -0.50
CA ALA G 559 3.20 -18.82 -0.24
C ALA G 559 2.79 -17.45 0.26
N CYS G 560 3.55 -16.90 1.21
CA CYS G 560 3.33 -15.49 1.62
C CYS G 560 3.43 -14.55 0.44
N GLY G 561 4.49 -14.68 -0.33
CA GLY G 561 4.81 -13.68 -1.37
C GLY G 561 3.79 -13.60 -2.49
N VAL G 562 3.22 -14.76 -2.86
CA VAL G 562 2.31 -14.85 -4.02
C VAL G 562 0.86 -14.81 -3.50
N HIS G 563 0.57 -15.54 -2.42
CA HIS G 563 -0.81 -15.62 -1.89
C HIS G 563 -1.84 -15.89 -3.01
N LYS H 19 26.30 11.67 0.94
CA LYS H 19 25.82 10.27 1.11
C LYS H 19 26.44 9.36 0.06
N PRO H 20 25.60 8.70 -0.76
CA PRO H 20 26.21 7.77 -1.72
C PRO H 20 27.03 8.47 -2.79
N THR H 21 27.77 7.69 -3.54
CA THR H 21 28.44 8.17 -4.72
C THR H 21 27.38 8.62 -5.73
N PRO H 22 27.49 9.85 -6.27
CA PRO H 22 26.54 10.31 -7.31
C PRO H 22 26.45 9.37 -8.51
N GLN H 23 25.22 9.10 -8.93
CA GLN H 23 24.98 8.15 -9.98
C GLN H 23 23.65 8.49 -10.65
N SER H 24 23.68 8.58 -11.97
CA SER H 24 22.48 8.86 -12.77
C SER H 24 21.65 7.60 -12.97
N THR H 25 20.54 7.71 -13.68
CA THR H 25 19.77 6.54 -14.08
C THR H 25 20.02 6.17 -15.55
N PHE H 26 21.05 6.77 -16.15
CA PHE H 26 21.31 6.60 -17.60
C PHE H 26 21.51 5.14 -18.01
N THR H 27 20.84 4.76 -19.09
CA THR H 27 21.03 3.45 -19.73
C THR H 27 21.30 3.71 -21.21
N GLY H 28 22.43 3.23 -21.68
CA GLY H 28 22.78 3.31 -23.09
C GLY H 28 24.28 3.31 -23.24
N PRO H 29 24.74 3.53 -24.47
CA PRO H 29 26.19 3.53 -24.73
C PRO H 29 26.82 4.88 -24.44
N ILE H 30 28.11 4.85 -24.11
CA ILE H 30 28.92 6.05 -24.06
C ILE H 30 30.26 5.72 -24.76
N VAL H 31 30.70 6.63 -25.63
CA VAL H 31 32.01 6.51 -26.29
C VAL H 31 32.77 7.77 -25.87
N VAL H 32 34.04 7.59 -25.52
CA VAL H 32 34.90 8.71 -25.24
C VAL H 32 36.11 8.52 -26.14
N ASP H 33 36.19 9.38 -27.15
CA ASP H 33 37.31 9.34 -28.14
C ASP H 33 37.46 10.79 -28.65
N PRO H 34 38.61 11.46 -28.40
CA PRO H 34 39.81 10.86 -27.84
C PRO H 34 39.75 10.82 -26.30
N ILE H 35 40.44 9.85 -25.71
CA ILE H 35 40.75 9.94 -24.28
C ILE H 35 41.93 10.90 -24.23
N THR H 36 41.72 12.06 -23.63
CA THR H 36 42.80 13.03 -23.53
C THR H 36 43.59 12.76 -22.24
N ARG H 37 44.72 13.44 -22.09
CA ARG H 37 45.57 13.36 -20.90
C ARG H 37 46.07 11.94 -20.65
N ILE H 38 46.36 11.28 -21.77
CA ILE H 38 47.16 10.06 -21.78
C ILE H 38 48.19 10.30 -22.90
N GLU H 39 49.14 9.38 -23.05
CA GLU H 39 49.92 9.28 -24.24
C GLU H 39 49.20 8.41 -25.25
N GLY H 40 49.08 8.90 -26.48
CA GLY H 40 48.57 8.09 -27.57
C GLY H 40 47.06 8.17 -27.75
N HIS H 41 46.56 7.33 -28.66
CA HIS H 41 45.22 7.44 -29.20
C HIS H 41 44.31 6.30 -28.76
N LEU H 42 43.40 6.60 -27.82
CA LEU H 42 42.54 5.59 -27.27
C LEU H 42 41.10 5.99 -27.42
N ARG H 43 40.29 4.99 -27.73
CA ARG H 43 38.83 5.14 -27.76
C ARG H 43 38.30 4.16 -26.72
N ILE H 44 37.44 4.65 -25.81
CA ILE H 44 36.78 3.79 -24.82
C ILE H 44 35.32 3.74 -25.17
N MET H 45 34.75 2.53 -25.27
CA MET H 45 33.29 2.36 -25.45
C MET H 45 32.77 1.62 -24.23
N VAL H 46 31.63 2.03 -23.71
CA VAL H 46 31.02 1.34 -22.60
C VAL H 46 29.50 1.24 -22.79
N GLU H 47 28.91 0.23 -22.19
CA GLU H 47 27.46 0.16 -22.07
C GLU H 47 27.16 0.44 -20.63
N VAL H 48 26.16 1.28 -20.41
CA VAL H 48 25.79 1.76 -19.10
C VAL H 48 24.34 1.33 -18.89
N GLU H 49 24.05 0.87 -17.67
CA GLU H 49 22.68 0.51 -17.29
C GLU H 49 22.38 1.09 -15.91
N ASN H 50 21.30 1.85 -15.81
CA ASN H 50 20.93 2.50 -14.54
C ASN H 50 22.12 3.20 -13.87
N GLY H 51 22.92 3.86 -14.68
CA GLY H 51 23.97 4.73 -14.17
C GLY H 51 25.29 4.05 -13.86
N LYS H 52 25.40 2.75 -14.12
CA LYS H 52 26.63 2.01 -13.91
C LYS H 52 27.12 1.31 -15.18
N VAL H 53 28.43 1.32 -15.38
CA VAL H 53 28.99 0.63 -16.54
C VAL H 53 28.78 -0.89 -16.41
N LYS H 54 28.21 -1.48 -17.45
CA LYS H 54 27.93 -2.92 -17.46
C LYS H 54 28.85 -3.69 -18.38
N ASP H 55 29.40 -3.02 -19.39
CA ASP H 55 30.37 -3.67 -20.29
C ASP H 55 31.33 -2.61 -20.85
N ALA H 56 32.51 -3.01 -21.29
CA ALA H 56 33.54 -2.06 -21.71
C ALA H 56 34.49 -2.62 -22.78
N TRP H 57 35.00 -1.72 -23.61
CA TRP H 57 35.96 -2.04 -24.67
C TRP H 57 37.04 -0.97 -24.67
N SER H 58 38.29 -1.42 -24.72
CA SER H 58 39.44 -0.54 -24.81
C SER H 58 39.99 -0.65 -26.24
N SER H 59 39.80 0.40 -27.02
CA SER H 59 40.09 0.38 -28.47
C SER H 59 41.25 1.32 -28.85
N SER H 60 42.45 0.74 -29.00
CA SER H 60 43.60 1.52 -29.42
C SER H 60 43.57 1.85 -30.92
N GLN H 61 43.81 3.11 -31.23
CA GLN H 61 43.43 3.70 -32.53
C GLN H 61 44.59 4.03 -33.49
N LEU H 62 45.82 3.70 -33.14
CA LEU H 62 46.95 3.97 -34.03
C LEU H 62 47.87 2.76 -34.07
N PHE H 63 48.27 2.35 -35.27
CA PHE H 63 49.35 1.36 -35.47
C PHE H 63 50.55 2.05 -36.13
N ARG H 64 51.75 1.72 -35.66
CA ARG H 64 53.00 2.14 -36.35
C ARG H 64 53.82 0.97 -36.88
N GLY H 65 53.91 -0.12 -36.12
CA GLY H 65 54.64 -1.32 -36.60
C GLY H 65 56.15 -1.35 -36.44
N LEU H 66 56.68 -0.88 -35.31
CA LEU H 66 58.13 -0.95 -35.09
C LEU H 66 58.72 -2.36 -35.20
N GLU H 67 57.99 -3.38 -34.79
CA GLU H 67 58.49 -4.76 -34.86
C GLU H 67 58.71 -5.19 -36.31
N ILE H 68 57.81 -4.73 -37.17
CA ILE H 68 57.93 -4.98 -38.61
C ILE H 68 59.17 -4.26 -39.19
N ILE H 69 59.33 -2.98 -38.82
CA ILE H 69 60.40 -2.11 -39.28
C ILE H 69 61.79 -2.67 -38.89
N LEU H 70 61.84 -3.31 -37.73
CA LEU H 70 63.10 -3.84 -37.20
C LEU H 70 63.63 -5.05 -37.95
N LYS H 71 62.76 -5.80 -38.63
CA LYS H 71 63.20 -7.04 -39.30
C LYS H 71 64.34 -6.80 -40.28
N GLY H 72 65.39 -7.60 -40.15
CA GLY H 72 66.54 -7.52 -41.05
C GLY H 72 67.59 -6.49 -40.67
N ARG H 73 67.32 -5.65 -39.66
CA ARG H 73 68.25 -4.56 -39.27
C ARG H 73 69.33 -5.05 -38.30
N ASP H 74 70.32 -4.19 -38.03
CA ASP H 74 71.44 -4.48 -37.13
C ASP H 74 70.88 -4.52 -35.72
N PRO H 75 71.14 -5.61 -34.94
CA PRO H 75 70.64 -5.66 -33.56
C PRO H 75 71.07 -4.45 -32.71
N ARG H 76 72.24 -3.91 -33.01
CA ARG H 76 72.70 -2.69 -32.34
C ARG H 76 71.78 -1.49 -32.55
N ASP H 77 71.01 -1.48 -33.65
CA ASP H 77 70.13 -0.33 -33.93
C ASP H 77 68.82 -0.40 -33.19
N ALA H 78 68.51 -1.58 -32.64
CA ALA H 78 67.18 -1.82 -32.07
C ALA H 78 66.80 -0.78 -31.03
N GLN H 79 67.71 -0.53 -30.10
CA GLN H 79 67.38 0.39 -28.98
C GLN H 79 67.01 1.81 -29.48
N HIS H 80 67.61 2.23 -30.60
CA HIS H 80 67.31 3.57 -31.14
C HIS H 80 65.92 3.65 -31.74
N PHE H 81 65.50 2.60 -32.44
CA PHE H 81 64.12 2.51 -32.95
C PHE H 81 63.13 2.30 -31.84
N THR H 82 63.41 1.36 -30.93
CA THR H 82 62.39 1.01 -29.94
C THR H 82 62.20 2.14 -28.95
N GLN H 83 63.24 2.94 -28.72
CA GLN H 83 63.05 4.05 -27.78
C GLN H 83 61.90 4.96 -28.25
N ARG H 84 61.68 5.02 -29.56
CA ARG H 84 60.62 5.84 -30.15
C ARG H 84 59.26 5.18 -30.09
N ALA H 85 59.17 4.04 -29.40
CA ALA H 85 57.85 3.49 -29.07
C ALA H 85 57.07 4.53 -28.28
N CYS H 86 57.79 5.28 -27.44
CA CYS H 86 57.18 6.30 -26.64
C CYS H 86 58.15 7.32 -26.08
N GLY H 87 57.68 8.57 -26.04
CA GLY H 87 58.45 9.71 -25.56
C GLY H 87 58.09 10.15 -24.17
N CYS H 88 57.04 9.55 -23.60
CA CYS H 88 56.73 9.83 -22.20
C CYS H 88 57.58 8.93 -21.28
N CYS H 89 57.44 7.62 -21.42
CA CYS H 89 58.42 6.72 -20.83
C CYS H 89 59.61 6.63 -21.76
N THR H 90 60.19 7.78 -22.05
CA THR H 90 61.45 7.79 -22.78
C THR H 90 62.48 6.97 -21.98
N TYR H 91 63.58 6.60 -22.63
CA TYR H 91 64.61 5.72 -22.04
C TYR H 91 64.25 4.24 -21.90
N VAL H 92 63.08 3.94 -21.33
CA VAL H 92 62.80 2.54 -20.89
C VAL H 92 62.92 1.51 -22.00
N HIS H 93 62.54 1.87 -23.22
CA HIS H 93 62.67 0.96 -24.36
C HIS H 93 64.11 0.81 -24.81
N ALA H 94 64.90 1.87 -24.70
CA ALA H 94 66.34 1.75 -25.02
C ALA H 94 66.98 0.79 -24.01
N LEU H 95 66.56 0.88 -22.75
CA LEU H 95 67.11 0.04 -21.70
C LEU H 95 66.69 -1.43 -21.93
N ALA H 96 65.41 -1.66 -22.17
CA ALA H 96 64.92 -3.02 -22.44
C ALA H 96 65.60 -3.61 -23.67
N SER H 97 65.76 -2.83 -24.76
CA SER H 97 66.41 -3.40 -25.94
C SER H 97 67.90 -3.68 -25.65
N SER H 98 68.53 -2.79 -24.90
CA SER H 98 69.95 -3.00 -24.54
C SER H 98 70.13 -4.25 -23.66
N ARG H 99 69.22 -4.44 -22.71
CA ARG H 99 69.21 -5.65 -21.88
C ARG H 99 69.00 -6.89 -22.75
N CYS H 100 68.09 -6.74 -23.72
CA CYS H 100 67.71 -7.82 -24.61
C CYS H 100 68.89 -8.26 -25.51
N VAL H 101 69.54 -7.30 -26.16
CA VAL H 101 70.73 -7.63 -26.96
C VAL H 101 71.88 -8.09 -26.10
N ASP H 102 72.06 -7.48 -24.92
CA ASP H 102 73.07 -7.97 -23.95
C ASP H 102 72.87 -9.46 -23.64
N ASP H 103 71.62 -9.85 -23.45
CA ASP H 103 71.31 -11.26 -23.18
C ASP H 103 71.62 -12.14 -24.40
N ALA H 104 71.21 -11.69 -25.59
CA ALA H 104 71.43 -12.44 -26.84
C ALA H 104 72.91 -12.69 -27.18
N VAL H 105 73.75 -11.70 -26.89
CA VAL H 105 75.19 -11.82 -27.17
C VAL H 105 75.96 -12.41 -25.95
N LYS H 106 75.22 -12.63 -24.86
CA LYS H 106 75.75 -13.18 -23.60
C LYS H 106 76.88 -12.33 -22.99
N VAL H 107 76.62 -11.03 -22.80
CA VAL H 107 77.62 -10.13 -22.20
C VAL H 107 77.04 -9.66 -20.85
N SER H 108 77.89 -9.63 -19.84
CA SER H 108 77.53 -9.13 -18.52
C SER H 108 78.11 -7.70 -18.38
N ILE H 109 77.23 -6.72 -18.24
CA ILE H 109 77.65 -5.30 -18.20
C ILE H 109 78.43 -4.99 -16.91
N PRO H 110 79.42 -4.06 -16.97
CA PRO H 110 80.16 -3.69 -15.76
C PRO H 110 79.25 -3.16 -14.67
N ALA H 111 79.69 -3.28 -13.42
CA ALA H 111 78.94 -2.74 -12.27
C ALA H 111 78.54 -1.25 -12.43
N ASN H 112 79.45 -0.41 -12.95
CA ASN H 112 79.11 0.99 -13.18
C ASN H 112 77.97 1.19 -14.18
N ALA H 113 77.87 0.33 -15.19
CA ALA H 113 76.81 0.47 -16.17
C ALA H 113 75.48 0.02 -15.61
N ARG H 114 75.48 -1.02 -14.77
CA ARG H 114 74.28 -1.43 -14.07
C ARG H 114 73.77 -0.27 -13.22
N MET H 115 74.68 0.34 -12.46
CA MET H 115 74.36 1.50 -11.61
C MET H 115 73.80 2.68 -12.40
N MET H 116 74.51 3.08 -13.46
CA MET H 116 74.07 4.20 -14.29
C MET H 116 72.71 3.99 -14.92
N ARG H 117 72.51 2.78 -15.48
CA ARG H 117 71.26 2.46 -16.15
C ARG H 117 70.11 2.49 -15.15
N ASN H 118 70.36 2.00 -13.94
CA ASN H 118 69.31 1.93 -12.91
C ASN H 118 68.99 3.30 -12.35
N LEU H 119 70.00 4.16 -12.24
CA LEU H 119 69.79 5.53 -11.78
C LEU H 119 68.99 6.33 -12.81
N VAL H 120 69.25 6.11 -14.11
CA VAL H 120 68.49 6.79 -15.15
C VAL H 120 67.05 6.29 -15.08
N MET H 121 66.85 5.00 -14.76
CA MET H 121 65.46 4.51 -14.58
C MET H 121 64.75 5.20 -13.40
N ALA H 122 65.48 5.34 -12.27
CA ALA H 122 64.98 6.04 -11.09
C ALA H 122 64.55 7.49 -11.42
N SER H 123 65.45 8.21 -12.10
CA SER H 123 65.15 9.55 -12.59
C SER H 123 63.88 9.60 -13.44
N GLN H 124 63.75 8.61 -14.33
CA GLN H 124 62.56 8.49 -15.15
C GLN H 124 61.27 8.31 -14.33
N TYR H 125 61.29 7.44 -13.32
CA TYR H 125 60.11 7.25 -12.44
C TYR H 125 59.69 8.58 -11.80
N LEU H 126 60.67 9.33 -11.29
CA LEU H 126 60.37 10.62 -10.66
C LEU H 126 59.71 11.63 -11.61
N HIS H 127 60.28 11.77 -12.81
CA HIS H 127 59.69 12.68 -13.80
C HIS H 127 58.27 12.25 -14.23
N ASP H 128 58.16 10.97 -14.56
CA ASP H 128 56.99 10.41 -15.16
C ASP H 128 55.80 10.47 -14.17
N HIS H 129 56.00 10.00 -12.93
CA HIS H 129 54.90 9.96 -11.95
C HIS H 129 54.43 11.38 -11.57
N LEU H 130 55.38 12.32 -11.42
CA LEU H 130 55.02 13.71 -11.12
C LEU H 130 54.18 14.35 -12.23
N VAL H 131 54.60 14.15 -13.48
CA VAL H 131 53.82 14.65 -14.61
C VAL H 131 52.44 13.99 -14.67
N HIS H 132 52.40 12.67 -14.50
CA HIS H 132 51.12 11.96 -14.56
C HIS H 132 50.15 12.46 -13.53
N PHE H 133 50.56 12.52 -12.25
CA PHE H 133 49.64 12.95 -11.21
C PHE H 133 49.09 14.35 -11.45
N TYR H 134 49.98 15.31 -11.66
CA TYR H 134 49.53 16.69 -11.75
C TYR H 134 48.92 17.02 -13.11
N HIS H 135 49.65 16.69 -14.15
CA HIS H 135 49.26 17.19 -15.47
C HIS H 135 48.33 16.27 -16.26
N LEU H 136 48.31 14.97 -15.96
CA LEU H 136 47.39 14.08 -16.64
C LEU H 136 46.20 13.68 -15.77
N HIS H 137 46.42 13.39 -14.49
CA HIS H 137 45.35 12.80 -13.69
C HIS H 137 44.54 13.81 -12.91
N ALA H 138 45.19 14.84 -12.35
CA ALA H 138 44.56 15.70 -11.34
C ALA H 138 43.27 16.38 -11.81
N LEU H 139 43.17 16.73 -13.09
CA LEU H 139 42.02 17.48 -13.59
C LEU H 139 40.74 16.62 -13.58
N ASP H 140 40.89 15.29 -13.41
CA ASP H 140 39.72 14.41 -13.11
C ASP H 140 39.12 14.58 -11.71
N TRP H 141 39.90 15.15 -10.78
CA TRP H 141 39.52 15.21 -9.38
C TRP H 141 39.44 16.63 -8.84
N VAL H 142 40.17 17.53 -9.48
CA VAL H 142 40.30 18.94 -9.07
C VAL H 142 39.49 19.81 -10.02
N ASP H 143 38.57 20.61 -9.46
CA ASP H 143 37.84 21.62 -10.24
C ASP H 143 38.63 22.94 -10.21
N VAL H 144 39.36 23.19 -11.29
CA VAL H 144 40.25 24.38 -11.35
C VAL H 144 39.48 25.69 -11.23
N THR H 145 38.35 25.80 -11.93
CA THR H 145 37.52 27.03 -11.82
C THR H 145 36.97 27.28 -10.43
N ALA H 146 36.73 26.20 -9.68
CA ALA H 146 36.31 26.33 -8.28
C ALA H 146 37.39 26.96 -7.39
N ALA H 147 38.64 26.82 -7.79
CA ALA H 147 39.77 27.45 -7.08
C ALA H 147 39.59 28.96 -6.95
N LEU H 148 38.91 29.55 -7.93
CA LEU H 148 38.59 30.99 -7.93
C LEU H 148 37.66 31.41 -6.79
N LYS H 149 36.95 30.44 -6.23
CA LYS H 149 35.99 30.73 -5.17
C LYS H 149 36.68 30.73 -3.82
N ALA H 150 37.87 30.14 -3.76
CA ALA H 150 38.47 29.90 -2.46
C ALA H 150 38.90 31.19 -1.75
N ASP H 151 38.98 31.11 -0.43
CA ASP H 151 39.57 32.17 0.36
C ASP H 151 41.04 31.78 0.59
N PRO H 152 41.97 32.53 0.00
CA PRO H 152 43.39 32.12 0.05
C PRO H 152 43.91 32.01 1.48
N ASN H 153 43.39 32.85 2.39
CA ASN H 153 43.71 32.76 3.80
C ASN H 153 43.30 31.41 4.40
N LYS H 154 42.07 30.97 4.13
CA LYS H 154 41.60 29.65 4.59
C LYS H 154 42.37 28.52 3.92
N ALA H 155 42.77 28.75 2.67
CA ALA H 155 43.57 27.77 1.95
C ALA H 155 44.98 27.61 2.55
N ALA H 156 45.62 28.72 2.92
CA ALA H 156 46.94 28.70 3.56
C ALA H 156 46.92 27.93 4.88
N LYS H 157 45.88 28.18 5.69
CA LYS H 157 45.70 27.50 6.99
C LYS H 157 45.56 25.99 6.81
N LEU H 158 44.68 25.58 5.90
CA LEU H 158 44.53 24.17 5.51
C LEU H 158 45.86 23.55 5.05
N ALA H 159 46.54 24.20 4.11
CA ALA H 159 47.83 23.72 3.61
C ALA H 159 48.85 23.53 4.74
N ALA H 160 48.82 24.44 5.72
CA ALA H 160 49.71 24.40 6.86
C ALA H 160 49.45 23.18 7.76
N SER H 161 48.21 22.69 7.76
CA SER H 161 47.84 21.53 8.58
C SER H 161 48.00 20.17 7.87
N ILE H 162 48.08 20.17 6.54
CA ILE H 162 48.12 18.92 5.78
C ILE H 162 49.47 18.68 5.09
N ALA H 163 50.40 19.61 5.23
CA ALA H 163 51.70 19.52 4.57
C ALA H 163 52.80 20.33 5.25
N PRO H 164 54.08 19.97 4.97
CA PRO H 164 55.20 20.72 5.54
C PRO H 164 55.15 22.23 5.19
N ALA H 165 55.64 23.06 6.12
CA ALA H 165 55.67 24.51 5.91
C ALA H 165 56.52 24.88 4.68
N ARG H 166 55.98 25.72 3.82
CA ARG H 166 56.68 26.09 2.58
C ARG H 166 56.14 27.42 2.03
N PRO H 167 57.01 28.21 1.40
CA PRO H 167 56.56 29.53 0.96
C PRO H 167 55.51 29.49 -0.18
N GLY H 168 55.52 28.46 -1.02
CA GLY H 168 54.51 28.25 -2.08
C GLY H 168 53.11 27.93 -1.57
N ASN H 169 53.00 27.64 -0.27
CA ASN H 169 51.69 27.41 0.35
C ASN H 169 51.18 28.59 1.18
N SER H 170 51.87 29.73 1.10
CA SER H 170 51.45 30.91 1.85
C SER H 170 50.20 31.54 1.22
N ALA H 171 49.45 32.30 2.01
CA ALA H 171 48.28 33.02 1.50
C ALA H 171 48.65 33.90 0.32
N LYS H 172 49.79 34.57 0.44
CA LYS H 172 50.30 35.44 -0.62
C LYS H 172 50.56 34.67 -1.92
N ALA H 173 51.26 33.52 -1.84
CA ALA H 173 51.52 32.68 -3.03
C ALA H 173 50.23 32.10 -3.62
N LEU H 174 49.29 31.74 -2.76
CA LEU H 174 48.04 31.14 -3.23
C LEU H 174 47.08 32.18 -3.83
N LYS H 175 47.05 33.38 -3.27
CA LYS H 175 46.34 34.49 -3.87
C LYS H 175 46.92 34.86 -5.23
N ALA H 176 48.25 34.82 -5.36
CA ALA H 176 48.93 35.11 -6.64
C ALA H 176 48.51 34.10 -7.72
N VAL H 177 48.46 32.82 -7.36
CA VAL H 177 47.96 31.78 -8.26
C VAL H 177 46.51 32.06 -8.63
N GLN H 178 45.70 32.35 -7.62
CA GLN H 178 44.29 32.65 -7.87
C GLN H 178 44.10 33.85 -8.83
N ASP H 179 44.88 34.93 -8.63
CA ASP H 179 44.80 36.13 -9.47
C ASP H 179 45.22 35.86 -10.93
N LYS H 180 46.28 35.07 -11.14
CA LYS H 180 46.72 34.60 -12.46
C LYS H 180 45.61 33.80 -13.16
N LEU H 181 45.05 32.84 -12.44
CA LEU H 181 43.93 32.04 -12.93
C LEU H 181 42.67 32.90 -13.28
N LYS H 182 42.34 33.85 -12.43
CA LYS H 182 41.20 34.73 -12.64
C LYS H 182 41.37 35.58 -13.91
N ALA H 183 42.55 36.16 -14.07
CA ALA H 183 42.92 36.91 -15.28
C ALA H 183 42.78 36.05 -16.53
N PHE H 184 43.27 34.82 -16.47
CA PHE H 184 43.13 33.86 -17.56
C PHE H 184 41.67 33.55 -17.91
N VAL H 185 40.86 33.14 -16.93
CA VAL H 185 39.45 32.84 -17.15
C VAL H 185 38.65 34.05 -17.67
N GLU H 186 38.84 35.21 -17.05
CA GLU H 186 38.23 36.44 -17.52
C GLU H 186 38.59 36.84 -18.95
N SER H 187 39.75 36.39 -19.47
CA SER H 187 40.14 36.70 -20.84
C SER H 187 39.17 36.07 -21.85
N GLY H 188 38.43 35.06 -21.42
CA GLY H 188 37.52 34.34 -22.30
C GLY H 188 38.20 33.30 -23.16
N GLN H 189 39.53 33.24 -23.14
CA GLN H 189 40.22 32.21 -23.89
C GLN H 189 40.72 31.15 -22.92
N LEU H 190 39.88 30.16 -22.62
CA LEU H 190 40.20 29.15 -21.61
C LEU H 190 41.30 28.17 -22.02
N GLY H 191 41.66 28.14 -23.30
CA GLY H 191 42.75 27.27 -23.76
C GLY H 191 42.52 25.82 -23.41
N ILE H 192 43.48 25.19 -22.71
CA ILE H 192 43.38 23.76 -22.34
C ILE H 192 42.25 23.42 -21.36
N PHE H 193 41.60 24.43 -20.78
CA PHE H 193 40.42 24.17 -19.93
C PHE H 193 39.08 24.30 -20.69
N THR H 194 39.14 24.62 -21.97
CA THR H 194 37.92 24.77 -22.77
C THR H 194 37.07 23.52 -22.65
N ASN H 195 35.78 23.70 -22.38
CA ASN H 195 34.84 22.59 -22.25
C ASN H 195 35.22 21.53 -21.22
N ALA H 196 35.96 21.90 -20.18
CA ALA H 196 36.29 20.93 -19.13
C ALA H 196 35.02 20.35 -18.51
N TYR H 197 35.08 19.09 -18.10
CA TYR H 197 33.90 18.47 -17.48
C TYR H 197 33.49 19.12 -16.16
N PHE H 198 34.41 19.84 -15.51
CA PHE H 198 34.04 20.55 -14.26
C PHE H 198 33.46 21.95 -14.40
N LEU H 199 33.43 22.54 -15.59
CA LEU H 199 32.89 23.90 -15.77
C LEU H 199 31.41 23.90 -15.40
N GLY H 200 31.03 24.84 -14.56
CA GLY H 200 29.63 24.93 -14.09
C GLY H 200 29.32 24.04 -12.90
N GLY H 201 30.33 23.30 -12.44
CA GLY H 201 30.21 22.36 -11.32
C GLY H 201 29.81 20.98 -11.81
N HIS H 202 30.02 19.97 -10.97
CA HIS H 202 29.80 18.60 -11.38
C HIS H 202 29.67 17.76 -10.12
N LYS H 203 28.63 16.93 -10.05
CA LYS H 203 28.41 16.12 -8.84
C LYS H 203 29.51 15.18 -8.40
N ALA H 204 30.29 14.71 -9.36
CA ALA H 204 31.38 13.78 -9.10
C ALA H 204 32.67 14.48 -8.60
N TYR H 205 32.70 15.81 -8.61
CA TYR H 205 33.85 16.60 -8.11
C TYR H 205 33.50 17.02 -6.69
N TYR H 206 34.28 16.54 -5.73
CA TYR H 206 33.95 16.68 -4.30
C TYR H 206 34.77 17.71 -3.54
N LEU H 207 35.92 18.12 -4.06
CA LEU H 207 36.83 18.94 -3.25
C LEU H 207 36.29 20.33 -2.87
N PRO H 208 36.56 20.78 -1.62
CA PRO H 208 36.37 22.18 -1.28
C PRO H 208 37.24 23.07 -2.17
N PRO H 209 36.71 24.25 -2.55
CA PRO H 209 37.51 25.22 -3.31
C PRO H 209 38.94 25.43 -2.75
N GLU H 210 39.11 25.44 -1.42
CA GLU H 210 40.47 25.61 -0.84
C GLU H 210 41.44 24.51 -1.27
N VAL H 211 40.95 23.28 -1.36
CA VAL H 211 41.80 22.18 -1.82
C VAL H 211 42.09 22.32 -3.32
N ASP H 212 41.06 22.70 -4.09
CA ASP H 212 41.26 22.96 -5.51
C ASP H 212 42.36 24.00 -5.72
N LEU H 213 42.41 25.03 -4.86
CA LEU H 213 43.41 26.10 -5.03
C LEU H 213 44.84 25.61 -4.72
N ILE H 214 44.98 24.87 -3.62
CA ILE H 214 46.26 24.23 -3.28
C ILE H 214 46.74 23.33 -4.43
N ALA H 215 45.86 22.47 -4.94
CA ALA H 215 46.26 21.53 -5.98
C ALA H 215 46.63 22.27 -7.27
N THR H 216 45.91 23.35 -7.57
CA THR H 216 46.17 24.12 -8.80
C THR H 216 47.51 24.84 -8.73
N ALA H 217 47.81 25.41 -7.55
CA ALA H 217 49.09 26.05 -7.30
C ALA H 217 50.19 25.03 -7.51
N HIS H 218 50.01 23.82 -7.01
CA HIS H 218 51.06 22.80 -7.19
C HIS H 218 51.18 22.28 -8.63
N TYR H 219 50.07 22.27 -9.35
CA TYR H 219 50.04 21.91 -10.79
C TYR H 219 51.01 22.80 -11.55
N LEU H 220 50.89 24.09 -11.30
CA LEU H 220 51.77 25.09 -11.90
C LEU H 220 53.23 24.89 -11.46
N GLU H 221 53.45 24.66 -10.17
CA GLU H 221 54.79 24.40 -9.66
C GLU H 221 55.43 23.18 -10.28
N ALA H 222 54.65 22.11 -10.43
CA ALA H 222 55.10 20.88 -11.05
C ALA H 222 55.53 21.07 -12.53
N LEU H 223 54.93 22.03 -13.23
CA LEU H 223 55.36 22.32 -14.59
C LEU H 223 56.81 22.79 -14.57
N HIS H 224 57.19 23.54 -13.54
CA HIS H 224 58.59 23.94 -13.38
C HIS H 224 59.47 22.80 -12.87
N MET H 225 58.97 22.04 -11.91
CA MET H 225 59.75 20.98 -11.29
C MET H 225 60.09 19.82 -12.24
N GLN H 226 59.17 19.48 -13.14
CA GLN H 226 59.47 18.41 -14.14
C GLN H 226 60.64 18.79 -15.07
N VAL H 227 60.86 20.08 -15.28
CA VAL H 227 62.06 20.52 -16.02
C VAL H 227 63.32 20.08 -15.28
N LYS H 228 63.31 20.27 -13.96
CA LYS H 228 64.44 19.88 -13.12
C LYS H 228 64.64 18.38 -13.05
N ALA H 229 63.55 17.63 -12.96
CA ALA H 229 63.61 16.16 -13.03
C ALA H 229 64.29 15.68 -14.32
N ALA H 230 63.92 16.29 -15.45
CA ALA H 230 64.44 15.91 -16.76
C ALA H 230 65.92 16.31 -16.91
N SER H 231 66.26 17.50 -16.40
CA SER H 231 67.67 17.91 -16.31
C SER H 231 68.54 16.90 -15.54
N ALA H 232 68.09 16.48 -14.38
CA ALA H 232 68.79 15.47 -13.60
C ALA H 232 69.00 14.23 -14.48
N MET H 233 67.92 13.74 -15.09
CA MET H 233 67.99 12.58 -15.97
C MET H 233 69.02 12.74 -17.11
N ALA H 234 69.05 13.92 -17.72
CA ALA H 234 69.95 14.24 -18.83
C ALA H 234 71.44 14.28 -18.46
N ILE H 235 71.75 14.55 -17.19
CA ILE H 235 73.15 14.53 -16.75
C ILE H 235 73.78 13.17 -17.05
N LEU H 236 73.00 12.11 -16.82
CA LEU H 236 73.44 10.75 -17.06
C LEU H 236 73.04 10.28 -18.46
N GLY H 237 71.90 10.74 -18.94
CA GLY H 237 71.31 10.21 -20.17
C GLY H 237 71.65 10.89 -21.46
N GLY H 238 72.34 12.04 -21.37
CA GLY H 238 72.71 12.82 -22.55
C GLY H 238 71.69 13.85 -22.97
N LYS H 239 70.41 13.51 -22.90
CA LYS H 239 69.35 14.47 -23.20
C LYS H 239 68.02 13.85 -22.79
N ASN H 240 67.01 14.68 -22.60
CA ASN H 240 65.65 14.17 -22.38
C ASN H 240 64.67 15.13 -23.11
N PRO H 241 63.74 14.62 -23.94
CA PRO H 241 63.49 13.19 -24.14
C PRO H 241 64.49 12.45 -25.05
N HIS H 242 64.38 11.14 -25.01
CA HIS H 242 65.16 10.20 -25.81
C HIS H 242 66.67 10.23 -25.49
N THR H 243 67.02 9.48 -24.44
CA THR H 243 68.42 9.42 -23.96
C THR H 243 69.31 8.78 -25.00
N GLN H 244 70.61 8.94 -24.82
CA GLN H 244 71.55 8.50 -25.84
C GLN H 244 72.90 8.22 -25.16
N PHE H 245 72.91 7.20 -24.28
CA PHE H 245 74.10 6.89 -23.44
C PHE H 245 74.27 5.38 -23.26
N THR H 246 73.35 4.60 -23.81
CA THR H 246 73.41 3.15 -23.67
C THR H 246 74.01 2.54 -24.92
N VAL H 247 74.78 1.47 -24.74
CA VAL H 247 75.39 0.73 -25.86
C VAL H 247 75.37 -0.75 -25.47
N VAL H 248 75.47 -1.64 -26.44
CA VAL H 248 75.57 -3.06 -26.09
C VAL H 248 76.78 -3.25 -25.17
N GLY H 249 76.58 -3.88 -24.02
CA GLY H 249 77.68 -4.12 -23.11
C GLY H 249 77.83 -3.07 -22.02
N GLY H 250 77.04 -1.99 -22.09
CA GLY H 250 77.00 -1.05 -20.97
C GLY H 250 76.55 0.35 -21.31
N CYS H 251 77.41 1.34 -21.02
CA CYS H 251 77.09 2.74 -21.25
C CYS H 251 78.26 3.43 -21.90
N SER H 252 77.99 4.58 -22.51
CA SER H 252 79.04 5.39 -23.14
C SER H 252 79.51 6.57 -22.28
N ASN H 253 78.75 6.89 -21.23
CA ASN H 253 78.87 8.19 -20.55
C ASN H 253 79.87 8.23 -19.40
N TYR H 254 81.16 8.26 -19.73
CA TYR H 254 82.22 8.36 -18.74
C TYR H 254 82.12 9.61 -17.84
N GLN H 255 81.69 10.74 -18.40
CA GLN H 255 81.54 11.96 -17.61
C GLN H 255 80.54 11.76 -16.47
N GLY H 256 79.57 10.87 -16.70
CA GLY H 256 78.53 10.54 -15.71
C GLY H 256 79.03 9.85 -14.45
N LEU H 257 80.28 9.40 -14.47
CA LEU H 257 80.90 8.78 -13.30
C LEU H 257 81.71 9.78 -12.47
N THR H 258 81.81 11.01 -12.95
CA THR H 258 82.71 11.99 -12.33
C THR H 258 82.02 12.86 -11.28
N LYS H 259 82.83 13.49 -10.44
CA LYS H 259 82.39 14.15 -9.22
C LYS H 259 81.38 15.28 -9.45
N ASP H 260 81.72 16.23 -10.32
CA ASP H 260 80.86 17.39 -10.48
C ASP H 260 79.48 17.08 -11.08
N PRO H 261 79.42 16.35 -12.23
CA PRO H 261 78.11 15.94 -12.74
C PRO H 261 77.26 15.22 -11.69
N LEU H 262 77.87 14.37 -10.88
CA LEU H 262 77.11 13.61 -9.89
C LEU H 262 76.62 14.50 -8.75
N ALA H 263 77.43 15.50 -8.39
CA ALA H 263 77.03 16.52 -7.41
C ALA H 263 75.80 17.30 -7.87
N ASN H 264 75.77 17.67 -9.15
CA ASN H 264 74.63 18.39 -9.73
C ASN H 264 73.42 17.46 -9.82
N TYR H 265 73.67 16.19 -10.14
CA TYR H 265 72.61 15.17 -10.25
C TYR H 265 71.95 14.96 -8.91
N LEU H 266 72.77 14.81 -7.86
CA LEU H 266 72.27 14.72 -6.50
C LEU H 266 71.46 15.96 -6.11
N ALA H 267 72.00 17.15 -6.39
CA ALA H 267 71.32 18.40 -6.01
C ALA H 267 69.95 18.55 -6.70
N LEU H 268 69.88 18.28 -8.00
CA LEU H 268 68.60 18.35 -8.70
C LEU H 268 67.63 17.31 -8.16
N SER H 269 68.13 16.09 -7.92
CA SER H 269 67.27 14.99 -7.43
C SER H 269 66.67 15.31 -6.07
N LYS H 270 67.49 15.93 -5.21
CA LYS H 270 67.06 16.38 -3.89
C LYS H 270 65.94 17.40 -4.00
N GLU H 271 66.08 18.35 -4.93
CA GLU H 271 65.02 19.35 -5.14
C GLU H 271 63.71 18.68 -5.62
N VAL H 272 63.85 17.76 -6.56
CA VAL H 272 62.70 17.01 -7.07
C VAL H 272 62.04 16.21 -5.93
N CYS H 273 62.85 15.51 -5.15
CA CYS H 273 62.35 14.75 -4.01
C CYS H 273 61.69 15.61 -2.91
N GLN H 274 62.25 16.80 -2.62
CA GLN H 274 61.61 17.76 -1.71
C GLN H 274 60.18 18.05 -2.18
N PHE H 275 60.00 18.27 -3.49
CA PHE H 275 58.67 18.52 -4.07
C PHE H 275 57.73 17.30 -3.97
N VAL H 276 58.27 16.11 -4.24
CA VAL H 276 57.51 14.88 -4.04
C VAL H 276 56.98 14.78 -2.61
N ASN H 277 57.85 15.04 -1.64
CA ASN H 277 57.49 14.92 -0.22
C ASN H 277 56.63 16.06 0.34
N GLU H 278 56.81 17.27 -0.20
CA GLU H 278 56.08 18.45 0.32
C GLU H 278 54.72 18.66 -0.35
N CYS H 279 54.62 18.28 -1.64
CA CYS H 279 53.47 18.57 -2.50
C CYS H 279 52.75 17.33 -3.00
N TYR H 280 53.45 16.47 -3.75
CA TYR H 280 52.84 15.27 -4.33
C TYR H 280 52.14 14.36 -3.28
N ILE H 281 52.90 13.84 -2.33
CA ILE H 281 52.28 12.93 -1.35
C ILE H 281 51.16 13.64 -0.56
N PRO H 282 51.44 14.83 0.00
CA PRO H 282 50.35 15.48 0.75
C PRO H 282 49.11 15.76 -0.10
N ASP H 283 49.28 16.16 -1.37
CA ASP H 283 48.13 16.38 -2.25
C ASP H 283 47.39 15.10 -2.52
N LEU H 284 48.16 14.05 -2.84
CA LEU H 284 47.60 12.74 -3.13
C LEU H 284 46.73 12.26 -1.95
N LEU H 285 47.24 12.42 -0.74
CA LEU H 285 46.53 11.96 0.46
C LEU H 285 45.29 12.82 0.73
N ALA H 286 45.41 14.12 0.47
CA ALA H 286 44.27 15.01 0.66
C ALA H 286 43.14 14.64 -0.30
N VAL H 287 43.49 14.50 -1.57
CA VAL H 287 42.54 14.06 -2.61
C VAL H 287 41.93 12.70 -2.25
N ALA H 288 42.78 11.70 -1.99
CA ALA H 288 42.33 10.36 -1.53
C ALA H 288 41.32 10.41 -0.36
N GLY H 289 41.55 11.31 0.59
CA GLY H 289 40.69 11.41 1.76
C GLY H 289 39.26 11.85 1.43
N PHE H 290 39.13 12.70 0.40
CA PHE H 290 37.82 13.17 -0.04
C PHE H 290 37.11 12.16 -0.92
N TYR H 291 37.90 11.32 -1.59
CA TYR H 291 37.34 10.36 -2.55
C TYR H 291 37.45 8.91 -2.06
N LYS H 292 37.22 8.69 -0.77
CA LYS H 292 37.32 7.36 -0.19
C LYS H 292 36.42 6.34 -0.86
N ASP H 293 35.24 6.78 -1.35
CA ASP H 293 34.38 5.90 -2.14
C ASP H 293 35.08 5.24 -3.36
N TRP H 294 36.08 5.92 -3.92
CA TRP H 294 36.88 5.37 -5.00
C TRP H 294 37.81 4.22 -4.62
N GLY H 295 37.85 3.92 -3.32
CA GLY H 295 38.46 2.69 -2.85
C GLY H 295 37.64 1.43 -3.08
N GLY H 296 36.41 1.59 -3.57
CA GLY H 296 35.50 0.48 -3.86
C GLY H 296 35.13 0.39 -5.34
N ILE H 297 35.83 1.14 -6.18
CA ILE H 297 35.57 1.22 -7.64
C ILE H 297 36.87 0.93 -8.43
N GLY H 298 36.79 0.12 -9.49
CA GLY H 298 37.91 -0.02 -10.39
C GLY H 298 38.95 -1.06 -10.04
N GLY H 299 38.59 -2.01 -9.19
CA GLY H 299 39.53 -3.07 -8.78
C GLY H 299 39.73 -4.18 -9.81
N THR H 300 40.91 -4.79 -9.80
CA THR H 300 41.19 -5.99 -10.59
C THR H 300 41.80 -7.03 -9.64
N SER H 301 42.29 -8.16 -10.16
CA SER H 301 42.61 -9.29 -9.27
C SER H 301 44.01 -9.88 -9.40
N ASN H 302 44.67 -9.62 -10.51
CA ASN H 302 45.94 -10.34 -10.82
C ASN H 302 47.01 -9.32 -11.09
N TYR H 303 48.24 -9.55 -10.59
CA TYR H 303 49.27 -8.53 -10.71
C TYR H 303 50.57 -9.22 -11.10
N LEU H 304 51.35 -8.53 -11.95
CA LEU H 304 52.65 -9.05 -12.43
C LEU H 304 53.70 -7.95 -12.46
N ALA H 305 54.92 -8.29 -12.09
CA ALA H 305 56.03 -7.37 -12.20
C ALA H 305 57.27 -8.19 -12.53
N PHE H 306 58.10 -7.61 -13.38
CA PHE H 306 59.44 -8.20 -13.62
C PHE H 306 60.47 -7.68 -12.64
N GLY H 307 60.08 -6.70 -11.82
CA GLY H 307 61.03 -6.07 -10.88
C GLY H 307 61.92 -5.03 -11.52
N GLU H 308 62.45 -4.13 -10.68
CA GLU H 308 63.41 -3.14 -11.16
C GLU H 308 64.43 -2.80 -10.07
N PHE H 309 65.54 -2.17 -10.47
CA PHE H 309 66.58 -1.80 -9.52
C PHE H 309 67.28 -3.01 -8.92
N ALA H 310 67.76 -3.86 -9.82
CA ALA H 310 68.42 -5.09 -9.44
C ALA H 310 69.87 -4.82 -9.08
N THR H 311 70.37 -5.61 -8.14
CA THR H 311 71.77 -5.55 -7.76
C THR H 311 72.60 -6.47 -8.66
N ASP H 312 71.93 -7.36 -9.37
CA ASP H 312 72.62 -8.27 -10.31
C ASP H 312 71.83 -8.31 -11.61
N ASP H 313 72.39 -7.64 -12.62
CA ASP H 313 71.79 -7.56 -13.95
C ASP H 313 72.56 -8.37 -15.00
N SER H 314 73.24 -9.42 -14.58
CA SER H 314 74.06 -10.23 -15.50
C SER H 314 73.25 -11.14 -16.44
N SER H 315 71.97 -11.37 -16.10
CA SER H 315 71.07 -12.23 -16.83
C SER H 315 69.64 -11.84 -16.45
N PRO H 316 68.65 -12.19 -17.30
CA PRO H 316 67.27 -11.91 -16.90
C PRO H 316 66.84 -12.68 -15.63
N GLU H 317 67.35 -13.89 -15.45
CA GLU H 317 67.13 -14.65 -14.21
C GLU H 317 67.61 -13.85 -12.99
N LYS H 318 68.86 -13.38 -13.03
CA LYS H 318 69.39 -12.54 -11.94
C LYS H 318 68.57 -11.26 -11.72
N HIS H 319 68.14 -10.61 -12.80
CA HIS H 319 67.26 -9.44 -12.69
C HIS H 319 65.98 -9.77 -11.92
N LEU H 320 65.33 -10.85 -12.31
CA LEU H 320 64.09 -11.24 -11.64
C LEU H 320 64.38 -11.57 -10.19
N ALA H 321 65.55 -12.15 -9.90
CA ALA H 321 65.81 -12.56 -8.52
C ALA H 321 66.33 -11.47 -7.60
N THR H 322 66.94 -10.41 -8.15
CA THR H 322 67.67 -9.44 -7.30
C THR H 322 67.16 -8.01 -7.40
N SER H 323 66.07 -7.83 -8.15
CA SER H 323 65.38 -6.54 -8.24
C SER H 323 64.97 -6.06 -6.84
N GLN H 324 65.35 -4.83 -6.49
CA GLN H 324 65.07 -4.31 -5.15
C GLN H 324 63.57 -3.91 -5.05
N PHE H 325 62.94 -3.55 -6.17
CA PHE H 325 61.46 -3.54 -6.26
C PHE H 325 61.18 -4.91 -6.87
N PRO H 326 60.74 -5.89 -6.05
CA PRO H 326 60.83 -7.31 -6.46
C PRO H 326 59.88 -7.72 -7.59
N SER H 327 60.26 -8.78 -8.30
CA SER H 327 59.39 -9.41 -9.29
C SER H 327 58.36 -10.34 -8.62
N GLY H 328 57.31 -10.70 -9.35
CA GLY H 328 56.40 -11.75 -8.86
C GLY H 328 55.10 -11.74 -9.60
N VAL H 329 54.24 -12.67 -9.24
CA VAL H 329 52.89 -12.78 -9.79
C VAL H 329 51.90 -13.06 -8.67
N ILE H 330 50.83 -12.26 -8.63
CA ILE H 330 49.76 -12.46 -7.66
C ILE H 330 48.50 -12.77 -8.47
N THR H 331 47.79 -13.81 -8.05
CA THR H 331 46.53 -14.19 -8.67
C THR H 331 45.39 -14.09 -7.65
N GLY H 332 44.23 -13.66 -8.13
CA GLY H 332 43.00 -13.66 -7.33
C GLY H 332 43.11 -12.89 -6.01
N ARG H 333 43.89 -11.81 -6.03
CA ARG H 333 44.12 -10.95 -4.85
C ARG H 333 44.77 -11.67 -3.65
N ASP H 334 45.41 -12.81 -3.90
CA ASP H 334 45.95 -13.60 -2.81
C ASP H 334 47.38 -13.17 -2.47
N LEU H 335 47.51 -12.28 -1.49
CA LEU H 335 48.81 -11.77 -1.07
C LEU H 335 49.64 -12.80 -0.31
N GLY H 336 49.02 -13.89 0.11
CA GLY H 336 49.75 -14.95 0.78
C GLY H 336 50.56 -15.87 -0.13
N LYS H 337 50.48 -15.67 -1.45
CA LYS H 337 51.11 -16.53 -2.44
C LYS H 337 51.67 -15.65 -3.55
N VAL H 338 52.96 -15.34 -3.54
CA VAL H 338 53.56 -14.61 -4.63
C VAL H 338 54.37 -15.63 -5.41
N ASP H 339 54.01 -15.87 -6.66
CA ASP H 339 54.75 -16.85 -7.46
C ASP H 339 55.90 -16.18 -8.20
N ASN H 340 56.95 -16.95 -8.49
CA ASN H 340 57.99 -16.50 -9.40
C ASN H 340 57.46 -16.31 -10.83
N VAL H 341 58.03 -15.36 -11.56
CA VAL H 341 57.64 -15.14 -12.94
C VAL H 341 58.19 -16.29 -13.81
N ASP H 342 57.28 -16.95 -14.56
CA ASP H 342 57.66 -17.98 -15.54
C ASP H 342 57.65 -17.30 -16.92
N LEU H 343 58.82 -17.03 -17.48
CA LEU H 343 58.90 -16.30 -18.75
C LEU H 343 58.37 -17.13 -19.92
N GLY H 344 58.37 -18.45 -19.78
CA GLY H 344 57.78 -19.32 -20.80
C GLY H 344 56.25 -19.29 -20.81
N ALA H 345 55.64 -18.67 -19.80
CA ALA H 345 54.17 -18.70 -19.66
C ALA H 345 53.46 -17.48 -20.23
N ILE H 346 54.23 -16.54 -20.72
CA ILE H 346 53.71 -15.31 -21.33
C ILE H 346 53.40 -15.59 -22.80
N TYR H 347 52.27 -15.11 -23.28
CA TYR H 347 51.99 -15.17 -24.71
C TYR H 347 51.03 -14.02 -25.05
N GLU H 348 50.80 -13.79 -26.36
CA GLU H 348 49.89 -12.73 -26.80
C GLU H 348 48.85 -13.31 -27.72
N ASP H 349 47.61 -12.94 -27.49
CA ASP H 349 46.52 -13.27 -28.40
C ASP H 349 46.22 -12.11 -29.35
N VAL H 350 45.58 -12.43 -30.48
CA VAL H 350 45.13 -11.40 -31.43
C VAL H 350 43.63 -11.53 -31.77
N LYS H 351 42.91 -12.46 -31.13
CA LYS H 351 41.53 -12.81 -31.55
C LYS H 351 40.63 -11.57 -31.68
N TYR H 352 40.77 -10.63 -30.77
CA TYR H 352 39.94 -9.41 -30.75
C TYR H 352 40.72 -8.19 -31.21
N SER H 353 41.88 -8.44 -31.83
CA SER H 353 42.76 -7.38 -32.30
C SER H 353 42.74 -7.26 -33.84
N TRP H 354 43.24 -6.13 -34.35
CA TRP H 354 43.35 -5.90 -35.81
C TRP H 354 44.61 -6.58 -36.37
N TYR H 355 44.71 -7.90 -36.17
CA TYR H 355 45.77 -8.71 -36.82
C TYR H 355 45.14 -9.89 -37.51
N ALA H 356 45.92 -10.50 -38.37
CA ALA H 356 45.50 -11.67 -39.14
C ALA H 356 45.07 -12.81 -38.20
N PRO H 357 43.89 -13.42 -38.44
CA PRO H 357 43.60 -14.59 -37.58
C PRO H 357 44.66 -15.69 -37.77
N GLY H 358 44.82 -16.55 -36.76
CA GLY H 358 45.90 -17.54 -36.79
C GLY H 358 47.06 -17.15 -35.91
N GLY H 359 46.98 -15.96 -35.32
CA GLY H 359 48.08 -15.44 -34.50
C GLY H 359 47.95 -15.60 -33.00
N ASP H 360 46.96 -16.35 -32.54
CA ASP H 360 46.74 -16.49 -31.09
C ASP H 360 47.82 -17.33 -30.41
N GLY H 361 48.04 -17.07 -29.11
CA GLY H 361 48.81 -17.94 -28.22
C GLY H 361 50.31 -17.93 -28.52
N LYS H 362 50.81 -16.83 -29.09
CA LYS H 362 52.26 -16.78 -29.44
C LYS H 362 53.12 -16.30 -28.27
N HIS H 363 54.06 -17.14 -27.85
CA HIS H 363 55.15 -16.68 -27.00
C HIS H 363 55.93 -15.62 -27.78
N PRO H 364 56.45 -14.58 -27.10
CA PRO H 364 57.01 -13.49 -27.92
C PRO H 364 58.27 -13.86 -28.74
N TYR H 365 58.98 -14.93 -28.38
CA TYR H 365 60.06 -15.41 -29.28
C TYR H 365 59.50 -15.94 -30.63
N ASP H 366 58.20 -16.24 -30.67
CA ASP H 366 57.54 -16.75 -31.87
C ASP H 366 56.49 -15.74 -32.30
N GLY H 367 56.65 -14.49 -31.88
CA GLY H 367 55.65 -13.45 -32.12
C GLY H 367 55.46 -13.13 -33.60
N VAL H 368 54.22 -12.76 -33.95
CA VAL H 368 53.87 -12.40 -35.31
C VAL H 368 53.08 -11.10 -35.22
N THR H 369 53.41 -10.19 -36.13
CA THR H 369 52.77 -8.90 -36.22
C THR H 369 52.31 -8.69 -37.67
N ASP H 370 51.08 -9.08 -37.93
CA ASP H 370 50.50 -9.13 -39.28
C ASP H 370 49.20 -8.31 -39.24
N PRO H 371 49.31 -6.98 -39.46
CA PRO H 371 48.15 -6.08 -39.30
C PRO H 371 47.05 -6.33 -40.29
N LYS H 372 45.81 -6.21 -39.81
CA LYS H 372 44.62 -6.48 -40.60
C LYS H 372 43.44 -5.73 -39.97
N TYR H 373 43.17 -4.54 -40.51
CA TYR H 373 42.07 -3.69 -40.04
C TYR H 373 40.72 -4.18 -40.57
N THR H 374 39.68 -4.00 -39.77
CA THR H 374 38.29 -4.31 -40.18
C THR H 374 37.49 -3.03 -40.27
N LYS H 375 36.87 -2.62 -39.17
CA LYS H 375 36.16 -1.34 -39.13
C LYS H 375 36.01 -0.87 -37.69
N LEU H 376 35.76 0.41 -37.54
CA LEU H 376 35.62 1.02 -36.22
C LEU H 376 34.49 0.33 -35.46
N ASP H 377 34.80 -0.05 -34.21
CA ASP H 377 33.79 -0.60 -33.28
C ASP H 377 33.26 -1.97 -33.68
N ASP H 378 34.07 -2.67 -34.47
CA ASP H 378 33.82 -4.06 -34.77
C ASP H 378 34.10 -4.81 -33.45
N LYS H 379 33.05 -5.33 -32.82
CA LYS H 379 33.27 -5.94 -31.51
C LYS H 379 34.07 -7.27 -31.57
N ASP H 380 34.21 -7.84 -32.76
CA ASP H 380 35.10 -8.98 -32.93
C ASP H 380 36.58 -8.63 -33.10
N HIS H 381 36.87 -7.40 -33.52
CA HIS H 381 38.26 -6.92 -33.74
C HIS H 381 38.26 -5.41 -33.50
N TYR H 382 38.71 -5.00 -32.31
CA TYR H 382 38.50 -3.60 -31.90
C TYR H 382 39.72 -2.87 -31.38
N SER H 383 40.91 -3.41 -31.59
CA SER H 383 42.07 -2.70 -31.08
C SER H 383 43.34 -3.04 -31.83
N TRP H 384 44.24 -2.06 -31.92
CA TRP H 384 45.59 -2.36 -32.44
C TRP H 384 46.51 -2.98 -31.41
N MET H 385 46.09 -3.03 -30.15
CA MET H 385 46.90 -3.76 -29.16
C MET H 385 46.60 -5.24 -29.24
N LYS H 386 47.66 -6.03 -29.15
CA LYS H 386 47.58 -7.46 -28.82
C LYS H 386 47.09 -7.62 -27.37
N ALA H 387 46.75 -8.85 -27.00
CA ALA H 387 46.21 -9.17 -25.66
C ALA H 387 47.19 -10.13 -24.97
N PRO H 388 48.15 -9.58 -24.18
CA PRO H 388 49.11 -10.43 -23.47
C PRO H 388 48.40 -11.17 -22.34
N ARG H 389 48.69 -12.46 -22.21
CA ARG H 389 48.08 -13.25 -21.14
C ARG H 389 49.19 -14.08 -20.48
N TYR H 390 48.96 -14.50 -19.22
CA TYR H 390 49.93 -15.25 -18.46
C TYR H 390 49.20 -16.52 -18.02
N LYS H 391 49.53 -17.66 -18.65
CA LYS H 391 48.79 -18.92 -18.41
C LYS H 391 47.29 -18.65 -18.50
N GLY H 392 46.88 -17.82 -19.45
CA GLY H 392 45.46 -17.62 -19.68
C GLY H 392 44.85 -16.44 -18.95
N LYS H 393 45.61 -15.82 -18.05
CA LYS H 393 45.04 -14.77 -17.22
C LYS H 393 45.52 -13.39 -17.63
N ALA H 394 44.60 -12.45 -17.61
CA ALA H 394 44.95 -11.01 -17.80
C ALA H 394 45.68 -10.56 -16.55
N MET H 395 46.70 -9.72 -16.69
CA MET H 395 47.49 -9.29 -15.56
C MET H 395 47.55 -7.80 -15.56
N GLU H 396 47.24 -7.18 -14.42
CA GLU H 396 47.56 -5.74 -14.22
C GLU H 396 49.06 -5.58 -13.91
N VAL H 397 49.69 -4.57 -14.51
CA VAL H 397 51.10 -4.28 -14.25
C VAL H 397 51.21 -2.80 -13.89
N GLY H 398 52.36 -2.40 -13.34
CA GLY H 398 52.53 -0.98 -12.94
C GLY H 398 52.69 -0.76 -11.43
N PRO H 399 52.51 0.50 -10.99
CA PRO H 399 52.83 0.80 -9.59
C PRO H 399 51.99 -0.02 -8.60
N LEU H 400 50.70 -0.23 -8.90
CA LEU H 400 49.90 -1.01 -7.96
C LEU H 400 50.39 -2.47 -7.86
N ALA H 401 50.68 -3.06 -9.00
CA ALA H 401 51.23 -4.42 -9.05
C ALA H 401 52.51 -4.51 -8.26
N ARG H 402 53.43 -3.57 -8.50
CA ARG H 402 54.73 -3.60 -7.80
C ARG H 402 54.51 -3.43 -6.30
N THR H 403 53.51 -2.61 -5.93
CA THR H 403 53.26 -2.30 -4.52
C THR H 403 52.73 -3.54 -3.80
N PHE H 404 51.76 -4.23 -4.43
CA PHE H 404 51.19 -5.44 -3.83
C PHE H 404 52.23 -6.54 -3.71
N ILE H 405 53.00 -6.77 -4.79
CA ILE H 405 54.09 -7.79 -4.77
C ILE H 405 55.12 -7.48 -3.68
N ALA H 406 55.58 -6.24 -3.63
CA ALA H 406 56.57 -5.80 -2.63
C ALA H 406 56.06 -5.88 -1.19
N TYR H 407 54.81 -5.46 -0.97
CA TYR H 407 54.16 -5.48 0.34
C TYR H 407 54.01 -6.93 0.80
N ALA H 408 53.54 -7.77 -0.12
CA ALA H 408 53.33 -9.20 0.17
C ALA H 408 54.64 -9.93 0.56
N LYS H 409 55.76 -9.52 -0.04
CA LYS H 409 57.07 -10.13 0.21
C LYS H 409 57.79 -9.46 1.40
N GLY H 410 57.13 -8.49 2.02
CA GLY H 410 57.70 -7.76 3.18
C GLY H 410 58.85 -6.81 2.86
N GLN H 411 58.90 -6.30 1.63
CA GLN H 411 59.93 -5.31 1.27
C GLN H 411 59.77 -4.12 2.24
N PRO H 412 60.85 -3.79 2.99
CA PRO H 412 60.65 -2.88 4.16
C PRO H 412 60.20 -1.44 3.81
N ASP H 413 60.67 -0.90 2.69
CA ASP H 413 60.24 0.45 2.28
C ASP H 413 58.76 0.48 1.91
N PHE H 414 58.33 -0.53 1.12
CA PHE H 414 56.92 -0.64 0.75
C PHE H 414 56.05 -0.90 1.95
N LYS H 415 56.47 -1.81 2.84
CA LYS H 415 55.73 -2.02 4.09
C LYS H 415 55.54 -0.69 4.84
N LYS H 416 56.63 0.06 5.00
CA LYS H 416 56.63 1.36 5.67
C LYS H 416 55.67 2.36 5.04
N VAL H 417 55.82 2.59 3.74
CA VAL H 417 55.10 3.65 3.08
C VAL H 417 53.61 3.29 2.93
N VAL H 418 53.34 2.04 2.57
CA VAL H 418 51.97 1.55 2.41
C VAL H 418 51.22 1.71 3.74
N ASP H 419 51.80 1.20 4.83
CA ASP H 419 51.18 1.35 6.14
C ASP H 419 50.96 2.81 6.56
N MET H 420 51.90 3.68 6.20
CA MET H 420 51.70 5.11 6.45
C MET H 420 50.42 5.59 5.77
N VAL H 421 50.26 5.24 4.48
CA VAL H 421 49.10 5.65 3.68
C VAL H 421 47.79 5.08 4.21
N LEU H 422 47.78 3.77 4.48
CA LEU H 422 46.60 3.12 5.06
C LEU H 422 46.19 3.75 6.39
N GLY H 423 47.18 4.05 7.23
CA GLY H 423 46.90 4.68 8.52
C GLY H 423 46.37 6.11 8.36
N LYS H 424 46.94 6.87 7.44
CA LYS H 424 46.48 8.26 7.22
C LYS H 424 45.05 8.26 6.67
N LEU H 425 44.73 7.31 5.80
CA LEU H 425 43.38 7.19 5.21
C LEU H 425 42.36 6.38 6.04
N SER H 426 42.82 5.63 7.04
CA SER H 426 41.96 4.75 7.84
C SER H 426 41.17 3.77 6.95
N VAL H 427 41.87 3.10 6.03
CA VAL H 427 41.25 2.08 5.16
C VAL H 427 42.13 0.82 5.22
N PRO H 428 41.52 -0.37 5.08
CA PRO H 428 42.31 -1.60 5.06
C PRO H 428 43.08 -1.78 3.75
N ALA H 429 44.08 -2.66 3.75
CA ALA H 429 44.86 -2.91 2.52
C ALA H 429 44.00 -3.38 1.34
N THR H 430 42.90 -4.07 1.62
CA THR H 430 42.00 -4.54 0.55
C THR H 430 41.40 -3.38 -0.25
N ALA H 431 41.32 -2.20 0.36
CA ALA H 431 40.86 -0.99 -0.34
C ALA H 431 41.84 -0.53 -1.42
N LEU H 432 43.05 -1.09 -1.43
CA LEU H 432 44.00 -0.72 -2.48
C LEU H 432 43.69 -1.37 -3.83
N HIS H 433 42.87 -2.43 -3.85
CA HIS H 433 42.45 -3.06 -5.13
C HIS H 433 41.34 -2.21 -5.69
N SER H 434 41.73 -1.08 -6.29
CA SER H 434 40.75 -0.07 -6.69
C SER H 434 41.49 1.02 -7.47
N THR H 435 40.72 1.90 -8.10
CA THR H 435 41.27 3.06 -8.77
C THR H 435 41.95 4.01 -7.76
N LEU H 436 41.32 4.22 -6.61
CA LEU H 436 42.02 4.99 -5.53
C LEU H 436 43.39 4.37 -5.20
N GLY H 437 43.44 3.06 -4.99
CA GLY H 437 44.68 2.38 -4.68
C GLY H 437 45.72 2.50 -5.77
N ARG H 438 45.25 2.38 -7.01
CA ARG H 438 46.08 2.47 -8.19
C ARG H 438 46.76 3.86 -8.25
N THR H 439 45.98 4.87 -7.93
CA THR H 439 46.47 6.23 -7.83
C THR H 439 47.46 6.42 -6.65
N ALA H 440 47.09 5.87 -5.49
CA ALA H 440 47.95 5.96 -4.30
C ALA H 440 49.29 5.25 -4.54
N ALA H 441 49.25 4.09 -5.20
CA ALA H 441 50.46 3.28 -5.36
C ALA H 441 51.53 4.01 -6.16
N ARG H 442 51.09 4.78 -7.17
CA ARG H 442 52.01 5.59 -7.99
C ARG H 442 52.82 6.58 -7.09
N GLY H 443 52.15 7.24 -6.16
CA GLY H 443 52.82 8.12 -5.21
C GLY H 443 53.67 7.39 -4.21
N ILE H 444 53.14 6.30 -3.65
CA ILE H 444 53.92 5.47 -2.73
C ILE H 444 55.28 5.13 -3.34
N GLU H 445 55.31 4.61 -4.57
CA GLU H 445 56.61 4.22 -5.07
C GLU H 445 57.51 5.41 -5.42
N THR H 446 56.90 6.54 -5.75
CA THR H 446 57.68 7.76 -6.03
C THR H 446 58.44 8.15 -4.76
N ALA H 447 57.74 8.16 -3.64
CA ALA H 447 58.34 8.42 -2.34
C ALA H 447 59.52 7.48 -2.06
N ILE H 448 59.36 6.21 -2.39
CA ILE H 448 60.39 5.20 -2.12
C ILE H 448 61.61 5.39 -3.03
N VAL H 449 61.38 5.64 -4.33
CA VAL H 449 62.53 5.95 -5.23
C VAL H 449 63.30 7.14 -4.63
N CYS H 450 62.56 8.17 -4.24
CA CYS H 450 63.18 9.34 -3.60
C CYS H 450 64.06 8.98 -2.42
N ALA H 451 63.55 8.08 -1.58
CA ALA H 451 64.23 7.72 -0.36
C ALA H 451 65.53 6.97 -0.65
N ASN H 452 65.69 6.43 -1.86
CA ASN H 452 66.85 5.64 -2.20
C ASN H 452 67.89 6.37 -3.05
N MET H 453 67.56 7.57 -3.52
CA MET H 453 68.39 8.24 -4.53
C MET H 453 69.81 8.51 -4.02
N GLU H 454 69.91 9.09 -2.83
CA GLU H 454 71.21 9.43 -2.26
C GLU H 454 72.14 8.21 -2.07
N LYS H 455 71.57 7.07 -1.66
CA LYS H 455 72.34 5.84 -1.53
C LYS H 455 72.84 5.34 -2.89
N TRP H 456 71.94 5.29 -3.87
CA TRP H 456 72.31 4.85 -5.23
C TRP H 456 73.38 5.73 -5.89
N ILE H 457 73.24 7.04 -5.75
CA ILE H 457 74.22 8.00 -6.29
C ILE H 457 75.60 7.81 -5.64
N LYS H 458 75.63 7.71 -4.30
CA LYS H 458 76.90 7.54 -3.56
C LYS H 458 77.57 6.23 -3.99
N GLU H 459 76.76 5.18 -4.18
CA GLU H 459 77.30 3.89 -4.59
C GLU H 459 78.00 4.02 -5.93
N MET H 460 77.36 4.72 -6.88
CA MET H 460 77.96 4.88 -8.21
C MET H 460 79.17 5.83 -8.22
N ALA H 461 79.06 6.93 -7.47
CA ALA H 461 80.14 7.90 -7.32
C ALA H 461 81.41 7.26 -6.76
N ASP H 462 81.24 6.53 -5.65
CA ASP H 462 82.32 5.77 -5.01
C ASP H 462 82.95 4.79 -6.01
N SER H 463 82.11 4.01 -6.69
CA SER H 463 82.56 3.02 -7.67
C SER H 463 83.28 3.71 -8.85
N GLY H 464 82.65 4.75 -9.38
CA GLY H 464 83.18 5.54 -10.48
C GLY H 464 84.55 6.13 -10.19
N ALA H 465 84.71 6.65 -8.97
CA ALA H 465 85.96 7.24 -8.50
C ALA H 465 87.13 6.25 -8.44
N LYS H 466 86.84 4.96 -8.27
CA LYS H 466 87.87 3.91 -8.18
C LYS H 466 88.24 3.33 -9.54
N ASP H 467 87.21 2.97 -10.30
CA ASP H 467 87.36 2.29 -11.58
C ASP H 467 86.27 2.81 -12.51
N ASN H 468 86.66 3.23 -13.71
CA ASN H 468 85.64 3.80 -14.57
C ASN H 468 85.23 2.93 -15.76
N THR H 469 85.46 1.62 -15.64
CA THR H 469 84.97 0.66 -16.61
C THR H 469 83.45 0.82 -16.72
N LEU H 470 82.96 0.98 -17.95
CA LEU H 470 81.57 1.30 -18.18
C LEU H 470 80.97 0.46 -19.31
N CYS H 471 81.84 -0.13 -20.14
CA CYS H 471 81.39 -0.98 -21.25
C CYS H 471 82.20 -2.27 -21.33
N ALA H 472 81.52 -3.40 -21.47
CA ALA H 472 82.22 -4.69 -21.63
C ALA H 472 82.40 -5.08 -23.11
N LYS H 473 83.43 -5.88 -23.41
CA LYS H 473 83.63 -6.40 -24.76
C LYS H 473 82.65 -7.51 -25.01
N TRP H 474 82.27 -7.65 -26.28
CA TRP H 474 81.25 -8.60 -26.67
C TRP H 474 81.43 -8.89 -28.15
N GLU H 475 80.85 -9.98 -28.64
CA GLU H 475 80.87 -10.32 -30.06
C GLU H 475 79.48 -10.65 -30.56
N MET H 476 79.15 -10.25 -31.79
CA MET H 476 77.87 -10.63 -32.39
C MET H 476 77.82 -12.09 -32.78
N PRO H 477 76.87 -12.84 -32.20
CA PRO H 477 76.70 -14.23 -32.59
C PRO H 477 76.00 -14.36 -33.98
N GLU H 478 76.28 -15.44 -34.71
CA GLU H 478 75.56 -15.72 -35.95
C GLU H 478 74.07 -15.88 -35.65
N GLU H 479 73.76 -16.64 -34.61
CA GLU H 479 72.38 -16.97 -34.27
C GLU H 479 72.23 -17.06 -32.77
N SER H 480 71.16 -16.45 -32.24
CA SER H 480 70.95 -16.43 -30.81
C SER H 480 69.56 -15.88 -30.54
N LYS H 481 69.17 -15.88 -29.27
CA LYS H 481 67.97 -15.18 -28.86
C LYS H 481 68.20 -14.56 -27.50
N GLY H 482 67.36 -13.62 -27.13
CA GLY H 482 67.56 -12.92 -25.86
C GLY H 482 66.33 -12.18 -25.44
N VAL H 483 66.19 -11.94 -24.14
CA VAL H 483 65.08 -11.15 -23.61
C VAL H 483 65.62 -10.06 -22.67
N GLY H 484 65.06 -8.85 -22.77
CA GLY H 484 65.42 -7.76 -21.87
C GLY H 484 64.18 -7.44 -21.05
N LEU H 485 64.31 -7.46 -19.72
CA LEU H 485 63.21 -7.20 -18.79
C LEU H 485 63.44 -5.87 -18.09
N ALA H 486 62.37 -5.16 -17.78
CA ALA H 486 62.45 -3.94 -17.00
C ALA H 486 61.08 -3.72 -16.42
N ASP H 487 61.00 -3.08 -15.25
CA ASP H 487 59.70 -2.57 -14.82
C ASP H 487 59.73 -1.07 -15.02
N ALA H 488 59.12 -0.65 -16.13
CA ALA H 488 58.99 0.74 -16.50
C ALA H 488 57.98 1.44 -15.59
N PRO H 489 57.90 2.78 -15.62
CA PRO H 489 56.88 3.45 -14.78
C PRO H 489 55.46 2.85 -14.84
N ARG H 490 55.04 2.31 -15.99
CA ARG H 490 53.66 1.77 -16.12
C ARG H 490 53.62 0.25 -15.91
N GLY H 491 54.78 -0.37 -15.80
CA GLY H 491 54.80 -1.80 -15.46
C GLY H 491 55.77 -2.68 -16.23
N ALA H 492 55.53 -3.97 -16.16
CA ALA H 492 56.38 -5.01 -16.73
C ALA H 492 56.61 -4.89 -18.26
N LEU H 493 57.87 -4.66 -18.66
CA LEU H 493 58.24 -4.41 -20.06
C LEU H 493 59.21 -5.51 -20.49
N SER H 494 58.96 -6.12 -21.64
CA SER H 494 59.95 -7.08 -22.16
C SER H 494 60.15 -6.92 -23.67
N HIS H 495 61.41 -7.02 -24.11
CA HIS H 495 61.78 -7.02 -25.53
C HIS H 495 62.42 -8.37 -25.77
N TRP H 496 62.09 -8.97 -26.91
CA TRP H 496 62.49 -10.35 -27.19
C TRP H 496 63.06 -10.41 -28.62
N ILE H 497 64.30 -10.86 -28.77
CA ILE H 497 64.95 -10.82 -30.06
C ILE H 497 65.35 -12.25 -30.48
N ARG H 498 65.16 -12.55 -31.76
CA ARG H 498 65.85 -13.65 -32.41
C ARG H 498 66.83 -13.05 -33.43
N ILE H 499 68.08 -13.50 -33.36
CA ILE H 499 69.14 -13.08 -34.30
C ILE H 499 69.43 -14.24 -35.25
N LYS H 500 69.48 -13.94 -36.52
CA LYS H 500 69.88 -14.96 -37.50
C LYS H 500 70.72 -14.26 -38.53
N GLY H 501 71.90 -14.82 -38.86
CA GLY H 501 72.78 -14.18 -39.84
C GLY H 501 73.27 -12.84 -39.31
N LYS H 502 73.41 -12.75 -37.98
CA LYS H 502 73.85 -11.53 -37.28
C LYS H 502 72.87 -10.36 -37.45
N LYS H 503 71.67 -10.66 -37.93
CA LYS H 503 70.62 -9.63 -38.11
C LYS H 503 69.37 -9.96 -37.32
N ILE H 504 68.47 -8.98 -37.18
CA ILE H 504 67.21 -9.21 -36.49
C ILE H 504 66.30 -10.11 -37.35
N ASP H 505 66.01 -11.30 -36.83
CA ASP H 505 65.08 -12.19 -37.48
C ASP H 505 63.65 -11.99 -36.93
N ASN H 506 63.55 -11.75 -35.63
CA ASN H 506 62.29 -11.34 -35.02
C ASN H 506 62.61 -10.40 -33.85
N PHE H 507 61.76 -9.41 -33.62
CA PHE H 507 61.94 -8.51 -32.49
C PHE H 507 60.55 -8.16 -32.01
N GLN H 508 60.23 -8.59 -30.81
CA GLN H 508 58.89 -8.39 -30.27
C GLN H 508 58.94 -7.60 -28.97
N LEU H 509 58.07 -6.60 -28.86
CA LEU H 509 57.88 -5.81 -27.65
C LEU H 509 56.60 -6.24 -27.00
N VAL H 510 56.63 -6.45 -25.68
CA VAL H 510 55.37 -6.68 -24.92
C VAL H 510 55.45 -5.64 -23.82
N VAL H 511 54.51 -4.68 -23.80
CA VAL H 511 54.73 -3.42 -23.10
C VAL H 511 53.66 -3.28 -22.01
N PRO H 512 53.95 -2.54 -20.92
CA PRO H 512 52.99 -2.58 -19.83
C PRO H 512 51.58 -2.13 -20.25
N SER H 513 51.45 -1.10 -21.07
CA SER H 513 50.09 -0.69 -21.46
C SER H 513 49.45 -1.75 -22.36
N THR H 514 50.26 -2.62 -22.96
CA THR H 514 49.69 -3.77 -23.70
C THR H 514 49.02 -4.73 -22.70
N TRP H 515 49.68 -5.02 -21.57
CA TRP H 515 49.07 -5.82 -20.48
C TRP H 515 47.80 -5.15 -19.93
N ASN H 516 47.88 -3.86 -19.66
CA ASN H 516 46.78 -3.19 -18.95
C ASN H 516 45.58 -2.80 -19.82
N LEU H 517 45.85 -2.34 -21.04
CA LEU H 517 44.82 -1.70 -21.87
C LEU H 517 44.54 -2.38 -23.20
N GLY H 518 45.12 -3.57 -23.40
CA GLY H 518 44.86 -4.38 -24.60
C GLY H 518 43.38 -4.82 -24.58
N PRO H 519 42.93 -5.45 -25.65
CA PRO H 519 41.52 -5.95 -25.71
C PRO H 519 41.38 -7.31 -25.03
N ARG H 520 40.20 -7.92 -25.20
CA ARG H 520 39.95 -9.29 -24.73
C ARG H 520 40.95 -10.28 -25.35
N GLY H 521 41.24 -11.34 -24.62
CA GLY H 521 42.13 -12.41 -25.12
C GLY H 521 41.33 -13.46 -25.85
N ALA H 522 41.98 -14.56 -26.20
CA ALA H 522 41.33 -15.59 -27.04
C ALA H 522 40.08 -16.20 -26.40
N GLN H 523 40.07 -16.27 -25.05
CA GLN H 523 38.90 -16.71 -24.29
C GLN H 523 37.74 -15.73 -24.25
N GLY H 524 37.96 -14.50 -24.74
CA GLY H 524 36.92 -13.44 -24.62
C GLY H 524 36.98 -12.74 -23.27
N ASP H 525 38.09 -12.95 -22.58
CA ASP H 525 38.23 -12.46 -21.22
C ASP H 525 38.73 -11.02 -21.26
N LYS H 526 38.02 -10.11 -20.61
CA LYS H 526 38.44 -8.70 -20.58
C LYS H 526 39.84 -8.41 -20.04
N SER H 527 40.45 -7.38 -20.57
CA SER H 527 41.75 -6.90 -20.09
C SER H 527 41.57 -6.18 -18.73
N PRO H 528 42.69 -5.89 -18.05
CA PRO H 528 42.56 -5.19 -16.75
C PRO H 528 41.71 -3.90 -16.82
N VAL H 529 41.92 -3.02 -17.79
CA VAL H 529 41.16 -1.76 -17.82
C VAL H 529 39.65 -2.00 -18.09
N GLU H 530 39.36 -2.98 -18.94
CA GLU H 530 37.98 -3.32 -19.29
C GLU H 530 37.28 -3.91 -18.06
N GLU H 531 37.97 -4.79 -17.35
CA GLU H 531 37.41 -5.30 -16.08
C GLU H 531 37.22 -4.18 -15.00
N ALA H 532 38.23 -3.32 -14.87
CA ALA H 532 38.19 -2.24 -13.88
C ALA H 532 37.04 -1.25 -14.15
N LEU H 533 36.70 -1.05 -15.43
CA LEU H 533 35.60 -0.13 -15.81
C LEU H 533 34.22 -0.65 -15.42
N ILE H 534 34.08 -1.98 -15.29
CA ILE H 534 32.77 -2.53 -14.89
C ILE H 534 32.41 -2.05 -13.48
N GLY H 535 31.16 -1.60 -13.33
CA GLY H 535 30.71 -1.05 -12.06
C GLY H 535 30.93 0.44 -11.88
N THR H 536 31.58 1.12 -12.84
CA THR H 536 31.83 2.56 -12.71
C THR H 536 30.48 3.31 -12.65
N PRO H 537 30.27 4.15 -11.64
CA PRO H 537 29.04 4.98 -11.64
C PRO H 537 29.25 6.21 -12.53
N ILE H 538 28.17 6.67 -13.16
CA ILE H 538 28.23 7.79 -14.08
C ILE H 538 27.20 8.81 -13.55
N ALA H 539 27.68 9.87 -12.91
CA ALA H 539 26.79 10.89 -12.35
C ALA H 539 26.11 11.71 -13.46
N ASP H 540 26.84 11.92 -14.55
CA ASP H 540 26.40 12.76 -15.67
C ASP H 540 26.95 12.16 -16.98
N PRO H 541 26.09 11.48 -17.77
CA PRO H 541 26.55 10.81 -18.99
C PRO H 541 27.11 11.78 -20.06
N LYS H 542 26.71 13.06 -20.02
CA LYS H 542 27.32 14.12 -20.84
C LYS H 542 28.78 14.42 -20.49
N ARG H 543 29.18 14.15 -19.26
CA ARG H 543 30.52 14.53 -18.76
C ARG H 543 31.02 13.38 -17.89
N PRO H 544 31.35 12.24 -18.54
CA PRO H 544 31.64 10.99 -17.81
C PRO H 544 33.07 10.95 -17.25
N VAL H 545 33.31 11.85 -16.29
CA VAL H 545 34.60 11.94 -15.60
C VAL H 545 35.02 10.61 -14.95
N GLU H 546 34.06 9.83 -14.48
CA GLU H 546 34.36 8.60 -13.75
C GLU H 546 35.08 7.58 -14.66
N ILE H 547 34.75 7.58 -15.94
CA ILE H 547 35.50 6.74 -16.91
C ILE H 547 36.97 7.19 -16.98
N LEU H 548 37.16 8.50 -17.01
CA LEU H 548 38.50 9.05 -17.11
C LEU H 548 39.30 8.74 -15.84
N ARG H 549 38.66 8.84 -14.68
CA ARG H 549 39.37 8.57 -13.40
C ARG H 549 40.03 7.21 -13.40
N THR H 550 39.28 6.20 -13.84
CA THR H 550 39.78 4.84 -13.84
C THR H 550 40.79 4.58 -14.95
N VAL H 551 40.47 5.03 -16.17
CA VAL H 551 41.35 4.81 -17.31
C VAL H 551 42.68 5.53 -17.02
N HIS H 552 42.62 6.79 -16.57
CA HIS H 552 43.85 7.54 -16.24
C HIS H 552 44.64 6.93 -15.11
N ALA H 553 43.96 6.23 -14.18
CA ALA H 553 44.67 5.57 -13.05
C ALA H 553 45.71 4.55 -13.54
N PHE H 554 45.45 3.89 -14.68
CA PHE H 554 46.40 2.95 -15.29
C PHE H 554 47.55 3.65 -16.02
N ASP H 555 47.48 4.98 -16.14
CA ASP H 555 48.52 5.79 -16.84
C ASP H 555 48.77 5.23 -18.28
N PRO H 556 47.71 5.22 -19.11
CA PRO H 556 47.74 4.59 -20.44
C PRO H 556 48.74 5.26 -21.36
N CSS H 557 49.41 4.42 -22.13
CA CSS H 557 50.33 4.83 -23.14
CB CSS H 557 51.75 4.54 -22.68
SG CSS H 557 52.45 5.80 -21.63
SD CSS H 557 54.45 5.23 -21.71
C CSS H 557 50.12 4.00 -24.39
O CSS H 557 50.57 2.85 -24.46
N CYS H 557 49.41 4.42 -22.13
CA CYS H 557 50.33 4.83 -23.14
C CYS H 557 50.12 4.00 -24.39
N ILE H 558 49.41 4.57 -25.35
CA ILE H 558 48.94 3.75 -26.48
C ILE H 558 50.04 3.53 -27.51
N ALA H 559 50.92 4.51 -27.69
CA ALA H 559 52.12 4.35 -28.54
C ALA H 559 53.00 3.24 -28.00
N CYS H 560 53.25 3.25 -26.69
CA CYS H 560 53.88 2.10 -26.04
C CYS H 560 53.13 0.79 -26.29
N GLY H 561 51.82 0.80 -26.10
CA GLY H 561 51.09 -0.46 -26.03
C GLY H 561 50.94 -1.14 -27.39
N VAL H 562 50.83 -0.34 -28.44
CA VAL H 562 50.71 -0.85 -29.82
C VAL H 562 52.07 -0.97 -30.52
N HIS H 563 52.90 0.07 -30.35
CA HIS H 563 54.20 0.15 -31.06
C HIS H 563 54.05 -0.21 -32.57
N PRO I 20 90.66 -68.22 -20.14
CA PRO I 20 91.06 -67.16 -19.20
C PRO I 20 90.23 -65.90 -19.39
N THR I 21 89.69 -65.35 -18.30
CA THR I 21 88.91 -64.12 -18.37
C THR I 21 89.81 -62.95 -18.75
N PRO I 22 89.44 -62.18 -19.80
CA PRO I 22 90.30 -61.06 -20.19
C PRO I 22 90.45 -60.01 -19.08
N GLN I 23 91.67 -59.50 -18.96
CA GLN I 23 92.01 -58.61 -17.88
C GLN I 23 93.29 -57.81 -18.26
N SER I 24 93.16 -56.49 -18.22
CA SER I 24 94.27 -55.58 -18.51
C SER I 24 95.24 -55.52 -17.33
N THR I 25 96.27 -54.69 -17.47
CA THR I 25 97.15 -54.42 -16.34
C THR I 25 96.87 -53.05 -15.70
N PHE I 26 95.74 -52.44 -16.05
CA PHE I 26 95.43 -51.08 -15.60
C PHE I 26 95.41 -50.91 -14.07
N THR I 27 96.08 -49.85 -13.61
CA THR I 27 96.01 -49.43 -12.22
C THR I 27 95.60 -47.96 -12.18
N GLY I 28 94.49 -47.66 -11.51
CA GLY I 28 94.05 -46.30 -11.38
C GLY I 28 92.56 -46.24 -11.12
N PRO I 29 92.01 -45.03 -11.05
CA PRO I 29 90.58 -44.92 -10.79
C PRO I 29 89.77 -45.02 -12.06
N ILE I 30 88.54 -45.49 -11.93
CA ILE I 30 87.56 -45.44 -13.02
C ILE I 30 86.27 -44.92 -12.41
N VAL I 31 85.66 -43.93 -13.05
CA VAL I 31 84.33 -43.44 -12.66
C VAL I 31 83.42 -43.69 -13.86
N VAL I 32 82.24 -44.26 -13.61
CA VAL I 32 81.22 -44.42 -14.64
C VAL I 32 79.98 -43.67 -14.16
N ASP I 33 79.70 -42.55 -14.83
CA ASP I 33 78.56 -41.66 -14.51
C ASP I 33 78.16 -40.91 -15.81
N PRO I 34 76.98 -41.20 -16.40
CA PRO I 34 75.92 -42.01 -15.78
C PRO I 34 76.09 -43.53 -15.97
N ILE I 35 75.64 -44.31 -14.99
CA ILE I 35 75.30 -45.72 -15.26
C ILE I 35 74.00 -45.71 -16.07
N THR I 36 74.08 -46.10 -17.33
CA THR I 36 72.89 -46.12 -18.17
C THR I 36 72.22 -47.49 -18.03
N ARG I 37 71.02 -47.64 -18.62
CA ARG I 37 70.27 -48.91 -18.63
C ARG I 37 70.02 -49.37 -17.19
N ILE I 38 69.70 -48.39 -16.33
CA ILE I 38 69.08 -48.61 -15.03
C ILE I 38 67.98 -47.59 -14.89
N GLU I 39 67.21 -47.68 -13.81
CA GLU I 39 66.31 -46.59 -13.48
C GLU I 39 67.07 -45.66 -12.54
N GLY I 40 67.08 -44.36 -12.87
CA GLY I 40 67.58 -43.37 -11.92
C GLY I 40 69.05 -43.06 -12.13
N HIS I 41 69.63 -42.31 -11.18
CA HIS I 41 70.90 -41.64 -11.42
C HIS I 41 71.99 -42.16 -10.52
N LEU I 42 72.88 -42.99 -11.09
CA LEU I 42 73.92 -43.62 -10.31
C LEU I 42 75.28 -43.31 -10.88
N ARG I 43 76.20 -42.99 -9.98
CA ARG I 43 77.65 -42.81 -10.29
C ARG I 43 78.37 -43.95 -9.59
N ILE I 44 79.22 -44.69 -10.30
CA ILE I 44 80.05 -45.72 -9.67
C ILE I 44 81.50 -45.27 -9.75
N MET I 45 82.22 -45.31 -8.63
CA MET I 45 83.68 -45.04 -8.59
C MET I 45 84.38 -46.30 -8.10
N VAL I 46 85.45 -46.68 -8.77
CA VAL I 46 86.21 -47.83 -8.37
C VAL I 46 87.69 -47.48 -8.42
N GLU I 47 88.47 -48.21 -7.63
CA GLU I 47 89.92 -48.20 -7.76
C GLU I 47 90.34 -49.53 -8.34
N VAL I 48 91.22 -49.50 -9.33
CA VAL I 48 91.63 -50.71 -10.05
C VAL I 48 93.14 -50.87 -9.88
N GLU I 49 93.61 -52.11 -9.74
CA GLU I 49 95.04 -52.45 -9.61
C GLU I 49 95.34 -53.69 -10.43
N ASN I 50 96.41 -53.64 -11.24
CA ASN I 50 96.71 -54.72 -12.19
C ASN I 50 95.44 -55.33 -12.83
N GLY I 51 94.47 -54.50 -13.19
CA GLY I 51 93.30 -54.94 -13.95
C GLY I 51 92.10 -55.48 -13.20
N LYS I 52 92.12 -55.45 -11.87
CA LYS I 52 90.98 -55.87 -11.06
C LYS I 52 90.57 -54.78 -10.09
N VAL I 53 89.25 -54.61 -9.93
CA VAL I 53 88.71 -53.65 -8.98
C VAL I 53 89.11 -54.05 -7.57
N LYS I 54 89.70 -53.12 -6.81
CA LYS I 54 90.11 -53.38 -5.41
C LYS I 54 89.30 -52.60 -4.37
N ASP I 55 88.53 -51.61 -4.82
CA ASP I 55 87.65 -50.85 -3.95
C ASP I 55 86.54 -50.20 -4.76
N ALA I 56 85.41 -49.95 -4.12
CA ALA I 56 84.24 -49.48 -4.87
C ALA I 56 83.35 -48.57 -4.04
N TRP I 57 82.69 -47.64 -4.73
CA TRP I 57 81.70 -46.76 -4.11
C TRP I 57 80.47 -46.65 -4.99
N SER I 58 79.29 -46.75 -4.39
CA SER I 58 78.02 -46.64 -5.09
C SER I 58 77.36 -45.34 -4.67
N SER I 59 77.31 -44.39 -5.61
CA SER I 59 76.98 -42.99 -5.33
C SER I 59 75.68 -42.56 -6.05
N SER I 60 74.58 -42.55 -5.31
CA SER I 60 73.27 -42.19 -5.86
C SER I 60 73.18 -40.67 -5.94
N GLN I 61 72.73 -40.16 -7.09
CA GLN I 61 72.94 -38.77 -7.46
C GLN I 61 71.70 -37.84 -7.48
N LEU I 62 70.52 -38.34 -7.07
CA LEU I 62 69.29 -37.52 -7.07
C LEU I 62 68.58 -37.77 -5.76
N PHE I 63 68.15 -36.67 -5.12
CA PHE I 63 67.22 -36.74 -4.01
C PHE I 63 65.91 -36.07 -4.38
N ARG I 64 64.79 -36.72 -4.04
CA ARG I 64 63.47 -36.08 -4.17
C ARG I 64 62.79 -35.80 -2.82
N GLY I 65 62.82 -36.77 -1.89
CA GLY I 65 62.33 -36.55 -0.52
C GLY I 65 60.84 -36.79 -0.32
N LEU I 66 60.31 -37.86 -0.90
CA LEU I 66 58.89 -38.24 -0.72
C LEU I 66 58.51 -38.41 0.76
N GLU I 67 59.42 -38.92 1.58
CA GLU I 67 59.14 -39.08 3.03
C GLU I 67 58.84 -37.73 3.69
N ILE I 68 59.60 -36.70 3.33
CA ILE I 68 59.38 -35.33 3.83
C ILE I 68 58.02 -34.79 3.35
N ILE I 69 57.74 -34.99 2.06
CA ILE I 69 56.51 -34.50 1.44
C ILE I 69 55.23 -35.09 2.08
N LEU I 70 55.30 -36.35 2.51
CA LEU I 70 54.15 -37.03 3.06
C LEU I 70 53.78 -36.57 4.47
N LYS I 71 54.72 -35.94 5.18
CA LYS I 71 54.43 -35.52 6.56
C LYS I 71 53.16 -34.65 6.63
N GLY I 72 52.25 -35.01 7.53
CA GLY I 72 51.06 -34.21 7.75
C GLY I 72 49.92 -34.41 6.77
N ARG I 73 50.12 -35.25 5.75
CA ARG I 73 49.09 -35.55 4.75
C ARG I 73 48.11 -36.65 5.22
N ASP I 74 47.02 -36.82 4.47
CA ASP I 74 46.04 -37.88 4.72
C ASP I 74 46.66 -39.29 4.46
N PRO I 75 46.58 -40.23 5.45
CA PRO I 75 47.17 -41.57 5.20
C PRO I 75 46.62 -42.25 3.93
N ARG I 76 45.36 -41.97 3.58
CA ARG I 76 44.78 -42.49 2.32
C ARG I 76 45.52 -42.04 1.07
N ASP I 77 46.20 -40.88 1.15
CA ASP I 77 46.86 -40.33 -0.03
C ASP I 77 48.24 -40.94 -0.23
N ALA I 78 48.79 -41.59 0.80
CA ALA I 78 50.21 -42.03 0.74
C ALA I 78 50.53 -42.89 -0.50
N GLN I 79 49.67 -43.89 -0.77
CA GLN I 79 49.93 -44.79 -1.89
C GLN I 79 50.09 -44.05 -3.24
N HIS I 80 49.42 -42.90 -3.40
CA HIS I 80 49.48 -42.17 -4.67
C HIS I 80 50.79 -41.43 -4.83
N PHE I 81 51.29 -40.93 -3.70
CA PHE I 81 52.60 -40.27 -3.67
C PHE I 81 53.72 -41.31 -3.78
N THR I 82 53.64 -42.37 -2.98
CA THR I 82 54.75 -43.36 -2.94
C THR I 82 54.84 -44.13 -4.24
N GLN I 83 53.72 -44.30 -4.93
CA GLN I 83 53.81 -45.01 -6.20
C GLN I 83 54.78 -44.30 -7.15
N ARG I 84 54.87 -42.98 -7.03
CA ARG I 84 55.81 -42.23 -7.86
C ARG I 84 57.27 -42.28 -7.37
N ALA I 85 57.58 -43.12 -6.36
CA ALA I 85 58.98 -43.42 -6.06
C ALA I 85 59.65 -44.00 -7.32
N CYS I 86 58.89 -44.75 -8.10
CA CYS I 86 59.41 -45.35 -9.31
C CYS I 86 58.34 -45.80 -10.28
N GLY I 87 58.63 -45.59 -11.56
CA GLY I 87 57.71 -45.95 -12.65
C GLY I 87 58.10 -47.24 -13.36
N CYS I 88 59.26 -47.81 -13.02
CA CYS I 88 59.61 -49.12 -13.56
C CYS I 88 58.95 -50.22 -12.72
N CYS I 89 59.20 -50.24 -11.41
CA CYS I 89 58.44 -51.09 -10.51
C CYS I 89 57.21 -50.28 -10.13
N THR I 90 56.49 -49.86 -11.15
CA THR I 90 55.21 -49.26 -10.89
C THR I 90 54.36 -50.28 -10.09
N TYR I 91 53.31 -49.78 -9.42
CA TYR I 91 52.43 -50.59 -8.55
C TYR I 91 53.03 -50.93 -7.20
N VAL I 92 54.27 -51.40 -7.15
CA VAL I 92 54.72 -52.04 -5.92
C VAL I 92 54.67 -51.13 -4.69
N HIS I 93 54.91 -49.83 -4.87
CA HIS I 93 54.85 -48.90 -3.75
C HIS I 93 53.41 -48.61 -3.35
N ALA I 94 52.50 -48.60 -4.31
CA ALA I 94 51.08 -48.41 -3.95
C ALA I 94 50.61 -49.63 -3.15
N LEU I 95 51.11 -50.81 -3.53
CA LEU I 95 50.80 -52.01 -2.78
C LEU I 95 51.37 -51.97 -1.36
N ALA I 96 52.67 -51.65 -1.23
CA ALA I 96 53.30 -51.55 0.08
C ALA I 96 52.62 -50.49 0.96
N SER I 97 52.23 -49.35 0.38
CA SER I 97 51.63 -48.30 1.19
C SER I 97 50.21 -48.74 1.59
N SER I 98 49.51 -49.43 0.68
CA SER I 98 48.16 -49.90 1.02
C SER I 98 48.21 -50.97 2.13
N ARG I 99 49.19 -51.87 2.06
CA ARG I 99 49.34 -52.92 3.09
C ARG I 99 49.71 -52.23 4.41
N CYS I 100 50.52 -51.18 4.30
CA CYS I 100 50.98 -50.45 5.48
C CYS I 100 49.84 -49.73 6.20
N VAL I 101 49.04 -49.00 5.44
CA VAL I 101 47.88 -48.33 6.01
C VAL I 101 46.85 -49.38 6.45
N ASP I 102 46.66 -50.45 5.69
CA ASP I 102 45.76 -51.54 6.16
C ASP I 102 46.18 -52.06 7.55
N ASP I 103 47.49 -52.23 7.72
CA ASP I 103 48.03 -52.67 8.99
C ASP I 103 47.73 -51.64 10.10
N ALA I 104 48.03 -50.36 9.85
CA ALA I 104 47.80 -49.29 10.82
C ALA I 104 46.34 -49.12 11.27
N VAL I 105 45.39 -49.37 10.35
CA VAL I 105 43.97 -49.17 10.68
C VAL I 105 43.34 -50.49 11.14
N LYS I 106 44.15 -51.54 11.10
CA LYS I 106 43.77 -52.90 11.54
C LYS I 106 42.57 -53.43 10.77
N VAL I 107 42.65 -53.35 9.45
CA VAL I 107 41.66 -53.96 8.57
C VAL I 107 42.27 -55.17 7.84
N SER I 108 41.51 -56.24 7.76
CA SER I 108 41.88 -57.44 7.02
C SER I 108 41.18 -57.39 5.66
N ILE I 109 41.93 -57.39 4.56
CA ILE I 109 41.32 -57.21 3.23
C ILE I 109 40.56 -58.49 2.83
N PRO I 110 39.49 -58.37 2.01
CA PRO I 110 38.74 -59.57 1.57
C PRO I 110 39.63 -60.47 0.74
N ALA I 111 39.33 -61.77 0.71
CA ALA I 111 40.10 -62.72 -0.09
C ALA I 111 40.25 -62.28 -1.56
N ASN I 112 39.19 -61.74 -2.18
CA ASN I 112 39.29 -61.30 -3.58
C ASN I 112 40.32 -60.18 -3.76
N ALA I 113 40.42 -59.28 -2.78
CA ALA I 113 41.41 -58.19 -2.85
C ALA I 113 42.83 -58.72 -2.66
N ARG I 114 42.98 -59.73 -1.81
CA ARG I 114 44.30 -60.41 -1.70
C ARG I 114 44.72 -61.01 -3.06
N MET I 115 43.79 -61.76 -3.65
CA MET I 115 44.03 -62.43 -4.95
C MET I 115 44.28 -61.39 -6.06
N MET I 116 43.50 -60.32 -6.12
CA MET I 116 43.72 -59.30 -7.15
C MET I 116 45.06 -58.58 -7.00
N ARG I 117 45.39 -58.20 -5.77
CA ARG I 117 46.64 -57.47 -5.54
C ARG I 117 47.84 -58.37 -5.88
N ASN I 118 47.72 -59.65 -5.58
CA ASN I 118 48.86 -60.55 -5.78
C ASN I 118 49.06 -60.88 -7.25
N LEU I 119 47.94 -60.98 -7.97
CA LEU I 119 47.97 -61.14 -9.42
C LEU I 119 48.59 -59.93 -10.13
N VAL I 120 48.22 -58.73 -9.71
CA VAL I 120 48.88 -57.52 -10.28
C VAL I 120 50.39 -57.54 -10.01
N MET I 121 50.80 -57.95 -8.82
CA MET I 121 52.25 -58.16 -8.56
C MET I 121 52.91 -59.18 -9.52
N ALA I 122 52.27 -60.32 -9.71
CA ALA I 122 52.75 -61.35 -10.65
C ALA I 122 52.93 -60.77 -12.06
N SER I 123 51.90 -60.05 -12.53
CA SER I 123 51.97 -59.41 -13.84
C SER I 123 53.14 -58.44 -13.90
N GLN I 124 53.42 -57.78 -12.78
CA GLN I 124 54.51 -56.82 -12.70
C GLN I 124 55.89 -57.50 -12.80
N TYR I 125 56.06 -58.64 -12.12
CA TYR I 125 57.29 -59.43 -12.23
C TYR I 125 57.56 -59.78 -13.69
N LEU I 126 56.54 -60.25 -14.40
CA LEU I 126 56.70 -60.66 -15.79
C LEU I 126 57.15 -59.52 -16.68
N HIS I 127 56.44 -58.40 -16.62
CA HIS I 127 56.84 -57.23 -17.37
C HIS I 127 58.30 -56.77 -17.06
N ASP I 128 58.58 -56.63 -15.77
CA ASP I 128 59.80 -56.02 -15.27
C ASP I 128 61.02 -56.89 -15.63
N HIS I 129 60.96 -58.16 -15.31
CA HIS I 129 62.07 -59.07 -15.63
C HIS I 129 62.39 -59.19 -17.12
N LEU I 130 61.34 -59.21 -17.93
CA LEU I 130 61.55 -59.31 -19.38
C LEU I 130 62.24 -58.08 -19.96
N VAL I 131 61.79 -56.90 -19.50
CA VAL I 131 62.36 -55.64 -19.90
C VAL I 131 63.80 -55.55 -19.38
N HIS I 132 64.02 -55.96 -18.13
CA HIS I 132 65.35 -55.90 -17.59
C HIS I 132 66.36 -56.71 -18.39
N PHE I 133 66.04 -57.98 -18.61
CA PHE I 133 66.97 -58.84 -19.29
C PHE I 133 67.30 -58.34 -20.70
N TYR I 134 66.28 -58.07 -21.49
CA TYR I 134 66.52 -57.71 -22.89
C TYR I 134 66.99 -56.27 -23.07
N HIS I 135 66.26 -55.33 -22.48
CA HIS I 135 66.48 -53.95 -22.81
C HIS I 135 67.46 -53.25 -21.90
N LEU I 136 67.67 -53.78 -20.70
CA LEU I 136 68.61 -53.16 -19.77
C LEU I 136 69.93 -53.95 -19.68
N HIS I 137 69.85 -55.28 -19.61
CA HIS I 137 71.01 -56.06 -19.26
C HIS I 137 71.72 -56.62 -20.47
N ALA I 138 70.96 -57.02 -21.51
CA ALA I 138 71.58 -57.84 -22.59
C ALA I 138 72.72 -57.18 -23.34
N LEU I 139 72.66 -55.85 -23.49
CA LEU I 139 73.69 -55.12 -24.22
C LEU I 139 75.07 -55.18 -23.56
N ASP I 140 75.15 -55.64 -22.31
CA ASP I 140 76.42 -55.89 -21.66
C ASP I 140 77.10 -57.17 -22.15
N TRP I 141 76.31 -58.07 -22.76
CA TRP I 141 76.76 -59.44 -23.08
C TRP I 141 76.67 -59.73 -24.56
N VAL I 142 75.77 -59.00 -25.23
CA VAL I 142 75.46 -59.19 -26.66
C VAL I 142 76.05 -58.03 -27.47
N ASP I 143 76.87 -58.38 -28.46
CA ASP I 143 77.42 -57.42 -29.39
C ASP I 143 76.48 -57.32 -30.60
N VAL I 144 75.64 -56.29 -30.60
CA VAL I 144 74.61 -56.14 -31.63
C VAL I 144 75.21 -55.97 -33.04
N THR I 145 76.23 -55.14 -33.17
CA THR I 145 76.91 -55.01 -34.46
C THR I 145 77.54 -56.30 -35.00
N ALA I 146 77.91 -57.24 -34.11
CA ALA I 146 78.42 -58.53 -34.57
C ALA I 146 77.30 -59.41 -35.19
N ALA I 147 76.05 -59.13 -34.82
CA ALA I 147 74.90 -59.84 -35.41
C ALA I 147 74.84 -59.70 -36.93
N LEU I 148 75.39 -58.59 -37.43
CA LEU I 148 75.49 -58.32 -38.88
C LEU I 148 76.40 -59.28 -39.60
N LYS I 149 77.27 -59.93 -38.84
CA LYS I 149 78.25 -60.82 -39.44
C LYS I 149 77.79 -62.28 -39.41
N ALA I 150 76.64 -62.53 -38.77
CA ALA I 150 76.12 -63.90 -38.60
C ALA I 150 75.57 -64.41 -39.92
N ASP I 151 75.61 -65.73 -40.09
CA ASP I 151 74.90 -66.42 -41.17
C ASP I 151 73.50 -66.80 -40.64
N PRO I 152 72.43 -66.16 -41.15
CA PRO I 152 71.10 -66.44 -40.59
C PRO I 152 70.60 -67.88 -40.76
N ASN I 153 71.09 -68.57 -41.80
CA ASN I 153 70.85 -70.01 -41.96
C ASN I 153 71.41 -70.77 -40.77
N LYS I 154 72.67 -70.47 -40.44
CA LYS I 154 73.39 -71.06 -39.32
C LYS I 154 72.78 -70.64 -37.98
N ALA I 155 72.27 -69.41 -37.90
CA ALA I 155 71.63 -68.93 -36.68
C ALA I 155 70.32 -69.69 -36.43
N ALA I 156 69.57 -69.96 -37.50
CA ALA I 156 68.29 -70.65 -37.34
C ALA I 156 68.52 -72.09 -36.88
N LYS I 157 69.57 -72.70 -37.42
CA LYS I 157 69.95 -74.06 -37.05
C LYS I 157 70.33 -74.12 -35.56
N LEU I 158 71.12 -73.14 -35.08
CA LEU I 158 71.47 -73.11 -33.67
C LEU I 158 70.22 -72.83 -32.79
N ALA I 159 69.37 -71.91 -33.23
CA ALA I 159 68.13 -71.63 -32.49
C ALA I 159 67.26 -72.88 -32.39
N ALA I 160 67.27 -73.68 -33.44
CA ALA I 160 66.49 -74.92 -33.48
C ALA I 160 66.97 -75.94 -32.46
N SER I 161 68.24 -75.87 -32.08
CA SER I 161 68.81 -76.85 -31.16
C SER I 161 68.80 -76.39 -29.70
N ILE I 162 68.66 -75.09 -29.47
CA ILE I 162 68.77 -74.54 -28.11
C ILE I 162 67.42 -73.99 -27.59
N ALA I 163 66.37 -74.07 -28.41
CA ALA I 163 65.05 -73.54 -28.02
C ALA I 163 63.90 -74.19 -28.78
N PRO I 164 62.68 -74.14 -28.23
CA PRO I 164 61.49 -74.68 -28.91
C PRO I 164 61.34 -74.09 -30.30
N ALA I 165 60.81 -74.89 -31.24
CA ALA I 165 60.55 -74.44 -32.60
C ALA I 165 59.58 -73.26 -32.61
N ARG I 166 59.93 -72.22 -33.36
CA ARG I 166 59.05 -71.05 -33.46
C ARG I 166 59.34 -70.28 -34.74
N PRO I 167 58.31 -69.65 -35.34
CA PRO I 167 58.55 -69.00 -36.63
C PRO I 167 59.48 -67.80 -36.52
N GLY I 168 59.44 -67.15 -35.35
CA GLY I 168 60.34 -66.05 -35.07
C GLY I 168 61.82 -66.42 -35.14
N ASN I 169 62.14 -67.72 -35.04
CA ASN I 169 63.55 -68.17 -35.12
C ASN I 169 63.95 -68.74 -36.47
N SER I 170 63.08 -68.61 -37.47
CA SER I 170 63.40 -69.11 -38.82
C SER I 170 64.52 -68.29 -39.45
N ALA I 171 65.22 -68.87 -40.44
CA ALA I 171 66.26 -68.15 -41.20
C ALA I 171 65.67 -66.89 -41.83
N LYS I 172 64.45 -67.02 -42.36
CA LYS I 172 63.68 -65.90 -42.93
C LYS I 172 63.57 -64.77 -41.92
N ALA I 173 63.01 -65.06 -40.74
CA ALA I 173 62.80 -64.03 -39.69
C ALA I 173 64.10 -63.41 -39.18
N LEU I 174 65.14 -64.23 -39.03
CA LEU I 174 66.43 -63.74 -38.54
C LEU I 174 67.17 -62.89 -39.60
N LYS I 175 67.08 -63.28 -40.88
CA LYS I 175 67.61 -62.45 -41.97
C LYS I 175 66.91 -61.08 -42.03
N ALA I 176 65.59 -61.07 -41.83
CA ALA I 176 64.83 -59.82 -41.79
C ALA I 176 65.30 -58.87 -40.67
N VAL I 177 65.57 -59.42 -39.48
CA VAL I 177 66.17 -58.65 -38.38
C VAL I 177 67.53 -58.10 -38.79
N GLN I 178 68.37 -58.97 -39.33
CA GLN I 178 69.71 -58.56 -39.74
C GLN I 178 69.65 -57.43 -40.79
N ASP I 179 68.77 -57.56 -41.79
CA ASP I 179 68.59 -56.52 -42.83
C ASP I 179 68.11 -55.17 -42.25
N LYS I 180 67.20 -55.23 -41.27
CA LYS I 180 66.69 -54.05 -40.55
C LYS I 180 67.84 -53.35 -39.85
N LEU I 181 68.57 -54.12 -39.06
CA LEU I 181 69.78 -53.68 -38.37
C LEU I 181 70.84 -53.09 -39.33
N LYS I 182 71.08 -53.77 -40.44
CA LYS I 182 72.07 -53.30 -41.41
C LYS I 182 71.70 -51.91 -41.96
N ALA I 183 70.43 -51.74 -42.30
CA ALA I 183 69.91 -50.48 -42.84
C ALA I 183 70.07 -49.35 -41.82
N PHE I 184 69.79 -49.68 -40.57
CA PHE I 184 69.98 -48.76 -39.45
C PHE I 184 71.44 -48.34 -39.28
N VAL I 185 72.35 -49.30 -39.18
CA VAL I 185 73.79 -49.01 -39.04
C VAL I 185 74.33 -48.27 -40.26
N GLU I 186 73.91 -48.69 -41.45
CA GLU I 186 74.28 -48.07 -42.73
C GLU I 186 73.89 -46.58 -42.80
N SER I 187 72.88 -46.20 -42.01
CA SER I 187 72.41 -44.83 -42.02
C SER I 187 73.41 -43.88 -41.38
N GLY I 188 74.31 -44.44 -40.57
CA GLY I 188 75.28 -43.63 -39.82
C GLY I 188 74.73 -42.94 -38.59
N GLN I 189 73.41 -42.99 -38.38
CA GLN I 189 72.87 -42.52 -37.09
C GLN I 189 72.63 -43.73 -36.17
N LEU I 190 73.59 -44.02 -35.29
CA LEU I 190 73.48 -45.22 -34.44
C LEU I 190 72.48 -45.09 -33.28
N GLY I 191 72.00 -43.87 -33.02
CA GLY I 191 70.94 -43.69 -32.00
C GLY I 191 71.40 -44.23 -30.65
N ILE I 192 70.58 -45.12 -30.07
CA ILE I 192 70.90 -45.67 -28.75
C ILE I 192 72.16 -46.55 -28.70
N PHE I 193 72.70 -46.90 -29.87
CA PHE I 193 73.93 -47.70 -29.93
C PHE I 193 75.18 -46.86 -30.10
N THR I 194 75.01 -45.54 -30.14
CA THR I 194 76.14 -44.63 -30.30
C THR I 194 77.18 -44.84 -29.20
N ASN I 195 78.44 -45.04 -29.60
CA ASN I 195 79.53 -45.27 -28.65
C ASN I 195 79.34 -46.48 -27.72
N ALA I 196 78.61 -47.49 -28.15
CA ALA I 196 78.43 -48.71 -27.39
C ALA I 196 79.80 -49.32 -27.11
N TYR I 197 79.95 -49.97 -25.95
CA TYR I 197 81.26 -50.55 -25.61
C TYR I 197 81.71 -51.66 -26.55
N PHE I 198 80.74 -52.29 -27.24
CA PHE I 198 81.10 -53.35 -28.21
C PHE I 198 81.55 -52.88 -29.60
N LEU I 199 81.32 -51.60 -29.94
CA LEU I 199 81.74 -51.10 -31.25
C LEU I 199 83.23 -51.29 -31.48
N GLY I 200 83.57 -51.85 -32.65
CA GLY I 200 84.95 -52.22 -32.96
C GLY I 200 85.48 -53.50 -32.33
N GLY I 201 84.60 -54.21 -31.64
CA GLY I 201 84.95 -55.45 -30.95
C GLY I 201 85.41 -55.14 -29.55
N HIS I 202 85.34 -56.15 -28.69
CA HIS I 202 85.70 -55.96 -27.28
C HIS I 202 86.01 -57.34 -26.71
N LYS I 203 87.19 -57.48 -26.11
CA LYS I 203 87.66 -58.74 -25.53
C LYS I 203 86.65 -59.42 -24.61
N ALA I 204 85.88 -58.63 -23.87
CA ALA I 204 84.96 -59.16 -22.85
C ALA I 204 83.63 -59.64 -23.41
N TYR I 205 83.39 -59.38 -24.70
CA TYR I 205 82.21 -59.90 -25.41
C TYR I 205 82.56 -61.22 -26.12
N TYR I 206 81.91 -62.32 -25.72
CA TYR I 206 82.36 -63.68 -26.10
C TYR I 206 81.44 -64.39 -27.11
N LEU I 207 80.23 -63.88 -27.32
CA LEU I 207 79.23 -64.61 -28.10
C LEU I 207 79.58 -64.78 -29.58
N PRO I 208 79.32 -65.97 -30.14
CA PRO I 208 79.34 -66.10 -31.61
C PRO I 208 78.33 -65.12 -32.23
N PRO I 209 78.64 -64.57 -33.42
CA PRO I 209 77.70 -63.69 -34.09
C PRO I 209 76.28 -64.26 -34.15
N GLU I 210 76.15 -65.57 -34.41
CA GLU I 210 74.84 -66.24 -34.50
C GLU I 210 74.00 -66.09 -33.23
N VAL I 211 74.64 -66.20 -32.07
CA VAL I 211 73.96 -66.00 -30.80
C VAL I 211 73.59 -64.52 -30.66
N ASP I 212 74.52 -63.63 -31.04
CA ASP I 212 74.20 -62.20 -31.07
C ASP I 212 72.94 -61.93 -31.89
N LEU I 213 72.83 -62.55 -33.05
CA LEU I 213 71.66 -62.34 -33.91
C LEU I 213 70.35 -62.85 -33.27
N ILE I 214 70.39 -64.06 -32.73
CA ILE I 214 69.22 -64.59 -32.04
C ILE I 214 68.78 -63.66 -30.88
N ALA I 215 69.72 -63.23 -30.06
CA ALA I 215 69.40 -62.35 -28.95
C ALA I 215 68.80 -61.03 -29.43
N THR I 216 69.37 -60.48 -30.51
CA THR I 216 68.93 -59.19 -31.05
C THR I 216 67.50 -59.26 -31.61
N ALA I 217 67.23 -60.34 -32.35
CA ALA I 217 65.88 -60.63 -32.80
C ALA I 217 64.89 -60.65 -31.62
N HIS I 218 65.27 -61.31 -30.54
CA HIS I 218 64.42 -61.38 -29.35
C HIS I 218 64.31 -60.06 -28.57
N TYR I 219 65.39 -59.28 -28.59
CA TYR I 219 65.35 -57.92 -28.03
C TYR I 219 64.21 -57.13 -28.68
N LEU I 220 64.12 -57.24 -30.00
CA LEU I 220 63.07 -56.51 -30.73
C LEU I 220 61.70 -57.09 -30.41
N GLU I 221 61.60 -58.42 -30.45
CA GLU I 221 60.33 -59.08 -30.12
C GLU I 221 59.85 -58.68 -28.73
N ALA I 222 60.81 -58.57 -27.81
CA ALA I 222 60.50 -58.26 -26.41
C ALA I 222 59.95 -56.86 -26.25
N LEU I 223 60.31 -55.96 -27.17
CA LEU I 223 59.75 -54.60 -27.14
C LEU I 223 58.27 -54.65 -27.37
N HIS I 224 57.83 -55.60 -28.19
CA HIS I 224 56.41 -55.76 -28.51
C HIS I 224 55.74 -56.53 -27.41
N MET I 225 56.41 -57.55 -26.90
CA MET I 225 55.84 -58.42 -25.89
C MET I 225 55.60 -57.68 -24.57
N GLN I 226 56.46 -56.73 -24.23
CA GLN I 226 56.29 -56.00 -22.96
C GLN I 226 55.03 -55.12 -23.01
N VAL I 227 54.62 -54.68 -24.20
CA VAL I 227 53.33 -53.96 -24.32
C VAL I 227 52.18 -54.87 -23.89
N LYS I 228 52.19 -56.12 -24.39
CA LYS I 228 51.20 -57.14 -23.98
C LYS I 228 51.21 -57.44 -22.46
N ALA I 229 52.41 -57.57 -21.87
CA ALA I 229 52.53 -57.76 -20.40
C ALA I 229 51.89 -56.61 -19.60
N ALA I 230 52.13 -55.38 -20.03
CA ALA I 230 51.56 -54.20 -19.39
C ALA I 230 50.04 -54.14 -19.64
N SER I 231 49.55 -54.54 -20.82
CA SER I 231 48.09 -54.62 -21.04
C SER I 231 47.42 -55.60 -20.08
N ALA I 232 48.02 -56.77 -19.90
CA ALA I 232 47.49 -57.77 -18.98
C ALA I 232 47.38 -57.10 -17.59
N MET I 233 48.47 -56.47 -17.18
CA MET I 233 48.51 -55.77 -15.88
C MET I 233 47.39 -54.73 -15.73
N ALA I 234 47.16 -53.94 -16.77
CA ALA I 234 46.17 -52.89 -16.71
C ALA I 234 44.73 -53.41 -16.66
N ILE I 235 44.46 -54.62 -17.13
CA ILE I 235 43.08 -55.18 -17.01
C ILE I 235 42.64 -55.14 -15.53
N LEU I 236 43.56 -55.53 -14.67
CA LEU I 236 43.34 -55.49 -13.22
C LEU I 236 43.73 -54.17 -12.57
N GLY I 237 44.83 -53.56 -13.05
CA GLY I 237 45.35 -52.32 -12.43
C GLY I 237 44.79 -50.96 -12.84
N GLY I 238 44.06 -50.94 -13.96
CA GLY I 238 43.46 -49.71 -14.47
C GLY I 238 44.30 -49.02 -15.52
N LYS I 239 45.63 -49.02 -15.33
CA LYS I 239 46.55 -48.52 -16.36
C LYS I 239 47.94 -48.93 -15.96
N ASN I 240 48.84 -48.86 -16.91
CA ASN I 240 50.26 -49.06 -16.63
C ASN I 240 51.01 -48.11 -17.56
N PRO I 241 51.94 -47.27 -17.05
CA PRO I 241 52.42 -47.26 -15.67
C PRO I 241 51.45 -46.60 -14.70
N HIS I 242 51.68 -46.87 -13.42
CA HIS I 242 51.00 -46.25 -12.27
C HIS I 242 49.56 -46.67 -12.19
N THR I 243 49.37 -47.84 -11.56
CA THR I 243 48.05 -48.45 -11.41
C THR I 243 47.15 -47.62 -10.52
N GLN I 244 45.86 -47.88 -10.58
CA GLN I 244 44.92 -47.06 -9.84
C GLN I 244 43.69 -47.90 -9.53
N PHE I 245 43.87 -48.93 -8.72
CA PHE I 245 42.76 -49.81 -8.34
C PHE I 245 42.78 -50.26 -6.86
N THR I 246 43.76 -49.80 -6.12
CA THR I 246 43.93 -50.19 -4.70
C THR I 246 43.33 -49.09 -3.83
N VAL I 247 42.73 -49.49 -2.71
CA VAL I 247 42.18 -48.55 -1.72
C VAL I 247 42.43 -49.16 -0.33
N VAL I 248 42.35 -48.35 0.71
CA VAL I 248 42.44 -48.88 2.07
C VAL I 248 41.32 -49.92 2.22
N GLY I 249 41.69 -51.12 2.64
CA GLY I 249 40.68 -52.14 2.86
C GLY I 249 40.47 -53.08 1.68
N GLY I 250 41.13 -52.82 0.55
CA GLY I 250 41.08 -53.75 -0.58
C GLY I 250 41.38 -53.17 -1.96
N CYS I 251 40.45 -53.41 -2.88
CA CYS I 251 40.54 -52.89 -4.23
C CYS I 251 39.21 -52.31 -4.68
N SER I 252 39.27 -51.51 -5.75
CA SER I 252 38.07 -50.82 -6.27
C SER I 252 37.51 -51.48 -7.54
N ASN I 253 38.30 -52.37 -8.14
CA ASN I 253 38.06 -52.86 -9.50
C ASN I 253 37.13 -54.07 -9.58
N TYR I 254 35.85 -53.86 -9.32
CA TYR I 254 34.86 -54.92 -9.45
C TYR I 254 34.83 -55.58 -10.83
N GLN I 255 35.06 -54.80 -11.89
CA GLN I 255 35.10 -55.35 -13.23
C GLN I 255 36.23 -56.39 -13.35
N GLY I 256 37.31 -56.23 -12.56
CA GLY I 256 38.43 -57.20 -12.58
C GLY I 256 38.09 -58.60 -12.04
N LEU I 257 36.89 -58.77 -11.51
CA LEU I 257 36.44 -60.07 -11.02
C LEU I 257 35.59 -60.81 -12.05
N THR I 258 35.33 -60.16 -13.18
CA THR I 258 34.34 -60.69 -14.12
C THR I 258 34.94 -61.49 -15.24
N LYS I 259 34.09 -62.20 -15.96
CA LYS I 259 34.52 -63.28 -16.84
C LYS I 259 35.35 -62.86 -18.05
N ASP I 260 34.88 -61.86 -18.81
CA ASP I 260 35.55 -61.48 -20.04
C ASP I 260 36.92 -60.79 -19.81
N PRO I 261 36.99 -59.82 -18.86
CA PRO I 261 38.31 -59.26 -18.56
C PRO I 261 39.31 -60.34 -18.10
N LEU I 262 38.83 -61.29 -17.29
CA LEU I 262 39.74 -62.34 -16.82
C LEU I 262 40.19 -63.31 -17.93
N ALA I 263 39.31 -63.57 -18.90
CA ALA I 263 39.67 -64.39 -20.06
C ALA I 263 40.75 -63.70 -20.90
N ASN I 264 40.59 -62.39 -21.07
CA ASN I 264 41.55 -61.59 -21.80
C ASN I 264 42.87 -61.56 -21.04
N TYR I 265 42.77 -61.42 -19.71
CA TYR I 265 43.96 -61.38 -18.86
C TYR I 265 44.75 -62.66 -18.96
N LEU I 266 44.03 -63.80 -18.93
CA LEU I 266 44.65 -65.10 -19.03
C LEU I 266 45.27 -65.24 -20.42
N ALA I 267 44.53 -64.84 -21.46
CA ALA I 267 45.06 -64.96 -22.83
C ALA I 267 46.37 -64.18 -23.01
N LEU I 268 46.38 -62.92 -22.56
CA LEU I 268 47.59 -62.11 -22.67
C LEU I 268 48.76 -62.70 -21.87
N SER I 269 48.46 -63.15 -20.64
CA SER I 269 49.48 -63.73 -19.76
C SER I 269 50.10 -64.99 -20.41
N LYS I 270 49.27 -65.81 -21.01
CA LYS I 270 49.75 -67.01 -21.71
C LYS I 270 50.71 -66.70 -22.89
N GLU I 271 50.39 -65.64 -23.66
CA GLU I 271 51.30 -65.18 -24.72
C GLU I 271 52.66 -64.75 -24.16
N VAL I 272 52.62 -63.92 -23.11
CA VAL I 272 53.82 -63.49 -22.40
C VAL I 272 54.61 -64.69 -21.89
N CYS I 273 53.89 -65.64 -21.29
CA CYS I 273 54.55 -66.79 -20.68
C CYS I 273 55.18 -67.68 -21.74
N GLN I 274 54.57 -67.73 -22.92
CA GLN I 274 55.14 -68.46 -24.05
C GLN I 274 56.48 -67.86 -24.50
N PHE I 275 56.53 -66.52 -24.51
CA PHE I 275 57.76 -65.80 -24.85
C PHE I 275 58.84 -66.00 -23.78
N VAL I 276 58.43 -66.01 -22.52
CA VAL I 276 59.36 -66.29 -21.42
C VAL I 276 60.00 -67.66 -21.65
N ASN I 277 59.16 -68.66 -21.95
CA ASN I 277 59.65 -70.02 -22.08
C ASN I 277 60.35 -70.31 -23.41
N GLU I 278 59.93 -69.64 -24.49
CA GLU I 278 60.53 -69.88 -25.81
C GLU I 278 61.79 -69.06 -26.07
N CYS I 279 61.84 -67.84 -25.52
CA CYS I 279 62.94 -66.89 -25.80
C CYS I 279 63.79 -66.51 -24.58
N TYR I 280 63.14 -66.05 -23.51
CA TYR I 280 63.88 -65.60 -22.32
C TYR I 280 64.79 -66.68 -21.73
N ILE I 281 64.18 -67.74 -21.20
CA ILE I 281 64.97 -68.81 -20.57
C ILE I 281 66.01 -69.41 -21.53
N PRO I 282 65.63 -69.72 -22.79
CA PRO I 282 66.68 -70.26 -23.69
C PRO I 282 67.81 -69.28 -24.01
N ASP I 283 67.52 -67.99 -24.14
CA ASP I 283 68.58 -66.97 -24.36
C ASP I 283 69.48 -66.84 -23.14
N LEU I 284 68.84 -66.77 -21.98
CA LEU I 284 69.53 -66.66 -20.71
C LEU I 284 70.52 -67.81 -20.54
N LEU I 285 70.05 -69.05 -20.79
CA LEU I 285 70.89 -70.23 -20.68
C LEU I 285 72.02 -70.24 -21.71
N ALA I 286 71.72 -69.79 -22.93
CA ALA I 286 72.73 -69.76 -23.98
C ALA I 286 73.83 -68.75 -23.62
N VAL I 287 73.44 -67.55 -23.24
CA VAL I 287 74.38 -66.53 -22.73
C VAL I 287 75.18 -67.04 -21.53
N ALA I 288 74.47 -67.57 -20.54
CA ALA I 288 75.14 -68.14 -19.37
C ALA I 288 76.18 -69.20 -19.72
N GLY I 289 75.93 -69.98 -20.78
CA GLY I 289 76.85 -71.04 -21.20
C GLY I 289 78.19 -70.53 -21.69
N PHE I 290 78.19 -69.38 -22.33
CA PHE I 290 79.41 -68.79 -22.88
C PHE I 290 80.16 -67.97 -21.84
N TYR I 291 79.44 -67.51 -20.81
CA TYR I 291 80.02 -66.69 -19.75
C TYR I 291 80.12 -67.41 -18.40
N LYS I 292 80.43 -68.71 -18.42
CA LYS I 292 80.58 -69.49 -17.19
C LYS I 292 81.59 -68.88 -16.21
N ASP I 293 82.62 -68.23 -16.74
CA ASP I 293 83.61 -67.57 -15.88
C ASP I 293 82.94 -66.55 -14.91
N TRP I 294 81.82 -65.98 -15.35
CA TRP I 294 81.06 -65.04 -14.53
C TRP I 294 80.33 -65.69 -13.34
N GLY I 295 80.37 -67.02 -13.29
CA GLY I 295 79.94 -67.77 -12.12
C GLY I 295 80.92 -67.65 -10.95
N GLY I 296 82.07 -67.01 -11.21
CA GLY I 296 83.09 -66.80 -10.20
C GLY I 296 83.39 -65.34 -9.90
N ILE I 297 82.53 -64.43 -10.34
CA ILE I 297 82.74 -62.99 -10.21
C ILE I 297 81.45 -62.38 -9.65
N GLY I 298 81.55 -61.47 -8.68
CA GLY I 298 80.37 -60.69 -8.25
C GLY I 298 79.48 -61.27 -7.17
N GLY I 299 80.00 -62.22 -6.41
CA GLY I 299 79.26 -62.86 -5.32
C GLY I 299 79.14 -62.06 -4.03
N THR I 300 78.04 -62.24 -3.32
CA THR I 300 77.90 -61.71 -1.96
C THR I 300 77.55 -62.89 -1.03
N SER I 301 77.22 -62.61 0.24
CA SER I 301 77.06 -63.68 1.23
C SER I 301 75.74 -63.73 2.01
N ASN I 302 75.01 -62.62 2.07
CA ASN I 302 73.81 -62.56 2.91
C ASN I 302 72.59 -62.24 2.06
N TYR I 303 71.48 -62.94 2.31
CA TYR I 303 70.25 -62.75 1.53
C TYR I 303 69.02 -62.54 2.40
N LEU I 304 68.16 -61.63 1.96
CA LEU I 304 66.93 -61.31 2.69
C LEU I 304 65.74 -61.29 1.76
N ALA I 305 64.61 -61.83 2.22
CA ALA I 305 63.35 -61.63 1.53
C ALA I 305 62.16 -61.60 2.50
N PHE I 306 61.23 -60.73 2.21
CA PHE I 306 59.98 -60.67 2.95
C PHE I 306 58.96 -61.64 2.39
N GLY I 307 59.26 -62.21 1.23
CA GLY I 307 58.34 -63.13 0.58
C GLY I 307 57.25 -62.40 -0.20
N GLU I 308 56.68 -63.10 -1.17
CA GLU I 308 55.54 -62.57 -1.91
C GLU I 308 54.56 -63.67 -2.30
N PHE I 309 53.32 -63.28 -2.64
CA PHE I 309 52.30 -64.22 -3.08
C PHE I 309 51.78 -65.08 -1.93
N ALA I 310 51.39 -64.39 -0.85
CA ALA I 310 50.95 -65.03 0.37
C ALA I 310 49.51 -65.47 0.23
N THR I 311 49.18 -66.56 0.92
CA THR I 311 47.81 -67.03 0.98
C THR I 311 47.03 -66.37 2.12
N ASP I 312 47.77 -65.69 3.00
CA ASP I 312 47.16 -64.95 4.12
C ASP I 312 47.87 -63.61 4.30
N ASP I 313 47.16 -62.54 3.97
CA ASP I 313 47.73 -61.20 4.00
C ASP I 313 46.99 -60.36 5.02
N SER I 314 46.48 -61.02 6.06
CA SER I 314 45.70 -60.34 7.09
C SER I 314 46.58 -59.51 8.04
N SER I 315 47.88 -59.80 8.05
CA SER I 315 48.85 -59.11 8.89
C SER I 315 50.24 -59.29 8.31
N PRO I 316 51.19 -58.42 8.69
CA PRO I 316 52.56 -58.64 8.19
C PRO I 316 53.17 -59.97 8.63
N GLU I 317 52.86 -60.43 9.85
CA GLU I 317 53.38 -61.74 10.27
C GLU I 317 52.80 -62.86 9.41
N LYS I 318 51.50 -62.78 9.11
CA LYS I 318 50.87 -63.76 8.21
C LYS I 318 51.47 -63.69 6.79
N HIS I 319 51.81 -62.49 6.33
CA HIS I 319 52.49 -62.35 5.06
C HIS I 319 53.82 -63.12 5.05
N LEU I 320 54.65 -62.84 6.04
CA LEU I 320 55.96 -63.50 6.19
C LEU I 320 55.85 -65.01 6.26
N ALA I 321 54.78 -65.51 6.88
CA ALA I 321 54.65 -66.94 7.12
C ALA I 321 54.01 -67.71 5.96
N THR I 322 53.22 -67.05 5.12
CA THR I 322 52.38 -67.75 4.13
C THR I 322 52.69 -67.40 2.66
N SER I 323 53.69 -66.55 2.47
CA SER I 323 54.24 -66.23 1.13
C SER I 323 54.66 -67.48 0.36
N GLN I 324 54.09 -67.66 -0.83
CA GLN I 324 54.41 -68.86 -1.62
C GLN I 324 55.84 -68.80 -2.20
N PHE I 325 56.35 -67.59 -2.46
CA PHE I 325 57.81 -67.37 -2.57
C PHE I 325 58.22 -66.98 -1.16
N PRO I 326 58.90 -67.88 -0.43
CA PRO I 326 59.01 -67.69 1.02
C PRO I 326 59.90 -66.55 1.48
N SER I 327 59.64 -66.09 2.70
CA SER I 327 60.51 -65.11 3.36
C SER I 327 61.64 -65.81 4.06
N GLY I 328 62.69 -65.05 4.37
CA GLY I 328 63.78 -65.60 5.19
C GLY I 328 65.04 -64.76 5.20
N VAL I 329 66.02 -65.25 5.94
CA VAL I 329 67.33 -64.62 6.03
C VAL I 329 68.41 -65.69 5.94
N ILE I 330 69.33 -65.52 5.00
CA ILE I 330 70.51 -66.39 4.87
C ILE I 330 71.75 -65.57 5.15
N THR I 331 72.65 -66.13 5.97
CA THR I 331 73.87 -65.45 6.35
C THR I 331 75.08 -66.31 5.96
N GLY I 332 76.11 -65.67 5.42
CA GLY I 332 77.39 -66.31 5.15
C GLY I 332 77.29 -67.48 4.20
N ARG I 333 76.38 -67.36 3.22
CA ARG I 333 76.11 -68.40 2.22
C ARG I 333 75.61 -69.73 2.80
N ASP I 334 75.15 -69.72 4.04
CA ASP I 334 74.77 -70.96 4.71
C ASP I 334 73.33 -71.35 4.36
N LEU I 335 73.18 -72.22 3.36
CA LEU I 335 71.85 -72.70 2.93
C LEU I 335 71.21 -73.69 3.91
N GLY I 336 71.99 -74.15 4.89
CA GLY I 336 71.49 -75.06 5.92
C GLY I 336 70.67 -74.40 7.00
N LYS I 337 70.61 -73.08 7.00
CA LYS I 337 69.93 -72.36 8.06
C LYS I 337 69.26 -71.12 7.51
N VAL I 338 67.95 -71.20 7.34
CA VAL I 338 67.21 -70.04 6.95
C VAL I 338 66.52 -69.52 8.20
N ASP I 339 66.84 -68.28 8.61
CA ASP I 339 66.23 -67.68 9.78
C ASP I 339 64.94 -66.95 9.40
N ASN I 340 64.02 -66.87 10.36
CA ASN I 340 62.84 -66.02 10.21
C ASN I 340 63.21 -64.54 10.21
N VAL I 341 62.49 -63.75 9.43
CA VAL I 341 62.73 -62.32 9.42
C VAL I 341 62.21 -61.72 10.72
N ASP I 342 63.10 -61.00 11.42
CA ASP I 342 62.73 -60.16 12.55
C ASP I 342 62.59 -58.73 12.04
N LEU I 343 61.35 -58.26 11.91
CA LEU I 343 61.10 -56.89 11.50
C LEU I 343 61.66 -55.83 12.42
N GLY I 344 61.79 -56.15 13.70
CA GLY I 344 62.46 -55.25 14.62
C GLY I 344 63.98 -55.14 14.45
N ALA I 345 64.61 -56.00 13.65
CA ALA I 345 66.10 -56.00 13.54
C ALA I 345 66.61 -55.16 12.34
N ILE I 346 65.68 -54.60 11.59
CA ILE I 346 66.01 -53.74 10.44
C ILE I 346 66.29 -52.31 10.93
N TYR I 347 67.38 -51.72 10.48
CA TYR I 347 67.61 -50.29 10.70
C TYR I 347 68.33 -49.67 9.52
N GLU I 348 68.41 -48.33 9.50
CA GLU I 348 69.16 -47.62 8.46
C GLU I 348 70.20 -46.66 9.02
N ASP I 349 71.39 -46.71 8.42
CA ASP I 349 72.49 -45.81 8.74
C ASP I 349 72.56 -44.66 7.75
N VAL I 350 73.17 -43.55 8.18
CA VAL I 350 73.36 -42.41 7.28
C VAL I 350 74.80 -41.90 7.29
N LYS I 351 75.69 -42.59 8.02
CA LYS I 351 77.09 -42.10 8.21
C LYS I 351 77.79 -41.76 6.89
N TYR I 352 77.65 -42.60 5.88
CA TYR I 352 78.29 -42.34 4.60
C TYR I 352 77.31 -41.74 3.55
N SER I 353 76.19 -41.20 4.03
CA SER I 353 75.14 -40.65 3.16
C SER I 353 75.02 -39.14 3.33
N TRP I 354 74.33 -38.51 2.39
CA TRP I 354 74.11 -37.04 2.45
C TRP I 354 72.92 -36.70 3.35
N TYR I 355 73.00 -37.12 4.63
CA TYR I 355 72.02 -36.74 5.64
C TYR I 355 72.76 -36.18 6.83
N ALA I 356 72.02 -35.50 7.70
CA ALA I 356 72.59 -34.91 8.91
C ALA I 356 73.20 -36.00 9.79
N PRO I 357 74.38 -35.73 10.38
CA PRO I 357 75.02 -36.78 11.17
C PRO I 357 74.20 -37.02 12.44
N GLY I 358 74.35 -38.19 13.04
CA GLY I 358 73.57 -38.55 14.22
C GLY I 358 72.18 -39.06 13.88
N GLY I 359 71.99 -39.53 12.64
CA GLY I 359 70.78 -40.25 12.23
C GLY I 359 71.02 -41.74 12.02
N ASP I 360 72.13 -42.28 12.51
CA ASP I 360 72.45 -43.71 12.37
C ASP I 360 71.58 -44.63 13.24
N GLY I 361 71.43 -45.88 12.80
CA GLY I 361 70.89 -46.94 13.65
C GLY I 361 69.38 -46.84 13.84
N LYS I 362 68.69 -46.21 12.91
CA LYS I 362 67.23 -45.96 13.10
C LYS I 362 66.37 -47.07 12.51
N HIS I 363 65.56 -47.69 13.35
CA HIS I 363 64.47 -48.53 12.87
C HIS I 363 63.53 -47.62 12.10
N PRO I 364 63.00 -48.11 10.96
CA PRO I 364 62.16 -47.27 10.12
C PRO I 364 60.94 -46.62 10.78
N TYR I 365 60.38 -47.20 11.84
CA TYR I 365 59.30 -46.52 12.58
C TYR I 365 59.79 -45.20 13.21
N ASP I 366 61.10 -45.10 13.42
CA ASP I 366 61.75 -43.94 14.05
C ASP I 366 62.65 -43.25 13.03
N GLY I 367 62.40 -43.51 11.75
CA GLY I 367 63.27 -43.04 10.67
C GLY I 367 63.29 -41.53 10.60
N VAL I 368 64.45 -41.01 10.19
CA VAL I 368 64.68 -39.59 10.01
C VAL I 368 65.22 -39.30 8.62
N THR I 369 64.67 -38.29 7.94
CA THR I 369 65.14 -37.94 6.60
C THR I 369 65.49 -36.46 6.55
N ASP I 370 66.76 -36.16 6.84
CA ASP I 370 67.23 -34.80 7.02
C ASP I 370 68.38 -34.58 6.05
N PRO I 371 68.08 -34.13 4.82
CA PRO I 371 69.12 -34.08 3.77
C PRO I 371 70.21 -33.03 4.01
N LYS I 372 71.45 -33.39 3.72
CA LYS I 372 72.61 -32.53 4.00
C LYS I 372 73.69 -32.91 2.98
N TYR I 373 73.76 -32.13 1.90
CA TYR I 373 74.74 -32.41 0.85
C TYR I 373 76.10 -31.87 1.26
N THR I 374 77.17 -32.52 0.79
CA THR I 374 78.53 -32.03 1.03
C THR I 374 79.12 -31.62 -0.31
N LYS I 375 79.72 -32.56 -1.02
CA LYS I 375 80.26 -32.27 -2.36
C LYS I 375 80.52 -33.59 -3.08
N LEU I 376 80.59 -33.55 -4.40
CA LEU I 376 80.76 -34.77 -5.19
C LEU I 376 82.00 -35.57 -4.81
N ASP I 377 81.81 -36.89 -4.63
CA ASP I 377 82.93 -37.80 -4.32
C ASP I 377 83.58 -37.58 -2.95
N ASP I 378 82.82 -37.02 -2.01
CA ASP I 378 83.28 -36.91 -0.63
C ASP I 378 83.23 -38.32 -0.06
N LYS I 379 84.41 -38.87 0.21
CA LYS I 379 84.52 -40.24 0.64
C LYS I 379 83.83 -40.52 1.97
N ASP I 380 83.61 -39.47 2.77
CA ASP I 380 82.83 -39.59 4.02
C ASP I 380 81.29 -39.49 3.84
N HIS I 381 80.84 -38.88 2.76
CA HIS I 381 79.40 -38.77 2.44
C HIS I 381 79.27 -38.76 0.94
N TYR I 382 78.82 -39.87 0.37
CA TYR I 382 78.89 -40.06 -1.10
C TYR I 382 77.62 -40.58 -1.74
N SER I 383 76.51 -40.58 -1.02
CA SER I 383 75.29 -41.10 -1.65
C SER I 383 74.04 -40.53 -1.03
N TRP I 384 73.00 -40.39 -1.83
CA TRP I 384 71.66 -40.00 -1.33
C TRP I 384 70.87 -41.20 -0.78
N MET I 385 71.35 -42.42 -1.01
CA MET I 385 70.73 -43.57 -0.37
C MET I 385 71.23 -43.70 1.08
N LYS I 386 70.30 -44.08 1.96
CA LYS I 386 70.62 -44.58 3.28
C LYS I 386 71.23 -46.00 3.16
N ALA I 387 71.82 -46.49 4.24
CA ALA I 387 72.40 -47.83 4.27
C ALA I 387 71.61 -48.76 5.21
N PRO I 388 70.66 -49.52 4.67
CA PRO I 388 69.89 -50.44 5.50
C PRO I 388 70.77 -51.62 5.92
N ARG I 389 70.68 -51.98 7.18
CA ARG I 389 71.41 -53.12 7.72
C ARG I 389 70.48 -53.99 8.57
N TYR I 390 70.88 -55.24 8.75
CA TYR I 390 70.07 -56.20 9.47
C TYR I 390 71.02 -56.88 10.46
N LYS I 391 70.78 -56.70 11.75
CA LYS I 391 71.66 -57.23 12.77
C LYS I 391 73.14 -56.92 12.43
N GLY I 392 73.37 -55.75 11.82
CA GLY I 392 74.74 -55.35 11.47
C GLY I 392 75.29 -55.91 10.17
N LYS I 393 74.44 -56.59 9.40
CA LYS I 393 74.91 -57.17 8.15
C LYS I 393 74.20 -56.53 6.97
N ALA I 394 74.98 -56.18 5.95
CA ALA I 394 74.43 -55.81 4.65
C ALA I 394 73.71 -57.03 4.08
N MET I 395 72.56 -56.81 3.45
CA MET I 395 71.75 -57.88 2.88
C MET I 395 71.54 -57.65 1.40
N GLU I 396 71.84 -58.67 0.58
CA GLU I 396 71.35 -58.71 -0.80
C GLU I 396 69.88 -59.12 -0.83
N VAL I 397 69.11 -58.43 -1.65
CA VAL I 397 67.68 -58.71 -1.84
C VAL I 397 67.40 -58.85 -3.34
N GLY I 398 66.31 -59.50 -3.69
CA GLY I 398 65.98 -59.65 -5.09
C GLY I 398 65.84 -61.10 -5.51
N PRO I 399 65.83 -61.36 -6.82
CA PRO I 399 65.59 -62.71 -7.31
C PRO I 399 66.59 -63.72 -6.79
N LEU I 400 67.87 -63.35 -6.69
CA LEU I 400 68.85 -64.31 -6.17
C LEU I 400 68.59 -64.68 -4.71
N ALA I 401 68.28 -63.67 -3.89
CA ALA I 401 67.91 -63.88 -2.49
C ALA I 401 66.68 -64.78 -2.37
N ARG I 402 65.64 -64.50 -3.14
CA ARG I 402 64.40 -65.30 -3.11
C ARG I 402 64.67 -66.74 -3.53
N THR I 403 65.54 -66.88 -4.53
CA THR I 403 65.86 -68.19 -5.10
C THR I 403 66.62 -69.07 -4.11
N PHE I 404 67.65 -68.50 -3.48
CA PHE I 404 68.39 -69.22 -2.45
C PHE I 404 67.51 -69.62 -1.28
N ILE I 405 66.67 -68.67 -0.82
CA ILE I 405 65.80 -68.92 0.34
C ILE I 405 64.80 -70.03 -0.01
N ALA I 406 64.16 -69.92 -1.17
CA ALA I 406 63.21 -70.94 -1.64
C ALA I 406 63.89 -72.31 -1.82
N TYR I 407 65.07 -72.30 -2.43
CA TYR I 407 65.82 -73.54 -2.66
C TYR I 407 66.15 -74.19 -1.33
N ALA I 408 66.70 -73.40 -0.42
CA ALA I 408 67.07 -73.87 0.92
C ALA I 408 65.90 -74.46 1.69
N LYS I 409 64.72 -73.85 1.56
CA LYS I 409 63.50 -74.37 2.17
C LYS I 409 62.83 -75.50 1.37
N GLY I 410 63.46 -75.94 0.28
CA GLY I 410 62.89 -77.00 -0.55
C GLY I 410 61.56 -76.68 -1.22
N GLN I 411 61.32 -75.41 -1.52
CA GLN I 411 60.14 -75.00 -2.29
C GLN I 411 60.19 -75.77 -3.63
N PRO I 412 59.16 -76.57 -3.94
CA PRO I 412 59.31 -77.56 -5.03
C PRO I 412 59.55 -76.99 -6.44
N ASP I 413 58.93 -75.84 -6.75
CA ASP I 413 59.10 -75.21 -8.05
C ASP I 413 60.54 -74.70 -8.21
N PHE I 414 61.04 -74.04 -7.16
CA PHE I 414 62.40 -73.53 -7.17
C PHE I 414 63.43 -74.65 -7.15
N LYS I 415 63.16 -75.73 -6.38
CA LYS I 415 64.01 -76.92 -6.38
C LYS I 415 64.16 -77.47 -7.82
N LYS I 416 63.03 -77.65 -8.51
CA LYS I 416 63.01 -78.14 -9.90
C LYS I 416 63.72 -77.23 -10.91
N VAL I 417 63.35 -75.94 -10.92
CA VAL I 417 63.88 -75.02 -11.93
C VAL I 417 65.37 -74.75 -11.73
N VAL I 418 65.77 -74.54 -10.48
CA VAL I 418 67.19 -74.36 -10.15
C VAL I 418 68.03 -75.55 -10.62
N ASP I 419 67.59 -76.76 -10.27
CA ASP I 419 68.32 -77.97 -10.66
C ASP I 419 68.38 -78.14 -12.19
N MET I 420 67.30 -77.76 -12.89
CA MET I 420 67.33 -77.74 -14.34
C MET I 420 68.47 -76.85 -14.81
N VAL I 421 68.52 -75.63 -14.27
CA VAL I 421 69.55 -74.65 -14.67
C VAL I 421 70.96 -75.14 -14.34
N LEU I 422 71.16 -75.68 -13.13
CA LEU I 422 72.46 -76.20 -12.74
C LEU I 422 72.89 -77.36 -13.62
N GLY I 423 71.92 -78.22 -13.97
CA GLY I 423 72.16 -79.35 -14.87
C GLY I 423 72.52 -78.90 -16.28
N LYS I 424 71.78 -77.94 -16.84
CA LYS I 424 72.06 -77.45 -18.19
C LYS I 424 73.43 -76.76 -18.24
N LEU I 425 73.76 -75.99 -17.21
CA LEU I 425 75.01 -75.23 -17.20
C LEU I 425 76.18 -76.04 -16.68
N SER I 426 75.88 -77.17 -16.05
CA SER I 426 76.90 -78.06 -15.51
C SER I 426 77.82 -77.35 -14.49
N VAL I 427 77.20 -76.66 -13.53
CA VAL I 427 77.88 -75.93 -12.45
C VAL I 427 77.21 -76.25 -11.09
N PRO I 428 77.97 -76.21 -9.97
CA PRO I 428 77.35 -76.46 -8.66
C PRO I 428 76.52 -75.27 -8.18
N ALA I 429 75.63 -75.50 -7.22
CA ALA I 429 74.80 -74.43 -6.66
C ALA I 429 75.62 -73.27 -6.09
N THR I 430 76.86 -73.55 -5.67
CA THR I 430 77.73 -72.50 -5.14
C THR I 430 78.11 -71.45 -6.21
N ALA I 431 78.09 -71.84 -7.47
CA ALA I 431 78.34 -70.93 -8.58
C ALA I 431 77.24 -69.86 -8.71
N LEU I 432 76.10 -70.09 -8.08
CA LEU I 432 75.02 -69.09 -8.09
C LEU I 432 75.30 -67.84 -7.25
N HIS I 433 76.24 -67.91 -6.28
CA HIS I 433 76.69 -66.70 -5.57
C HIS I 433 77.63 -65.91 -6.46
N SER I 434 77.05 -65.22 -7.45
CA SER I 434 77.85 -64.57 -8.48
C SER I 434 76.97 -63.69 -9.33
N THR I 435 77.58 -62.87 -10.19
CA THR I 435 76.81 -62.07 -11.14
C THR I 435 76.02 -62.94 -12.12
N LEU I 436 76.65 -64.01 -12.60
CA LEU I 436 75.93 -65.00 -13.43
C LEU I 436 74.69 -65.59 -12.72
N GLY I 437 74.86 -65.93 -11.44
CA GLY I 437 73.76 -66.50 -10.66
C GLY I 437 72.64 -65.50 -10.44
N ARG I 438 73.02 -64.23 -10.21
CA ARG I 438 72.07 -63.16 -9.98
C ARG I 438 71.21 -62.96 -11.24
N THR I 439 71.87 -63.06 -12.39
CA THR I 439 71.21 -62.95 -13.69
C THR I 439 70.27 -64.16 -13.93
N ALA I 440 70.78 -65.37 -13.72
CA ALA I 440 69.97 -66.58 -13.85
C ALA I 440 68.74 -66.60 -12.95
N ALA I 441 68.89 -66.15 -11.70
CA ALA I 441 67.80 -66.23 -10.71
C ALA I 441 66.60 -65.42 -11.16
N ARG I 442 66.87 -64.29 -11.84
CA ARG I 442 65.81 -63.42 -12.34
C ARG I 442 64.97 -64.22 -13.34
N GLY I 443 65.65 -64.99 -14.19
CA GLY I 443 64.98 -65.83 -15.17
C GLY I 443 64.22 -66.98 -14.53
N ILE I 444 64.89 -67.65 -13.57
CA ILE I 444 64.31 -68.78 -12.83
C ILE I 444 62.94 -68.39 -12.25
N GLU I 445 62.91 -67.26 -11.55
CA GLU I 445 61.66 -66.90 -10.90
C GLU I 445 60.57 -66.43 -11.88
N THR I 446 60.97 -65.85 -13.02
CA THR I 446 60.01 -65.50 -14.06
C THR I 446 59.31 -66.76 -14.56
N ALA I 447 60.08 -67.80 -14.80
CA ALA I 447 59.49 -69.08 -15.24
C ALA I 447 58.48 -69.62 -14.22
N ILE I 448 58.81 -69.46 -12.93
CA ILE I 448 57.97 -69.98 -11.86
C ILE I 448 56.67 -69.16 -11.73
N VAL I 449 56.75 -67.83 -11.81
CA VAL I 449 55.53 -66.99 -11.82
C VAL I 449 54.64 -67.42 -12.97
N CYS I 450 55.24 -67.61 -14.15
CA CYS I 450 54.51 -68.09 -15.33
C CYS I 450 53.74 -69.38 -15.06
N ALA I 451 54.43 -70.30 -14.39
CA ALA I 451 53.90 -71.64 -14.14
C ALA I 451 52.74 -71.58 -13.15
N ASN I 452 52.61 -70.48 -12.43
CA ASN I 452 51.54 -70.30 -11.46
C ASN I 452 50.38 -69.45 -11.92
N MET I 453 50.54 -68.74 -13.03
CA MET I 453 49.52 -67.78 -13.46
C MET I 453 48.10 -68.36 -13.59
N GLU I 454 47.99 -69.50 -14.25
CA GLU I 454 46.68 -70.07 -14.58
C GLU I 454 45.92 -70.48 -13.30
N LYS I 455 46.66 -71.07 -12.36
CA LYS I 455 46.10 -71.46 -11.06
C LYS I 455 45.57 -70.22 -10.30
N TRP I 456 46.40 -69.20 -10.23
CA TRP I 456 46.03 -67.99 -9.52
C TRP I 456 44.82 -67.30 -10.14
N ILE I 457 44.78 -67.29 -11.48
CA ILE I 457 43.67 -66.66 -12.20
C ILE I 457 42.38 -67.44 -11.96
N LYS I 458 42.47 -68.77 -12.06
CA LYS I 458 41.31 -69.62 -11.83
C LYS I 458 40.77 -69.44 -10.43
N GLU I 459 41.67 -69.34 -9.46
CA GLU I 459 41.26 -69.16 -8.08
C GLU I 459 40.42 -67.89 -7.90
N MET I 460 40.91 -66.79 -8.45
CA MET I 460 40.20 -65.51 -8.32
C MET I 460 38.92 -65.49 -9.13
N ALA I 461 38.94 -66.03 -10.34
CA ALA I 461 37.73 -66.13 -11.17
C ALA I 461 36.62 -66.88 -10.45
N ASP I 462 36.98 -67.99 -9.80
CA ASP I 462 36.04 -68.82 -9.06
C ASP I 462 35.52 -68.10 -7.83
N SER I 463 36.42 -67.45 -7.09
CA SER I 463 36.03 -66.73 -5.90
C SER I 463 35.09 -65.55 -6.28
N GLY I 464 35.45 -64.84 -7.36
CA GLY I 464 34.72 -63.65 -7.82
C GLY I 464 33.32 -63.98 -8.32
N ALA I 465 33.16 -65.19 -8.84
CA ALA I 465 31.86 -65.66 -9.30
C ALA I 465 30.92 -65.90 -8.12
N LYS I 466 31.47 -66.40 -7.01
CA LYS I 466 30.65 -66.76 -5.85
C LYS I 466 30.24 -65.51 -5.07
N ASP I 467 31.16 -64.55 -4.93
CA ASP I 467 30.96 -63.40 -4.07
C ASP I 467 31.93 -62.31 -4.50
N ASN I 468 31.43 -61.12 -4.79
CA ASN I 468 32.37 -60.13 -5.32
C ASN I 468 32.82 -59.05 -4.34
N THR I 469 32.75 -59.37 -3.04
CA THR I 469 33.33 -58.55 -1.99
C THR I 469 34.82 -58.26 -2.30
N LEU I 470 35.16 -56.97 -2.34
CA LEU I 470 36.48 -56.56 -2.78
C LEU I 470 37.16 -55.51 -1.85
N CYS I 471 36.35 -54.86 -1.01
CA CYS I 471 36.84 -53.87 -0.08
C CYS I 471 36.15 -54.05 1.27
N ALA I 472 36.94 -54.06 2.34
CA ALA I 472 36.41 -54.15 3.70
C ALA I 472 36.16 -52.75 4.28
N LYS I 473 35.31 -52.68 5.30
CA LYS I 473 35.08 -51.43 6.03
C LYS I 473 36.17 -51.24 7.06
N TRP I 474 36.51 -49.97 7.32
CA TRP I 474 37.58 -49.63 8.21
C TRP I 474 37.31 -48.24 8.78
N GLU I 475 38.01 -47.88 9.85
CA GLU I 475 37.93 -46.53 10.45
C GLU I 475 39.34 -45.99 10.70
N MET I 476 39.52 -44.68 10.57
CA MET I 476 40.85 -44.09 10.80
C MET I 476 41.08 -43.89 12.31
N PRO I 477 42.17 -44.48 12.85
CA PRO I 477 42.53 -44.32 14.26
C PRO I 477 43.13 -42.94 14.48
N GLU I 478 42.87 -42.36 15.64
CA GLU I 478 43.61 -41.18 16.05
C GLU I 478 45.10 -41.43 15.95
N GLU I 479 45.57 -42.52 16.54
CA GLU I 479 46.99 -42.81 16.62
C GLU I 479 47.25 -44.31 16.40
N SER I 480 48.29 -44.61 15.61
CA SER I 480 48.64 -46.00 15.30
C SER I 480 49.97 -46.08 14.57
N LYS I 481 50.45 -47.30 14.33
CA LYS I 481 51.59 -47.52 13.43
C LYS I 481 51.30 -48.77 12.62
N GLY I 482 51.94 -48.87 11.47
CA GLY I 482 51.75 -50.02 10.60
C GLY I 482 52.93 -50.21 9.67
N VAL I 483 53.12 -51.46 9.23
CA VAL I 483 54.14 -51.78 8.22
C VAL I 483 53.50 -52.60 7.09
N GLY I 484 53.89 -52.27 5.86
CA GLY I 484 53.46 -52.97 4.64
C GLY I 484 54.70 -53.61 4.07
N LEU I 485 54.65 -54.93 3.86
CA LEU I 485 55.78 -55.67 3.31
C LEU I 485 55.40 -56.15 1.90
N ALA I 486 56.40 -56.23 1.02
CA ALA I 486 56.21 -56.86 -0.29
C ALA I 486 57.56 -57.32 -0.77
N ASP I 487 57.60 -58.37 -1.59
CA ASP I 487 58.83 -58.59 -2.36
C ASP I 487 58.60 -58.12 -3.79
N ALA I 488 59.11 -56.92 -4.06
CA ALA I 488 59.04 -56.32 -5.39
C ALA I 488 60.01 -57.05 -6.34
N PRO I 489 59.97 -56.77 -7.67
CA PRO I 489 60.91 -57.45 -8.57
C PRO I 489 62.38 -57.35 -8.16
N ARG I 490 62.76 -56.26 -7.49
CA ARG I 490 64.16 -56.05 -7.04
C ARG I 490 64.44 -56.50 -5.62
N GLY I 491 63.38 -56.86 -4.91
CA GLY I 491 63.52 -57.46 -3.58
C GLY I 491 62.68 -56.87 -2.47
N ALA I 492 63.15 -57.05 -1.25
CA ALA I 492 62.38 -56.78 -0.04
C ALA I 492 62.05 -55.30 0.14
N LEU I 493 60.76 -54.99 0.11
CA LEU I 493 60.24 -53.62 0.21
C LEU I 493 59.37 -53.50 1.44
N SER I 494 59.57 -52.40 2.18
CA SER I 494 58.74 -52.16 3.33
C SER I 494 58.43 -50.67 3.45
N HIS I 495 57.17 -50.37 3.79
CA HIS I 495 56.73 -48.99 4.09
C HIS I 495 56.27 -49.01 5.56
N TRP I 496 56.53 -47.93 6.29
CA TRP I 496 56.33 -47.92 7.74
C TRP I 496 55.67 -46.60 8.10
N ILE I 497 54.50 -46.64 8.72
CA ILE I 497 53.80 -45.37 8.98
C ILE I 497 53.60 -45.20 10.49
N ARG I 498 53.66 -43.94 10.95
CA ARG I 498 53.12 -43.57 12.22
C ARG I 498 51.99 -42.58 11.97
N ILE I 499 50.80 -42.88 12.50
CA ILE I 499 49.66 -41.95 12.43
C ILE I 499 49.49 -41.24 13.77
N LYS I 500 49.29 -39.92 13.72
CA LYS I 500 49.03 -39.13 14.93
C LYS I 500 48.02 -38.05 14.51
N GLY I 501 47.01 -37.80 15.33
CA GLY I 501 45.90 -36.93 14.95
C GLY I 501 45.30 -37.28 13.58
N LYS I 502 45.18 -38.57 13.28
CA LYS I 502 44.60 -39.07 12.01
C LYS I 502 45.36 -38.63 10.74
N LYS I 503 46.59 -38.15 10.91
CA LYS I 503 47.43 -37.70 9.81
C LYS I 503 48.78 -38.42 9.83
N ILE I 504 49.49 -38.36 8.72
CA ILE I 504 50.85 -38.94 8.65
C ILE I 504 51.81 -38.17 9.59
N ASP I 505 52.32 -38.83 10.62
CA ASP I 505 53.35 -38.26 11.49
C ASP I 505 54.78 -38.68 11.03
N ASN I 506 54.93 -39.91 10.56
CA ASN I 506 56.18 -40.35 9.94
C ASN I 506 55.80 -41.37 8.87
N PHE I 507 56.53 -41.36 7.78
CA PHE I 507 56.33 -42.34 6.73
C PHE I 507 57.70 -42.61 6.14
N GLN I 508 58.13 -43.86 6.25
CA GLN I 508 59.48 -44.20 5.85
C GLN I 508 59.43 -45.36 4.85
N LEU I 509 60.16 -45.21 3.75
CA LEU I 509 60.31 -46.27 2.75
C LEU I 509 61.70 -46.89 2.92
N VAL I 510 61.78 -48.21 2.93
CA VAL I 510 63.06 -48.91 2.84
C VAL I 510 62.90 -49.86 1.67
N VAL I 511 63.68 -49.62 0.62
CA VAL I 511 63.36 -50.14 -0.72
C VAL I 511 64.43 -51.14 -1.18
N PRO I 512 64.09 -52.10 -2.07
CA PRO I 512 65.12 -53.10 -2.32
C PRO I 512 66.45 -52.54 -2.84
N SER I 513 66.40 -51.52 -3.68
CA SER I 513 67.65 -50.93 -4.18
C SER I 513 68.41 -50.14 -3.10
N THR I 514 67.69 -49.68 -2.08
CA THR I 514 68.35 -49.17 -0.87
C THR I 514 69.24 -50.27 -0.22
N TRP I 515 68.67 -51.47 -0.01
CA TRP I 515 69.44 -52.62 0.48
C TRP I 515 70.65 -52.95 -0.40
N ASN I 516 70.42 -53.05 -1.71
CA ASN I 516 71.47 -53.52 -2.62
C ASN I 516 72.52 -52.49 -2.99
N LEU I 517 72.10 -51.24 -3.17
CA LEU I 517 72.99 -50.26 -3.78
C LEU I 517 73.31 -49.02 -2.94
N GLY I 518 72.93 -49.04 -1.67
CA GLY I 518 73.27 -47.98 -0.78
C GLY I 518 74.77 -47.93 -0.54
N PRO I 519 75.21 -46.95 0.26
CA PRO I 519 76.62 -46.79 0.58
C PRO I 519 77.03 -47.67 1.77
N ARG I 520 78.28 -47.51 2.22
CA ARG I 520 78.72 -48.15 3.44
C ARG I 520 77.80 -47.80 4.64
N GLY I 521 77.73 -48.73 5.60
CA GLY I 521 76.97 -48.51 6.84
C GLY I 521 77.85 -47.83 7.86
N ALA I 522 77.32 -47.67 9.08
CA ALA I 522 78.01 -46.89 10.14
C ALA I 522 79.40 -47.38 10.48
N GLN I 523 79.61 -48.67 10.38
CA GLN I 523 80.95 -49.17 10.67
C GLN I 523 81.86 -49.23 9.45
N GLY I 524 81.44 -48.62 8.34
CA GLY I 524 82.27 -48.54 7.12
C GLY I 524 82.19 -49.78 6.24
N ASP I 525 81.20 -50.65 6.49
CA ASP I 525 81.10 -51.93 5.78
C ASP I 525 80.40 -51.73 4.41
N LYS I 526 80.97 -52.28 3.35
CA LYS I 526 80.44 -52.15 1.99
C LYS I 526 79.02 -52.67 1.81
N SER I 527 78.26 -52.03 0.93
CA SER I 527 76.94 -52.52 0.56
C SER I 527 77.11 -53.73 -0.41
N PRO I 528 76.01 -54.47 -0.69
CA PRO I 528 76.11 -55.64 -1.56
C PRO I 528 76.74 -55.32 -2.90
N VAL I 529 76.33 -54.24 -3.57
CA VAL I 529 76.92 -53.91 -4.91
C VAL I 529 78.42 -53.52 -4.80
N GLU I 530 78.77 -52.81 -3.72
CA GLU I 530 80.16 -52.44 -3.49
C GLU I 530 81.00 -53.66 -3.20
N GLU I 531 80.47 -54.62 -2.45
CA GLU I 531 81.22 -55.87 -2.20
C GLU I 531 81.36 -56.69 -3.50
N ALA I 532 80.25 -56.77 -4.22
CA ALA I 532 80.17 -57.57 -5.46
C ALA I 532 81.16 -57.09 -6.51
N LEU I 533 81.41 -55.79 -6.55
CA LEU I 533 82.37 -55.19 -7.49
C LEU I 533 83.85 -55.50 -7.21
N ILE I 534 84.19 -55.75 -5.95
CA ILE I 534 85.57 -56.16 -5.65
C ILE I 534 85.97 -57.42 -6.42
N GLY I 535 87.15 -57.39 -7.04
CA GLY I 535 87.62 -58.50 -7.86
C GLY I 535 87.17 -58.51 -9.32
N THR I 536 86.36 -57.53 -9.75
CA THR I 536 85.93 -57.41 -11.14
C THR I 536 87.12 -57.18 -12.07
N PRO I 537 87.28 -58.05 -13.09
CA PRO I 537 88.40 -57.85 -14.03
C PRO I 537 87.96 -56.80 -15.03
N ILE I 538 88.91 -56.00 -15.51
CA ILE I 538 88.68 -54.92 -16.46
C ILE I 538 89.60 -55.16 -17.68
N ALA I 539 89.01 -55.62 -18.79
CA ALA I 539 89.76 -55.95 -19.99
C ALA I 539 90.25 -54.66 -20.68
N ASP I 540 89.41 -53.63 -20.62
CA ASP I 540 89.66 -52.35 -21.28
C ASP I 540 89.11 -51.20 -20.41
N PRO I 541 90.00 -50.43 -19.76
CA PRO I 541 89.57 -49.42 -18.77
C PRO I 541 88.75 -48.26 -19.35
N LYS I 542 88.90 -48.00 -20.64
CA LYS I 542 88.11 -47.00 -21.30
C LYS I 542 86.67 -47.48 -21.57
N ARG I 543 86.45 -48.80 -21.59
CA ARG I 543 85.14 -49.40 -21.89
C ARG I 543 84.84 -50.49 -20.86
N PRO I 544 84.58 -50.08 -19.59
CA PRO I 544 84.53 -51.02 -18.47
C PRO I 544 83.20 -51.77 -18.35
N VAL I 545 82.91 -52.57 -19.38
CA VAL I 545 81.67 -53.34 -19.45
C VAL I 545 81.48 -54.25 -18.22
N GLU I 546 82.57 -54.78 -17.68
CA GLU I 546 82.47 -55.69 -16.55
C GLU I 546 81.85 -55.03 -15.31
N ILE I 547 82.12 -53.74 -15.10
CA ILE I 547 81.45 -52.96 -14.04
C ILE I 547 79.94 -52.96 -14.29
N LEU I 548 79.54 -52.78 -15.55
CA LEU I 548 78.12 -52.69 -15.90
C LEU I 548 77.42 -54.04 -15.69
N ARG I 549 78.10 -55.13 -16.09
CA ARG I 549 77.56 -56.47 -15.91
C ARG I 549 77.11 -56.75 -14.48
N THR I 550 77.96 -56.43 -13.52
CA THR I 550 77.63 -56.69 -12.12
C THR I 550 76.60 -55.72 -11.58
N VAL I 551 76.76 -54.44 -11.90
CA VAL I 551 75.83 -53.43 -11.41
C VAL I 551 74.42 -53.70 -11.95
N HIS I 552 74.33 -53.95 -13.26
CA HIS I 552 73.04 -54.27 -13.89
C HIS I 552 72.39 -55.56 -13.37
N ALA I 553 73.22 -56.54 -12.99
CA ALA I 553 72.70 -57.78 -12.44
C ALA I 553 71.80 -57.56 -11.20
N PHE I 554 72.07 -56.49 -10.44
CA PHE I 554 71.28 -56.10 -9.28
C PHE I 554 69.99 -55.37 -9.67
N ASP I 555 69.84 -55.04 -10.97
CA ASP I 555 68.66 -54.34 -11.49
C ASP I 555 68.42 -53.01 -10.70
N PRO I 556 69.42 -52.11 -10.70
CA PRO I 556 69.35 -50.89 -9.88
C PRO I 556 68.18 -49.97 -10.21
N CSS I 557 67.64 -49.39 -9.15
CA CSS I 557 66.57 -48.44 -9.30
CB CSS I 557 65.24 -49.08 -8.93
SG CSS I 557 64.46 -49.97 -10.25
SD CSS I 557 62.57 -50.10 -9.46
C CSS I 557 66.80 -47.32 -8.29
O CSS I 557 66.50 -47.47 -7.10
N CYS I 557 67.64 -49.39 -9.15
CA CYS I 557 66.57 -48.44 -9.30
C CYS I 557 66.80 -47.32 -8.29
N ILE I 558 67.41 -46.22 -8.75
CA ILE I 558 67.89 -45.20 -7.84
C ILE I 558 66.76 -44.29 -7.34
N ALA I 559 65.75 -44.04 -8.17
CA ALA I 559 64.53 -43.34 -7.74
C ALA I 559 63.86 -44.15 -6.62
N CYS I 560 63.67 -45.45 -6.83
CA CYS I 560 63.28 -46.34 -5.72
C CYS I 560 64.18 -46.23 -4.48
N GLY I 561 65.48 -46.42 -4.68
CA GLY I 561 66.44 -46.45 -3.58
C GLY I 561 66.52 -45.20 -2.71
N VAL I 562 66.37 -44.02 -3.33
CA VAL I 562 66.53 -42.75 -2.60
C VAL I 562 65.17 -42.18 -2.19
N HIS I 563 64.22 -42.28 -3.11
CA HIS I 563 62.88 -41.66 -2.90
C HIS I 563 62.95 -40.24 -2.34
N PRO J 20 -29.54 56.45 6.21
CA PRO J 20 -28.42 56.17 7.10
C PRO J 20 -27.72 54.85 6.75
N THR J 21 -26.49 54.66 7.22
CA THR J 21 -25.80 53.37 7.03
C THR J 21 -26.49 52.31 7.89
N PRO J 22 -26.92 51.17 7.28
CA PRO J 22 -27.58 50.12 8.06
C PRO J 22 -26.68 49.59 9.17
N GLN J 23 -27.26 49.44 10.35
CA GLN J 23 -26.54 49.06 11.53
C GLN J 23 -27.50 48.35 12.48
N SER J 24 -27.13 47.15 12.90
CA SER J 24 -27.93 46.37 13.86
C SER J 24 -27.66 46.90 15.28
N THR J 25 -28.27 46.25 16.27
CA THR J 25 -28.00 46.57 17.67
C THR J 25 -27.11 45.53 18.33
N PHE J 26 -26.54 44.62 17.54
CA PHE J 26 -25.78 43.48 18.03
C PHE J 26 -24.60 43.84 18.95
N THR J 27 -24.55 43.20 20.11
CA THR J 27 -23.39 43.25 20.99
C THR J 27 -22.84 41.86 21.22
N GLY J 28 -21.56 41.66 20.93
CA GLY J 28 -20.95 40.36 21.14
C GLY J 28 -19.77 40.20 20.20
N PRO J 29 -19.13 39.03 20.27
CA PRO J 29 -18.00 38.73 19.39
C PRO J 29 -18.46 38.26 18.01
N ILE J 30 -17.64 38.57 17.01
CA ILE J 30 -17.78 37.96 15.68
C ILE J 30 -16.41 37.44 15.25
N VAL J 31 -16.35 36.19 14.80
CA VAL J 31 -15.10 35.66 14.21
C VAL J 31 -15.42 35.30 12.75
N VAL J 32 -14.51 35.67 11.84
CA VAL J 32 -14.63 35.31 10.42
C VAL J 32 -13.35 34.59 10.05
N ASP J 33 -13.49 33.29 9.83
CA ASP J 33 -12.35 32.38 9.55
C ASP J 33 -12.95 31.18 8.76
N PRO J 34 -12.63 31.03 7.47
CA PRO J 34 -11.61 31.79 6.75
C PRO J 34 -12.09 33.15 6.20
N ILE J 35 -11.20 34.13 6.15
CA ILE J 35 -11.47 35.28 5.31
C ILE J 35 -11.21 34.75 3.89
N THR J 36 -12.24 34.68 3.06
CA THR J 36 -12.12 34.23 1.68
C THR J 36 -11.81 35.42 0.79
N ARG J 37 -11.49 35.16 -0.48
CA ARG J 37 -11.18 36.23 -1.45
C ARG J 37 -10.04 37.12 -0.97
N ILE J 38 -9.04 36.43 -0.44
CA ILE J 38 -7.69 37.03 -0.21
C ILE J 38 -6.70 35.95 -0.60
N GLU J 39 -5.42 36.29 -0.63
CA GLU J 39 -4.40 35.25 -0.66
C GLU J 39 -4.08 34.84 0.79
N GLY J 40 -4.07 33.53 1.06
CA GLY J 40 -3.61 33.03 2.37
C GLY J 40 -4.67 32.92 3.45
N HIS J 41 -4.20 32.66 4.68
CA HIS J 41 -5.07 32.13 5.72
C HIS J 41 -5.18 33.11 6.89
N LEU J 42 -6.33 33.79 6.95
CA LEU J 42 -6.57 34.87 7.91
C LEU J 42 -7.86 34.58 8.70
N ARG J 43 -7.77 34.82 10.00
CA ARG J 43 -8.88 34.80 10.93
C ARG J 43 -8.99 36.24 11.44
N ILE J 44 -10.18 36.83 11.33
CA ILE J 44 -10.45 38.12 11.95
C ILE J 44 -11.38 37.93 13.15
N MET J 45 -11.01 38.48 14.28
CA MET J 45 -11.87 38.48 15.47
C MET J 45 -12.21 39.92 15.79
N VAL J 46 -13.49 40.18 16.04
CA VAL J 46 -13.90 41.51 16.47
C VAL J 46 -14.83 41.41 17.69
N GLU J 47 -14.83 42.48 18.48
CA GLU J 47 -15.88 42.72 19.47
C GLU J 47 -16.80 43.82 18.95
N VAL J 48 -18.10 43.58 19.00
CA VAL J 48 -19.09 44.51 18.47
C VAL J 48 -19.97 44.97 19.64
N GLU J 49 -20.24 46.27 19.69
CA GLU J 49 -21.18 46.81 20.66
C GLU J 49 -22.16 47.73 19.97
N ASN J 50 -23.45 47.47 20.16
CA ASN J 50 -24.54 48.28 19.59
C ASN J 50 -24.40 48.41 18.07
N GLY J 51 -23.99 47.31 17.44
CA GLY J 51 -23.86 47.28 16.00
C GLY J 51 -22.57 47.84 15.37
N LYS J 52 -21.62 48.29 16.20
CA LYS J 52 -20.33 48.77 15.69
C LYS J 52 -19.15 48.06 16.31
N VAL J 53 -18.14 47.77 15.50
CA VAL J 53 -16.91 47.13 16.00
C VAL J 53 -16.20 48.05 16.98
N LYS J 54 -15.92 47.51 18.16
CA LYS J 54 -15.25 48.29 19.19
C LYS J 54 -13.80 47.83 19.40
N ASP J 55 -13.47 46.61 18.97
CA ASP J 55 -12.08 46.14 19.08
C ASP J 55 -11.83 45.05 18.04
N ALA J 56 -10.58 44.84 17.65
CA ALA J 56 -10.31 43.94 16.55
C ALA J 56 -8.92 43.31 16.64
N TRP J 57 -8.84 42.12 16.05
CA TRP J 57 -7.60 41.34 16.02
C TRP J 57 -7.44 40.73 14.64
N SER J 58 -6.24 40.85 14.09
CA SER J 58 -5.91 40.26 12.80
C SER J 58 -4.99 39.07 13.04
N SER J 59 -5.50 37.86 12.82
CA SER J 59 -4.81 36.64 13.21
C SER J 59 -4.40 35.78 11.99
N SER J 60 -3.11 35.81 11.64
CA SER J 60 -2.63 35.06 10.49
C SER J 60 -2.38 33.60 10.89
N GLN J 61 -2.85 32.64 10.08
CA GLN J 61 -3.06 31.27 10.57
C GLN J 61 -2.10 30.20 9.99
N LEU J 62 -1.14 30.61 9.14
CA LEU J 62 -0.16 29.65 8.60
C LEU J 62 1.21 30.22 8.72
N PHE J 63 2.15 29.35 9.07
CA PHE J 63 3.60 29.67 9.00
C PHE J 63 4.31 28.70 8.08
N ARG J 64 5.19 29.23 7.24
CA ARG J 64 6.05 28.36 6.43
C ARG J 64 7.54 28.48 6.78
N GLY J 65 8.03 29.70 6.96
CA GLY J 65 9.42 29.90 7.43
C GLY J 65 10.52 29.96 6.38
N LEU J 66 10.26 30.73 5.32
CA LEU J 66 11.23 30.87 4.24
C LEU J 66 12.55 31.45 4.76
N GLU J 67 12.49 32.35 5.74
CA GLU J 67 13.76 32.94 6.24
C GLU J 67 14.66 31.89 6.90
N ILE J 68 14.03 30.95 7.61
CA ILE J 68 14.77 29.83 8.22
C ILE J 68 15.38 28.94 7.15
N ILE J 69 14.56 28.57 6.19
CA ILE J 69 14.98 27.72 5.04
C ILE J 69 16.18 28.30 4.28
N LEU J 70 16.22 29.63 4.16
CA LEU J 70 17.28 30.29 3.36
C LEU J 70 18.66 30.22 4.01
N LYS J 71 18.73 29.94 5.30
CA LYS J 71 20.02 30.08 5.96
C LYS J 71 21.04 29.07 5.41
N GLY J 72 22.26 29.53 5.15
CA GLY J 72 23.36 28.64 4.70
C GLY J 72 23.36 28.44 3.19
N ARG J 73 22.30 28.91 2.52
CA ARG J 73 22.19 28.69 1.07
C ARG J 73 23.00 29.70 0.24
N ASP J 74 23.10 29.43 -1.05
CA ASP J 74 23.79 30.33 -2.01
C ASP J 74 22.95 31.62 -2.19
N PRO J 75 23.55 32.80 -2.01
CA PRO J 75 22.70 34.01 -2.16
C PRO J 75 21.99 34.14 -3.51
N ARG J 76 22.58 33.54 -4.57
CA ARG J 76 21.99 33.53 -5.92
C ARG J 76 20.66 32.77 -5.90
N ASP J 77 20.50 31.85 -4.95
CA ASP J 77 19.28 31.05 -4.93
C ASP J 77 18.14 31.78 -4.27
N ALA J 78 18.42 32.84 -3.51
CA ALA J 78 17.39 33.45 -2.66
C ALA J 78 16.14 33.84 -3.41
N GLN J 79 16.30 34.55 -4.53
CA GLN J 79 15.15 34.99 -5.32
C GLN J 79 14.19 33.86 -5.72
N HIS J 80 14.73 32.65 -5.95
CA HIS J 80 13.86 31.53 -6.38
C HIS J 80 13.00 31.01 -5.21
N PHE J 81 13.57 31.03 -4.01
CA PHE J 81 12.83 30.61 -2.84
C PHE J 81 11.85 31.71 -2.45
N THR J 82 12.35 32.97 -2.39
CA THR J 82 11.47 34.07 -1.92
C THR J 82 10.37 34.37 -2.89
N GLN J 83 10.57 34.06 -4.17
CA GLN J 83 9.44 34.31 -5.06
C GLN J 83 8.20 33.50 -4.61
N ARG J 84 8.42 32.34 -4.02
CA ARG J 84 7.32 31.49 -3.56
C ARG J 84 6.74 31.97 -2.20
N ALA J 85 7.15 33.14 -1.73
CA ALA J 85 6.43 33.74 -0.61
C ALA J 85 4.97 33.92 -1.05
N CYS J 86 4.77 34.17 -2.35
CA CYS J 86 3.42 34.41 -2.85
C CYS J 86 3.32 34.34 -4.35
N GLY J 87 2.23 33.73 -4.79
CA GLY J 87 1.94 33.56 -6.22
C GLY J 87 0.93 34.55 -6.78
N CYS J 88 0.32 35.37 -5.93
CA CYS J 88 -0.52 36.44 -6.46
C CYS J 88 0.36 37.63 -6.87
N CYS J 89 1.12 38.17 -5.92
CA CYS J 89 2.18 39.12 -6.26
C CYS J 89 3.42 38.32 -6.65
N THR J 90 3.24 37.47 -7.64
CA THR J 90 4.37 36.77 -8.22
C THR J 90 5.29 37.86 -8.78
N TYR J 91 6.54 37.48 -9.02
CA TYR J 91 7.63 38.38 -9.42
C TYR J 91 8.21 39.24 -8.33
N VAL J 92 7.36 39.95 -7.60
CA VAL J 92 7.86 41.05 -6.73
C VAL J 92 8.96 40.61 -5.75
N HIS J 93 8.85 39.41 -5.19
CA HIS J 93 9.87 38.96 -4.25
C HIS J 93 11.15 38.56 -5.00
N ALA J 94 11.04 38.08 -6.23
CA ALA J 94 12.28 37.77 -7.00
C ALA J 94 12.98 39.08 -7.30
N LEU J 95 12.19 40.13 -7.55
CA LEU J 95 12.75 41.46 -7.79
C LEU J 95 13.43 42.04 -6.52
N ALA J 96 12.74 41.94 -5.41
CA ALA J 96 13.29 42.45 -4.13
C ALA J 96 14.56 41.67 -3.76
N SER J 97 14.54 40.35 -3.95
CA SER J 97 15.73 39.57 -3.61
C SER J 97 16.87 39.91 -4.55
N SER J 98 16.57 40.06 -5.85
CA SER J 98 17.63 40.43 -6.80
C SER J 98 18.21 41.82 -6.48
N ARG J 99 17.32 42.75 -6.16
CA ARG J 99 17.82 44.07 -5.75
C ARG J 99 18.70 44.01 -4.49
N CYS J 100 18.36 43.08 -3.59
CA CYS J 100 19.00 42.96 -2.29
C CYS J 100 20.40 42.35 -2.48
N VAL J 101 20.45 41.29 -3.29
CA VAL J 101 21.78 40.68 -3.57
C VAL J 101 22.65 41.64 -4.40
N ASP J 102 22.05 42.37 -5.33
CA ASP J 102 22.76 43.37 -6.12
C ASP J 102 23.40 44.40 -5.19
N ASP J 103 22.63 44.85 -4.19
CA ASP J 103 23.15 45.82 -3.25
C ASP J 103 24.31 45.20 -2.45
N ALA J 104 24.11 43.96 -2.01
CA ALA J 104 25.13 43.28 -1.20
C ALA J 104 26.44 43.03 -1.94
N VAL J 105 26.38 42.71 -3.23
CA VAL J 105 27.63 42.47 -4.01
C VAL J 105 28.15 43.76 -4.68
N LYS J 106 27.38 44.83 -4.52
CA LYS J 106 27.71 46.19 -5.00
C LYS J 106 27.81 46.23 -6.51
N VAL J 107 26.79 45.72 -7.18
CA VAL J 107 26.71 45.79 -8.63
C VAL J 107 25.58 46.75 -9.05
N SER J 108 25.88 47.58 -10.04
CA SER J 108 24.89 48.47 -10.62
C SER J 108 24.38 47.85 -11.92
N ILE J 109 23.08 47.55 -12.00
CA ILE J 109 22.57 46.83 -13.17
C ILE J 109 22.55 47.74 -14.40
N PRO J 110 22.66 47.16 -15.62
CA PRO J 110 22.58 47.95 -16.84
C PRO J 110 21.21 48.64 -17.00
N ALA J 111 21.22 49.74 -17.73
CA ALA J 111 19.97 50.49 -17.99
C ALA J 111 18.85 49.58 -18.52
N ASN J 112 19.18 48.70 -19.46
CA ASN J 112 18.16 47.79 -20.02
C ASN J 112 17.51 46.88 -18.96
N ALA J 113 18.30 46.44 -17.98
CA ALA J 113 17.79 45.58 -16.92
C ALA J 113 16.91 46.37 -15.95
N ARG J 114 17.29 47.62 -15.64
CA ARG J 114 16.40 48.47 -14.85
C ARG J 114 15.04 48.63 -15.56
N MET J 115 15.08 48.96 -16.86
CA MET J 115 13.85 49.12 -17.65
C MET J 115 13.00 47.83 -17.67
N MET J 116 13.67 46.69 -17.91
CA MET J 116 12.92 45.42 -18.06
C MET J 116 12.28 45.05 -16.74
N ARG J 117 13.06 45.16 -15.67
CA ARG J 117 12.54 44.82 -14.34
C ARG J 117 11.37 45.73 -14.00
N ASN J 118 11.47 47.00 -14.36
CA ASN J 118 10.38 47.92 -13.98
C ASN J 118 9.10 47.70 -14.78
N LEU J 119 9.27 47.36 -16.06
CA LEU J 119 8.14 47.03 -16.93
C LEU J 119 7.42 45.80 -16.42
N VAL J 120 8.18 44.79 -16.01
CA VAL J 120 7.55 43.57 -15.43
C VAL J 120 6.73 43.95 -14.16
N MET J 121 7.28 44.82 -13.32
CA MET J 121 6.51 45.35 -12.19
C MET J 121 5.20 46.05 -12.63
N ALA J 122 5.30 46.91 -13.66
CA ALA J 122 4.14 47.57 -14.23
C ALA J 122 3.09 46.55 -14.66
N SER J 123 3.52 45.55 -15.43
CA SER J 123 2.60 44.50 -15.90
C SER J 123 1.95 43.81 -14.72
N GLN J 124 2.75 43.57 -13.68
CA GLN J 124 2.20 42.94 -12.46
C GLN J 124 1.13 43.80 -11.78
N TYR J 125 1.37 45.12 -11.65
CA TYR J 125 0.35 46.02 -11.08
C TYR J 125 -0.99 45.90 -11.82
N LEU J 126 -0.92 45.90 -13.16
CA LEU J 126 -2.13 45.80 -13.99
C LEU J 126 -2.90 44.47 -13.78
N HIS J 127 -2.18 43.36 -13.83
CA HIS J 127 -2.84 42.08 -13.57
C HIS J 127 -3.44 42.01 -12.16
N ASP J 128 -2.62 42.38 -11.19
CA ASP J 128 -2.94 42.21 -9.78
C ASP J 128 -4.18 43.06 -9.41
N HIS J 129 -4.12 44.35 -9.69
CA HIS J 129 -5.25 45.22 -9.36
C HIS J 129 -6.60 44.89 -10.01
N LEU J 130 -6.55 44.49 -11.28
CA LEU J 130 -7.75 44.08 -12.02
C LEU J 130 -8.39 42.83 -11.41
N VAL J 131 -7.57 41.85 -11.08
CA VAL J 131 -8.06 40.64 -10.44
C VAL J 131 -8.60 40.96 -9.04
N HIS J 132 -7.89 41.81 -8.30
CA HIS J 132 -8.35 42.18 -6.97
C HIS J 132 -9.72 42.86 -7.00
N PHE J 133 -9.86 43.87 -7.85
CA PHE J 133 -11.14 44.57 -7.83
C PHE J 133 -12.28 43.66 -8.25
N TYR J 134 -12.14 42.96 -9.37
CA TYR J 134 -13.27 42.17 -9.85
C TYR J 134 -13.45 40.86 -9.08
N HIS J 135 -12.38 40.11 -8.93
CA HIS J 135 -12.53 38.72 -8.48
C HIS J 135 -12.43 38.56 -6.98
N LEU J 136 -11.78 39.52 -6.32
CA LEU J 136 -11.66 39.43 -4.87
C LEU J 136 -12.64 40.39 -4.15
N HIS J 137 -12.68 41.64 -4.60
CA HIS J 137 -13.32 42.67 -3.80
C HIS J 137 -14.77 42.85 -4.19
N ALA J 138 -15.09 42.74 -5.48
CA ALA J 138 -16.40 43.23 -5.98
C ALA J 138 -17.60 42.52 -5.33
N LEU J 139 -17.44 41.26 -4.95
CA LEU J 139 -18.55 40.48 -4.36
C LEU J 139 -18.99 40.97 -2.96
N ASP J 140 -18.21 41.88 -2.36
CA ASP J 140 -18.62 42.61 -1.14
C ASP J 140 -19.61 43.73 -1.41
N TRP J 141 -19.69 44.19 -2.67
CA TRP J 141 -20.45 45.40 -3.04
C TRP J 141 -21.55 45.12 -4.06
N VAL J 142 -21.36 44.03 -4.81
CA VAL J 142 -22.22 43.62 -5.95
C VAL J 142 -23.02 42.38 -5.55
N ASP J 143 -24.36 42.48 -5.58
CA ASP J 143 -25.26 41.35 -5.36
C ASP J 143 -25.46 40.69 -6.73
N VAL J 144 -24.73 39.59 -6.98
CA VAL J 144 -24.80 38.93 -8.30
C VAL J 144 -26.17 38.36 -8.65
N THR J 145 -26.84 37.72 -7.70
CA THR J 145 -28.22 37.28 -7.91
C THR J 145 -29.22 38.39 -8.21
N ALA J 146 -29.01 39.60 -7.69
CA ALA J 146 -29.90 40.73 -8.05
C ALA J 146 -29.74 41.15 -9.51
N ALA J 147 -28.59 40.85 -10.13
CA ALA J 147 -28.40 41.06 -11.59
C ALA J 147 -29.48 40.40 -12.42
N LEU J 148 -30.03 39.29 -11.90
CA LEU J 148 -31.12 38.57 -12.56
C LEU J 148 -32.42 39.36 -12.63
N LYS J 149 -32.57 40.39 -11.79
CA LYS J 149 -33.78 41.21 -11.77
C LYS J 149 -33.68 42.41 -12.72
N ALA J 150 -32.48 42.72 -13.19
CA ALA J 150 -32.22 43.87 -14.05
C ALA J 150 -32.91 43.80 -15.42
N ASP J 151 -33.27 44.97 -15.94
CA ASP J 151 -33.70 45.07 -17.32
C ASP J 151 -32.44 45.35 -18.13
N PRO J 152 -32.04 44.41 -19.02
CA PRO J 152 -30.79 44.60 -19.77
C PRO J 152 -30.80 45.83 -20.71
N ASN J 153 -31.97 46.20 -21.20
CA ASN J 153 -32.14 47.45 -21.96
C ASN J 153 -31.82 48.67 -21.09
N LYS J 154 -32.32 48.68 -19.85
CA LYS J 154 -32.00 49.75 -18.90
C LYS J 154 -30.53 49.73 -18.51
N ALA J 155 -29.95 48.54 -18.33
CA ALA J 155 -28.55 48.40 -17.99
C ALA J 155 -27.65 48.98 -19.08
N ALA J 156 -27.90 48.58 -20.33
CA ALA J 156 -27.19 49.15 -21.48
C ALA J 156 -27.32 50.70 -21.50
N LYS J 157 -28.54 51.21 -21.31
CA LYS J 157 -28.73 52.66 -21.23
C LYS J 157 -27.80 53.27 -20.15
N LEU J 158 -27.88 52.75 -18.92
CA LEU J 158 -27.01 53.22 -17.82
C LEU J 158 -25.52 53.10 -18.17
N ALA J 159 -25.10 51.95 -18.72
CA ALA J 159 -23.70 51.75 -19.09
C ALA J 159 -23.24 52.80 -20.10
N ALA J 160 -24.16 53.18 -20.99
CA ALA J 160 -23.88 54.16 -22.04
C ALA J 160 -23.61 55.56 -21.46
N SER J 161 -24.21 55.84 -20.30
CA SER J 161 -24.09 57.16 -19.70
C SER J 161 -22.89 57.25 -18.75
N ILE J 162 -22.42 56.12 -18.25
CA ILE J 162 -21.42 56.11 -17.18
C ILE J 162 -20.06 55.61 -17.64
N ALA J 163 -19.95 55.24 -18.93
CA ALA J 163 -18.73 54.65 -19.50
C ALA J 163 -18.63 54.76 -21.02
N PRO J 164 -17.40 54.71 -21.57
CA PRO J 164 -17.24 54.79 -23.02
C PRO J 164 -18.06 53.71 -23.75
N ALA J 165 -18.56 54.03 -24.94
CA ALA J 165 -19.33 53.10 -25.74
C ALA J 165 -18.49 51.84 -26.06
N ARG J 166 -19.08 50.67 -25.88
CA ARG J 166 -18.39 49.41 -26.17
C ARG J 166 -19.40 48.30 -26.41
N PRO J 167 -19.05 47.33 -27.27
CA PRO J 167 -20.08 46.32 -27.62
C PRO J 167 -20.40 45.38 -26.45
N GLY J 168 -19.42 45.21 -25.57
CA GLY J 168 -19.60 44.48 -24.32
C GLY J 168 -20.71 45.03 -23.42
N ASN J 169 -21.07 46.29 -23.59
CA ASN J 169 -22.09 46.95 -22.76
C ASN J 169 -23.47 47.07 -23.44
N SER J 170 -23.63 46.42 -24.59
CA SER J 170 -24.91 46.46 -25.31
C SER J 170 -25.97 45.65 -24.59
N ALA J 171 -27.24 45.95 -24.87
CA ALA J 171 -28.35 45.20 -24.27
C ALA J 171 -28.23 43.71 -24.60
N LYS J 172 -27.89 43.41 -25.86
CA LYS J 172 -27.68 42.02 -26.30
C LYS J 172 -26.59 41.31 -25.46
N ALA J 173 -25.45 41.98 -25.25
CA ALA J 173 -24.37 41.39 -24.48
C ALA J 173 -24.74 41.21 -23.02
N LEU J 174 -25.46 42.18 -22.44
CA LEU J 174 -25.85 42.10 -21.02
C LEU J 174 -26.98 41.07 -20.79
N LYS J 175 -27.91 40.98 -21.73
CA LYS J 175 -28.90 39.91 -21.70
C LYS J 175 -28.28 38.49 -21.80
N ALA J 176 -27.25 38.35 -22.62
CA ALA J 176 -26.49 37.08 -22.71
C ALA J 176 -25.89 36.68 -21.35
N VAL J 177 -25.27 37.65 -20.68
CA VAL J 177 -24.71 37.43 -19.34
C VAL J 177 -25.81 37.03 -18.37
N GLN J 178 -26.91 37.77 -18.41
CA GLN J 178 -28.01 37.48 -17.51
C GLN J 178 -28.56 36.07 -17.74
N ASP J 179 -28.71 35.66 -19.01
CA ASP J 179 -29.20 34.32 -19.34
C ASP J 179 -28.25 33.20 -18.89
N LYS J 180 -26.94 33.43 -19.03
CA LYS J 180 -25.92 32.49 -18.53
C LYS J 180 -26.06 32.36 -17.01
N LEU J 181 -26.09 33.50 -16.33
CA LEU J 181 -26.27 33.55 -14.90
C LEU J 181 -27.55 32.85 -14.44
N LYS J 182 -28.66 33.10 -15.14
CA LYS J 182 -29.95 32.48 -14.80
C LYS J 182 -29.90 30.94 -14.90
N ALA J 183 -29.38 30.43 -16.02
CA ALA J 183 -29.20 28.98 -16.21
C ALA J 183 -28.37 28.36 -15.09
N PHE J 184 -27.31 29.05 -14.67
CA PHE J 184 -26.43 28.58 -13.61
C PHE J 184 -27.15 28.52 -12.27
N VAL J 185 -27.77 29.63 -11.88
CA VAL J 185 -28.56 29.69 -10.64
C VAL J 185 -29.70 28.67 -10.65
N GLU J 186 -30.39 28.53 -11.78
CA GLU J 186 -31.49 27.57 -11.87
C GLU J 186 -31.05 26.11 -11.77
N SER J 187 -29.78 25.83 -12.05
CA SER J 187 -29.25 24.47 -11.95
C SER J 187 -29.26 23.98 -10.50
N GLY J 188 -29.33 24.90 -9.56
CA GLY J 188 -29.26 24.58 -8.15
C GLY J 188 -27.85 24.30 -7.66
N GLN J 189 -26.86 24.30 -8.57
CA GLN J 189 -25.47 24.16 -8.14
C GLN J 189 -24.78 25.52 -8.20
N LEU J 190 -24.82 26.28 -7.10
CA LEU J 190 -24.37 27.67 -7.12
C LEU J 190 -22.85 27.82 -7.04
N GLY J 191 -22.14 26.72 -6.80
CA GLY J 191 -20.69 26.73 -6.87
C GLY J 191 -20.07 27.76 -5.94
N ILE J 192 -19.26 28.64 -6.51
CA ILE J 192 -18.59 29.67 -5.71
C ILE J 192 -19.55 30.71 -5.08
N PHE J 193 -20.83 30.69 -5.44
CA PHE J 193 -21.77 31.64 -4.85
C PHE J 193 -22.59 31.01 -3.72
N THR J 194 -22.31 29.74 -3.44
CA THR J 194 -22.99 29.01 -2.37
C THR J 194 -22.92 29.76 -1.02
N ASN J 195 -24.09 29.99 -0.39
CA ASN J 195 -24.19 30.71 0.87
C ASN J 195 -23.56 32.10 0.86
N ALA J 196 -23.51 32.75 -0.31
CA ALA J 196 -23.07 34.16 -0.41
C ALA J 196 -23.84 35.05 0.57
N TYR J 197 -23.19 36.08 1.09
CA TYR J 197 -23.85 36.97 2.05
C TYR J 197 -25.02 37.74 1.44
N PHE J 198 -25.04 37.88 0.11
CA PHE J 198 -26.12 38.62 -0.54
C PHE J 198 -27.38 37.80 -0.87
N LEU J 199 -27.35 36.46 -0.74
CA LEU J 199 -28.50 35.63 -1.09
C LEU J 199 -29.68 36.00 -0.22
N GLY J 200 -30.81 36.21 -0.88
CA GLY J 200 -32.04 36.65 -0.20
C GLY J 200 -32.06 38.14 0.14
N GLY J 201 -31.03 38.86 -0.27
CA GLY J 201 -31.00 40.31 -0.06
C GLY J 201 -30.30 40.66 1.23
N HIS J 202 -29.80 41.87 1.33
CA HIS J 202 -28.95 42.25 2.47
C HIS J 202 -28.91 43.78 2.52
N LYS J 203 -29.18 44.36 3.68
CA LYS J 203 -29.35 45.81 3.79
C LYS J 203 -28.07 46.56 3.45
N ALA J 204 -26.93 45.91 3.60
CA ALA J 204 -25.64 46.58 3.31
C ALA J 204 -25.28 46.61 1.82
N TYR J 205 -26.02 45.85 1.00
CA TYR J 205 -25.87 45.86 -0.48
C TYR J 205 -26.83 46.91 -1.09
N TYR J 206 -26.28 47.95 -1.69
CA TYR J 206 -27.03 49.14 -2.08
C TYR J 206 -27.33 49.28 -3.57
N LEU J 207 -26.64 48.53 -4.41
CA LEU J 207 -26.70 48.80 -5.85
C LEU J 207 -28.05 48.45 -6.48
N PRO J 208 -28.50 49.28 -7.44
CA PRO J 208 -29.58 48.85 -8.35
C PRO J 208 -29.21 47.56 -9.12
N PRO J 209 -30.21 46.71 -9.42
CA PRO J 209 -29.95 45.48 -10.21
C PRO J 209 -29.20 45.76 -11.52
N GLU J 210 -29.52 46.86 -12.20
CA GLU J 210 -28.81 47.25 -13.43
C GLU J 210 -27.30 47.41 -13.24
N VAL J 211 -26.89 48.01 -12.12
CA VAL J 211 -25.48 48.14 -11.82
C VAL J 211 -24.84 46.79 -11.48
N ASP J 212 -25.57 45.97 -10.73
CA ASP J 212 -25.14 44.59 -10.47
C ASP J 212 -24.91 43.84 -11.78
N LEU J 213 -25.81 44.01 -12.75
CA LEU J 213 -25.65 43.30 -14.05
C LEU J 213 -24.39 43.75 -14.81
N ILE J 214 -24.19 45.07 -14.91
CA ILE J 214 -23.01 45.65 -15.55
C ILE J 214 -21.73 45.14 -14.90
N ALA J 215 -21.70 45.16 -13.56
CA ALA J 215 -20.51 44.72 -12.86
C ALA J 215 -20.25 43.20 -13.07
N THR J 216 -21.33 42.42 -13.06
CA THR J 216 -21.22 40.97 -13.28
C THR J 216 -20.71 40.63 -14.69
N ALA J 217 -21.24 41.33 -15.68
CA ALA J 217 -20.74 41.20 -17.06
C ALA J 217 -19.24 41.47 -17.13
N HIS J 218 -18.77 42.49 -16.41
CA HIS J 218 -17.34 42.86 -16.42
C HIS J 218 -16.45 41.91 -15.64
N TYR J 219 -17.02 41.34 -14.57
CA TYR J 219 -16.35 40.32 -13.75
C TYR J 219 -15.98 39.16 -14.67
N LEU J 220 -16.97 38.70 -15.44
CA LEU J 220 -16.71 37.67 -16.46
C LEU J 220 -15.68 38.10 -17.52
N GLU J 221 -15.80 39.30 -18.06
CA GLU J 221 -14.83 39.76 -19.04
C GLU J 221 -13.42 39.85 -18.41
N ALA J 222 -13.36 40.27 -17.15
CA ALA J 222 -12.08 40.39 -16.45
C ALA J 222 -11.38 39.03 -16.31
N LEU J 223 -12.16 37.95 -16.22
CA LEU J 223 -11.57 36.61 -16.17
C LEU J 223 -10.77 36.34 -17.42
N HIS J 224 -11.23 36.85 -18.55
CA HIS J 224 -10.51 36.70 -19.81
C HIS J 224 -9.35 37.69 -19.92
N MET J 225 -9.62 38.92 -19.50
CA MET J 225 -8.60 39.97 -19.60
C MET J 225 -7.34 39.69 -18.76
N GLN J 226 -7.51 39.07 -17.58
CA GLN J 226 -6.37 38.81 -16.74
C GLN J 226 -5.46 37.80 -17.41
N VAL J 227 -6.01 36.95 -18.27
CA VAL J 227 -5.15 36.00 -19.04
C VAL J 227 -4.22 36.82 -19.93
N LYS J 228 -4.79 37.84 -20.60
CA LYS J 228 -4.00 38.73 -21.46
C LYS J 228 -2.94 39.51 -20.68
N ALA J 229 -3.31 40.02 -19.50
CA ALA J 229 -2.37 40.75 -18.64
C ALA J 229 -1.14 39.87 -18.26
N ALA J 230 -1.41 38.62 -17.88
CA ALA J 230 -0.35 37.65 -17.57
C ALA J 230 0.52 37.30 -18.77
N SER J 231 -0.11 37.16 -19.94
CA SER J 231 0.63 36.89 -21.18
C SER J 231 1.61 38.03 -21.51
N ALA J 232 1.15 39.28 -21.37
CA ALA J 232 2.05 40.43 -21.56
C ALA J 232 3.21 40.29 -20.60
N MET J 233 2.91 40.06 -19.32
CA MET J 233 3.95 39.92 -18.31
C MET J 233 4.97 38.83 -18.64
N ALA J 234 4.47 37.70 -19.14
CA ALA J 234 5.30 36.55 -19.55
C ALA J 234 6.24 36.77 -20.73
N ILE J 235 5.90 37.71 -21.63
CA ILE J 235 6.77 38.02 -22.77
C ILE J 235 8.15 38.45 -22.24
N LEU J 236 8.12 39.25 -21.17
CA LEU J 236 9.34 39.74 -20.52
C LEU J 236 9.81 38.82 -19.38
N GLY J 237 8.86 38.23 -18.68
CA GLY J 237 9.18 37.47 -17.48
C GLY J 237 9.45 35.96 -17.61
N GLY J 238 9.19 35.39 -18.81
CA GLY J 238 9.39 33.98 -19.08
C GLY J 238 8.13 33.14 -18.89
N LYS J 239 7.38 33.41 -17.84
CA LYS J 239 6.12 32.73 -17.53
C LYS J 239 5.45 33.46 -16.37
N ASN J 240 4.13 33.26 -16.25
CA ASN J 240 3.38 33.75 -15.12
C ASN J 240 2.37 32.68 -14.72
N PRO J 241 2.29 32.26 -13.47
CA PRO J 241 3.03 32.82 -12.35
C PRO J 241 4.50 32.36 -12.26
N HIS J 242 5.22 33.11 -11.42
CA HIS J 242 6.61 32.87 -11.02
C HIS J 242 7.55 33.03 -12.19
N THR J 243 7.97 34.28 -12.39
CA THR J 243 8.78 34.69 -13.55
C THR J 243 10.16 34.08 -13.37
N GLN J 244 10.97 34.11 -14.40
CA GLN J 244 12.27 33.42 -14.35
C GLN J 244 13.16 34.10 -15.39
N PHE J 245 13.49 35.36 -15.12
CA PHE J 245 14.27 36.16 -16.08
C PHE J 245 15.25 37.06 -15.36
N THR J 246 15.20 37.08 -14.03
CA THR J 246 16.10 37.95 -13.27
C THR J 246 17.30 37.13 -12.83
N VAL J 247 18.46 37.80 -12.79
CA VAL J 247 19.74 37.22 -12.32
C VAL J 247 20.49 38.30 -11.53
N VAL J 248 21.45 37.91 -10.70
CA VAL J 248 22.26 38.93 -10.00
C VAL J 248 22.93 39.78 -11.09
N GLY J 249 22.77 41.09 -11.00
CA GLY J 249 23.44 41.96 -11.97
C GLY J 249 22.59 42.32 -13.16
N GLY J 250 21.36 41.81 -13.23
CA GLY J 250 20.41 42.25 -14.27
C GLY J 250 19.33 41.24 -14.64
N CYS J 251 19.20 41.00 -15.95
CA CYS J 251 18.21 40.06 -16.49
C CYS J 251 18.86 39.11 -17.49
N SER J 252 18.16 38.00 -17.77
CA SER J 252 18.69 37.00 -18.71
C SER J 252 18.06 37.10 -20.11
N ASN J 253 16.93 37.82 -20.19
CA ASN J 253 16.02 37.75 -21.32
C ASN J 253 16.33 38.68 -22.51
N TYR J 254 17.35 38.33 -23.26
CA TYR J 254 17.77 39.13 -24.42
C TYR J 254 16.67 39.26 -25.47
N GLN J 255 15.85 38.21 -25.58
CA GLN J 255 14.76 38.22 -26.53
C GLN J 255 13.76 39.32 -26.17
N GLY J 256 13.72 39.70 -24.90
CA GLY J 256 12.75 40.72 -24.42
C GLY J 256 13.11 42.13 -24.86
N LEU J 257 14.31 42.28 -25.43
CA LEU J 257 14.74 43.58 -25.96
C LEU J 257 14.45 43.76 -27.45
N THR J 258 13.95 42.70 -28.09
CA THR J 258 13.80 42.66 -29.55
C THR J 258 12.40 43.08 -30.04
N LYS J 259 12.32 43.32 -31.36
CA LYS J 259 11.21 44.01 -32.01
C LYS J 259 9.84 43.33 -31.86
N ASP J 260 9.73 42.08 -32.31
CA ASP J 260 8.45 41.38 -32.29
C ASP J 260 7.88 41.15 -30.87
N PRO J 261 8.68 40.60 -29.97
CA PRO J 261 8.21 40.45 -28.58
C PRO J 261 7.70 41.77 -28.01
N LEU J 262 8.43 42.87 -28.23
CA LEU J 262 7.98 44.16 -27.67
C LEU J 262 6.72 44.70 -28.34
N ALA J 263 6.54 44.39 -29.63
CA ALA J 263 5.32 44.78 -30.32
C ALA J 263 4.13 44.01 -29.73
N ASN J 264 4.34 42.74 -29.43
CA ASN J 264 3.28 41.93 -28.86
C ASN J 264 2.94 42.39 -27.43
N TYR J 265 3.99 42.74 -26.70
CA TYR J 265 3.88 43.24 -25.32
C TYR J 265 3.05 44.53 -25.29
N LEU J 266 3.37 45.45 -26.21
CA LEU J 266 2.64 46.70 -26.32
C LEU J 266 1.18 46.43 -26.69
N ALA J 267 0.93 45.52 -27.64
CA ALA J 267 -0.43 45.26 -28.10
C ALA J 267 -1.32 44.66 -26.98
N LEU J 268 -0.78 43.70 -26.26
CA LEU J 268 -1.51 43.10 -25.16
C LEU J 268 -1.70 44.15 -24.04
N SER J 269 -0.68 44.95 -23.76
CA SER J 269 -0.78 45.97 -22.69
C SER J 269 -1.86 47.00 -23.03
N LYS J 270 -1.96 47.35 -24.31
CA LYS J 270 -3.01 48.29 -24.75
C LYS J 270 -4.43 47.74 -24.59
N GLU J 271 -4.58 46.46 -24.85
CA GLU J 271 -5.87 45.80 -24.67
C GLU J 271 -6.27 45.85 -23.20
N VAL J 272 -5.33 45.47 -22.33
CA VAL J 272 -5.57 45.51 -20.89
C VAL J 272 -5.92 46.93 -20.42
N CYS J 273 -5.13 47.90 -20.90
CA CYS J 273 -5.36 49.31 -20.51
C CYS J 273 -6.69 49.81 -20.99
N GLN J 274 -7.11 49.34 -22.17
CA GLN J 274 -8.44 49.72 -22.67
C GLN J 274 -9.54 49.24 -21.71
N PHE J 275 -9.41 48.01 -21.22
CA PHE J 275 -10.31 47.46 -20.20
C PHE J 275 -10.29 48.21 -18.86
N VAL J 276 -9.10 48.62 -18.43
CA VAL J 276 -8.95 49.43 -17.20
C VAL J 276 -9.75 50.74 -17.38
N ASN J 277 -9.59 51.37 -18.53
CA ASN J 277 -10.22 52.66 -18.75
C ASN J 277 -11.71 52.57 -19.09
N GLU J 278 -12.13 51.52 -19.79
CA GLU J 278 -13.55 51.35 -20.18
C GLU J 278 -14.44 50.71 -19.13
N CYS J 279 -13.88 49.80 -18.32
CA CYS J 279 -14.64 48.99 -17.37
C CYS J 279 -14.24 49.23 -15.93
N TYR J 280 -12.97 49.00 -15.60
CA TYR J 280 -12.51 49.13 -14.21
C TYR J 280 -12.79 50.51 -13.59
N ILE J 281 -12.19 51.56 -14.13
CA ILE J 281 -12.40 52.89 -13.56
C ILE J 281 -13.90 53.32 -13.56
N PRO J 282 -14.62 53.15 -14.67
CA PRO J 282 -16.06 53.50 -14.59
C PRO J 282 -16.88 52.64 -13.59
N ASP J 283 -16.56 51.34 -13.48
CA ASP J 283 -17.26 50.53 -12.47
C ASP J 283 -16.92 50.98 -11.05
N LEU J 284 -15.62 51.19 -10.81
CA LEU J 284 -15.16 51.68 -9.50
C LEU J 284 -15.90 52.96 -9.07
N LEU J 285 -15.99 53.91 -10.00
CA LEU J 285 -16.62 55.21 -9.69
C LEU J 285 -18.12 55.05 -9.45
N ALA J 286 -18.75 54.16 -10.22
CA ALA J 286 -20.19 53.92 -10.11
C ALA J 286 -20.49 53.33 -8.73
N VAL J 287 -19.69 52.33 -8.35
CA VAL J 287 -19.81 51.66 -7.04
C VAL J 287 -19.54 52.67 -5.93
N ALA J 288 -18.44 53.41 -6.05
CA ALA J 288 -18.09 54.44 -5.09
C ALA J 288 -19.21 55.45 -4.87
N GLY J 289 -19.89 55.82 -5.96
CA GLY J 289 -20.98 56.79 -5.92
C GLY J 289 -22.16 56.33 -5.09
N PHE J 290 -22.44 55.03 -5.12
CA PHE J 290 -23.54 54.48 -4.29
C PHE J 290 -23.16 54.24 -2.83
N TYR J 291 -21.88 54.04 -2.57
CA TYR J 291 -21.36 53.75 -1.24
C TYR J 291 -20.59 54.91 -0.65
N LYS J 292 -21.05 56.12 -0.90
CA LYS J 292 -20.34 57.32 -0.45
C LYS J 292 -20.15 57.32 1.09
N ASP J 293 -21.04 56.63 1.81
CA ASP J 293 -20.94 56.55 3.27
C ASP J 293 -19.67 55.84 3.72
N TRP J 294 -19.14 54.97 2.86
CA TRP J 294 -17.88 54.27 3.10
C TRP J 294 -16.63 55.17 3.04
N GLY J 295 -16.83 56.39 2.58
CA GLY J 295 -15.83 57.46 2.74
C GLY J 295 -15.58 57.92 4.19
N GLY J 296 -16.42 57.43 5.11
CA GLY J 296 -16.29 57.79 6.54
C GLY J 296 -16.01 56.59 7.43
N ILE J 297 -15.63 55.45 6.83
CA ILE J 297 -15.43 54.21 7.57
C ILE J 297 -14.04 53.67 7.17
N GLY J 298 -13.25 53.20 8.13
CA GLY J 298 -12.03 52.41 7.76
C GLY J 298 -10.78 53.20 7.54
N GLY J 299 -10.74 54.43 8.05
CA GLY J 299 -9.55 55.29 7.90
C GLY J 299 -8.41 54.96 8.84
N THR J 300 -7.17 55.18 8.39
CA THR J 300 -6.00 55.16 9.27
C THR J 300 -5.25 56.50 9.11
N SER J 301 -4.04 56.63 9.68
CA SER J 301 -3.38 57.93 9.77
C SER J 301 -1.96 58.04 9.24
N ASN J 302 -1.24 56.94 9.18
CA ASN J 302 0.19 56.98 8.81
C ASN J 302 0.41 56.14 7.53
N TYR J 303 1.20 56.66 6.61
CA TYR J 303 1.41 56.03 5.31
C TYR J 303 2.92 55.97 4.98
N LEU J 304 3.31 54.86 4.36
CA LEU J 304 4.74 54.65 4.02
C LEU J 304 4.85 54.06 2.63
N ALA J 305 5.82 54.55 1.86
CA ALA J 305 6.15 53.91 0.58
C ALA J 305 7.64 54.00 0.32
N PHE J 306 8.17 52.99 -0.35
CA PHE J 306 9.60 52.96 -0.74
C PHE J 306 9.71 53.46 -2.17
N GLY J 307 8.56 53.61 -2.82
CA GLY J 307 8.48 54.08 -4.19
C GLY J 307 8.71 52.96 -5.20
N GLU J 308 8.34 53.20 -6.44
CA GLU J 308 8.57 52.23 -7.51
C GLU J 308 8.70 52.95 -8.83
N PHE J 309 9.29 52.26 -9.81
CA PHE J 309 9.49 52.86 -11.16
C PHE J 309 10.54 53.96 -11.16
N ALA J 310 11.72 53.60 -10.65
CA ALA J 310 12.83 54.53 -10.50
C ALA J 310 13.62 54.68 -11.78
N THR J 311 14.15 55.87 -12.00
CA THR J 311 15.00 56.11 -13.15
C THR J 311 16.45 55.75 -12.83
N ASP J 312 16.74 55.55 -11.54
CA ASP J 312 18.09 55.20 -11.09
C ASP J 312 17.95 54.15 -10.00
N ASP J 313 18.31 52.92 -10.34
CA ASP J 313 18.20 51.79 -9.43
C ASP J 313 19.58 51.25 -9.06
N SER J 314 20.60 52.12 -9.09
CA SER J 314 21.99 51.71 -8.81
C SER J 314 22.26 51.45 -7.31
N SER J 315 21.32 51.87 -6.45
CA SER J 315 21.45 51.74 -5.00
C SER J 315 20.08 51.95 -4.37
N PRO J 316 19.88 51.45 -3.13
CA PRO J 316 18.56 51.70 -2.49
C PRO J 316 18.32 53.22 -2.27
N GLU J 317 19.36 53.97 -1.92
CA GLU J 317 19.26 55.43 -1.86
C GLU J 317 18.72 56.02 -3.17
N LYS J 318 19.28 55.63 -4.31
CA LYS J 318 18.81 56.15 -5.60
C LYS J 318 17.40 55.69 -5.94
N HIS J 319 17.05 54.46 -5.55
CA HIS J 319 15.69 53.98 -5.69
C HIS J 319 14.71 54.89 -4.93
N LEU J 320 14.96 55.11 -3.64
CA LEU J 320 14.12 56.00 -2.83
C LEU J 320 14.01 57.41 -3.42
N ALA J 321 15.12 57.90 -3.98
CA ALA J 321 15.15 59.27 -4.47
C ALA J 321 14.52 59.45 -5.84
N THR J 322 14.54 58.42 -6.69
CA THR J 322 14.23 58.64 -8.13
C THR J 322 12.98 57.86 -8.60
N SER J 323 12.32 57.19 -7.66
CA SER J 323 11.06 56.48 -7.93
C SER J 323 10.01 57.42 -8.52
N GLN J 324 9.45 57.08 -9.69
CA GLN J 324 8.45 57.95 -10.32
C GLN J 324 7.10 57.89 -9.59
N PHE J 325 6.82 56.78 -8.90
CA PHE J 325 5.76 56.78 -7.88
C PHE J 325 6.59 57.00 -6.61
N PRO J 326 6.54 58.20 -6.04
CA PRO J 326 7.61 58.59 -5.10
C PRO J 326 7.56 57.85 -3.74
N SER J 327 8.69 57.81 -3.04
CA SER J 327 8.79 57.24 -1.71
C SER J 327 8.43 58.31 -0.68
N GLY J 328 8.10 57.88 0.52
CA GLY J 328 7.95 58.85 1.61
C GLY J 328 7.21 58.31 2.82
N VAL J 329 7.05 59.18 3.81
CA VAL J 329 6.34 58.87 5.05
C VAL J 329 5.39 60.01 5.41
N ILE J 330 4.13 59.65 5.62
CA ILE J 330 3.13 60.59 6.13
C ILE J 330 2.68 60.13 7.53
N THR J 331 2.62 61.07 8.47
CA THR J 331 2.18 60.77 9.83
C THR J 331 0.98 61.66 10.19
N GLY J 332 -0.03 61.06 10.82
CA GLY J 332 -1.19 61.81 11.34
C GLY J 332 -1.99 62.55 10.29
N ARG J 333 -2.03 61.97 9.08
CA ARG J 333 -2.78 62.49 7.94
C ARG J 333 -2.27 63.83 7.42
N ASP J 334 -1.06 64.20 7.81
CA ASP J 334 -0.57 65.54 7.53
C ASP J 334 0.09 65.53 6.17
N LEU J 335 -0.68 65.88 5.14
CA LEU J 335 -0.16 65.93 3.77
C LEU J 335 0.81 67.10 3.51
N GLY J 336 0.93 67.99 4.48
CA GLY J 336 1.89 69.10 4.41
C GLY J 336 3.34 68.76 4.73
N LYS J 337 3.62 67.53 5.15
CA LYS J 337 4.93 67.11 5.62
C LYS J 337 5.15 65.67 5.15
N VAL J 338 5.80 65.50 4.01
CA VAL J 338 6.20 64.14 3.59
C VAL J 338 7.67 63.98 3.96
N ASP J 339 7.97 63.00 4.83
CA ASP J 339 9.33 62.82 5.33
C ASP J 339 10.01 61.80 4.45
N ASN J 340 11.34 61.88 4.40
CA ASN J 340 12.14 60.88 3.72
C ASN J 340 12.12 59.56 4.49
N VAL J 341 12.25 58.43 3.79
CA VAL J 341 12.27 57.15 4.44
C VAL J 341 13.63 56.92 5.14
N ASP J 342 13.60 56.66 6.46
CA ASP J 342 14.77 56.24 7.23
C ASP J 342 14.76 54.71 7.36
N LEU J 343 15.60 54.04 6.57
CA LEU J 343 15.67 52.56 6.59
C LEU J 343 16.18 52.00 7.93
N GLY J 344 16.97 52.80 8.65
CA GLY J 344 17.42 52.45 9.99
C GLY J 344 16.38 52.47 11.10
N ALA J 345 15.23 53.08 10.81
CA ALA J 345 14.13 53.27 11.77
C ALA J 345 13.10 52.15 11.69
N ILE J 346 13.24 51.25 10.70
CA ILE J 346 12.32 50.12 10.55
C ILE J 346 12.72 49.03 11.56
N TYR J 347 11.76 48.50 12.29
CA TYR J 347 11.99 47.28 13.05
C TYR J 347 10.74 46.42 13.12
N GLU J 348 10.88 45.22 13.63
CA GLU J 348 9.73 44.32 13.77
C GLU J 348 9.63 43.82 15.20
N ASP J 349 8.40 43.86 15.73
CA ASP J 349 8.09 43.34 17.04
C ASP J 349 7.48 41.94 16.93
N VAL J 350 7.59 41.20 18.03
CA VAL J 350 6.96 39.87 18.10
C VAL J 350 6.10 39.66 19.35
N LYS J 351 5.94 40.70 20.19
CA LYS J 351 5.25 40.58 21.48
C LYS J 351 3.89 39.89 21.38
N TYR J 352 3.11 40.24 20.36
CA TYR J 352 1.77 39.65 20.17
C TYR J 352 1.72 38.59 19.05
N SER J 353 2.91 38.06 18.68
CA SER J 353 3.06 37.11 17.60
C SER J 353 3.51 35.72 18.11
N TRP J 354 3.36 34.71 17.27
CA TRP J 354 3.79 33.36 17.63
C TRP J 354 5.28 33.15 17.43
N TYR J 355 6.09 33.95 18.11
CA TYR J 355 7.57 33.78 18.10
C TYR J 355 8.06 33.87 19.53
N ALA J 356 9.30 33.42 19.77
CA ALA J 356 9.86 33.45 21.13
C ALA J 356 9.93 34.89 21.65
N PRO J 357 9.51 35.09 22.92
N PRO J 357 9.55 35.13 22.92
CA PRO J 357 9.83 36.33 23.58
CA PRO J 357 9.46 36.51 23.45
C PRO J 357 11.33 36.55 23.58
C PRO J 357 10.58 37.52 23.19
N GLY J 358 11.71 37.80 23.35
N GLY J 358 11.84 37.09 23.25
CA GLY J 358 13.10 38.17 23.23
CA GLY J 358 12.98 38.02 23.23
C GLY J 358 13.34 38.85 21.90
C GLY J 358 13.32 38.73 21.92
N GLY J 359 12.40 38.69 20.96
CA GLY J 359 12.65 39.15 19.61
C GLY J 359 12.11 40.52 19.22
N ASP J 360 11.66 41.33 20.18
CA ASP J 360 11.11 42.66 19.86
C ASP J 360 12.16 43.62 19.34
N GLY J 361 11.74 44.63 18.58
CA GLY J 361 12.63 45.75 18.25
C GLY J 361 13.81 45.44 17.35
N LYS J 362 13.71 44.39 16.55
CA LYS J 362 14.76 44.03 15.61
C LYS J 362 14.67 44.74 14.27
N HIS J 363 15.70 45.53 13.98
CA HIS J 363 15.96 45.92 12.60
C HIS J 363 16.18 44.66 11.74
N PRO J 364 15.71 44.68 10.48
CA PRO J 364 15.70 43.45 9.69
C PRO J 364 17.10 42.88 9.38
N TYR J 365 18.15 43.71 9.46
CA TYR J 365 19.51 43.13 9.31
C TYR J 365 19.89 42.28 10.55
N ASP J 366 19.18 42.49 11.66
CA ASP J 366 19.37 41.74 12.90
C ASP J 366 18.16 40.84 13.20
N GLY J 367 17.37 40.56 12.18
CA GLY J 367 16.06 39.92 12.35
C GLY J 367 16.21 38.48 12.83
N VAL J 368 15.20 38.02 13.58
CA VAL J 368 15.20 36.68 14.17
C VAL J 368 13.86 36.05 13.89
N THR J 369 13.87 34.78 13.47
CA THR J 369 12.62 34.08 13.20
C THR J 369 12.58 32.75 13.96
N ASP J 370 12.07 32.82 15.20
CA ASP J 370 12.06 31.71 16.15
C ASP J 370 10.59 31.38 16.49
N PRO J 371 9.95 30.53 15.68
CA PRO J 371 8.52 30.23 15.88
C PRO J 371 8.19 29.56 17.22
N LYS J 372 7.06 29.93 17.80
CA LYS J 372 6.60 29.41 19.09
C LYS J 372 5.09 29.67 19.16
N TYR J 373 4.33 28.63 18.89
CA TYR J 373 2.87 28.74 18.91
C TYR J 373 2.37 28.60 20.32
N THR J 374 1.20 29.16 20.63
CA THR J 374 0.62 28.98 21.95
C THR J 374 -0.71 28.26 21.80
N LYS J 375 -1.76 28.98 21.43
CA LYS J 375 -3.11 28.39 21.27
C LYS J 375 -3.95 29.37 20.50
N LEU J 376 -4.97 28.85 19.82
CA LEU J 376 -5.91 29.67 19.03
C LEU J 376 -6.51 30.77 19.90
N ASP J 377 -6.53 31.98 19.37
CA ASP J 377 -7.17 33.12 20.03
C ASP J 377 -6.57 33.60 21.35
N ASP J 378 -5.34 33.22 21.63
CA ASP J 378 -4.60 33.73 22.76
C ASP J 378 -4.43 35.25 22.56
N LYS J 379 -5.06 36.07 23.40
CA LYS J 379 -4.90 37.53 23.21
C LYS J 379 -3.46 38.07 23.41
N ASP J 380 -2.60 37.29 24.05
CA ASP J 380 -1.17 37.67 24.16
C ASP J 380 -0.28 37.29 22.95
N HIS J 381 -0.74 36.34 22.14
CA HIS J 381 0.02 35.89 20.97
C HIS J 381 -1.02 35.32 20.03
N TYR J 382 -1.32 36.02 18.93
CA TYR J 382 -2.45 35.64 18.11
C TYR J 382 -2.16 35.71 16.62
N SER J 383 -0.89 35.77 16.19
CA SER J 383 -0.68 35.82 14.75
C SER J 383 0.69 35.31 14.38
N TRP J 384 0.79 34.71 13.19
CA TRP J 384 2.12 34.32 12.69
C TRP J 384 2.83 35.48 12.03
N MET J 385 2.16 36.60 11.81
CA MET J 385 2.87 37.80 11.31
C MET J 385 3.61 38.50 12.44
N LYS J 386 4.83 38.95 12.15
CA LYS J 386 5.51 39.94 12.97
C LYS J 386 4.76 41.28 12.85
N ALA J 387 5.14 42.23 13.72
CA ALA J 387 4.54 43.57 13.73
C ALA J 387 5.59 44.60 13.32
N PRO J 388 5.62 45.01 12.04
CA PRO J 388 6.63 46.00 11.61
C PRO J 388 6.20 47.37 12.09
N ARG J 389 7.14 48.15 12.60
CA ARG J 389 6.84 49.52 13.10
C ARG J 389 7.96 50.46 12.65
N TYR J 390 7.65 51.74 12.62
CA TYR J 390 8.53 52.77 12.09
C TYR J 390 8.61 53.82 13.20
N LYS J 391 9.76 53.82 13.86
CA LYS J 391 9.98 54.62 15.09
C LYS J 391 8.79 54.48 16.00
N GLY J 392 8.23 53.26 16.06
CA GLY J 392 7.15 53.01 17.02
C GLY J 392 5.74 53.14 16.50
N LYS J 393 5.60 53.60 15.26
CA LYS J 393 4.28 53.79 14.69
C LYS J 393 4.00 52.70 13.65
N ALA J 394 2.74 52.27 13.62
CA ALA J 394 2.21 51.40 12.57
C ALA J 394 2.05 52.24 11.30
N MET J 395 2.25 51.63 10.14
CA MET J 395 2.23 52.33 8.86
C MET J 395 1.36 51.52 7.91
N GLU J 396 0.38 52.21 7.32
CA GLU J 396 -0.34 51.66 6.17
C GLU J 396 0.54 51.78 4.90
N VAL J 397 0.54 50.73 4.09
CA VAL J 397 1.32 50.70 2.86
C VAL J 397 0.36 50.29 1.75
N GLY J 398 0.74 50.57 0.51
CA GLY J 398 -0.06 50.19 -0.63
C GLY J 398 -0.59 51.34 -1.45
N PRO J 399 -1.57 51.07 -2.32
CA PRO J 399 -2.04 52.09 -3.26
C PRO J 399 -2.47 53.40 -2.55
N LEU J 400 -3.13 53.30 -1.41
CA LEU J 400 -3.55 54.56 -0.72
C LEU J 400 -2.35 55.38 -0.19
N ALA J 401 -1.39 54.67 0.42
CA ALA J 401 -0.10 55.28 0.83
C ALA J 401 0.56 55.93 -0.35
N ARG J 402 0.71 55.20 -1.45
CA ARG J 402 1.40 55.78 -2.61
C ARG J 402 0.67 56.98 -3.14
N THR J 403 -0.67 56.92 -3.11
CA THR J 403 -1.49 58.01 -3.67
C THR J 403 -1.36 59.27 -2.84
N PHE J 404 -1.47 59.15 -1.51
CA PHE J 404 -1.32 60.31 -0.64
C PHE J 404 0.05 60.93 -0.75
N ILE J 405 1.08 60.08 -0.74
CA ILE J 405 2.45 60.56 -0.88
C ILE J 405 2.65 61.29 -2.21
N ALA J 406 2.21 60.68 -3.30
CA ALA J 406 2.35 61.31 -4.60
C ALA J 406 1.56 62.60 -4.72
N TYR J 407 0.31 62.58 -4.23
CA TYR J 407 -0.55 63.76 -4.26
C TYR J 407 0.09 64.88 -3.45
N ALA J 408 0.55 64.54 -2.25
CA ALA J 408 1.22 65.50 -1.36
C ALA J 408 2.46 66.16 -1.95
N LYS J 409 3.25 65.38 -2.71
CA LYS J 409 4.46 65.85 -3.39
C LYS J 409 4.17 66.55 -4.72
N GLY J 410 2.89 66.57 -5.14
CA GLY J 410 2.44 67.18 -6.40
C GLY J 410 2.83 66.43 -7.67
N GLN J 411 2.95 65.10 -7.57
CA GLN J 411 3.22 64.27 -8.74
C GLN J 411 2.08 64.55 -9.72
N PRO J 412 2.39 65.02 -10.94
CA PRO J 412 1.29 65.57 -11.79
C PRO J 412 0.23 64.57 -12.26
N ASP J 413 0.59 63.31 -12.48
CA ASP J 413 -0.38 62.27 -12.85
C ASP J 413 -1.33 62.00 -11.67
N PHE J 414 -0.77 61.83 -10.47
CA PHE J 414 -1.61 61.59 -9.29
C PHE J 414 -2.48 62.80 -8.99
N LYS J 415 -1.93 64.01 -9.13
CA LYS J 415 -2.76 65.21 -8.88
C LYS J 415 -4.00 65.20 -9.77
N LYS J 416 -3.79 64.93 -11.07
CA LYS J 416 -4.80 64.99 -12.11
C LYS J 416 -5.87 63.92 -11.89
N VAL J 417 -5.42 62.69 -11.63
CA VAL J 417 -6.37 61.57 -11.49
C VAL J 417 -7.15 61.63 -10.17
N VAL J 418 -6.46 61.97 -9.07
CA VAL J 418 -7.10 62.12 -7.77
C VAL J 418 -8.16 63.21 -7.87
N ASP J 419 -7.80 64.38 -8.43
CA ASP J 419 -8.78 65.46 -8.58
C ASP J 419 -9.98 65.08 -9.46
N MET J 420 -9.75 64.26 -10.48
CA MET J 420 -10.84 63.76 -11.30
C MET J 420 -11.80 62.95 -10.42
N VAL J 421 -11.25 62.03 -9.63
CA VAL J 421 -12.06 61.18 -8.75
C VAL J 421 -12.83 62.00 -7.73
N LEU J 422 -12.11 62.93 -7.07
CA LEU J 422 -12.75 63.79 -6.06
C LEU J 422 -13.87 64.62 -6.68
N GLY J 423 -13.62 65.14 -7.88
CA GLY J 423 -14.64 65.90 -8.61
C GLY J 423 -15.85 65.05 -8.97
N LYS J 424 -15.60 63.82 -9.41
CA LYS J 424 -16.67 62.96 -9.91
C LYS J 424 -17.55 62.51 -8.75
N LEU J 425 -16.93 62.26 -7.60
CA LEU J 425 -17.64 61.85 -6.41
C LEU J 425 -18.15 63.01 -5.56
N SER J 426 -17.65 64.23 -5.81
CA SER J 426 -18.03 65.40 -5.02
C SER J 426 -17.72 65.17 -3.55
N VAL J 427 -16.48 64.80 -3.25
CA VAL J 427 -16.04 64.60 -1.88
C VAL J 427 -14.68 65.28 -1.73
N PRO J 428 -14.35 65.76 -0.51
CA PRO J 428 -13.03 66.35 -0.30
C PRO J 428 -11.95 65.26 -0.21
N ALA J 429 -10.70 65.65 -0.39
CA ALA J 429 -9.56 64.70 -0.28
C ALA J 429 -9.51 63.96 1.08
N THR J 430 -10.06 64.56 2.12
CA THR J 430 -10.01 63.95 3.46
C THR J 430 -10.87 62.69 3.50
N ALA J 431 -11.81 62.57 2.55
CA ALA J 431 -12.64 61.38 2.44
C ALA J 431 -11.88 60.20 1.89
N LEU J 432 -10.65 60.42 1.39
CA LEU J 432 -9.82 59.30 0.94
C LEU J 432 -9.20 58.49 2.08
N HIS J 433 -9.17 59.06 3.30
CA HIS J 433 -8.71 58.29 4.46
C HIS J 433 -9.84 57.38 4.94
N SER J 434 -10.10 56.32 4.19
CA SER J 434 -11.23 55.47 4.43
C SER J 434 -11.11 54.22 3.59
N THR J 435 -12.00 53.27 3.80
CA THR J 435 -12.06 52.11 2.93
C THR J 435 -12.44 52.43 1.49
N LEU J 436 -13.39 53.35 1.30
CA LEU J 436 -13.71 53.84 -0.02
C LEU J 436 -12.46 54.39 -0.70
N GLY J 437 -11.70 55.21 0.02
CA GLY J 437 -10.49 55.84 -0.54
C GLY J 437 -9.42 54.80 -0.89
N ARG J 438 -9.29 53.77 -0.07
CA ARG J 438 -8.31 52.74 -0.22
C ARG J 438 -8.65 51.95 -1.51
N THR J 439 -9.93 51.72 -1.72
CA THR J 439 -10.42 51.04 -2.92
C THR J 439 -10.22 51.90 -4.19
N ALA J 440 -10.60 53.18 -4.11
CA ALA J 440 -10.42 54.14 -5.18
C ALA J 440 -8.95 54.28 -5.54
N ALA J 441 -8.06 54.35 -4.55
CA ALA J 441 -6.61 54.55 -4.84
C ALA J 441 -6.01 53.43 -5.70
N ARG J 442 -6.47 52.19 -5.45
CA ARG J 442 -6.02 51.04 -6.24
C ARG J 442 -6.35 51.30 -7.74
N GLY J 443 -7.56 51.79 -8.01
CA GLY J 443 -7.95 52.13 -9.41
C GLY J 443 -7.17 53.30 -9.97
N ILE J 444 -7.05 54.36 -9.17
CA ILE J 444 -6.30 55.54 -9.55
C ILE J 444 -4.90 55.15 -10.06
N GLU J 445 -4.16 54.37 -9.28
CA GLU J 445 -2.77 54.10 -9.70
C GLU J 445 -2.73 53.12 -10.89
N THR J 446 -3.78 52.32 -11.08
CA THR J 446 -3.83 51.40 -12.23
C THR J 446 -3.95 52.25 -13.50
N ALA J 447 -4.83 53.25 -13.49
CA ALA J 447 -4.97 54.17 -14.63
C ALA J 447 -3.64 54.88 -14.96
N ILE J 448 -2.87 55.24 -13.95
CA ILE J 448 -1.60 55.95 -14.14
C ILE J 448 -0.52 55.03 -14.69
N VAL J 449 -0.47 53.79 -14.23
CA VAL J 449 0.48 52.82 -14.82
C VAL J 449 0.14 52.68 -16.31
N CYS J 450 -1.15 52.55 -16.61
CA CYS J 450 -1.58 52.43 -18.02
C CYS J 450 -1.12 53.59 -18.85
N ALA J 451 -1.25 54.79 -18.28
CA ALA J 451 -0.89 56.01 -18.99
C ALA J 451 0.61 56.06 -19.31
N ASN J 452 1.42 55.31 -18.56
CA ASN J 452 2.88 55.35 -18.77
C ASN J 452 3.44 54.20 -19.59
N MET J 453 2.62 53.19 -19.87
CA MET J 453 3.12 51.95 -20.49
C MET J 453 3.86 52.16 -21.80
N GLU J 454 3.25 52.90 -22.72
CA GLU J 454 3.82 53.09 -24.04
C GLU J 454 5.17 53.81 -23.97
N LYS J 455 5.26 54.89 -23.18
CA LYS J 455 6.53 55.61 -22.96
C LYS J 455 7.63 54.66 -22.47
N TRP J 456 7.30 53.84 -21.47
CA TRP J 456 8.29 52.94 -20.88
C TRP J 456 8.72 51.88 -21.90
N ILE J 457 7.76 51.32 -22.63
CA ILE J 457 8.08 50.34 -23.66
C ILE J 457 8.96 50.95 -24.76
N LYS J 458 8.62 52.15 -25.23
CA LYS J 458 9.39 52.78 -26.31
C LYS J 458 10.81 53.04 -25.82
N GLU J 459 10.93 53.47 -24.56
CA GLU J 459 12.23 53.77 -23.95
C GLU J 459 13.13 52.53 -23.99
N MET J 460 12.57 51.41 -23.56
CA MET J 460 13.34 50.16 -23.54
C MET J 460 13.62 49.66 -24.96
N ALA J 461 12.61 49.69 -25.83
CA ALA J 461 12.82 49.35 -27.26
C ALA J 461 14.03 50.13 -27.84
N ASP J 462 14.12 51.43 -27.53
CA ASP J 462 15.23 52.24 -28.05
C ASP J 462 16.56 51.93 -27.39
N SER J 463 16.53 51.75 -26.06
CA SER J 463 17.74 51.46 -25.29
C SER J 463 18.35 50.13 -25.72
N GLY J 464 17.48 49.16 -25.97
CA GLY J 464 17.85 47.83 -26.40
C GLY J 464 18.41 47.79 -27.81
N ALA J 465 17.89 48.64 -28.70
CA ALA J 465 18.35 48.73 -30.08
C ALA J 465 19.77 49.30 -30.09
N LYS J 466 19.99 50.29 -29.23
CA LYS J 466 21.25 50.96 -29.00
C LYS J 466 22.39 50.00 -28.61
N ASP J 467 22.11 49.12 -27.66
CA ASP J 467 23.14 48.31 -27.01
C ASP J 467 22.38 47.29 -26.16
N ASN J 468 22.50 45.99 -26.45
CA ASN J 468 21.64 45.02 -25.75
C ASN J 468 22.22 44.43 -24.44
N THR J 469 23.21 45.12 -23.87
CA THR J 469 23.72 44.82 -22.52
C THR J 469 22.56 44.68 -21.55
N LEU J 470 22.49 43.53 -20.88
CA LEU J 470 21.37 43.25 -19.99
C LEU J 470 21.83 42.76 -18.60
N CYS J 471 23.09 42.31 -18.50
CA CYS J 471 23.59 41.83 -17.20
C CYS J 471 25.01 42.39 -16.98
N ALA J 472 25.25 42.89 -15.78
CA ALA J 472 26.57 43.38 -15.38
C ALA J 472 27.45 42.29 -14.74
N LYS J 473 28.76 42.48 -14.84
CA LYS J 473 29.70 41.58 -14.17
C LYS J 473 29.74 41.86 -12.67
N TRP J 474 29.92 40.80 -11.90
CA TRP J 474 29.96 40.97 -10.44
C TRP J 474 30.72 39.82 -9.77
N GLU J 475 31.09 40.03 -8.50
CA GLU J 475 31.81 39.04 -7.71
C GLU J 475 31.18 38.88 -6.35
N MET J 476 31.05 37.63 -5.92
CA MET J 476 30.50 37.33 -4.63
C MET J 476 31.50 37.68 -3.54
N PRO J 477 31.12 38.54 -2.60
CA PRO J 477 32.03 38.89 -1.51
C PRO J 477 31.97 37.84 -0.39
N GLU J 478 33.08 37.68 0.35
CA GLU J 478 33.10 36.86 1.55
C GLU J 478 32.03 37.29 2.57
N GLU J 479 31.99 38.58 2.90
CA GLU J 479 31.06 39.09 3.89
C GLU J 479 30.50 40.43 3.44
N SER J 480 29.17 40.60 3.53
CA SER J 480 28.55 41.85 3.14
C SER J 480 27.10 41.84 3.64
N LYS J 481 26.40 42.93 3.38
CA LYS J 481 24.96 42.95 3.63
C LYS J 481 24.31 43.84 2.57
N GLY J 482 23.00 43.75 2.40
CA GLY J 482 22.35 44.55 1.38
C GLY J 482 20.85 44.53 1.59
N VAL J 483 20.20 45.56 1.07
CA VAL J 483 18.72 45.66 1.16
C VAL J 483 18.18 45.88 -0.26
N GLY J 484 17.07 45.20 -0.59
CA GLY J 484 16.35 45.33 -1.87
C GLY J 484 15.00 45.94 -1.54
N LEU J 485 14.71 47.11 -2.11
CA LEU J 485 13.40 47.78 -1.89
C LEU J 485 12.52 47.71 -3.10
N ALA J 486 11.20 47.62 -2.87
CA ALA J 486 10.25 47.72 -3.99
C ALA J 486 8.91 48.15 -3.43
N ASP J 487 8.09 48.79 -4.26
CA ASP J 487 6.68 48.99 -3.87
C ASP J 487 5.89 48.01 -4.74
N ALA J 488 5.55 46.88 -4.12
CA ALA J 488 4.73 45.85 -4.77
C ALA J 488 3.27 46.33 -4.79
N PRO J 489 2.38 45.62 -5.53
CA PRO J 489 0.97 46.08 -5.61
C PRO J 489 0.35 46.38 -4.23
N ARG J 490 0.73 45.62 -3.20
CA ARG J 490 0.19 45.88 -1.86
C ARG J 490 0.99 46.86 -0.99
N GLY J 491 2.17 47.30 -1.46
CA GLY J 491 2.93 48.27 -0.68
C GLY J 491 4.43 48.03 -0.52
N ALA J 492 5.01 48.73 0.45
CA ALA J 492 6.48 48.77 0.70
C ALA J 492 7.06 47.38 1.06
N LEU J 493 7.94 46.87 0.21
CA LEU J 493 8.52 45.54 0.37
C LEU J 493 10.03 45.71 0.51
N SER J 494 10.60 45.02 1.48
CA SER J 494 12.05 45.04 1.58
C SER J 494 12.59 43.64 1.94
N HIS J 495 13.72 43.29 1.34
CA HIS J 495 14.43 42.04 1.61
C HIS J 495 15.82 42.48 2.06
N TRP J 496 16.32 41.83 3.10
CA TRP J 496 17.56 42.25 3.78
C TRP J 496 18.42 41.03 3.97
N ILE J 497 19.68 41.07 3.50
CA ILE J 497 20.56 39.88 3.55
C ILE J 497 21.82 40.22 4.32
N ARG J 498 22.32 39.23 5.06
CA ARG J 498 23.68 39.25 5.56
C ARG J 498 24.37 38.06 4.92
N ILE J 499 25.52 38.30 4.33
CA ILE J 499 26.35 37.25 3.68
C ILE J 499 27.59 37.04 4.55
N LYS J 500 27.93 35.76 4.77
CA LYS J 500 29.15 35.42 5.47
C LYS J 500 29.63 34.11 4.86
N GLY J 501 30.95 34.03 4.65
CA GLY J 501 31.54 32.87 4.00
C GLY J 501 30.93 32.63 2.64
N LYS J 502 30.50 33.71 1.97
CA LYS J 502 29.84 33.67 0.65
C LYS J 502 28.48 32.97 0.63
N LYS J 503 27.91 32.75 1.83
CA LYS J 503 26.59 32.11 1.99
C LYS J 503 25.62 33.01 2.74
N ILE J 504 24.34 32.68 2.66
CA ILE J 504 23.32 33.41 3.45
C ILE J 504 23.48 33.17 4.96
N ASP J 505 23.79 34.23 5.69
CA ASP J 505 23.89 34.16 7.18
C ASP J 505 22.57 34.58 7.81
N ASN J 506 21.92 35.57 7.21
CA ASN J 506 20.56 35.94 7.60
C ASN J 506 19.85 36.45 6.36
N PHE J 507 18.54 36.19 6.26
CA PHE J 507 17.77 36.75 5.18
C PHE J 507 16.40 37.06 5.78
N GLN J 508 16.01 38.31 5.68
CA GLN J 508 14.73 38.74 6.29
C GLN J 508 13.87 39.47 5.27
N LEU J 509 12.60 39.06 5.20
CA LEU J 509 11.56 39.73 4.42
C LEU J 509 10.68 40.52 5.34
N VAL J 510 10.41 41.75 4.94
CA VAL J 510 9.37 42.58 5.61
C VAL J 510 8.48 43.01 4.48
N VAL J 511 7.20 42.61 4.54
CA VAL J 511 6.40 42.52 3.33
C VAL J 511 5.18 43.46 3.55
N PRO J 512 4.58 44.01 2.47
CA PRO J 512 3.50 44.98 2.71
C PRO J 512 2.33 44.46 3.53
N SER J 513 1.89 43.23 3.30
CA SER J 513 0.87 42.69 4.21
C SER J 513 1.34 42.52 5.67
N THR J 514 2.64 42.32 5.91
CA THR J 514 3.13 42.40 7.28
C THR J 514 2.84 43.78 7.88
N TRP J 515 3.14 44.85 7.14
CA TRP J 515 2.84 46.22 7.65
C TRP J 515 1.36 46.43 7.92
N ASN J 516 0.52 45.99 7.00
CA ASN J 516 -0.90 46.32 7.06
C ASN J 516 -1.70 45.40 7.98
N LEU J 517 -1.39 44.11 7.96
CA LEU J 517 -2.24 43.11 8.59
C LEU J 517 -1.61 42.36 9.76
N GLY J 518 -0.40 42.77 10.13
CA GLY J 518 0.26 42.23 11.29
C GLY J 518 -0.53 42.51 12.56
N PRO J 519 -0.15 41.88 13.67
CA PRO J 519 -0.82 42.15 14.94
C PRO J 519 -0.33 43.41 15.64
N ARG J 520 -0.75 43.58 16.88
CA ARG J 520 -0.29 44.69 17.72
C ARG J 520 1.26 44.68 17.86
N GLY J 521 1.86 45.87 18.05
CA GLY J 521 3.33 45.94 18.29
C GLY J 521 3.59 45.85 19.79
N ALA J 522 4.85 46.04 20.17
CA ALA J 522 5.25 45.90 21.57
C ALA J 522 4.50 46.80 22.56
N GLN J 523 4.06 47.98 22.11
CA GLN J 523 3.34 48.91 23.01
C GLN J 523 1.83 48.57 23.04
N GLY J 524 1.44 47.46 22.40
CA GLY J 524 0.03 47.01 22.34
C GLY J 524 -0.83 47.80 21.34
N ASP J 525 -0.16 48.44 20.39
CA ASP J 525 -0.77 49.36 19.44
C ASP J 525 -1.24 48.59 18.23
N LYS J 526 -2.51 48.74 17.89
CA LYS J 526 -3.11 48.08 16.75
C LYS J 526 -2.42 48.35 15.41
N SER J 527 -2.39 47.32 14.56
CA SER J 527 -1.96 47.46 13.19
C SER J 527 -2.97 48.25 12.35
N PRO J 528 -2.59 48.62 11.10
CA PRO J 528 -3.51 49.39 10.26
C PRO J 528 -4.87 48.73 10.04
N VAL J 529 -4.90 47.45 9.66
CA VAL J 529 -6.23 46.74 9.54
C VAL J 529 -7.07 46.69 10.85
N GLU J 530 -6.41 46.45 11.98
CA GLU J 530 -7.08 46.45 13.29
C GLU J 530 -7.65 47.83 13.62
N GLU J 531 -6.86 48.88 13.42
CA GLU J 531 -7.41 50.24 13.58
C GLU J 531 -8.57 50.55 12.61
N ALA J 532 -8.39 50.18 11.33
CA ALA J 532 -9.36 50.49 10.31
C ALA J 532 -10.73 49.87 10.63
N LEU J 533 -10.71 48.68 11.25
CA LEU J 533 -11.92 47.97 11.58
C LEU J 533 -12.72 48.61 12.72
N ILE J 534 -12.04 49.42 13.53
CA ILE J 534 -12.78 50.09 14.62
C ILE J 534 -13.82 51.04 14.00
N GLY J 535 -15.06 50.93 14.47
CA GLY J 535 -16.17 51.77 14.01
C GLY J 535 -16.98 51.18 12.86
N THR J 536 -16.61 49.98 12.41
CA THR J 536 -17.33 49.31 11.31
C THR J 536 -18.78 49.03 11.72
N PRO J 537 -19.77 49.54 10.97
CA PRO J 537 -21.14 49.15 11.31
C PRO J 537 -21.42 47.73 10.83
N ILE J 538 -22.29 47.02 11.54
CA ILE J 538 -22.64 45.64 11.19
C ILE J 538 -24.17 45.58 11.07
N ALA J 539 -24.67 45.53 9.85
CA ALA J 539 -26.10 45.52 9.60
C ALA J 539 -26.70 44.18 9.98
N ASP J 540 -25.91 43.13 9.79
CA ASP J 540 -26.40 41.74 10.01
C ASP J 540 -25.22 40.91 10.52
N PRO J 541 -25.21 40.60 11.84
CA PRO J 541 -24.02 39.94 12.41
C PRO J 541 -23.83 38.53 11.87
N LYS J 542 -24.92 37.92 11.35
CA LYS J 542 -24.81 36.62 10.67
C LYS J 542 -24.06 36.68 9.32
N ARG J 543 -24.03 37.87 8.70
CA ARG J 543 -23.47 38.02 7.36
C ARG J 543 -22.66 39.33 7.37
N PRO J 544 -21.48 39.31 8.03
CA PRO J 544 -20.81 40.58 8.31
C PRO J 544 -19.99 41.08 7.13
N VAL J 545 -20.68 41.40 6.05
CA VAL J 545 -20.01 41.89 4.83
C VAL J 545 -19.12 43.14 5.11
N GLU J 546 -19.52 43.98 6.07
CA GLU J 546 -18.76 45.23 6.32
C GLU J 546 -17.33 44.94 6.79
N ILE J 547 -17.16 43.85 7.55
CA ILE J 547 -15.81 43.41 7.92
C ILE J 547 -15.00 43.06 6.68
N LEU J 548 -15.62 42.31 5.77
CA LEU J 548 -14.96 41.94 4.52
C LEU J 548 -14.57 43.15 3.67
N ARG J 549 -15.46 44.15 3.61
CA ARG J 549 -15.20 45.36 2.81
C ARG J 549 -13.90 46.00 3.18
N THR J 550 -13.67 46.18 4.49
CA THR J 550 -12.47 46.90 4.94
C THR J 550 -11.25 46.01 4.86
N VAL J 551 -11.39 44.76 5.29
CA VAL J 551 -10.25 43.82 5.18
C VAL J 551 -9.79 43.67 3.72
N HIS J 552 -10.73 43.41 2.82
CA HIS J 552 -10.43 43.27 1.41
C HIS J 552 -9.83 44.56 0.80
N ALA J 553 -10.23 45.72 1.29
CA ALA J 553 -9.67 46.99 0.77
C ALA J 553 -8.16 47.08 0.92
N PHE J 554 -7.60 46.41 1.93
CA PHE J 554 -6.15 46.30 2.12
C PHE J 554 -5.49 45.26 1.19
N ASP J 555 -6.29 44.45 0.49
CA ASP J 555 -5.79 43.43 -0.46
C ASP J 555 -4.84 42.48 0.28
N PRO J 556 -5.35 41.82 1.35
CA PRO J 556 -4.47 41.02 2.20
C PRO J 556 -3.78 39.86 1.46
N CSS J 557 -2.54 39.61 1.86
CA CSS J 557 -1.79 38.49 1.34
CB CSS J 557 -0.74 38.97 0.36
SG CSS J 557 -1.31 39.16 -1.32
SD CSS J 557 0.50 39.32 -2.23
C CSS J 557 -1.04 37.86 2.51
O CSS J 557 0.00 38.40 2.92
N CYS J 557 -2.54 39.61 1.86
CA CYS J 557 -1.79 38.49 1.34
C CYS J 557 -1.04 37.86 2.51
N ILE J 558 -1.55 36.74 3.05
CA ILE J 558 -1.07 36.21 4.32
C ILE J 558 0.20 35.38 4.09
N ALA J 559 0.30 34.72 2.94
CA ALA J 559 1.52 33.99 2.59
C ALA J 559 2.65 35.00 2.45
N CYS J 560 2.40 36.11 1.77
CA CYS J 560 3.37 37.23 1.74
C CYS J 560 3.70 37.70 3.16
N GLY J 561 2.68 37.99 3.95
CA GLY J 561 2.90 38.65 5.25
C GLY J 561 3.68 37.84 6.25
N VAL J 562 3.46 36.52 6.29
CA VAL J 562 4.14 35.62 7.21
C VAL J 562 5.40 34.99 6.59
N HIS J 563 5.33 34.58 5.32
CA HIS J 563 6.49 33.86 4.70
C HIS J 563 7.09 32.79 5.63
N LYS K 19 -29.57 -23.20 -2.45
CA LYS K 19 -30.10 -24.39 -3.18
C LYS K 19 -31.22 -25.07 -2.42
N PRO K 20 -31.00 -26.33 -1.97
CA PRO K 20 -32.04 -27.07 -1.24
C PRO K 20 -32.34 -26.41 0.09
N THR K 21 -33.50 -26.73 0.64
CA THR K 21 -33.91 -26.29 1.96
C THR K 21 -32.91 -26.81 2.98
N PRO K 22 -32.38 -25.93 3.87
CA PRO K 22 -31.40 -26.40 4.86
C PRO K 22 -31.96 -27.53 5.72
N GLN K 23 -31.13 -28.53 5.96
CA GLN K 23 -31.58 -29.69 6.70
C GLN K 23 -30.33 -30.33 7.32
N SER K 24 -30.36 -30.53 8.63
CA SER K 24 -29.28 -31.19 9.39
C SER K 24 -29.31 -32.71 9.17
N THR K 25 -28.38 -33.44 9.80
CA THR K 25 -28.45 -34.91 9.80
C THR K 25 -28.97 -35.47 11.13
N PHE K 26 -29.58 -34.62 11.96
CA PHE K 26 -29.98 -34.99 13.33
C PHE K 26 -30.98 -36.14 13.35
N THR K 27 -30.73 -37.12 14.23
CA THR K 27 -31.66 -38.21 14.48
C THR K 27 -31.89 -38.26 16.00
N GLY K 28 -33.15 -38.15 16.39
CA GLY K 28 -33.51 -38.24 17.79
C GLY K 28 -34.77 -37.45 18.09
N PRO K 29 -35.13 -37.36 19.37
CA PRO K 29 -36.33 -36.60 19.74
C PRO K 29 -36.07 -35.10 19.85
N ILE K 30 -37.11 -34.30 19.59
CA ILE K 30 -37.13 -32.91 19.96
C ILE K 30 -38.47 -32.60 20.65
N VAL K 31 -38.41 -31.90 21.77
CA VAL K 31 -39.62 -31.45 22.47
C VAL K 31 -39.53 -29.91 22.50
N VAL K 32 -40.66 -29.26 22.24
CA VAL K 32 -40.74 -27.81 22.32
C VAL K 32 -41.93 -27.52 23.24
N ASP K 33 -41.61 -27.08 24.47
CA ASP K 33 -42.62 -26.79 25.46
C ASP K 33 -42.03 -25.70 26.37
N PRO K 34 -42.52 -24.46 26.34
CA PRO K 34 -43.82 -24.08 25.77
C PRO K 34 -43.68 -23.71 24.29
N ILE K 35 -44.72 -23.98 23.52
CA ILE K 35 -44.83 -23.36 22.22
C ILE K 35 -45.29 -21.92 22.54
N THR K 36 -44.42 -20.95 22.30
CA THR K 36 -44.77 -19.56 22.52
C THR K 36 -45.48 -18.98 21.26
N ARG K 37 -46.02 -17.76 21.38
CA ARG K 37 -46.66 -17.08 20.23
C ARG K 37 -47.82 -17.89 19.66
N ILE K 38 -48.53 -18.50 20.62
CA ILE K 38 -49.86 -19.05 20.36
C ILE K 38 -50.69 -18.60 21.56
N GLU K 39 -51.99 -18.87 21.51
CA GLU K 39 -52.80 -18.80 22.71
C GLU K 39 -52.75 -20.16 23.41
N GLY K 40 -52.46 -20.15 24.70
CA GLY K 40 -52.64 -21.36 25.51
C GLY K 40 -51.37 -22.20 25.60
N HIS K 41 -51.52 -23.37 26.20
CA HIS K 41 -50.37 -24.18 26.62
C HIS K 41 -50.17 -25.47 25.82
N LEU K 42 -49.14 -25.47 24.96
CA LEU K 42 -48.92 -26.57 24.06
C LEU K 42 -47.51 -27.06 24.20
N ARG K 43 -47.42 -28.39 24.17
CA ARG K 43 -46.16 -29.12 24.11
C ARG K 43 -46.18 -29.89 22.81
N ILE K 44 -45.12 -29.74 21.99
CA ILE K 44 -45.00 -30.54 20.77
C ILE K 44 -43.82 -31.49 20.96
N MET K 45 -44.04 -32.77 20.66
CA MET K 45 -42.94 -33.77 20.66
C MET K 45 -42.81 -34.32 19.26
N VAL K 46 -41.57 -34.52 18.79
CA VAL K 46 -41.38 -35.09 17.48
C VAL K 46 -40.20 -36.03 17.54
N GLU K 47 -40.22 -37.00 16.63
CA GLU K 47 -39.04 -37.84 16.39
C GLU K 47 -38.48 -37.40 15.06
N VAL K 48 -37.16 -37.23 15.01
CA VAL K 48 -36.50 -36.70 13.84
C VAL K 48 -35.51 -37.78 13.36
N GLU K 49 -35.46 -38.00 12.05
CA GLU K 49 -34.52 -38.96 11.47
C GLU K 49 -33.80 -38.31 10.30
N ASN K 50 -32.46 -38.27 10.35
CA ASN K 50 -31.67 -37.59 9.33
C ASN K 50 -32.22 -36.22 8.95
N GLY K 51 -32.55 -35.42 9.98
CA GLY K 51 -32.92 -34.05 9.75
C GLY K 51 -34.36 -33.78 9.37
N LYS K 52 -35.19 -34.82 9.28
CA LYS K 52 -36.63 -34.64 9.00
C LYS K 52 -37.52 -35.27 10.03
N VAL K 53 -38.64 -34.61 10.35
CA VAL K 53 -39.58 -35.17 11.31
C VAL K 53 -40.23 -36.46 10.74
N LYS K 54 -40.17 -37.52 11.55
CA LYS K 54 -40.74 -38.79 11.15
C LYS K 54 -42.01 -39.12 11.90
N ASP K 55 -42.18 -38.57 13.10
CA ASP K 55 -43.41 -38.77 13.88
C ASP K 55 -43.68 -37.53 14.75
N ALA K 56 -44.93 -37.35 15.17
CA ALA K 56 -45.26 -36.14 15.91
C ALA K 56 -46.45 -36.35 16.84
N TRP K 57 -46.45 -35.58 17.94
CA TRP K 57 -47.52 -35.57 18.93
C TRP K 57 -47.81 -34.13 19.33
N SER K 58 -49.10 -33.80 19.36
CA SER K 58 -49.58 -32.50 19.79
C SER K 58 -50.22 -32.67 21.17
N SER K 59 -49.57 -32.12 22.19
CA SER K 59 -49.93 -32.39 23.59
C SER K 59 -50.39 -31.11 24.32
N SER K 60 -51.70 -30.94 24.46
CA SER K 60 -52.26 -29.75 25.11
C SER K 60 -52.17 -29.95 26.63
N GLN K 61 -51.73 -28.91 27.33
CA GLN K 61 -51.19 -29.04 28.70
C GLN K 61 -52.05 -28.39 29.80
N LEU K 62 -53.21 -27.86 29.43
CA LEU K 62 -54.11 -27.26 30.45
C LEU K 62 -55.53 -27.71 30.20
N PHE K 63 -56.23 -28.06 31.30
CA PHE K 63 -57.68 -28.34 31.31
C PHE K 63 -58.36 -27.38 32.26
N ARG K 64 -59.51 -26.87 31.84
CA ARG K 64 -60.30 -25.99 32.71
C ARG K 64 -61.68 -26.58 32.98
N GLY K 65 -62.31 -27.13 31.95
CA GLY K 65 -63.59 -27.85 32.13
C GLY K 65 -64.86 -27.02 32.08
N LEU K 66 -64.97 -26.11 31.10
CA LEU K 66 -66.16 -25.27 31.00
C LEU K 66 -67.45 -26.06 30.79
N GLU K 67 -67.37 -27.19 30.08
CA GLU K 67 -68.56 -28.03 29.86
C GLU K 67 -69.12 -28.63 31.13
N ILE K 68 -68.21 -28.99 32.03
CA ILE K 68 -68.57 -29.49 33.35
C ILE K 68 -69.23 -28.38 34.17
N ILE K 69 -68.58 -27.21 34.18
CA ILE K 69 -69.06 -26.04 34.91
C ILE K 69 -70.50 -25.63 34.47
N LEU K 70 -70.79 -25.76 33.18
CA LEU K 70 -72.07 -25.34 32.66
C LEU K 70 -73.23 -26.19 33.14
N LYS K 71 -72.96 -27.43 33.51
CA LYS K 71 -74.07 -28.35 33.78
C LYS K 71 -75.01 -27.81 34.86
N GLY K 72 -76.31 -27.78 34.55
CA GLY K 72 -77.31 -27.36 35.54
C GLY K 72 -77.57 -25.86 35.62
N ARG K 73 -76.82 -25.08 34.83
CA ARG K 73 -76.93 -23.62 34.88
C ARG K 73 -78.04 -23.12 33.95
N ASP K 74 -78.35 -21.83 34.05
CA ASP K 74 -79.34 -21.19 33.17
C ASP K 74 -78.78 -21.17 31.74
N PRO K 75 -79.51 -21.72 30.74
CA PRO K 75 -79.03 -21.66 29.34
C PRO K 75 -78.65 -20.24 28.89
N ARG K 76 -79.32 -19.22 29.43
CA ARG K 76 -78.98 -17.82 29.13
C ARG K 76 -77.56 -17.43 29.57
N ASP K 77 -77.01 -18.15 30.55
CA ASP K 77 -75.69 -17.80 31.06
C ASP K 77 -74.59 -18.39 30.23
N ALA K 78 -74.93 -19.29 29.31
CA ALA K 78 -73.91 -20.10 28.65
C ALA K 78 -72.93 -19.20 27.91
N GLN K 79 -73.44 -18.23 27.16
CA GLN K 79 -72.54 -17.42 26.32
C GLN K 79 -71.51 -16.65 27.15
N HIS K 80 -71.87 -16.29 28.38
CA HIS K 80 -70.93 -15.54 29.22
C HIS K 80 -69.80 -16.40 29.73
N PHE K 81 -70.09 -17.65 30.08
CA PHE K 81 -69.06 -18.64 30.43
C PHE K 81 -68.20 -19.03 29.23
N THR K 82 -68.89 -19.34 28.13
CA THR K 82 -68.17 -19.90 26.99
C THR K 82 -67.32 -18.86 26.33
N GLN K 83 -67.73 -17.59 26.40
CA GLN K 83 -66.87 -16.56 25.81
C GLN K 83 -65.46 -16.62 26.42
N ARG K 84 -65.37 -17.06 27.68
CA ARG K 84 -64.10 -17.16 28.37
C ARG K 84 -63.32 -18.41 28.03
N ALA K 85 -63.78 -19.17 27.02
CA ALA K 85 -62.96 -20.24 26.50
C ALA K 85 -61.68 -19.65 25.93
N CYS K 86 -61.80 -18.42 25.40
CA CYS K 86 -60.65 -17.75 24.83
C CYS K 86 -60.86 -16.27 24.64
N GLY K 87 -59.79 -15.54 24.93
CA GLY K 87 -59.77 -14.09 24.81
C GLY K 87 -59.09 -13.56 23.56
N CYS K 88 -58.51 -14.45 22.76
CA CYS K 88 -57.97 -14.03 21.47
C CYS K 88 -59.12 -14.02 20.45
N CYS K 89 -59.76 -15.17 20.25
CA CYS K 89 -61.00 -15.19 19.48
C CYS K 89 -62.11 -14.84 20.45
N THR K 90 -61.96 -13.69 21.09
CA THR K 90 -63.06 -13.18 21.90
C THR K 90 -64.30 -13.04 21.00
N TYR K 91 -65.48 -12.85 21.61
CA TYR K 91 -66.78 -12.87 20.87
C TYR K 91 -67.26 -14.22 20.29
N VAL K 92 -66.40 -14.97 19.63
CA VAL K 92 -66.91 -16.08 18.77
C VAL K 92 -67.69 -17.13 19.55
N HIS K 93 -67.30 -17.41 20.80
CA HIS K 93 -67.99 -18.37 21.61
C HIS K 93 -69.30 -17.77 22.13
N ALA K 94 -69.30 -16.47 22.40
CA ALA K 94 -70.60 -15.87 22.78
C ALA K 94 -71.59 -15.98 21.60
N LEU K 95 -71.09 -15.84 20.37
CA LEU K 95 -71.96 -15.92 19.22
C LEU K 95 -72.44 -17.36 19.04
N ALA K 96 -71.51 -18.31 19.06
CA ALA K 96 -71.90 -19.71 18.91
C ALA K 96 -72.90 -20.15 19.97
N SER K 97 -72.69 -19.75 21.24
CA SER K 97 -73.64 -20.11 22.26
C SER K 97 -74.99 -19.44 22.04
N SER K 98 -74.97 -18.19 21.60
CA SER K 98 -76.23 -17.49 21.34
C SER K 98 -76.97 -18.15 20.18
N ARG K 99 -76.24 -18.54 19.15
CA ARG K 99 -76.86 -19.26 18.00
C ARG K 99 -77.43 -20.58 18.50
N CYS K 100 -76.69 -21.21 19.41
CA CYS K 100 -77.02 -22.53 19.93
C CYS K 100 -78.33 -22.46 20.75
N VAL K 101 -78.38 -21.55 21.71
CA VAL K 101 -79.61 -21.34 22.49
C VAL K 101 -80.77 -20.88 21.61
N ASP K 102 -80.50 -19.99 20.66
CA ASP K 102 -81.53 -19.53 19.70
C ASP K 102 -82.15 -20.73 18.96
N ASP K 103 -81.27 -21.64 18.54
CA ASP K 103 -81.74 -22.88 17.94
C ASP K 103 -82.57 -23.74 18.90
N ALA K 104 -82.12 -23.90 20.15
CA ALA K 104 -82.82 -24.74 21.12
C ALA K 104 -84.22 -24.17 21.50
N VAL K 105 -84.34 -22.84 21.55
CA VAL K 105 -85.64 -22.22 21.90
C VAL K 105 -86.52 -21.92 20.68
N LYS K 106 -85.94 -22.19 19.49
CA LYS K 106 -86.55 -22.02 18.15
C LYS K 106 -86.98 -20.58 17.88
N VAL K 107 -86.05 -19.64 18.08
CA VAL K 107 -86.31 -18.23 17.82
C VAL K 107 -85.46 -17.84 16.60
N SER K 108 -86.08 -17.09 15.70
CA SER K 108 -85.40 -16.54 14.52
C SER K 108 -85.08 -15.06 14.83
N ILE K 109 -83.80 -14.72 14.88
CA ILE K 109 -83.37 -13.36 15.28
C ILE K 109 -83.75 -12.34 14.19
N PRO K 110 -84.01 -11.06 14.58
CA PRO K 110 -84.35 -10.05 13.58
C PRO K 110 -83.20 -9.80 12.61
N ALA K 111 -83.52 -9.34 11.40
CA ALA K 111 -82.49 -9.03 10.40
C ALA K 111 -81.36 -8.12 10.94
N ASN K 112 -81.70 -7.10 11.74
CA ASN K 112 -80.65 -6.23 12.29
C ASN K 112 -79.67 -6.96 13.19
N ALA K 113 -80.15 -7.98 13.91
CA ALA K 113 -79.32 -8.74 14.83
C ALA K 113 -78.39 -9.66 14.05
N ARG K 114 -78.90 -10.26 12.96
CA ARG K 114 -78.05 -11.06 12.07
C ARG K 114 -76.91 -10.18 11.51
N MET K 115 -77.27 -8.99 11.02
CA MET K 115 -76.28 -8.08 10.46
C MET K 115 -75.24 -7.64 11.49
N MET K 116 -75.74 -7.20 12.65
CA MET K 116 -74.84 -6.80 13.75
C MET K 116 -73.90 -7.91 14.21
N ARG K 117 -74.44 -9.12 14.37
CA ARG K 117 -73.62 -10.24 14.83
C ARG K 117 -72.56 -10.57 13.79
N ASN K 118 -72.93 -10.52 12.51
CA ASN K 118 -71.99 -10.86 11.45
C ASN K 118 -70.93 -9.79 11.26
N LEU K 119 -71.31 -8.53 11.43
CA LEU K 119 -70.33 -7.46 11.40
C LEU K 119 -69.29 -7.55 12.53
N VAL K 120 -69.72 -7.89 13.76
CA VAL K 120 -68.77 -8.05 14.85
C VAL K 120 -67.81 -9.20 14.55
N MET K 121 -68.34 -10.29 13.95
CA MET K 121 -67.46 -11.39 13.48
C MET K 121 -66.40 -10.90 12.47
N ALA K 122 -66.85 -10.10 11.50
CA ALA K 122 -65.96 -9.48 10.51
C ALA K 122 -64.85 -8.66 11.17
N SER K 123 -65.24 -7.80 12.11
CA SER K 123 -64.25 -7.02 12.86
C SER K 123 -63.27 -7.93 13.58
N GLN K 124 -63.79 -9.04 14.12
CA GLN K 124 -62.93 -10.00 14.82
C GLN K 124 -61.93 -10.65 13.86
N TYR K 125 -62.37 -11.04 12.66
CA TYR K 125 -61.38 -11.60 11.71
C TYR K 125 -60.25 -10.62 11.42
N LEU K 126 -60.60 -9.35 11.23
CA LEU K 126 -59.55 -8.34 10.94
C LEU K 126 -58.54 -8.18 12.07
N HIS K 127 -59.03 -8.01 13.29
CA HIS K 127 -58.14 -7.90 14.45
C HIS K 127 -57.22 -9.14 14.60
N ASP K 128 -57.88 -10.29 14.56
CA ASP K 128 -57.26 -11.54 14.90
C ASP K 128 -56.16 -11.91 13.88
N HIS K 129 -56.50 -11.84 12.59
CA HIS K 129 -55.53 -12.20 11.55
C HIS K 129 -54.33 -11.27 11.50
N LEU K 130 -54.56 -9.96 11.74
CA LEU K 130 -53.46 -9.00 11.74
C LEU K 130 -52.47 -9.26 12.88
N VAL K 131 -53.01 -9.42 14.08
CA VAL K 131 -52.20 -9.78 15.24
C VAL K 131 -51.50 -11.12 15.00
N HIS K 132 -52.21 -12.10 14.46
CA HIS K 132 -51.55 -13.41 14.24
C HIS K 132 -50.36 -13.29 13.31
N PHE K 133 -50.54 -12.66 12.15
CA PHE K 133 -49.41 -12.62 11.20
C PHE K 133 -48.20 -11.84 11.77
N TYR K 134 -48.46 -10.64 12.29
CA TYR K 134 -47.32 -9.82 12.72
C TYR K 134 -46.76 -10.25 14.06
N HIS K 135 -47.64 -10.44 15.04
CA HIS K 135 -47.13 -10.58 16.40
C HIS K 135 -46.92 -12.04 16.82
N LEU K 136 -47.58 -12.99 16.16
CA LEU K 136 -47.38 -14.38 16.54
C LEU K 136 -46.53 -15.11 15.52
N HIS K 137 -46.78 -14.91 14.23
CA HIS K 137 -46.15 -15.74 13.21
C HIS K 137 -44.86 -15.18 12.63
N ALA K 138 -44.79 -13.86 12.42
CA ALA K 138 -43.70 -13.26 11.66
C ALA K 138 -42.32 -13.59 12.18
N LEU K 139 -42.15 -13.67 13.51
CA LEU K 139 -40.79 -13.86 14.05
C LEU K 139 -40.22 -15.25 13.71
N ASP K 140 -41.05 -16.17 13.19
CA ASP K 140 -40.52 -17.42 12.59
C ASP K 140 -39.86 -17.25 11.22
N TRP K 141 -40.12 -16.13 10.56
CA TRP K 141 -39.67 -15.92 9.19
C TRP K 141 -38.78 -14.68 9.04
N VAL K 142 -38.89 -13.76 10.01
CA VAL K 142 -38.19 -12.46 10.01
C VAL K 142 -37.15 -12.42 11.12
N ASP K 143 -35.90 -12.20 10.74
CA ASP K 143 -34.81 -12.03 11.71
C ASP K 143 -34.73 -10.54 12.07
N VAL K 144 -35.29 -10.19 13.22
CA VAL K 144 -35.37 -8.79 13.64
C VAL K 144 -34.01 -8.16 13.83
N THR K 145 -33.07 -8.89 14.41
CA THR K 145 -31.69 -8.33 14.57
C THR K 145 -30.97 -8.06 13.26
N ALA K 146 -31.27 -8.85 12.24
CA ALA K 146 -30.72 -8.62 10.92
C ALA K 146 -31.22 -7.31 10.31
N ALA K 147 -32.38 -6.83 10.76
CA ALA K 147 -32.89 -5.50 10.32
C ALA K 147 -31.93 -4.34 10.61
N LEU K 148 -31.11 -4.50 11.65
CA LEU K 148 -30.04 -3.56 11.99
C LEU K 148 -28.92 -3.45 10.94
N LYS K 149 -28.80 -4.45 10.08
CA LYS K 149 -27.76 -4.50 9.04
C LYS K 149 -28.22 -3.78 7.78
N ALA K 150 -29.52 -3.54 7.67
CA ALA K 150 -30.11 -3.01 6.45
C ALA K 150 -29.65 -1.59 6.15
N ASP K 151 -29.62 -1.23 4.87
CA ASP K 151 -29.46 0.17 4.50
C ASP K 151 -30.87 0.71 4.29
N PRO K 152 -31.28 1.71 5.10
CA PRO K 152 -32.67 2.16 5.04
C PRO K 152 -33.11 2.67 3.66
N ASN K 153 -32.15 3.25 2.94
CA ASN K 153 -32.38 3.75 1.59
C ASN K 153 -32.65 2.62 0.60
N LYS K 154 -31.90 1.53 0.71
CA LYS K 154 -32.14 0.36 -0.12
C LYS K 154 -33.47 -0.29 0.25
N ALA K 155 -33.83 -0.21 1.54
CA ALA K 155 -35.10 -0.74 2.03
C ALA K 155 -36.31 0.07 1.54
N ALA K 156 -36.18 1.40 1.55
CA ALA K 156 -37.25 2.27 1.08
C ALA K 156 -37.54 2.02 -0.41
N LYS K 157 -36.48 1.81 -1.19
CA LYS K 157 -36.58 1.53 -2.63
C LYS K 157 -37.29 0.20 -2.88
N LEU K 158 -36.80 -0.86 -2.24
CA LEU K 158 -37.46 -2.17 -2.32
C LEU K 158 -38.94 -2.10 -1.95
N ALA K 159 -39.24 -1.41 -0.84
CA ALA K 159 -40.62 -1.18 -0.39
C ALA K 159 -41.50 -0.48 -1.42
N ALA K 160 -40.94 0.57 -2.03
CA ALA K 160 -41.60 1.34 -3.07
C ALA K 160 -42.01 0.46 -4.26
N SER K 161 -41.27 -0.62 -4.49
CA SER K 161 -41.53 -1.49 -5.63
C SER K 161 -42.47 -2.64 -5.30
N ILE K 162 -42.59 -2.99 -4.02
CA ILE K 162 -43.39 -4.15 -3.62
C ILE K 162 -44.70 -3.78 -2.90
N ALA K 163 -44.95 -2.49 -2.71
CA ALA K 163 -46.16 -2.03 -2.00
C ALA K 163 -46.56 -0.60 -2.36
N PRO K 164 -47.85 -0.24 -2.12
CA PRO K 164 -48.32 1.12 -2.36
C PRO K 164 -47.49 2.18 -1.63
N ALA K 165 -47.37 3.36 -2.23
CA ALA K 165 -46.61 4.45 -1.65
C ALA K 165 -47.23 4.87 -0.31
N ARG K 166 -46.38 5.01 0.72
CA ARG K 166 -46.85 5.37 2.05
C ARG K 166 -45.72 5.97 2.87
N PRO K 167 -46.05 6.93 3.77
CA PRO K 167 -44.97 7.60 4.53
C PRO K 167 -44.25 6.69 5.57
N GLY K 168 -44.95 5.71 6.14
CA GLY K 168 -44.33 4.65 6.95
C GLY K 168 -43.25 3.81 6.25
N ASN K 169 -43.22 3.85 4.92
CA ASN K 169 -42.18 3.10 4.17
C ASN K 169 -41.02 3.94 3.66
N SER K 170 -40.98 5.21 4.08
CA SER K 170 -39.92 6.10 3.66
C SER K 170 -38.59 5.73 4.31
N ALA K 171 -37.49 6.17 3.73
CA ALA K 171 -36.17 5.92 4.31
C ALA K 171 -36.04 6.52 5.70
N LYS K 172 -36.55 7.75 5.85
CA LYS K 172 -36.65 8.42 7.14
C LYS K 172 -37.38 7.56 8.21
N ALA K 173 -38.56 7.03 7.86
CA ALA K 173 -39.36 6.23 8.80
C ALA K 173 -38.68 4.89 9.13
N LEU K 174 -38.08 4.28 8.12
CA LEU K 174 -37.40 2.99 8.33
C LEU K 174 -36.10 3.15 9.14
N LYS K 175 -35.35 4.22 8.88
CA LYS K 175 -34.20 4.59 9.71
C LYS K 175 -34.60 4.80 11.18
N ALA K 176 -35.73 5.47 11.41
CA ALA K 176 -36.22 5.73 12.76
C ALA K 176 -36.51 4.43 13.50
N VAL K 177 -37.11 3.46 12.80
CA VAL K 177 -37.38 2.13 13.35
C VAL K 177 -36.05 1.44 13.66
N GLN K 178 -35.13 1.47 12.71
CA GLN K 178 -33.81 0.88 12.90
C GLN K 178 -33.07 1.48 14.12
N ASP K 179 -33.10 2.81 14.27
CA ASP K 179 -32.47 3.50 15.42
C ASP K 179 -33.09 3.14 16.78
N LYS K 180 -34.41 3.00 16.81
CA LYS K 180 -35.14 2.58 18.00
C LYS K 180 -34.73 1.15 18.38
N LEU K 181 -34.69 0.27 17.38
CA LEU K 181 -34.28 -1.11 17.55
C LEU K 181 -32.82 -1.26 18.03
N LYS K 182 -31.92 -0.47 17.45
CA LYS K 182 -30.52 -0.46 17.81
C LYS K 182 -30.33 -0.06 19.28
N ALA K 183 -31.00 1.02 19.69
CA ALA K 183 -30.95 1.50 21.07
C ALA K 183 -31.42 0.40 22.03
N PHE K 184 -32.53 -0.24 21.69
CA PHE K 184 -33.05 -1.40 22.44
C PHE K 184 -32.01 -2.54 22.55
N VAL K 185 -31.48 -3.01 21.43
CA VAL K 185 -30.50 -4.10 21.43
C VAL K 185 -29.22 -3.73 22.20
N GLU K 186 -28.73 -2.51 21.98
CA GLU K 186 -27.52 -2.05 22.65
C GLU K 186 -27.71 -1.88 24.15
N SER K 187 -28.97 -1.81 24.64
CA SER K 187 -29.21 -1.71 26.08
C SER K 187 -28.84 -3.01 26.81
N GLY K 188 -28.75 -4.11 26.07
CA GLY K 188 -28.48 -5.42 26.65
C GLY K 188 -29.70 -6.11 27.25
N GLN K 189 -30.83 -5.40 27.36
CA GLN K 189 -32.07 -6.02 27.82
C GLN K 189 -32.97 -6.29 26.62
N LEU K 190 -32.85 -7.47 26.02
CA LEU K 190 -33.59 -7.77 24.78
C LEU K 190 -35.07 -8.08 24.99
N GLY K 191 -35.47 -8.25 26.25
CA GLY K 191 -36.88 -8.49 26.57
C GLY K 191 -37.48 -9.68 25.84
N ILE K 192 -38.57 -9.45 25.09
CA ILE K 192 -39.23 -10.51 24.32
C ILE K 192 -38.35 -11.11 23.20
N PHE K 193 -37.21 -10.52 22.89
CA PHE K 193 -36.29 -11.13 21.88
C PHE K 193 -35.18 -11.97 22.47
N THR K 194 -35.15 -12.03 23.80
CA THR K 194 -34.17 -12.83 24.53
C THR K 194 -34.16 -14.27 24.03
N ASN K 195 -32.95 -14.76 23.68
CA ASN K 195 -32.74 -16.14 23.20
C ASN K 195 -33.55 -16.52 21.97
N ALA K 196 -33.92 -15.54 21.15
CA ALA K 196 -34.64 -15.80 19.91
C ALA K 196 -33.86 -16.79 19.05
N TYR K 197 -34.57 -17.63 18.32
CA TYR K 197 -33.89 -18.58 17.43
C TYR K 197 -33.07 -17.94 16.29
N PHE K 198 -33.35 -16.68 15.94
CA PHE K 198 -32.55 -15.98 14.93
C PHE K 198 -31.29 -15.25 15.40
N LEU K 199 -31.05 -15.18 16.71
CA LEU K 199 -29.87 -14.46 17.18
C LEU K 199 -28.61 -15.18 16.71
N GLY K 200 -27.67 -14.42 16.15
CA GLY K 200 -26.44 -15.01 15.59
C GLY K 200 -26.62 -15.54 14.17
N GLY K 201 -27.84 -15.43 13.64
CA GLY K 201 -28.18 -15.91 12.29
C GLY K 201 -28.65 -17.36 12.36
N HIS K 202 -29.28 -17.83 11.29
CA HIS K 202 -29.92 -19.14 11.30
C HIS K 202 -30.17 -19.51 9.85
N LYS K 203 -29.72 -20.70 9.43
CA LYS K 203 -29.85 -21.15 8.04
C LYS K 203 -31.27 -21.18 7.48
N ALA K 204 -32.25 -21.35 8.34
CA ALA K 204 -33.65 -21.42 7.91
C ALA K 204 -34.30 -20.04 7.73
N TYR K 205 -33.62 -18.98 8.12
CA TYR K 205 -34.10 -17.60 7.94
C TYR K 205 -33.47 -17.06 6.66
N TYR K 206 -34.32 -16.71 5.70
CA TYR K 206 -33.82 -16.46 4.35
C TYR K 206 -33.84 -15.00 3.90
N LEU K 207 -34.61 -14.16 4.60
CA LEU K 207 -34.83 -12.79 4.13
C LEU K 207 -33.59 -11.91 4.10
N PRO K 208 -33.46 -11.08 3.05
CA PRO K 208 -32.48 -9.99 3.08
C PRO K 208 -32.79 -9.04 4.25
N PRO K 209 -31.75 -8.44 4.85
CA PRO K 209 -31.97 -7.52 5.98
C PRO K 209 -32.98 -6.39 5.64
N GLU K 210 -33.02 -5.94 4.38
CA GLU K 210 -33.97 -4.90 3.93
C GLU K 210 -35.44 -5.33 4.12
N VAL K 211 -35.73 -6.60 3.86
CA VAL K 211 -37.09 -7.12 4.05
C VAL K 211 -37.37 -7.28 5.54
N ASP K 212 -36.35 -7.74 6.28
CA ASP K 212 -36.47 -7.79 7.74
C ASP K 212 -36.83 -6.42 8.34
N LEU K 213 -36.20 -5.36 7.83
CA LEU K 213 -36.48 -4.02 8.36
C LEU K 213 -37.91 -3.57 8.03
N ILE K 214 -38.32 -3.74 6.78
CA ILE K 214 -39.70 -3.43 6.37
C ILE K 214 -40.70 -4.17 7.26
N ALA K 215 -40.51 -5.49 7.39
CA ALA K 215 -41.42 -6.29 8.21
C ALA K 215 -41.46 -5.81 9.67
N THR K 216 -40.29 -5.50 10.23
CA THR K 216 -40.18 -5.05 11.64
C THR K 216 -40.89 -3.69 11.84
N ALA K 217 -40.71 -2.79 10.87
CA ALA K 217 -41.37 -1.49 10.89
C ALA K 217 -42.87 -1.73 10.94
N HIS K 218 -43.36 -2.67 10.16
CA HIS K 218 -44.81 -2.95 10.14
C HIS K 218 -45.35 -3.69 11.38
N TYR K 219 -44.49 -4.50 12.00
CA TYR K 219 -44.80 -5.19 13.25
C TYR K 219 -45.16 -4.15 14.27
N LEU K 220 -44.32 -3.12 14.36
CA LEU K 220 -44.56 -2.04 15.31
C LEU K 220 -45.81 -1.24 14.97
N GLU K 221 -46.02 -0.95 13.68
CA GLU K 221 -47.21 -0.24 13.24
C GLU K 221 -48.49 -1.03 13.55
N ALA K 222 -48.41 -2.35 13.35
CA ALA K 222 -49.52 -3.26 13.60
C ALA K 222 -49.94 -3.28 15.10
N LEU K 223 -48.98 -3.02 15.99
CA LEU K 223 -49.28 -2.94 17.41
C LEU K 223 -50.27 -1.80 17.66
N HIS K 224 -50.10 -0.70 16.93
CA HIS K 224 -51.00 0.43 17.01
C HIS K 224 -52.31 0.15 16.28
N MET K 225 -52.19 -0.48 15.11
CA MET K 225 -53.38 -0.69 14.27
C MET K 225 -54.36 -1.67 14.92
N GLN K 226 -53.83 -2.67 15.63
CA GLN K 226 -54.77 -3.61 16.28
C GLN K 226 -55.63 -2.90 17.35
N VAL K 227 -55.11 -1.82 17.95
CA VAL K 227 -55.93 -1.02 18.86
C VAL K 227 -57.17 -0.49 18.13
N LYS K 228 -56.96 0.06 16.94
CA LYS K 228 -58.03 0.61 16.10
C LYS K 228 -59.02 -0.48 15.67
N ALA K 229 -58.51 -1.65 15.31
CA ALA K 229 -59.37 -2.78 14.96
C ALA K 229 -60.32 -3.18 16.12
N ALA K 230 -59.76 -3.20 17.34
CA ALA K 230 -60.51 -3.52 18.56
C ALA K 230 -61.53 -2.43 18.91
N SER K 231 -61.12 -1.15 18.82
CA SER K 231 -62.09 -0.04 18.95
C SER K 231 -63.28 -0.17 17.96
N ALA K 232 -63.02 -0.49 16.70
CA ALA K 232 -64.12 -0.64 15.73
C ALA K 232 -65.07 -1.72 16.25
N MET K 233 -64.51 -2.88 16.62
CA MET K 233 -65.26 -4.00 17.19
C MET K 233 -66.12 -3.62 18.41
N ALA K 234 -65.55 -2.81 19.29
CA ALA K 234 -66.24 -2.35 20.50
C ALA K 234 -67.41 -1.38 20.28
N ILE K 235 -67.39 -0.64 19.17
CA ILE K 235 -68.52 0.23 18.86
C ILE K 235 -69.80 -0.61 18.81
N LEU K 236 -69.71 -1.79 18.21
CA LEU K 236 -70.86 -2.70 18.11
C LEU K 236 -70.90 -3.64 19.31
N GLY K 237 -69.74 -4.06 19.78
CA GLY K 237 -69.67 -5.13 20.77
C GLY K 237 -69.68 -4.75 22.25
N GLY K 238 -69.59 -3.46 22.55
CA GLY K 238 -69.63 -3.00 23.94
C GLY K 238 -68.23 -2.82 24.53
N LYS K 239 -67.36 -3.77 24.26
CA LYS K 239 -65.95 -3.71 24.69
C LYS K 239 -65.18 -4.84 24.01
N ASN K 240 -63.85 -4.71 24.00
CA ASN K 240 -63.01 -5.79 23.55
C ASN K 240 -61.72 -5.73 24.41
N PRO K 241 -61.28 -6.85 25.00
CA PRO K 241 -61.87 -8.20 24.82
C PRO K 241 -63.20 -8.44 25.55
N HIS K 242 -63.82 -9.54 25.14
CA HIS K 242 -65.07 -10.07 25.71
C HIS K 242 -66.25 -9.14 25.53
N THR K 243 -66.87 -9.23 24.35
CA THR K 243 -68.00 -8.37 24.02
C THR K 243 -69.19 -8.66 24.92
N GLN K 244 -70.18 -7.78 24.89
CA GLN K 244 -71.31 -7.86 25.80
C GLN K 244 -72.49 -7.14 25.18
N PHE K 245 -72.98 -7.68 24.05
CA PHE K 245 -74.09 -7.05 23.30
C PHE K 245 -75.06 -8.07 22.71
N THR K 246 -74.76 -9.36 22.90
CA THR K 246 -75.61 -10.47 22.39
C THR K 246 -76.57 -10.97 23.46
N VAL K 247 -77.79 -11.31 23.07
CA VAL K 247 -78.75 -11.88 24.01
C VAL K 247 -79.54 -12.98 23.25
N VAL K 248 -80.23 -13.87 23.97
CA VAL K 248 -81.07 -14.83 23.27
C VAL K 248 -82.07 -14.04 22.43
N GLY K 249 -82.16 -14.37 21.15
CA GLY K 249 -83.13 -13.73 20.28
C GLY K 249 -82.63 -12.49 19.57
N GLY K 250 -81.37 -12.13 19.83
CA GLY K 250 -80.72 -11.07 19.06
C GLY K 250 -79.57 -10.32 19.71
N CYS K 251 -79.71 -8.99 19.75
CA CYS K 251 -78.70 -8.13 20.33
C CYS K 251 -79.35 -7.08 21.18
N SER K 252 -78.55 -6.50 22.06
CA SER K 252 -79.03 -5.46 22.98
C SER K 252 -78.68 -4.02 22.53
N ASN K 253 -77.75 -3.91 21.58
CA ASN K 253 -77.09 -2.64 21.26
C ASN K 253 -77.81 -1.77 20.23
N TYR K 254 -78.89 -1.12 20.67
CA TYR K 254 -79.64 -0.20 19.83
C TYR K 254 -78.82 0.96 19.28
N GLN K 255 -77.87 1.45 20.08
CA GLN K 255 -77.01 2.54 19.64
C GLN K 255 -76.17 2.14 18.42
N GLY K 256 -75.85 0.85 18.35
CA GLY K 256 -75.12 0.25 17.21
C GLY K 256 -75.80 0.37 15.85
N LEU K 257 -77.08 0.72 15.84
CA LEU K 257 -77.85 0.88 14.61
C LEU K 257 -77.92 2.34 14.14
N THR K 258 -77.39 3.26 14.94
CA THR K 258 -77.51 4.69 14.70
C THR K 258 -76.35 5.25 13.88
N LYS K 259 -76.56 6.45 13.34
CA LYS K 259 -75.73 7.01 12.28
C LYS K 259 -74.30 7.33 12.69
N ASP K 260 -74.12 8.05 13.78
CA ASP K 260 -72.77 8.42 14.19
C ASP K 260 -71.85 7.25 14.59
N PRO K 261 -72.31 6.33 15.48
CA PRO K 261 -71.52 5.12 15.77
C PRO K 261 -71.11 4.38 14.52
N LEU K 262 -72.04 4.23 13.57
CA LEU K 262 -71.74 3.49 12.36
C LEU K 262 -70.75 4.23 11.46
N ALA K 263 -70.80 5.57 11.50
CA ALA K 263 -69.86 6.40 10.75
C ALA K 263 -68.45 6.19 11.30
N ASN K 264 -68.34 6.16 12.63
CA ASN K 264 -67.05 5.91 13.28
C ASN K 264 -66.53 4.50 13.04
N TYR K 265 -67.46 3.55 13.01
CA TYR K 265 -67.15 2.14 12.74
C TYR K 265 -66.60 1.96 11.33
N LEU K 266 -67.27 2.59 10.36
CA LEU K 266 -66.79 2.59 8.99
C LEU K 266 -65.41 3.22 8.89
N ALA K 267 -65.23 4.39 9.49
CA ALA K 267 -63.94 5.11 9.43
C ALA K 267 -62.77 4.30 10.02
N LEU K 268 -62.95 3.71 11.20
CA LEU K 268 -61.92 2.86 11.79
C LEU K 268 -61.67 1.62 10.92
N SER K 269 -62.74 1.01 10.43
CA SER K 269 -62.61 -0.19 9.59
C SER K 269 -61.81 0.10 8.34
N LYS K 270 -62.04 1.27 7.76
CA LYS K 270 -61.33 1.68 6.54
C LYS K 270 -59.85 1.89 6.83
N GLU K 271 -59.55 2.44 8.00
CA GLU K 271 -58.17 2.59 8.39
C GLU K 271 -57.43 1.24 8.52
N VAL K 272 -58.08 0.29 9.17
CA VAL K 272 -57.58 -1.09 9.34
C VAL K 272 -57.40 -1.74 7.97
N CYS K 273 -58.43 -1.62 7.12
CA CYS K 273 -58.35 -2.19 5.78
C CYS K 273 -57.21 -1.61 4.93
N GLN K 274 -56.96 -0.31 5.05
CA GLN K 274 -55.87 0.31 4.31
C GLN K 274 -54.54 -0.35 4.73
N PHE K 275 -54.39 -0.59 6.05
CA PHE K 275 -53.21 -1.28 6.57
C PHE K 275 -53.12 -2.73 6.10
N VAL K 276 -54.25 -3.43 6.09
CA VAL K 276 -54.30 -4.77 5.48
C VAL K 276 -53.77 -4.74 4.04
N ASN K 277 -54.27 -3.78 3.26
CA ASN K 277 -53.94 -3.74 1.82
C ASN K 277 -52.55 -3.18 1.52
N GLU K 278 -52.08 -2.26 2.36
CA GLU K 278 -50.77 -1.61 2.17
C GLU K 278 -49.60 -2.37 2.76
N CYS K 279 -49.83 -3.02 3.91
CA CYS K 279 -48.79 -3.67 4.70
C CYS K 279 -48.92 -5.19 4.80
N TYR K 280 -50.05 -5.70 5.30
CA TYR K 280 -50.22 -7.15 5.51
C TYR K 280 -50.05 -7.95 4.19
N ILE K 281 -50.90 -7.69 3.22
CA ILE K 281 -50.82 -8.46 1.95
C ILE K 281 -49.43 -8.33 1.27
N PRO K 282 -48.94 -7.09 1.09
CA PRO K 282 -47.61 -7.01 0.48
C PRO K 282 -46.48 -7.69 1.27
N ASP K 283 -46.51 -7.64 2.61
CA ASP K 283 -45.50 -8.33 3.42
C ASP K 283 -45.66 -9.82 3.29
N LEU K 284 -46.90 -10.28 3.35
CA LEU K 284 -47.19 -11.69 3.21
C LEU K 284 -46.64 -12.23 1.88
N LEU K 285 -46.89 -11.51 0.78
CA LEU K 285 -46.41 -11.93 -0.54
C LEU K 285 -44.88 -11.91 -0.64
N ALA K 286 -44.27 -10.89 -0.05
CA ALA K 286 -42.81 -10.75 -0.08
C ALA K 286 -42.13 -11.91 0.67
N VAL K 287 -42.64 -12.20 1.87
CA VAL K 287 -42.19 -13.36 2.67
C VAL K 287 -42.41 -14.67 1.91
N ALA K 288 -43.63 -14.89 1.45
CA ALA K 288 -43.95 -16.08 0.64
C ALA K 288 -43.01 -16.26 -0.56
N GLY K 289 -42.61 -15.15 -1.18
CA GLY K 289 -41.74 -15.24 -2.35
C GLY K 289 -40.33 -15.76 -2.05
N PHE K 290 -39.84 -15.47 -0.84
CA PHE K 290 -38.51 -15.94 -0.42
C PHE K 290 -38.55 -17.37 0.12
N TYR K 291 -39.73 -17.78 0.57
CA TYR K 291 -39.88 -19.10 1.20
C TYR K 291 -40.72 -20.05 0.35
N LYS K 292 -40.53 -20.02 -0.95
CA LYS K 292 -41.40 -20.85 -1.82
C LYS K 292 -41.24 -22.34 -1.56
N ASP K 293 -40.07 -22.75 -1.05
CA ASP K 293 -39.88 -24.15 -0.64
C ASP K 293 -40.93 -24.63 0.40
N TRP K 294 -41.44 -23.70 1.21
CA TRP K 294 -42.50 -23.99 2.18
C TRP K 294 -43.87 -24.27 1.56
N GLY K 295 -43.98 -24.09 0.25
CA GLY K 295 -45.13 -24.57 -0.50
C GLY K 295 -45.16 -26.09 -0.69
N GLY K 296 -44.07 -26.77 -0.31
CA GLY K 296 -43.98 -28.22 -0.34
C GLY K 296 -43.82 -28.90 1.01
N ILE K 297 -44.05 -28.16 2.09
CA ILE K 297 -43.89 -28.65 3.47
C ILE K 297 -45.20 -28.37 4.24
N GLY K 298 -45.73 -29.36 4.98
CA GLY K 298 -46.78 -29.05 5.94
C GLY K 298 -48.20 -29.19 5.43
N GLY K 299 -48.36 -29.92 4.35
CA GLY K 299 -49.70 -30.13 3.77
C GLY K 299 -50.53 -31.17 4.48
N THR K 300 -51.86 -31.00 4.42
CA THR K 300 -52.80 -32.04 4.85
C THR K 300 -53.77 -32.28 3.67
N SER K 301 -54.87 -33.03 3.88
CA SER K 301 -55.70 -33.49 2.75
C SER K 301 -57.21 -33.24 2.88
N ASN K 302 -57.71 -33.03 4.08
CA ASN K 302 -59.16 -32.90 4.27
C ASN K 302 -59.50 -31.58 4.92
N TYR K 303 -60.59 -30.93 4.46
CA TYR K 303 -60.93 -29.58 4.87
C TYR K 303 -62.40 -29.51 5.21
N LEU K 304 -62.71 -28.81 6.29
CA LEU K 304 -64.14 -28.60 6.70
C LEU K 304 -64.40 -27.16 7.04
N ALA K 305 -65.60 -26.69 6.72
CA ALA K 305 -66.04 -25.40 7.20
C ALA K 305 -67.56 -25.41 7.38
N PHE K 306 -68.02 -24.64 8.35
CA PHE K 306 -69.46 -24.45 8.59
C PHE K 306 -69.97 -23.20 7.88
N GLY K 307 -69.03 -22.42 7.34
CA GLY K 307 -69.36 -21.19 6.68
C GLY K 307 -69.56 -20.04 7.63
N GLU K 308 -69.46 -18.81 7.11
CA GLU K 308 -69.74 -17.64 7.96
C GLU K 308 -70.29 -16.53 7.08
N PHE K 309 -70.91 -15.52 7.71
CA PHE K 309 -71.46 -14.37 6.99
C PHE K 309 -72.66 -14.78 6.15
N ALA K 310 -73.60 -15.45 6.81
CA ALA K 310 -74.82 -15.95 6.16
C ALA K 310 -75.83 -14.85 5.96
N THR K 311 -76.60 -14.94 4.88
CA THR K 311 -77.70 -14.00 4.64
C THR K 311 -78.98 -14.48 5.33
N ASP K 312 -78.99 -15.74 5.78
CA ASP K 312 -80.13 -16.33 6.48
C ASP K 312 -79.61 -17.15 7.67
N ASP K 313 -79.78 -16.62 8.88
CA ASP K 313 -79.34 -17.27 10.10
C ASP K 313 -80.53 -17.75 10.97
N SER K 314 -81.65 -18.08 10.32
CA SER K 314 -82.83 -18.51 11.08
C SER K 314 -82.74 -19.94 11.64
N SER K 315 -81.77 -20.71 11.15
CA SER K 315 -81.57 -22.11 11.58
C SER K 315 -80.14 -22.47 11.19
N PRO K 316 -79.60 -23.54 11.78
CA PRO K 316 -78.26 -24.00 11.39
C PRO K 316 -78.25 -24.50 9.93
N GLU K 317 -79.37 -25.09 9.48
CA GLU K 317 -79.51 -25.48 8.06
C GLU K 317 -79.31 -24.25 7.13
N LYS K 318 -80.04 -23.18 7.44
CA LYS K 318 -79.95 -21.94 6.66
C LYS K 318 -78.54 -21.32 6.74
N HIS K 319 -77.89 -21.45 7.89
CA HIS K 319 -76.53 -20.92 8.03
C HIS K 319 -75.58 -21.66 7.07
N LEU K 320 -75.65 -22.98 7.11
CA LEU K 320 -74.80 -23.80 6.24
C LEU K 320 -75.05 -23.47 4.77
N ALA K 321 -76.31 -23.22 4.42
CA ALA K 321 -76.68 -23.05 3.02
C ALA K 321 -76.42 -21.64 2.46
N THR K 322 -76.45 -20.64 3.32
CA THR K 322 -76.44 -19.24 2.85
C THR K 322 -75.23 -18.40 3.31
N SER K 323 -74.30 -19.04 4.02
CA SER K 323 -72.98 -18.43 4.36
C SER K 323 -72.24 -17.91 3.13
N GLN K 324 -71.83 -16.64 3.15
CA GLN K 324 -71.20 -16.04 1.97
C GLN K 324 -69.74 -16.53 1.84
N PHE K 325 -69.13 -16.90 2.97
CA PHE K 325 -67.91 -17.72 2.96
C PHE K 325 -68.49 -19.14 3.14
N PRO K 326 -68.61 -19.91 2.05
CA PRO K 326 -69.49 -21.11 2.07
C PRO K 326 -69.02 -22.25 2.97
N SER K 327 -69.97 -23.07 3.40
CA SER K 327 -69.67 -24.32 4.10
C SER K 327 -69.28 -25.42 3.13
N GLY K 328 -68.68 -26.48 3.67
CA GLY K 328 -68.50 -27.70 2.88
C GLY K 328 -67.44 -28.61 3.45
N VAL K 329 -67.17 -29.70 2.74
CA VAL K 329 -66.19 -30.70 3.16
C VAL K 329 -65.44 -31.17 1.92
N ILE K 330 -64.11 -31.16 2.02
CA ILE K 330 -63.25 -31.60 0.94
C ILE K 330 -62.42 -32.73 1.53
N THR K 331 -62.32 -33.82 0.77
CA THR K 331 -61.58 -35.00 1.18
C THR K 331 -60.53 -35.33 0.14
N GLY K 332 -59.34 -35.71 0.61
CA GLY K 332 -58.26 -36.17 -0.26
C GLY K 332 -57.81 -35.16 -1.30
N ARG K 333 -57.85 -33.88 -0.92
CA ARG K 333 -57.46 -32.76 -1.78
C ARG K 333 -58.29 -32.65 -3.09
N ASP K 334 -59.46 -33.26 -3.13
CA ASP K 334 -60.24 -33.31 -4.37
C ASP K 334 -61.15 -32.09 -4.46
N LEU K 335 -60.67 -31.05 -5.13
CA LEU K 335 -61.47 -29.82 -5.26
C LEU K 335 -62.65 -29.97 -6.21
N GLY K 336 -62.74 -31.11 -6.89
CA GLY K 336 -63.86 -31.37 -7.80
C GLY K 336 -65.11 -31.87 -7.10
N LYS K 337 -65.06 -32.06 -5.79
CA LYS K 337 -66.15 -32.68 -5.03
C LYS K 337 -66.28 -32.07 -3.63
N VAL K 338 -67.03 -30.97 -3.51
CA VAL K 338 -67.27 -30.35 -2.22
C VAL K 338 -68.58 -30.92 -1.72
N ASP K 339 -68.53 -31.62 -0.58
CA ASP K 339 -69.76 -32.24 -0.06
C ASP K 339 -70.41 -31.28 0.91
N ASN K 340 -71.73 -31.42 1.08
CA ASN K 340 -72.42 -30.72 2.16
C ASN K 340 -71.99 -31.24 3.52
N VAL K 341 -72.01 -30.37 4.52
CA VAL K 341 -71.71 -30.79 5.89
C VAL K 341 -72.86 -31.61 6.46
N ASP K 342 -72.52 -32.79 7.00
CA ASP K 342 -73.49 -33.65 7.64
C ASP K 342 -73.22 -33.53 9.14
N LEU K 343 -74.12 -32.83 9.86
CA LEU K 343 -73.90 -32.53 11.29
C LEU K 343 -74.00 -33.81 12.15
N GLY K 344 -74.69 -34.83 11.62
CA GLY K 344 -74.77 -36.14 12.29
C GLY K 344 -73.49 -36.95 12.21
N ALA K 345 -72.52 -36.49 11.42
CA ALA K 345 -71.33 -37.30 11.16
C ALA K 345 -70.12 -36.87 11.96
N ILE K 346 -70.31 -35.85 12.77
CA ILE K 346 -69.28 -35.32 13.63
C ILE K 346 -69.28 -36.15 14.92
N TYR K 347 -68.11 -36.58 15.35
CA TYR K 347 -68.00 -37.12 16.71
C TYR K 347 -66.64 -36.81 17.30
N GLU K 348 -66.46 -37.05 18.60
CA GLU K 348 -65.14 -36.88 19.22
C GLU K 348 -64.68 -38.16 19.88
N ASP K 349 -63.39 -38.47 19.69
CA ASP K 349 -62.76 -39.60 20.34
C ASP K 349 -61.96 -39.09 21.55
N VAL K 350 -61.75 -39.98 22.52
CA VAL K 350 -60.87 -39.67 23.66
C VAL K 350 -59.75 -40.71 23.86
N LYS K 351 -59.63 -41.67 22.94
CA LYS K 351 -58.66 -42.77 23.09
C LYS K 351 -57.22 -42.39 23.47
N TYR K 352 -56.72 -41.32 22.86
CA TYR K 352 -55.37 -40.82 23.12
C TYR K 352 -55.41 -39.55 23.94
N SER K 353 -56.55 -39.27 24.57
CA SER K 353 -56.69 -38.06 25.37
C SER K 353 -56.75 -38.35 26.87
N TRP K 354 -56.66 -37.32 27.69
CA TRP K 354 -56.75 -37.51 29.15
C TRP K 354 -58.22 -37.49 29.63
N TYR K 355 -59.00 -38.48 29.16
CA TYR K 355 -60.38 -38.67 29.59
C TYR K 355 -60.58 -40.12 29.91
N ALA K 356 -61.66 -40.42 30.63
CA ALA K 356 -61.96 -41.80 31.01
C ALA K 356 -62.14 -42.66 29.76
N PRO K 357 -61.53 -43.86 29.75
CA PRO K 357 -61.88 -44.84 28.70
C PRO K 357 -63.39 -45.05 28.58
N GLY K 358 -63.88 -45.31 27.38
CA GLY K 358 -65.32 -45.52 27.17
C GLY K 358 -65.99 -44.32 26.53
N GLY K 359 -65.21 -43.27 26.29
CA GLY K 359 -65.77 -42.04 25.75
C GLY K 359 -65.61 -41.85 24.25
N ASP K 360 -65.18 -42.89 23.53
CA ASP K 360 -64.96 -42.71 22.08
C ASP K 360 -66.26 -42.62 21.28
N GLY K 361 -66.19 -41.98 20.12
CA GLY K 361 -67.27 -42.02 19.12
C GLY K 361 -68.51 -41.21 19.50
N LYS K 362 -68.35 -40.20 20.35
CA LYS K 362 -69.54 -39.46 20.83
C LYS K 362 -69.89 -38.29 19.94
N HIS K 363 -71.08 -38.32 19.35
CA HIS K 363 -71.67 -37.13 18.74
C HIS K 363 -71.82 -36.09 19.86
N PRO K 364 -71.62 -34.80 19.56
CA PRO K 364 -71.54 -33.84 20.67
C PRO K 364 -72.86 -33.65 21.45
N TYR K 365 -74.01 -33.98 20.87
CA TYR K 365 -75.24 -33.99 21.69
C TYR K 365 -75.18 -35.06 22.81
N ASP K 366 -74.31 -36.06 22.63
CA ASP K 366 -74.12 -37.17 23.59
C ASP K 366 -72.72 -37.08 24.22
N GLY K 367 -72.12 -35.90 24.14
CA GLY K 367 -70.73 -35.72 24.57
C GLY K 367 -70.54 -35.91 26.07
N VAL K 368 -69.34 -36.36 26.45
CA VAL K 368 -68.99 -36.67 27.83
C VAL K 368 -67.62 -36.05 28.06
N THR K 369 -67.48 -35.42 29.23
CA THR K 369 -66.23 -34.78 29.58
C THR K 369 -65.86 -35.27 30.98
N ASP K 370 -65.08 -36.35 31.01
CA ASP K 370 -64.72 -37.06 32.22
C ASP K 370 -63.19 -37.09 32.31
N PRO K 371 -62.59 -36.02 32.87
CA PRO K 371 -61.12 -35.93 32.86
C PRO K 371 -60.41 -37.00 33.67
N LYS K 372 -59.30 -37.49 33.13
CA LYS K 372 -58.52 -38.51 33.75
C LYS K 372 -57.07 -38.39 33.29
N TYR K 373 -56.22 -37.80 34.12
CA TYR K 373 -54.80 -37.61 33.77
C TYR K 373 -54.00 -38.90 34.01
N THR K 374 -52.93 -39.06 33.25
CA THR K 374 -51.99 -40.17 33.46
C THR K 374 -50.62 -39.58 33.80
N LYS K 375 -49.80 -39.32 32.80
CA LYS K 375 -48.47 -38.73 33.06
C LYS K 375 -47.98 -38.06 31.78
N LEU K 376 -47.08 -37.09 31.95
CA LEU K 376 -46.50 -36.38 30.84
C LEU K 376 -45.93 -37.39 29.83
N ASP K 377 -46.23 -37.13 28.55
CA ASP K 377 -45.63 -37.87 27.42
C ASP K 377 -46.00 -39.35 27.37
N ASP K 378 -47.12 -39.69 28.01
CA ASP K 378 -47.66 -41.04 27.94
C ASP K 378 -48.19 -41.14 26.51
N LYS K 379 -47.60 -42.01 25.69
CA LYS K 379 -48.02 -41.99 24.28
C LYS K 379 -49.39 -42.62 24.03
N ASP K 380 -49.94 -43.28 25.06
CA ASP K 380 -51.32 -43.75 24.99
C ASP K 380 -52.37 -42.70 25.37
N HIS K 381 -51.97 -41.70 26.14
CA HIS K 381 -52.87 -40.58 26.52
C HIS K 381 -52.01 -39.34 26.70
N TYR K 382 -52.06 -38.43 25.73
CA TYR K 382 -51.07 -37.34 25.71
C TYR K 382 -51.64 -35.95 25.52
N SER K 383 -52.95 -35.78 25.64
CA SER K 383 -53.49 -34.45 25.42
C SER K 383 -54.79 -34.23 26.17
N TRP K 384 -55.01 -33.00 26.64
CA TRP K 384 -56.34 -32.57 27.15
C TRP K 384 -57.37 -32.24 26.07
N MET K 385 -56.96 -32.19 24.80
CA MET K 385 -57.95 -32.06 23.74
C MET K 385 -58.55 -33.43 23.39
N LYS K 386 -59.86 -33.44 23.13
CA LYS K 386 -60.52 -34.52 22.41
C LYS K 386 -60.05 -34.51 20.92
N ALA K 387 -60.41 -35.57 20.20
CA ALA K 387 -60.01 -35.78 18.80
C ALA K 387 -61.30 -35.81 17.96
N PRO K 388 -61.71 -34.63 17.44
CA PRO K 388 -62.94 -34.59 16.62
C PRO K 388 -62.65 -35.26 15.29
N ARG K 389 -63.59 -36.04 14.82
CA ARG K 389 -63.43 -36.74 13.54
C ARG K 389 -64.72 -36.64 12.77
N TYR K 390 -64.63 -36.77 11.46
CA TYR K 390 -65.79 -36.62 10.58
C TYR K 390 -65.83 -37.90 9.74
N LYS K 391 -66.77 -38.81 10.02
CA LYS K 391 -66.84 -40.12 9.37
C LYS K 391 -65.49 -40.80 9.43
N GLY K 392 -64.80 -40.63 10.55
CA GLY K 392 -63.53 -41.29 10.73
C GLY K 392 -62.31 -40.53 10.25
N LYS K 393 -62.48 -39.39 9.61
CA LYS K 393 -61.37 -38.62 9.09
C LYS K 393 -61.08 -37.37 9.93
N ALA K 394 -59.80 -37.08 10.09
CA ALA K 394 -59.31 -35.81 10.68
C ALA K 394 -59.57 -34.73 9.64
N MET K 395 -59.96 -33.53 10.08
CA MET K 395 -60.31 -32.45 9.19
C MET K 395 -59.53 -31.22 9.62
N GLU K 396 -58.82 -30.61 8.67
CA GLU K 396 -58.25 -29.25 8.88
C GLU K 396 -59.38 -28.20 8.75
N VAL K 397 -59.42 -27.23 9.66
CA VAL K 397 -60.39 -26.16 9.60
C VAL K 397 -59.63 -24.84 9.64
N GLY K 398 -60.34 -23.77 9.33
CA GLY K 398 -59.65 -22.45 9.34
C GLY K 398 -59.55 -21.80 7.98
N PRO K 399 -58.70 -20.74 7.87
CA PRO K 399 -58.62 -19.99 6.60
C PRO K 399 -58.30 -20.81 5.38
N LEU K 400 -57.35 -21.74 5.48
CA LEU K 400 -57.05 -22.60 4.31
C LEU K 400 -58.24 -23.49 3.87
N ALA K 401 -58.93 -24.10 4.83
CA ALA K 401 -60.16 -24.86 4.56
C ALA K 401 -61.21 -23.98 3.89
N ARG K 402 -61.48 -22.80 4.45
CA ARG K 402 -62.50 -21.90 3.88
C ARG K 402 -62.13 -21.49 2.46
N THR K 403 -60.82 -21.28 2.26
CA THR K 403 -60.29 -20.83 0.97
C THR K 403 -60.45 -21.91 -0.08
N PHE K 404 -60.06 -23.15 0.25
CA PHE K 404 -60.22 -24.25 -0.72
C PHE K 404 -61.69 -24.50 -1.05
N ILE K 405 -62.54 -24.51 -0.01
CA ILE K 405 -64.00 -24.72 -0.21
C ILE K 405 -64.59 -23.63 -1.10
N ALA K 406 -64.28 -22.37 -0.77
CA ALA K 406 -64.78 -21.23 -1.52
C ALA K 406 -64.28 -21.22 -2.98
N TYR K 407 -62.98 -21.45 -3.17
CA TYR K 407 -62.36 -21.55 -4.51
C TYR K 407 -62.98 -22.66 -5.34
N ALA K 408 -63.16 -23.83 -4.73
CA ALA K 408 -63.73 -24.99 -5.42
C ALA K 408 -65.15 -24.71 -5.86
N LYS K 409 -65.89 -23.93 -5.05
CA LYS K 409 -67.26 -23.60 -5.39
C LYS K 409 -67.40 -22.34 -6.27
N GLY K 410 -66.27 -21.76 -6.68
CA GLY K 410 -66.31 -20.57 -7.55
C GLY K 410 -66.80 -19.29 -6.89
N GLN K 411 -66.63 -19.17 -5.57
CA GLN K 411 -66.98 -17.93 -4.87
C GLN K 411 -66.11 -16.82 -5.51
N PRO K 412 -66.74 -15.77 -6.07
CA PRO K 412 -65.99 -14.85 -6.94
C PRO K 412 -64.87 -14.06 -6.25
N ASP K 413 -65.06 -13.67 -4.98
CA ASP K 413 -63.99 -12.96 -4.26
C ASP K 413 -62.79 -13.86 -4.02
N PHE K 414 -63.05 -15.11 -3.58
CA PHE K 414 -61.97 -16.07 -3.37
C PHE K 414 -61.30 -16.45 -4.67
N LYS K 415 -62.09 -16.65 -5.72
CA LYS K 415 -61.45 -16.89 -7.01
C LYS K 415 -60.52 -15.72 -7.39
N LYS K 416 -61.02 -14.49 -7.25
CA LYS K 416 -60.22 -13.29 -7.57
C LYS K 416 -58.90 -13.26 -6.80
N VAL K 417 -59.01 -13.31 -5.47
CA VAL K 417 -57.87 -13.08 -4.60
C VAL K 417 -56.87 -14.23 -4.66
N VAL K 418 -57.37 -15.47 -4.69
CA VAL K 418 -56.49 -16.64 -4.81
C VAL K 418 -55.66 -16.57 -6.09
N ASP K 419 -56.33 -16.28 -7.22
CA ASP K 419 -55.61 -16.21 -8.48
C ASP K 419 -54.58 -15.08 -8.49
N MET K 420 -54.90 -13.98 -7.81
CA MET K 420 -53.91 -12.90 -7.67
C MET K 420 -52.67 -13.42 -6.99
N VAL K 421 -52.86 -14.12 -5.86
CA VAL K 421 -51.74 -14.64 -5.09
C VAL K 421 -50.94 -15.68 -5.88
N LEU K 422 -51.63 -16.63 -6.50
CA LEU K 422 -50.97 -17.65 -7.30
C LEU K 422 -50.15 -17.04 -8.44
N GLY K 423 -50.72 -16.04 -9.12
CA GLY K 423 -50.03 -15.33 -10.19
C GLY K 423 -48.83 -14.54 -9.66
N LYS K 424 -48.98 -13.89 -8.50
CA LYS K 424 -47.89 -13.06 -7.97
C LYS K 424 -46.73 -13.95 -7.56
N LEU K 425 -47.02 -15.11 -6.95
CA LEU K 425 -45.99 -16.11 -6.62
C LEU K 425 -45.54 -17.05 -7.74
N SER K 426 -46.31 -17.18 -8.83
CA SER K 426 -46.00 -18.17 -9.89
C SER K 426 -45.94 -19.59 -9.33
N VAL K 427 -46.97 -20.01 -8.60
CA VAL K 427 -47.07 -21.39 -8.12
C VAL K 427 -48.48 -21.90 -8.45
N PRO K 428 -48.63 -23.22 -8.72
CA PRO K 428 -49.98 -23.76 -8.95
C PRO K 428 -50.82 -23.81 -7.69
N ALA K 429 -52.14 -23.96 -7.82
CA ALA K 429 -53.02 -24.01 -6.64
C ALA K 429 -52.67 -25.18 -5.71
N THR K 430 -52.10 -26.25 -6.25
CA THR K 430 -51.71 -27.41 -5.44
C THR K 430 -50.65 -27.05 -4.39
N ALA K 431 -49.89 -25.97 -4.64
CA ALA K 431 -48.89 -25.48 -3.69
C ALA K 431 -49.52 -24.90 -2.44
N LEU K 432 -50.83 -24.65 -2.49
CA LEU K 432 -51.51 -24.12 -1.33
C LEU K 432 -51.74 -25.16 -0.23
N HIS K 433 -51.65 -26.47 -0.56
CA HIS K 433 -51.74 -27.56 0.44
C HIS K 433 -50.39 -27.65 1.14
N SER K 434 -50.16 -26.72 2.06
CA SER K 434 -48.82 -26.53 2.64
C SER K 434 -48.89 -25.47 3.74
N THR K 435 -47.82 -25.42 4.52
CA THR K 435 -47.69 -24.36 5.51
C THR K 435 -47.68 -22.97 4.87
N LEU K 436 -47.05 -22.86 3.71
CA LEU K 436 -47.04 -21.58 2.98
C LEU K 436 -48.48 -21.21 2.60
N GLY K 437 -49.22 -22.14 2.02
CA GLY K 437 -50.63 -21.92 1.66
C GLY K 437 -51.51 -21.56 2.84
N ARG K 438 -51.32 -22.26 3.96
CA ARG K 438 -52.07 -22.02 5.18
C ARG K 438 -51.86 -20.56 5.65
N THR K 439 -50.61 -20.12 5.57
CA THR K 439 -50.25 -18.71 5.92
C THR K 439 -50.83 -17.69 4.92
N ALA K 440 -50.71 -18.00 3.62
CA ALA K 440 -51.28 -17.14 2.57
C ALA K 440 -52.81 -17.04 2.70
N ALA K 441 -53.46 -18.15 3.02
CA ALA K 441 -54.94 -18.18 3.07
C ALA K 441 -55.47 -17.22 4.13
N ARG K 442 -54.78 -17.10 5.25
CA ARG K 442 -55.21 -16.21 6.31
C ARG K 442 -55.25 -14.74 5.80
N GLY K 443 -54.26 -14.36 5.00
CA GLY K 443 -54.20 -13.03 4.41
C GLY K 443 -55.25 -12.82 3.34
N ILE K 444 -55.38 -13.82 2.45
CA ILE K 444 -56.39 -13.82 1.40
C ILE K 444 -57.75 -13.50 2.01
N GLU K 445 -58.14 -14.21 3.06
CA GLU K 445 -59.49 -13.98 3.55
C GLU K 445 -59.65 -12.64 4.29
N THR K 446 -58.56 -12.12 4.83
CA THR K 446 -58.59 -10.83 5.49
C THR K 446 -58.85 -9.74 4.44
N ALA K 447 -58.21 -9.89 3.29
CA ALA K 447 -58.42 -8.96 2.20
C ALA K 447 -59.88 -8.96 1.72
N ILE K 448 -60.47 -10.16 1.63
CA ILE K 448 -61.85 -10.32 1.23
C ILE K 448 -62.85 -9.75 2.26
N VAL K 449 -62.63 -9.99 3.56
CA VAL K 449 -63.50 -9.38 4.59
C VAL K 449 -63.43 -7.84 4.43
N CYS K 450 -62.22 -7.31 4.28
CA CYS K 450 -62.02 -5.87 4.03
C CYS K 450 -62.86 -5.35 2.87
N ALA K 451 -62.82 -6.08 1.75
CA ALA K 451 -63.51 -5.67 0.56
C ALA K 451 -65.03 -5.63 0.76
N ASN K 452 -65.54 -6.31 1.78
CA ASN K 452 -66.99 -6.40 1.99
C ASN K 452 -67.53 -5.49 3.09
N MET K 453 -66.64 -4.89 3.88
CA MET K 453 -67.05 -4.14 5.07
C MET K 453 -67.99 -2.99 4.74
N GLU K 454 -67.62 -2.21 3.73
CA GLU K 454 -68.44 -1.05 3.37
C GLU K 454 -69.88 -1.45 2.99
N LYS K 455 -70.02 -2.54 2.21
CA LYS K 455 -71.33 -3.06 1.82
C LYS K 455 -72.15 -3.53 3.02
N TRP K 456 -71.52 -4.31 3.89
CA TRP K 456 -72.20 -4.82 5.06
C TRP K 456 -72.63 -3.70 6.02
N ILE K 457 -71.77 -2.69 6.22
CA ILE K 457 -72.09 -1.55 7.09
C ILE K 457 -73.29 -0.77 6.53
N LYS K 458 -73.25 -0.49 5.22
CA LYS K 458 -74.33 0.25 4.57
C LYS K 458 -75.63 -0.54 4.68
N GLU K 459 -75.56 -1.88 4.53
CA GLU K 459 -76.77 -2.69 4.62
C GLU K 459 -77.41 -2.50 5.99
N MET K 460 -76.60 -2.60 7.05
CA MET K 460 -77.14 -2.46 8.41
C MET K 460 -77.58 -1.03 8.76
N ALA K 461 -76.80 -0.05 8.31
CA ALA K 461 -77.14 1.37 8.53
C ALA K 461 -78.51 1.69 7.95
N ASP K 462 -78.70 1.33 6.67
CA ASP K 462 -79.99 1.57 5.99
C ASP K 462 -81.12 0.85 6.72
N SER K 463 -80.85 -0.41 7.09
CA SER K 463 -81.84 -1.23 7.78
C SER K 463 -82.21 -0.62 9.15
N GLY K 464 -81.17 -0.32 9.94
CA GLY K 464 -81.32 0.29 11.27
C GLY K 464 -82.02 1.63 11.27
N ALA K 465 -81.86 2.39 10.19
CA ALA K 465 -82.54 3.68 10.00
C ALA K 465 -84.04 3.53 9.74
N LYS K 466 -84.46 2.40 9.19
CA LYS K 466 -85.89 2.16 8.90
C LYS K 466 -86.62 1.61 10.10
N ASP K 467 -86.01 0.63 10.76
CA ASP K 467 -86.69 -0.16 11.78
C ASP K 467 -85.61 -0.69 12.68
N ASN K 468 -85.71 -0.38 13.97
CA ASN K 468 -84.60 -0.75 14.85
C ASN K 468 -84.84 -1.96 15.73
N THR K 469 -85.75 -2.83 15.29
CA THR K 469 -85.98 -4.14 15.91
C THR K 469 -84.65 -4.91 15.94
N LEU K 470 -84.25 -5.35 17.13
CA LEU K 470 -82.93 -5.98 17.32
C LEU K 470 -83.00 -7.27 18.13
N CYS K 471 -84.13 -7.49 18.82
CA CYS K 471 -84.31 -8.69 19.63
C CYS K 471 -85.71 -9.27 19.43
N ALA K 472 -85.79 -10.57 19.18
CA ALA K 472 -87.10 -11.26 19.08
C ALA K 472 -87.59 -11.85 20.41
N LYS K 473 -88.92 -11.95 20.56
CA LYS K 473 -89.51 -12.57 21.74
C LYS K 473 -89.30 -14.08 21.66
N TRP K 474 -89.12 -14.73 22.81
CA TRP K 474 -88.93 -16.18 22.86
C TRP K 474 -89.35 -16.67 24.25
N GLU K 475 -89.49 -18.00 24.38
CA GLU K 475 -89.79 -18.66 25.65
C GLU K 475 -88.85 -19.84 25.85
N MET K 476 -88.43 -20.06 27.09
CA MET K 476 -87.57 -21.20 27.42
C MET K 476 -88.42 -22.49 27.40
N PRO K 477 -87.99 -23.48 26.61
CA PRO K 477 -88.71 -24.74 26.59
C PRO K 477 -88.32 -25.62 27.81
N GLU K 478 -89.22 -26.50 28.25
CA GLU K 478 -88.86 -27.50 29.26
C GLU K 478 -87.65 -28.34 28.83
N GLU K 479 -87.72 -28.85 27.60
CA GLU K 479 -86.76 -29.81 27.10
C GLU K 479 -86.58 -29.54 25.61
N SER K 480 -85.33 -29.49 25.16
CA SER K 480 -85.02 -29.22 23.77
C SER K 480 -83.55 -29.50 23.55
N LYS K 481 -83.11 -29.34 22.33
CA LYS K 481 -81.67 -29.30 22.05
C LYS K 481 -81.44 -28.34 20.91
N GLY K 482 -80.19 -27.92 20.74
CA GLY K 482 -79.86 -26.98 19.67
C GLY K 482 -78.35 -26.98 19.40
N VAL K 483 -77.98 -26.50 18.22
CA VAL K 483 -76.58 -26.34 17.83
C VAL K 483 -76.36 -24.92 17.29
N GLY K 484 -75.25 -24.30 17.67
CA GLY K 484 -74.86 -23.01 17.10
C GLY K 484 -73.61 -23.23 16.28
N LEU K 485 -73.63 -22.87 14.98
CA LEU K 485 -72.45 -23.03 14.12
C LEU K 485 -71.84 -21.66 13.85
N ALA K 486 -70.52 -21.59 13.71
CA ALA K 486 -69.90 -20.36 13.25
C ALA K 486 -68.58 -20.80 12.63
N ASP K 487 -68.06 -20.04 11.66
CA ASP K 487 -66.63 -20.19 11.29
C ASP K 487 -65.85 -19.03 11.91
N ALA K 488 -65.19 -19.34 13.04
CA ALA K 488 -64.34 -18.40 13.76
C ALA K 488 -63.03 -18.21 12.96
N PRO K 489 -62.23 -17.19 13.34
CA PRO K 489 -60.95 -16.98 12.67
C PRO K 489 -60.13 -18.27 12.45
N ARG K 490 -60.20 -19.22 13.38
CA ARG K 490 -59.39 -20.44 13.25
C ARG K 490 -60.15 -21.63 12.64
N GLY K 491 -61.46 -21.45 12.41
CA GLY K 491 -62.22 -22.51 11.73
C GLY K 491 -63.58 -22.81 12.32
N ALA K 492 -64.09 -23.97 11.93
CA ALA K 492 -65.42 -24.45 12.19
C ALA K 492 -65.65 -24.66 13.70
N LEU K 493 -66.56 -23.84 14.26
CA LEU K 493 -66.89 -23.84 15.69
C LEU K 493 -68.33 -24.32 15.89
N SER K 494 -68.56 -25.24 16.82
CA SER K 494 -69.96 -25.61 17.14
C SER K 494 -70.17 -25.76 18.67
N HIS K 495 -71.32 -25.28 19.17
CA HIS K 495 -71.73 -25.45 20.55
C HIS K 495 -73.03 -26.22 20.47
N TRP K 496 -73.18 -27.21 21.34
CA TRP K 496 -74.32 -28.13 21.30
C TRP K 496 -74.93 -28.22 22.69
N ILE K 497 -76.23 -27.97 22.80
CA ILE K 497 -76.89 -27.92 24.11
C ILE K 497 -78.03 -28.92 24.15
N ARG K 498 -78.17 -29.59 25.29
CA ARG K 498 -79.42 -30.27 25.69
C ARG K 498 -79.99 -29.53 26.88
N ILE K 499 -81.25 -29.13 26.79
CA ILE K 499 -81.97 -28.47 27.88
C ILE K 499 -82.92 -29.49 28.50
N LYS K 500 -82.84 -29.63 29.81
CA LYS K 500 -83.77 -30.48 30.55
C LYS K 500 -84.22 -29.71 31.79
N GLY K 501 -85.53 -29.67 32.07
CA GLY K 501 -86.05 -28.88 33.19
C GLY K 501 -85.71 -27.39 33.11
N LYS K 502 -85.62 -26.87 31.87
CA LYS K 502 -85.26 -25.46 31.62
C LYS K 502 -83.82 -25.12 32.03
N LYS K 503 -83.01 -26.15 32.27
CA LYS K 503 -81.62 -25.94 32.65
C LYS K 503 -80.68 -26.67 31.69
N ILE K 504 -79.38 -26.34 31.74
CA ILE K 504 -78.39 -27.07 30.93
C ILE K 504 -78.20 -28.50 31.44
N ASP K 505 -78.55 -29.47 30.60
CA ASP K 505 -78.34 -30.89 30.91
C ASP K 505 -77.01 -31.37 30.29
N ASN K 506 -76.69 -30.88 29.10
CA ASN K 506 -75.37 -31.11 28.48
C ASN K 506 -75.00 -29.87 27.64
N PHE K 507 -73.72 -29.51 27.63
CA PHE K 507 -73.29 -28.41 26.81
C PHE K 507 -71.91 -28.77 26.35
N GLN K 508 -71.77 -28.93 25.05
CA GLN K 508 -70.49 -29.41 24.50
C GLN K 508 -69.98 -28.42 23.45
N LEU K 509 -68.69 -28.06 23.54
CA LEU K 509 -68.02 -27.20 22.58
C LEU K 509 -67.11 -28.10 21.75
N VAL K 510 -67.15 -27.93 20.43
CA VAL K 510 -66.19 -28.57 19.51
C VAL K 510 -65.58 -27.39 18.77
N VAL K 511 -64.26 -27.19 18.90
CA VAL K 511 -63.68 -25.87 18.61
C VAL K 511 -62.63 -26.04 17.52
N PRO K 512 -62.40 -25.00 16.68
CA PRO K 512 -61.49 -25.23 15.53
C PRO K 512 -60.13 -25.77 15.94
N SER K 513 -59.53 -25.27 17.02
CA SER K 513 -58.22 -25.83 17.43
C SER K 513 -58.35 -27.28 17.92
N THR K 514 -59.54 -27.67 18.30
CA THR K 514 -59.77 -29.08 18.66
C THR K 514 -59.64 -29.94 17.40
N TRP K 515 -60.25 -29.49 16.30
CA TRP K 515 -60.11 -30.19 15.01
C TRP K 515 -58.63 -30.22 14.58
N ASN K 516 -57.95 -29.09 14.65
CA ASN K 516 -56.62 -28.99 14.06
C ASN K 516 -55.50 -29.58 14.90
N LEU K 517 -55.58 -29.36 16.21
CA LEU K 517 -54.45 -29.64 17.09
C LEU K 517 -54.69 -30.70 18.15
N GLY K 518 -55.83 -31.38 18.06
CA GLY K 518 -56.15 -32.54 18.89
C GLY K 518 -55.15 -33.68 18.68
N PRO K 519 -55.24 -34.73 19.51
CA PRO K 519 -54.34 -35.86 19.35
C PRO K 519 -54.89 -36.85 18.32
N ARG K 520 -54.29 -38.02 18.27
CA ARG K 520 -54.80 -39.09 17.39
C ARG K 520 -56.24 -39.50 17.77
N GLY K 521 -57.00 -39.95 16.79
CA GLY K 521 -58.36 -40.46 17.03
C GLY K 521 -58.32 -41.93 17.44
N ALA K 522 -59.49 -42.54 17.57
CA ALA K 522 -59.61 -43.93 18.05
C ALA K 522 -58.88 -44.96 17.18
N GLN K 523 -58.78 -44.70 15.88
CA GLN K 523 -58.02 -45.53 14.95
C GLN K 523 -56.48 -45.36 15.01
N GLY K 524 -56.01 -44.43 15.86
CA GLY K 524 -54.57 -44.11 15.92
C GLY K 524 -54.12 -43.11 14.86
N ASP K 525 -55.09 -42.47 14.21
CA ASP K 525 -54.86 -41.60 13.07
C ASP K 525 -54.51 -40.17 13.55
N LYS K 526 -53.35 -39.66 13.14
CA LYS K 526 -52.88 -38.32 13.48
C LYS K 526 -53.81 -37.18 13.12
N SER K 527 -53.82 -36.18 13.97
CA SER K 527 -54.59 -34.97 13.75
C SER K 527 -53.93 -34.13 12.61
N PRO K 528 -54.61 -33.06 12.14
CA PRO K 528 -54.03 -32.27 11.06
C PRO K 528 -52.63 -31.71 11.37
N VAL K 529 -52.41 -31.19 12.58
CA VAL K 529 -51.09 -30.61 12.85
C VAL K 529 -50.01 -31.70 12.93
N GLU K 530 -50.39 -32.87 13.45
CA GLU K 530 -49.45 -34.01 13.59
C GLU K 530 -49.07 -34.52 12.22
N GLU K 531 -50.07 -34.64 11.37
CA GLU K 531 -49.82 -35.00 9.95
C GLU K 531 -48.92 -33.97 9.22
N ALA K 532 -49.22 -32.69 9.44
CA ALA K 532 -48.54 -31.59 8.75
C ALA K 532 -47.06 -31.53 9.13
N LEU K 533 -46.74 -31.93 10.36
CA LEU K 533 -45.38 -31.87 10.86
C LEU K 533 -44.47 -32.94 10.27
N ILE K 534 -45.06 -34.04 9.78
CA ILE K 534 -44.26 -35.11 9.19
C ILE K 534 -43.59 -34.56 7.94
N GLY K 535 -42.29 -34.84 7.79
CA GLY K 535 -41.49 -34.35 6.68
C GLY K 535 -40.86 -32.98 6.92
N THR K 536 -41.11 -32.34 8.09
CA THR K 536 -40.52 -31.03 8.39
C THR K 536 -38.99 -31.16 8.44
N PRO K 537 -38.26 -30.32 7.67
CA PRO K 537 -36.78 -30.37 7.76
C PRO K 537 -36.36 -29.52 8.96
N ILE K 538 -35.26 -29.90 9.59
CA ILE K 538 -34.75 -29.23 10.78
C ILE K 538 -33.31 -28.85 10.49
N ALA K 539 -33.05 -27.58 10.23
CA ALA K 539 -31.69 -27.15 9.90
C ALA K 539 -30.80 -27.18 11.14
N ASP K 540 -31.41 -26.91 12.29
CA ASP K 540 -30.65 -26.78 13.55
C ASP K 540 -31.52 -27.28 14.71
N PRO K 541 -31.25 -28.51 15.22
CA PRO K 541 -32.12 -29.13 16.22
C PRO K 541 -32.16 -28.33 17.55
N LYS K 542 -31.11 -27.53 17.81
CA LYS K 542 -31.10 -26.57 18.91
C LYS K 542 -32.15 -25.43 18.79
N ARG K 543 -32.53 -25.09 17.56
CA ARG K 543 -33.38 -23.91 17.34
C ARG K 543 -34.33 -24.33 16.24
N PRO K 544 -35.27 -25.23 16.57
CA PRO K 544 -36.14 -25.85 15.55
C PRO K 544 -37.27 -24.92 15.07
N VAL K 545 -36.89 -23.80 14.44
CA VAL K 545 -37.90 -22.83 13.93
C VAL K 545 -38.93 -23.49 12.96
N GLU K 546 -38.49 -24.52 12.24
CA GLU K 546 -39.36 -25.13 11.22
C GLU K 546 -40.60 -25.78 11.86
N ILE K 547 -40.45 -26.33 13.07
CA ILE K 547 -41.62 -26.83 13.84
C ILE K 547 -42.57 -25.68 14.16
N LEU K 548 -42.02 -24.57 14.63
CA LEU K 548 -42.81 -23.39 14.90
C LEU K 548 -43.55 -22.85 13.67
N ARG K 549 -42.89 -22.83 12.51
CA ARG K 549 -43.51 -22.33 11.27
C ARG K 549 -44.80 -23.05 10.96
N THR K 550 -44.75 -24.37 11.02
CA THR K 550 -45.97 -25.16 10.74
C THR K 550 -47.05 -25.08 11.82
N VAL K 551 -46.64 -25.21 13.09
CA VAL K 551 -47.56 -25.15 14.20
C VAL K 551 -48.24 -23.77 14.23
N HIS K 552 -47.44 -22.69 14.17
CA HIS K 552 -48.02 -21.34 14.10
C HIS K 552 -48.92 -21.11 12.90
N ALA K 553 -48.64 -21.77 11.77
CA ALA K 553 -49.52 -21.61 10.60
C ALA K 553 -50.98 -22.02 10.87
N PHE K 554 -51.20 -22.98 11.77
CA PHE K 554 -52.57 -23.35 12.16
C PHE K 554 -53.18 -22.35 13.15
N ASP K 555 -52.42 -21.36 13.61
CA ASP K 555 -52.94 -20.34 14.57
C ASP K 555 -53.56 -21.02 15.82
N PRO K 556 -52.74 -21.80 16.56
CA PRO K 556 -53.26 -22.63 17.65
C PRO K 556 -53.80 -21.82 18.82
N CSS K 557 -54.89 -22.32 19.37
CA CSS K 557 -55.51 -21.76 20.53
CB CSS K 557 -56.81 -21.07 20.11
SG CSS K 557 -56.62 -19.41 19.50
SD CSS K 557 -58.60 -18.82 19.57
C CSS K 557 -55.90 -22.90 21.48
O CSS K 557 -56.90 -23.57 21.23
N CYS K 557 -54.89 -22.32 19.37
CA CYS K 557 -55.51 -21.76 20.53
C CYS K 557 -55.90 -22.90 21.48
N ILE K 558 -55.13 -23.10 22.53
CA ILE K 558 -55.26 -24.29 23.34
C ILE K 558 -56.36 -24.13 24.39
N ALA K 559 -56.56 -22.90 24.88
CA ALA K 559 -57.71 -22.60 25.74
C ALA K 559 -59.01 -22.86 24.98
N CYS K 560 -59.15 -22.33 23.75
CA CYS K 560 -60.22 -22.76 22.85
C CYS K 560 -60.32 -24.28 22.65
N GLY K 561 -59.21 -24.93 22.32
CA GLY K 561 -59.28 -26.34 21.93
C GLY K 561 -59.67 -27.27 23.03
N VAL K 562 -59.22 -26.98 24.25
CA VAL K 562 -59.55 -27.81 25.42
C VAL K 562 -60.78 -27.34 26.19
N HIS K 563 -60.89 -26.02 26.37
CA HIS K 563 -62.00 -25.45 27.16
C HIS K 563 -62.19 -26.23 28.49
N PRO L 20 -99.84 37.91 15.42
CA PRO L 20 -99.59 39.24 14.84
C PRO L 20 -98.25 39.83 15.30
N THR L 21 -97.44 40.30 14.38
CA THR L 21 -96.11 40.82 14.73
C THR L 21 -96.22 42.15 15.50
N PRO L 22 -95.59 42.24 16.69
CA PRO L 22 -95.69 43.50 17.45
C PRO L 22 -95.14 44.70 16.69
N GLN L 23 -95.88 45.78 16.76
CA GLN L 23 -95.57 46.97 16.01
C GLN L 23 -96.20 48.20 16.69
N SER L 24 -95.36 49.20 16.98
CA SER L 24 -95.83 50.46 17.58
C SER L 24 -96.52 51.35 16.55
N THR L 25 -96.93 52.54 16.99
CA THR L 25 -97.40 53.56 16.08
C THR L 25 -96.36 54.66 15.84
N PHE L 26 -95.11 54.42 16.25
CA PHE L 26 -94.07 55.43 16.12
C PHE L 26 -93.84 55.96 14.69
N THR L 27 -93.74 57.28 14.60
CA THR L 27 -93.33 57.97 13.37
C THR L 27 -92.18 58.92 13.72
N GLY L 28 -91.06 58.75 13.05
CA GLY L 28 -89.91 59.61 13.26
C GLY L 28 -88.64 58.88 12.91
N PRO L 29 -87.48 59.53 13.11
CA PRO L 29 -86.21 58.88 12.77
C PRO L 29 -85.70 58.01 13.90
N ILE L 30 -84.95 56.98 13.56
CA ILE L 30 -84.20 56.23 14.55
C ILE L 30 -82.79 56.08 14.00
N VAL L 31 -81.79 56.32 14.85
CA VAL L 31 -80.39 56.07 14.49
C VAL L 31 -79.88 55.06 15.49
N VAL L 32 -79.18 54.03 14.98
CA VAL L 32 -78.51 53.07 15.82
C VAL L 32 -77.02 53.12 15.49
N ASP L 33 -76.25 53.69 16.42
CA ASP L 33 -74.79 53.84 16.26
C ASP L 33 -74.18 53.84 17.67
N PRO L 34 -73.39 52.83 18.06
CA PRO L 34 -72.87 51.74 17.18
C PRO L 34 -73.87 50.61 16.95
N ILE L 35 -73.83 49.98 15.78
CA ILE L 35 -74.40 48.63 15.62
C ILE L 35 -73.37 47.71 16.27
N THR L 36 -73.75 47.07 17.37
CA THR L 36 -72.84 46.18 18.10
C THR L 36 -73.03 44.77 17.57
N ARG L 37 -72.15 43.86 17.99
CA ARG L 37 -72.23 42.44 17.59
C ARG L 37 -72.16 42.31 16.06
N ILE L 38 -71.27 43.13 15.47
CA ILE L 38 -70.79 42.98 14.10
C ILE L 38 -69.29 43.18 14.19
N GLU L 39 -68.62 43.00 13.07
CA GLU L 39 -67.26 43.43 12.97
C GLU L 39 -67.30 44.87 12.41
N GLY L 40 -66.61 45.78 13.08
CA GLY L 40 -66.37 47.10 12.48
C GLY L 40 -67.46 48.10 12.86
N HIS L 41 -67.42 49.27 12.22
CA HIS L 41 -68.17 50.42 12.72
C HIS L 41 -69.28 50.85 11.78
N LEU L 42 -70.53 50.61 12.20
CA LEU L 42 -71.67 50.86 11.34
C LEU L 42 -72.67 51.73 12.07
N ARG L 43 -73.22 52.69 11.32
CA ARG L 43 -74.31 53.54 11.79
C ARG L 43 -75.48 53.25 10.87
N ILE L 44 -76.64 52.94 11.44
CA ILE L 44 -77.83 52.73 10.64
C ILE L 44 -78.81 53.86 10.95
N MET L 45 -79.35 54.51 9.91
CA MET L 45 -80.43 55.53 10.08
C MET L 45 -81.65 55.05 9.34
N VAL L 46 -82.82 55.20 9.97
CA VAL L 46 -84.05 54.82 9.30
C VAL L 46 -85.07 55.89 9.56
N GLU L 47 -86.02 56.01 8.63
CA GLU L 47 -87.25 56.76 8.90
C GLU L 47 -88.36 55.76 9.16
N VAL L 48 -89.15 56.03 10.18
CA VAL L 48 -90.21 55.12 10.60
C VAL L 48 -91.53 55.86 10.51
N GLU L 49 -92.56 55.19 10.00
CA GLU L 49 -93.91 55.77 9.94
C GLU L 49 -94.92 54.74 10.42
N ASN L 50 -95.74 55.13 11.39
CA ASN L 50 -96.72 54.24 12.00
C ASN L 50 -96.14 52.87 12.37
N GLY L 51 -94.91 52.86 12.87
CA GLY L 51 -94.29 51.64 13.35
C GLY L 51 -93.53 50.76 12.37
N LYS L 52 -93.41 51.20 11.11
CA LYS L 52 -92.66 50.45 10.10
C LYS L 52 -91.64 51.32 9.42
N VAL L 53 -90.43 50.78 9.21
CA VAL L 53 -89.38 51.50 8.52
C VAL L 53 -89.81 51.79 7.08
N LYS L 54 -89.73 53.06 6.68
CA LYS L 54 -90.09 53.45 5.31
C LYS L 54 -88.87 53.82 4.45
N ASP L 55 -87.75 54.14 5.09
CA ASP L 55 -86.51 54.43 4.36
C ASP L 55 -85.30 54.12 5.23
N ALA L 56 -84.16 53.85 4.62
CA ALA L 56 -82.99 53.41 5.39
C ALA L 56 -81.68 53.83 4.75
N TRP L 57 -80.67 54.04 5.59
CA TRP L 57 -79.30 54.34 5.15
C TRP L 57 -78.30 53.50 5.93
N SER L 58 -77.36 52.87 5.21
CA SER L 58 -76.32 52.09 5.82
C SER L 58 -75.02 52.86 5.73
N SER L 59 -74.54 53.32 6.89
CA SER L 59 -73.44 54.31 6.97
C SER L 59 -72.17 53.74 7.65
N SER L 60 -71.20 53.35 6.84
CA SER L 60 -69.94 52.81 7.37
C SER L 60 -69.03 53.92 7.85
N GLN L 61 -68.52 53.76 9.07
CA GLN L 61 -67.95 54.89 9.84
C GLN L 61 -66.41 54.92 9.98
N LEU L 62 -65.69 54.00 9.33
CA LEU L 62 -64.21 53.97 9.45
C LEU L 62 -63.63 53.75 8.09
N PHE L 63 -62.61 54.53 7.75
CA PHE L 63 -61.77 54.27 6.58
C PHE L 63 -60.35 53.96 7.03
N ARG L 64 -59.73 52.95 6.42
CA ARG L 64 -58.29 52.65 6.64
C ARG L 64 -57.46 52.82 5.36
N GLY L 65 -57.94 52.32 4.22
CA GLY L 65 -57.29 52.61 2.91
C GLY L 65 -56.18 51.65 2.50
N LEU L 66 -56.42 50.37 2.73
CA LEU L 66 -55.45 49.34 2.32
C LEU L 66 -55.07 49.39 0.84
N GLU L 67 -56.03 49.73 -0.02
CA GLU L 67 -55.74 49.81 -1.48
C GLU L 67 -54.70 50.88 -1.78
N ILE L 68 -54.78 52.01 -1.06
CA ILE L 68 -53.83 53.10 -1.20
C ILE L 68 -52.45 52.65 -0.70
N ILE L 69 -52.42 52.04 0.48
CA ILE L 69 -51.20 51.55 1.12
C ILE L 69 -50.41 50.55 0.26
N LEU L 70 -51.14 49.71 -0.49
CA LEU L 70 -50.51 48.70 -1.34
C LEU L 70 -49.81 49.22 -2.60
N LYS L 71 -50.18 50.42 -3.06
CA LYS L 71 -49.56 50.95 -4.28
C LYS L 71 -48.02 50.98 -4.16
N GLY L 72 -47.33 50.45 -5.16
CA GLY L 72 -45.85 50.50 -5.19
C GLY L 72 -45.13 49.38 -4.43
N ARG L 73 -45.90 48.57 -3.71
CA ARG L 73 -45.32 47.47 -2.96
C ARG L 73 -45.10 46.19 -3.81
N ASP L 74 -44.37 45.23 -3.24
CA ASP L 74 -44.10 43.95 -3.87
C ASP L 74 -45.40 43.12 -3.91
N PRO L 75 -45.81 42.63 -5.11
CA PRO L 75 -47.05 41.81 -5.18
C PRO L 75 -47.06 40.63 -4.19
N ARG L 76 -45.89 40.07 -3.87
CA ARG L 76 -45.81 39.00 -2.85
C ARG L 76 -46.30 39.43 -1.45
N ASP L 77 -46.21 40.73 -1.16
CA ASP L 77 -46.53 41.23 0.18
C ASP L 77 -48.02 41.47 0.31
N ALA L 78 -48.74 41.49 -0.81
CA ALA L 78 -50.16 41.89 -0.79
C ALA L 78 -51.02 41.09 0.20
N GLN L 79 -50.88 39.76 0.20
CA GLN L 79 -51.73 38.90 1.02
C GLN L 79 -51.57 39.20 2.52
N HIS L 80 -50.37 39.66 2.92
CA HIS L 80 -50.10 39.96 4.33
C HIS L 80 -50.80 41.25 4.79
N PHE L 81 -50.83 42.25 3.91
CA PHE L 81 -51.58 43.48 4.16
C PHE L 81 -53.10 43.22 4.07
N THR L 82 -53.54 42.57 3.00
CA THR L 82 -54.99 42.42 2.79
C THR L 82 -55.64 41.51 3.83
N GLN L 83 -54.89 40.56 4.36
CA GLN L 83 -55.46 39.68 5.35
C GLN L 83 -55.94 40.52 6.54
N ARG L 84 -55.28 41.64 6.80
CA ARG L 84 -55.69 42.56 7.88
C ARG L 84 -56.88 43.47 7.54
N ALA L 85 -57.49 43.27 6.37
CA ALA L 85 -58.81 43.88 6.12
C ALA L 85 -59.80 43.46 7.21
N CYS L 86 -59.65 42.22 7.68
CA CYS L 86 -60.51 41.73 8.74
C CYS L 86 -59.95 40.52 9.44
N GLY L 87 -60.15 40.49 10.75
CA GLY L 87 -59.73 39.38 11.59
C GLY L 87 -60.82 38.41 11.97
N CYS L 88 -62.08 38.71 11.62
CA CYS L 88 -63.14 37.72 11.80
C CYS L 88 -63.12 36.71 10.64
N CYS L 89 -63.27 37.18 9.40
CA CYS L 89 -62.99 36.32 8.24
C CYS L 89 -61.50 36.39 8.01
N THR L 90 -60.76 36.04 9.05
CA THR L 90 -59.33 35.87 8.85
C THR L 90 -59.11 34.81 7.74
N TYR L 91 -57.93 34.82 7.13
CA TYR L 91 -57.55 33.93 6.01
C TYR L 91 -58.12 34.34 4.67
N VAL L 92 -59.42 34.67 4.61
CA VAL L 92 -60.03 34.72 3.28
C VAL L 92 -59.35 35.74 2.35
N HIS L 93 -58.86 36.85 2.90
CA HIS L 93 -58.25 37.86 2.05
C HIS L 93 -56.86 37.41 1.63
N ALA L 94 -56.17 36.70 2.51
CA ALA L 94 -54.85 36.11 2.11
C ALA L 94 -55.07 35.11 0.99
N LEU L 95 -56.15 34.34 1.07
CA LEU L 95 -56.50 33.44 -0.01
C LEU L 95 -56.83 34.16 -1.34
N ALA L 96 -57.71 35.17 -1.30
CA ALA L 96 -58.06 35.94 -2.51
C ALA L 96 -56.83 36.64 -3.12
N SER L 97 -55.95 37.17 -2.29
CA SER L 97 -54.77 37.88 -2.78
C SER L 97 -53.83 36.87 -3.42
N SER L 98 -53.67 35.71 -2.77
CA SER L 98 -52.80 34.67 -3.34
C SER L 98 -53.39 34.14 -4.66
N ARG L 99 -54.72 34.01 -4.76
CA ARG L 99 -55.31 33.55 -6.04
C ARG L 99 -55.13 34.60 -7.12
N CYS L 100 -55.21 35.85 -6.68
CA CYS L 100 -55.12 37.00 -7.55
C CYS L 100 -53.72 37.13 -8.13
N VAL L 101 -52.71 37.10 -7.28
CA VAL L 101 -51.31 37.10 -7.75
C VAL L 101 -50.98 35.83 -8.53
N ASP L 102 -51.49 34.67 -8.09
CA ASP L 102 -51.28 33.46 -8.91
C ASP L 102 -51.81 33.65 -10.32
N ASP L 103 -52.96 34.29 -10.43
CA ASP L 103 -53.54 34.58 -11.73
C ASP L 103 -52.65 35.55 -12.55
N ALA L 104 -52.15 36.61 -11.91
CA ALA L 104 -51.34 37.64 -12.58
C ALA L 104 -50.00 37.08 -13.09
N VAL L 105 -49.41 36.15 -12.34
CA VAL L 105 -48.12 35.55 -12.74
C VAL L 105 -48.30 34.27 -13.58
N LYS L 106 -49.56 33.88 -13.76
CA LYS L 106 -49.93 32.71 -14.57
C LYS L 106 -49.27 31.43 -14.05
N VAL L 107 -49.50 31.15 -12.79
CA VAL L 107 -49.05 29.89 -12.20
C VAL L 107 -50.28 29.08 -11.77
N SER L 108 -50.26 27.80 -12.08
CA SER L 108 -51.28 26.85 -11.64
C SER L 108 -50.77 26.13 -10.39
N ILE L 109 -51.47 26.27 -9.25
CA ILE L 109 -50.98 25.71 -7.99
C ILE L 109 -51.10 24.17 -7.99
N PRO L 110 -50.20 23.46 -7.26
CA PRO L 110 -50.31 21.98 -7.26
C PRO L 110 -51.63 21.53 -6.60
N ALA L 111 -52.09 20.35 -6.99
CA ALA L 111 -53.32 19.79 -6.42
C ALA L 111 -53.30 19.85 -4.88
N ASN L 112 -52.15 19.55 -4.24
CA ASN L 112 -52.11 19.56 -2.77
C ASN L 112 -52.39 20.95 -2.18
N ALA L 113 -51.94 21.99 -2.88
CA ALA L 113 -52.16 23.34 -2.39
C ALA L 113 -53.60 23.77 -2.59
N ARG L 114 -54.21 23.39 -3.70
CA ARG L 114 -55.67 23.58 -3.87
C ARG L 114 -56.47 22.95 -2.72
N MET L 115 -56.13 21.69 -2.41
CA MET L 115 -56.78 20.97 -1.31
C MET L 115 -56.54 21.63 0.04
N MET L 116 -55.30 22.02 0.34
CA MET L 116 -55.02 22.63 1.63
C MET L 116 -55.71 23.97 1.77
N ARG L 117 -55.67 24.76 0.71
CA ARG L 117 -56.30 26.08 0.75
C ARG L 117 -57.82 25.96 0.93
N ASN L 118 -58.41 24.94 0.31
CA ASN L 118 -59.87 24.81 0.36
C ASN L 118 -60.34 24.29 1.71
N LEU L 119 -59.52 23.39 2.28
CA LEU L 119 -59.74 22.87 3.63
C LEU L 119 -59.67 23.97 4.67
N VAL L 120 -58.70 24.88 4.55
CA VAL L 120 -58.62 25.99 5.53
C VAL L 120 -59.85 26.90 5.38
N MET L 121 -60.31 27.11 4.16
CA MET L 121 -61.58 27.83 3.96
C MET L 121 -62.77 27.13 4.65
N ALA L 122 -62.88 25.81 4.48
CA ALA L 122 -63.91 25.02 5.14
C ALA L 122 -63.88 25.20 6.67
N SER L 123 -62.70 25.08 7.24
CA SER L 123 -62.51 25.31 8.68
C SER L 123 -62.97 26.71 9.09
N GLN L 124 -62.70 27.69 8.24
CA GLN L 124 -63.09 29.08 8.49
C GLN L 124 -64.62 29.22 8.49
N TYR L 125 -65.32 28.60 7.53
CA TYR L 125 -66.79 28.62 7.52
C TYR L 125 -67.32 28.09 8.84
N LEU L 126 -66.77 26.97 9.31
CA LEU L 126 -67.26 26.39 10.57
C LEU L 126 -67.08 27.30 11.79
N HIS L 127 -65.87 27.86 11.96
CA HIS L 127 -65.62 28.77 13.06
C HIS L 127 -66.53 30.00 12.99
N ASP L 128 -66.52 30.63 11.81
CA ASP L 128 -67.19 31.92 11.58
C ASP L 128 -68.72 31.81 11.79
N HIS L 129 -69.34 30.83 11.17
CA HIS L 129 -70.81 30.68 11.29
C HIS L 129 -71.24 30.35 12.69
N LEU L 130 -70.45 29.53 13.38
CA LEU L 130 -70.79 29.18 14.76
C LEU L 130 -70.76 30.40 15.68
N VAL L 131 -69.68 31.18 15.56
CA VAL L 131 -69.53 32.41 16.34
C VAL L 131 -70.62 33.42 15.97
N HIS L 132 -70.91 33.56 14.67
CA HIS L 132 -71.95 34.49 14.27
C HIS L 132 -73.32 34.16 14.87
N PHE L 133 -73.77 32.91 14.71
CA PHE L 133 -75.05 32.56 15.25
C PHE L 133 -75.16 32.79 16.76
N TYR L 134 -74.25 32.19 17.53
CA TYR L 134 -74.36 32.27 18.99
C TYR L 134 -73.96 33.62 19.55
N HIS L 135 -72.78 34.08 19.19
CA HIS L 135 -72.23 35.22 19.89
C HIS L 135 -72.60 36.55 19.28
N LEU L 136 -72.95 36.59 17.99
CA LEU L 136 -73.33 37.86 17.38
C LEU L 136 -74.85 38.00 17.21
N HIS L 137 -75.49 36.94 16.74
CA HIS L 137 -76.89 37.04 16.34
C HIS L 137 -77.87 36.67 17.43
N ALA L 138 -77.56 35.64 18.22
CA ALA L 138 -78.60 35.04 19.08
C ALA L 138 -79.26 36.00 20.06
N LEU L 139 -78.48 36.96 20.57
CA LEU L 139 -78.97 37.93 21.54
C LEU L 139 -80.10 38.83 21.04
N ASP L 140 -80.33 38.85 19.72
CA ASP L 140 -81.48 39.52 19.10
C ASP L 140 -82.77 38.72 19.27
N TRP L 141 -82.66 37.40 19.54
CA TRP L 141 -83.82 36.50 19.54
C TRP L 141 -84.02 35.83 20.89
N VAL L 142 -82.95 35.76 21.68
CA VAL L 142 -82.93 35.04 22.96
C VAL L 142 -82.86 36.06 24.11
N ASP L 143 -83.81 35.97 25.04
CA ASP L 143 -83.82 36.79 26.24
C ASP L 143 -83.05 36.02 27.33
N VAL L 144 -81.79 36.40 27.55
CA VAL L 144 -80.93 35.68 28.50
C VAL L 144 -81.46 35.77 29.94
N THR L 145 -81.94 36.94 30.36
CA THR L 145 -82.51 37.08 31.70
C THR L 145 -83.79 36.26 31.92
N ALA L 146 -84.58 36.03 30.88
CA ALA L 146 -85.71 35.10 30.96
C ALA L 146 -85.30 33.61 31.18
N ALA L 147 -84.05 33.26 30.86
CA ALA L 147 -83.54 31.90 31.13
C ALA L 147 -83.52 31.56 32.63
N LEU L 148 -83.40 32.60 33.45
CA LEU L 148 -83.48 32.47 34.92
C LEU L 148 -84.85 32.04 35.43
N LYS L 149 -85.87 32.28 34.63
CA LYS L 149 -87.23 31.97 35.05
C LYS L 149 -87.64 30.58 34.55
N ALA L 150 -86.77 29.90 33.81
CA ALA L 150 -87.05 28.56 33.27
C ALA L 150 -87.02 27.46 34.33
N ASP L 151 -87.81 26.41 34.09
CA ASP L 151 -87.72 25.15 34.82
C ASP L 151 -86.69 24.24 34.13
N PRO L 152 -85.51 24.01 34.76
CA PRO L 152 -84.44 23.23 34.10
C PRO L 152 -84.85 21.78 33.81
N ASN L 153 -85.76 21.25 34.61
CA ASN L 153 -86.35 19.93 34.33
C ASN L 153 -87.14 19.96 33.03
N LYS L 154 -87.99 20.98 32.91
CA LYS L 154 -88.82 21.16 31.73
C LYS L 154 -87.99 21.47 30.48
N ALA L 155 -86.91 22.23 30.66
CA ALA L 155 -86.00 22.53 29.56
C ALA L 155 -85.30 21.27 29.01
N ALA L 156 -84.88 20.38 29.91
CA ALA L 156 -84.20 19.15 29.49
C ALA L 156 -85.17 18.27 28.67
N LYS L 157 -86.44 18.27 29.07
CA LYS L 157 -87.48 17.51 28.37
C LYS L 157 -87.69 18.05 26.96
N LEU L 158 -87.79 19.37 26.85
CA LEU L 158 -87.93 20.02 25.56
C LEU L 158 -86.70 19.75 24.71
N ALA L 159 -85.52 19.92 25.32
CA ALA L 159 -84.25 19.67 24.63
C ALA L 159 -84.21 18.24 24.08
N ALA L 160 -84.71 17.29 24.86
CA ALA L 160 -84.72 15.88 24.50
C ALA L 160 -85.61 15.58 23.28
N SER L 161 -86.63 16.42 23.09
CA SER L 161 -87.56 16.22 21.97
C SER L 161 -87.14 16.95 20.70
N ILE L 162 -86.29 17.98 20.81
CA ILE L 162 -85.94 18.83 19.67
C ILE L 162 -84.49 18.66 19.20
N ALA L 163 -83.72 17.81 19.87
CA ALA L 163 -82.31 17.61 19.54
C ALA L 163 -81.79 16.25 19.99
N PRO L 164 -80.69 15.78 19.38
CA PRO L 164 -80.06 14.51 19.77
C PRO L 164 -79.72 14.50 21.26
N ALA L 165 -79.80 13.33 21.89
CA ALA L 165 -79.48 13.16 23.31
C ALA L 165 -78.04 13.55 23.57
N ARG L 166 -77.81 14.37 24.60
CA ARG L 166 -76.44 14.78 24.93
C ARG L 166 -76.38 15.19 26.41
N PRO L 167 -75.23 14.95 27.07
CA PRO L 167 -75.18 15.28 28.51
C PRO L 167 -75.27 16.79 28.81
N GLY L 168 -74.81 17.61 27.86
CA GLY L 168 -74.92 19.05 27.98
C GLY L 168 -76.36 19.56 28.03
N ASN L 169 -77.31 18.73 27.61
CA ASN L 169 -78.75 19.08 27.65
C ASN L 169 -79.51 18.48 28.84
N SER L 170 -78.80 17.84 29.77
CA SER L 170 -79.43 17.28 30.96
C SER L 170 -79.95 18.38 31.88
N ALA L 171 -80.92 18.04 32.74
CA ALA L 171 -81.46 18.99 33.72
C ALA L 171 -80.34 19.48 34.64
N LYS L 172 -79.43 18.57 35.02
CA LYS L 172 -78.23 18.92 35.79
C LYS L 172 -77.37 19.99 35.12
N ALA L 173 -76.99 19.77 33.87
CA ALA L 173 -76.19 20.74 33.11
C ALA L 173 -76.91 22.09 32.90
N LEU L 174 -78.20 22.02 32.60
CA LEU L 174 -78.98 23.25 32.39
C LEU L 174 -79.19 24.06 33.67
N LYS L 175 -79.39 23.36 34.79
CA LYS L 175 -79.48 24.00 36.11
C LYS L 175 -78.15 24.70 36.49
N ALA L 176 -77.03 24.04 36.19
CA ALA L 176 -75.70 24.62 36.44
C ALA L 176 -75.47 25.92 35.66
N VAL L 177 -75.91 25.95 34.39
CA VAL L 177 -75.88 27.18 33.60
C VAL L 177 -76.75 28.26 34.25
N GLN L 178 -77.98 27.89 34.62
CA GLN L 178 -78.90 28.83 35.22
C GLN L 178 -78.31 29.41 36.53
N ASP L 179 -77.70 28.56 37.35
CA ASP L 179 -77.09 29.01 38.63
C ASP L 179 -75.89 29.95 38.41
N LYS L 180 -75.08 29.64 37.39
CA LYS L 180 -73.98 30.51 36.96
C LYS L 180 -74.47 31.89 36.55
N LEU L 181 -75.50 31.89 35.70
CA LEU L 181 -76.15 33.11 35.21
C LEU L 181 -76.80 33.93 36.34
N LYS L 182 -77.44 33.23 37.27
CA LYS L 182 -78.09 33.88 38.42
C LYS L 182 -77.06 34.61 39.30
N ALA L 183 -75.93 33.95 39.57
CA ALA L 183 -74.84 34.52 40.38
C ALA L 183 -74.27 35.76 39.73
N PHE L 184 -74.10 35.69 38.41
CA PHE L 184 -73.67 36.82 37.61
C PHE L 184 -74.64 38.00 37.68
N VAL L 185 -75.90 37.77 37.35
CA VAL L 185 -76.93 38.81 37.41
C VAL L 185 -77.05 39.41 38.83
N GLU L 186 -77.07 38.55 39.85
CA GLU L 186 -77.23 39.02 41.23
C GLU L 186 -75.99 39.74 41.75
N SER L 187 -74.93 39.77 40.96
CA SER L 187 -73.75 40.56 41.31
C SER L 187 -74.00 42.04 41.02
N GLY L 188 -74.98 42.34 40.19
CA GLY L 188 -75.26 43.71 39.76
C GLY L 188 -74.35 44.24 38.68
N GLN L 189 -73.27 43.52 38.37
CA GLN L 189 -72.42 43.90 37.26
C GLN L 189 -72.82 43.09 36.03
N LEU L 190 -73.73 43.64 35.22
CA LEU L 190 -74.19 42.89 34.02
C LEU L 190 -73.19 42.75 32.86
N GLY L 191 -72.08 43.48 32.92
CA GLY L 191 -71.04 43.34 31.89
C GLY L 191 -71.62 43.51 30.47
N ILE L 192 -71.39 42.52 29.62
CA ILE L 192 -71.84 42.61 28.23
C ILE L 192 -73.38 42.61 28.06
N PHE L 193 -74.11 42.34 29.14
CA PHE L 193 -75.58 42.36 29.06
C PHE L 193 -76.16 43.68 29.55
N THR L 194 -75.28 44.61 29.91
CA THR L 194 -75.73 45.93 30.43
C THR L 194 -76.64 46.62 29.41
N ASN L 195 -77.83 47.04 29.85
CA ASN L 195 -78.78 47.73 28.96
C ASN L 195 -79.22 46.91 27.74
N ALA L 196 -79.19 45.59 27.83
CA ALA L 196 -79.67 44.76 26.72
C ALA L 196 -81.12 45.13 26.42
N TYR L 197 -81.49 45.02 25.14
CA TYR L 197 -82.86 45.35 24.75
C TYR L 197 -83.91 44.46 25.39
N PHE L 198 -83.54 43.24 25.80
CA PHE L 198 -84.51 42.35 26.45
C PHE L 198 -84.74 42.58 27.95
N LEU L 199 -83.90 43.39 28.61
CA LEU L 199 -84.05 43.63 30.04
C LEU L 199 -85.41 44.27 30.34
N GLY L 200 -86.11 43.73 31.34
CA GLY L 200 -87.49 44.13 31.64
C GLY L 200 -88.55 43.54 30.73
N GLY L 201 -88.13 42.70 29.79
CA GLY L 201 -89.03 42.08 28.81
C GLY L 201 -89.19 42.97 27.60
N HIS L 202 -89.54 42.37 26.47
CA HIS L 202 -89.64 43.09 25.23
C HIS L 202 -90.61 42.35 24.34
N LYS L 203 -91.53 43.12 23.76
CA LYS L 203 -92.62 42.59 22.93
C LYS L 203 -92.14 41.70 21.79
N ALA L 204 -90.95 42.00 21.26
CA ALA L 204 -90.45 41.34 20.05
C ALA L 204 -89.69 40.06 20.36
N TYR L 205 -89.44 39.82 21.65
CA TYR L 205 -88.79 38.57 22.10
C TYR L 205 -89.87 37.52 22.45
N TYR L 206 -89.91 36.42 21.67
CA TYR L 206 -91.06 35.48 21.73
C TYR L 206 -90.78 34.17 22.46
N LEU L 207 -89.51 33.83 22.67
CA LEU L 207 -89.19 32.48 23.16
C LEU L 207 -89.66 32.15 24.57
N PRO L 208 -90.14 30.90 24.79
CA PRO L 208 -90.34 30.41 26.15
C PRO L 208 -89.02 30.45 26.93
N PRO L 209 -89.07 30.80 28.23
CA PRO L 209 -87.87 30.74 29.07
C PRO L 209 -87.02 29.46 28.91
N GLU L 210 -87.66 28.30 28.76
CA GLU L 210 -86.94 27.01 28.56
C GLU L 210 -86.06 27.00 27.30
N VAL L 211 -86.57 27.61 26.23
CA VAL L 211 -85.78 27.71 24.99
C VAL L 211 -84.64 28.71 25.20
N ASP L 212 -84.94 29.81 25.87
CA ASP L 212 -83.90 30.77 26.25
C ASP L 212 -82.76 30.09 26.99
N LEU L 213 -83.12 29.24 27.95
CA LEU L 213 -82.12 28.54 28.75
C LEU L 213 -81.29 27.56 27.92
N ILE L 214 -81.94 26.79 27.05
CA ILE L 214 -81.20 25.89 26.15
C ILE L 214 -80.18 26.66 25.27
N ALA L 215 -80.64 27.76 24.67
CA ALA L 215 -79.79 28.58 23.82
C ALA L 215 -78.63 29.18 24.59
N THR L 216 -78.88 29.61 25.82
CA THR L 216 -77.84 30.25 26.63
C THR L 216 -76.76 29.25 27.06
N ALA L 217 -77.20 28.04 27.42
CA ALA L 217 -76.27 26.94 27.68
C ALA L 217 -75.37 26.69 26.45
N HIS L 218 -75.93 26.75 25.25
CA HIS L 218 -75.18 26.47 24.04
C HIS L 218 -74.30 27.66 23.65
N TYR L 219 -74.79 28.86 23.94
CA TYR L 219 -73.97 30.07 23.76
C TYR L 219 -72.65 29.90 24.50
N LEU L 220 -72.72 29.47 25.76
CA LEU L 220 -71.52 29.24 26.56
C LEU L 220 -70.68 28.09 26.01
N GLU L 221 -71.33 26.96 25.69
CA GLU L 221 -70.58 25.84 25.09
C GLU L 221 -69.86 26.26 23.80
N ALA L 222 -70.53 27.10 23.00
CA ALA L 222 -69.97 27.56 21.74
C ALA L 222 -68.73 28.41 21.93
N LEU L 223 -68.62 29.10 23.08
CA LEU L 223 -67.38 29.87 23.35
C LEU L 223 -66.22 28.92 23.46
N HIS L 224 -66.45 27.72 23.98
CA HIS L 224 -65.40 26.72 24.11
C HIS L 224 -65.17 26.00 22.79
N MET L 225 -66.25 25.68 22.08
CA MET L 225 -66.15 24.99 20.79
C MET L 225 -65.47 25.81 19.68
N GLN L 226 -65.62 27.14 19.68
CA GLN L 226 -64.95 27.94 18.66
C GLN L 226 -63.41 27.90 18.85
N VAL L 227 -62.95 27.72 20.07
CA VAL L 227 -61.51 27.52 20.31
C VAL L 227 -61.03 26.28 19.55
N LYS L 228 -61.80 25.20 19.60
CA LYS L 228 -61.42 23.98 18.89
C LYS L 228 -61.51 24.16 17.39
N ALA L 229 -62.53 24.85 16.90
CA ALA L 229 -62.61 25.13 15.44
C ALA L 229 -61.37 25.91 14.96
N ALA L 230 -60.92 26.87 15.76
CA ALA L 230 -59.74 27.66 15.38
C ALA L 230 -58.44 26.81 15.48
N SER L 231 -58.36 25.90 16.47
CA SER L 231 -57.22 24.97 16.54
C SER L 231 -57.14 24.06 15.30
N ALA L 232 -58.28 23.52 14.89
CA ALA L 232 -58.31 22.72 13.65
C ALA L 232 -57.76 23.59 12.50
N MET L 233 -58.29 24.79 12.36
CA MET L 233 -57.83 25.71 11.31
C MET L 233 -56.31 25.92 11.38
N ALA L 234 -55.79 26.13 12.59
CA ALA L 234 -54.38 26.42 12.77
C ALA L 234 -53.43 25.26 12.43
N ILE L 235 -53.90 24.01 12.45
CA ILE L 235 -53.05 22.88 12.09
C ILE L 235 -52.52 23.05 10.64
N LEU L 236 -53.44 23.47 9.77
CA LEU L 236 -53.13 23.76 8.37
C LEU L 236 -52.68 25.20 8.16
N GLY L 237 -53.28 26.13 8.90
CA GLY L 237 -53.03 27.58 8.69
C GLY L 237 -51.85 28.23 9.40
N GLY L 238 -51.26 27.53 10.37
CA GLY L 238 -50.13 28.07 11.14
C GLY L 238 -50.54 28.80 12.43
N LYS L 239 -51.62 29.56 12.35
CA LYS L 239 -52.18 30.21 13.54
C LYS L 239 -53.54 30.78 13.16
N ASN L 240 -54.35 31.09 14.17
CA ASN L 240 -55.60 31.78 13.98
C ASN L 240 -55.78 32.70 15.21
N PRO L 241 -56.03 34.00 15.02
CA PRO L 241 -56.28 34.64 13.74
C PRO L 241 -55.02 34.90 12.92
N HIS L 242 -55.25 35.13 11.63
CA HIS L 242 -54.26 35.54 10.62
C HIS L 242 -53.29 34.44 10.30
N THR L 243 -53.72 33.61 9.36
CA THR L 243 -52.96 32.43 8.96
C THR L 243 -51.69 32.85 8.25
N GLN L 244 -50.78 31.91 8.12
CA GLN L 244 -49.49 32.24 7.58
C GLN L 244 -48.90 30.97 6.96
N PHE L 245 -49.56 30.45 5.91
CA PHE L 245 -49.12 29.23 5.24
C PHE L 245 -49.25 29.32 3.72
N THR L 246 -49.71 30.46 3.22
CA THR L 246 -49.92 30.63 1.77
C THR L 246 -48.75 31.37 1.16
N VAL L 247 -48.35 30.99 -0.06
CA VAL L 247 -47.29 31.70 -0.78
C VAL L 247 -47.71 31.74 -2.26
N VAL L 248 -47.09 32.59 -3.08
CA VAL L 248 -47.38 32.58 -4.51
C VAL L 248 -47.03 31.19 -5.05
N GLY L 249 -47.96 30.57 -5.78
CA GLY L 249 -47.68 29.24 -6.32
C GLY L 249 -48.13 28.07 -5.47
N GLY L 250 -48.64 28.35 -4.25
CA GLY L 250 -49.20 27.27 -3.42
C GLY L 250 -49.21 27.54 -1.92
N CYS L 251 -48.63 26.60 -1.18
CA CYS L 251 -48.59 26.70 0.27
C CYS L 251 -47.20 26.30 0.75
N SER L 252 -46.89 26.67 1.99
CA SER L 252 -45.56 26.43 2.58
C SER L 252 -45.60 25.26 3.57
N ASN L 253 -46.81 24.85 3.96
CA ASN L 253 -46.99 23.94 5.10
C ASN L 253 -46.89 22.45 4.79
N TYR L 254 -45.66 21.97 4.55
CA TYR L 254 -45.45 20.55 4.29
C TYR L 254 -45.92 19.63 5.42
N GLN L 255 -45.81 20.13 6.65
CA GLN L 255 -46.26 19.35 7.80
C GLN L 255 -47.77 19.10 7.75
N GLY L 256 -48.49 20.03 7.13
CA GLY L 256 -49.95 19.87 6.96
C GLY L 256 -50.38 18.73 6.03
N LEU L 257 -49.43 18.11 5.35
CA LEU L 257 -49.74 16.93 4.52
C LEU L 257 -49.50 15.60 5.24
N THR L 258 -49.00 15.67 6.47
CA THR L 258 -48.53 14.47 7.18
C THR L 258 -49.59 13.86 8.07
N LYS L 259 -49.34 12.62 8.48
CA LYS L 259 -50.34 11.77 9.07
C LYS L 259 -50.91 12.27 10.40
N ASP L 260 -50.05 12.53 11.38
CA ASP L 260 -50.51 12.93 12.71
C ASP L 260 -51.25 14.27 12.76
N PRO L 261 -50.71 15.31 12.09
CA PRO L 261 -51.47 16.57 12.05
C PRO L 261 -52.86 16.40 11.44
N LEU L 262 -52.94 15.63 10.36
CA LEU L 262 -54.24 15.41 9.71
C LEU L 262 -55.22 14.58 10.55
N ALA L 263 -54.69 13.63 11.32
CA ALA L 263 -55.51 12.88 12.29
C ALA L 263 -56.09 13.79 13.37
N ASN L 264 -55.25 14.70 13.89
CA ASN L 264 -55.73 15.70 14.86
C ASN L 264 -56.74 16.66 14.25
N TYR L 265 -56.48 17.05 12.99
CA TYR L 265 -57.35 17.97 12.27
C TYR L 265 -58.73 17.36 12.11
N LEU L 266 -58.73 16.09 11.70
CA LEU L 266 -59.99 15.34 11.53
C LEU L 266 -60.71 15.21 12.85
N ALA L 267 -59.97 14.86 13.91
CA ALA L 267 -60.57 14.70 15.25
C ALA L 267 -61.23 15.98 15.78
N LEU L 268 -60.51 17.10 15.73
CA LEU L 268 -61.09 18.40 16.10
C LEU L 268 -62.32 18.78 15.25
N SER L 269 -62.20 18.59 13.92
CA SER L 269 -63.28 18.93 13.00
C SER L 269 -64.54 18.11 13.29
N LYS L 270 -64.36 16.82 13.58
CA LYS L 270 -65.48 15.95 13.96
C LYS L 270 -66.19 16.43 15.23
N GLU L 271 -65.43 16.85 16.24
CA GLU L 271 -66.01 17.42 17.45
C GLU L 271 -66.83 18.69 17.14
N VAL L 272 -66.27 19.55 16.29
CA VAL L 272 -66.95 20.79 15.89
C VAL L 272 -68.23 20.45 15.13
N CYS L 273 -68.09 19.52 14.19
CA CYS L 273 -69.24 19.06 13.42
C CYS L 273 -70.33 18.42 14.28
N GLN L 274 -69.94 17.68 15.32
CA GLN L 274 -70.93 17.12 16.27
C GLN L 274 -71.75 18.24 16.95
N PHE L 275 -71.07 19.31 17.36
CA PHE L 275 -71.71 20.52 17.97
C PHE L 275 -72.63 21.23 16.97
N VAL L 276 -72.19 21.36 15.73
CA VAL L 276 -73.03 21.90 14.66
C VAL L 276 -74.35 21.11 14.57
N ASN L 277 -74.24 19.78 14.55
CA ASN L 277 -75.43 18.95 14.36
C ASN L 277 -76.29 18.75 15.62
N GLU L 278 -75.67 18.73 16.79
CA GLU L 278 -76.37 18.56 18.05
C GLU L 278 -76.96 19.87 18.60
N CYS L 279 -76.24 20.99 18.40
CA CYS L 279 -76.63 22.27 19.02
C CYS L 279 -77.08 23.37 18.04
N TYR L 280 -76.21 23.72 17.10
CA TYR L 280 -76.49 24.80 16.12
C TYR L 280 -77.80 24.59 15.34
N ILE L 281 -77.84 23.55 14.52
CA ILE L 281 -79.01 23.30 13.67
C ILE L 281 -80.29 23.17 14.50
N PRO L 282 -80.28 22.35 15.58
CA PRO L 282 -81.52 22.27 16.38
C PRO L 282 -81.94 23.60 17.04
N ASP L 283 -81.00 24.39 17.53
CA ASP L 283 -81.33 25.72 18.08
C ASP L 283 -81.88 26.65 17.01
N LEU L 284 -81.21 26.65 15.87
CA LEU L 284 -81.60 27.46 14.75
C LEU L 284 -83.04 27.14 14.32
N LEU L 285 -83.36 25.84 14.26
CA LEU L 285 -84.73 25.40 13.90
C LEU L 285 -85.75 25.72 14.97
N ALA L 286 -85.38 25.58 16.23
CA ALA L 286 -86.27 25.93 17.34
C ALA L 286 -86.59 27.43 17.32
N VAL L 287 -85.55 28.27 17.22
CA VAL L 287 -85.73 29.74 17.10
C VAL L 287 -86.57 30.13 15.88
N ALA L 288 -86.20 29.61 14.71
CA ALA L 288 -86.97 29.86 13.49
C ALA L 288 -88.45 29.47 13.63
N GLY L 289 -88.71 28.43 14.42
CA GLY L 289 -90.09 27.96 14.64
C GLY L 289 -90.97 28.97 15.37
N PHE L 290 -90.39 29.68 16.30
CA PHE L 290 -91.13 30.67 17.08
C PHE L 290 -91.24 32.01 16.36
N TYR L 291 -90.29 32.25 15.45
CA TYR L 291 -90.23 33.51 14.69
C TYR L 291 -90.63 33.34 13.21
N LYS L 292 -91.62 32.50 12.95
CA LYS L 292 -92.08 32.28 11.55
C LYS L 292 -92.47 33.58 10.84
N ASP L 293 -92.97 34.56 11.59
CA ASP L 293 -93.35 35.84 11.00
C ASP L 293 -92.17 36.54 10.29
N TRP L 294 -90.96 36.26 10.77
CA TRP L 294 -89.71 36.78 10.17
C TRP L 294 -89.36 36.19 8.80
N GLY L 295 -90.12 35.16 8.40
CA GLY L 295 -90.10 34.65 7.03
C GLY L 295 -90.76 35.59 6.03
N GLY L 296 -91.39 36.65 6.53
CA GLY L 296 -92.04 37.66 5.68
C GLY L 296 -91.47 39.06 5.81
N ILE L 297 -90.29 39.18 6.44
CA ILE L 297 -89.63 40.46 6.70
C ILE L 297 -88.19 40.32 6.22
N GLY L 298 -87.69 41.34 5.52
CA GLY L 298 -86.24 41.44 5.27
C GLY L 298 -85.75 40.80 3.98
N GLY L 299 -86.66 40.54 3.05
CA GLY L 299 -86.31 39.91 1.79
C GLY L 299 -85.69 40.82 0.75
N THR L 300 -84.81 40.27 -0.08
CA THR L 300 -84.29 40.98 -1.25
C THR L 300 -84.55 40.10 -2.49
N SER L 301 -84.01 40.50 -3.64
CA SER L 301 -84.38 39.84 -4.90
C SER L 301 -83.25 39.27 -5.75
N ASN L 302 -82.03 39.76 -5.57
CA ASN L 302 -80.92 39.36 -6.46
C ASN L 302 -79.81 38.73 -5.65
N TYR L 303 -79.23 37.65 -6.18
CA TYR L 303 -78.18 36.90 -5.48
C TYR L 303 -76.98 36.60 -6.38
N LEU L 304 -75.79 36.72 -5.83
CA LEU L 304 -74.55 36.46 -6.57
C LEU L 304 -73.61 35.62 -5.74
N ALA L 305 -72.93 34.68 -6.40
CA ALA L 305 -71.84 33.92 -5.78
C ALA L 305 -70.76 33.56 -6.78
N PHE L 306 -69.51 33.62 -6.32
CA PHE L 306 -68.40 33.20 -7.15
C PHE L 306 -68.13 31.70 -7.00
N GLY L 307 -68.81 31.09 -6.03
CA GLY L 307 -68.59 29.69 -5.69
C GLY L 307 -67.37 29.47 -4.80
N GLU L 308 -67.34 28.34 -4.11
CA GLU L 308 -66.17 27.94 -3.35
C GLU L 308 -66.00 26.41 -3.34
N PHE L 309 -64.80 25.94 -3.01
CA PHE L 309 -64.51 24.52 -2.92
C PHE L 309 -64.45 23.89 -4.32
N ALA L 310 -63.65 24.50 -5.19
CA ALA L 310 -63.54 24.09 -6.58
C ALA L 310 -62.60 22.90 -6.70
N THR L 311 -62.89 22.02 -7.66
CA THR L 311 -62.01 20.91 -7.94
C THR L 311 -60.90 21.31 -8.93
N ASP L 312 -61.04 22.50 -9.51
CA ASP L 312 -60.07 23.03 -10.47
C ASP L 312 -59.87 24.53 -10.21
N ASP L 313 -58.71 24.86 -9.65
CA ASP L 313 -58.43 26.24 -9.29
C ASP L 313 -57.27 26.79 -10.12
N SER L 314 -57.14 26.28 -11.35
CA SER L 314 -56.03 26.66 -12.21
C SER L 314 -56.24 28.05 -12.85
N SER L 315 -57.46 28.57 -12.76
CA SER L 315 -57.82 29.87 -13.32
C SER L 315 -59.15 30.31 -12.71
N PRO L 316 -59.44 31.63 -12.72
CA PRO L 316 -60.74 32.11 -12.21
C PRO L 316 -61.94 31.50 -12.94
N GLU L 317 -61.84 31.36 -14.25
CA GLU L 317 -62.93 30.77 -14.99
C GLU L 317 -63.11 29.32 -14.58
N LYS L 318 -62.01 28.59 -14.40
CA LYS L 318 -62.12 27.23 -13.85
C LYS L 318 -62.75 27.21 -12.45
N HIS L 319 -62.37 28.16 -11.59
CA HIS L 319 -62.98 28.31 -10.27
C HIS L 319 -64.53 28.46 -10.34
N LEU L 320 -64.97 29.40 -11.16
CA LEU L 320 -66.40 29.63 -11.37
C LEU L 320 -67.13 28.36 -11.84
N ALA L 321 -66.48 27.56 -12.69
CA ALA L 321 -67.13 26.39 -13.28
C ALA L 321 -67.11 25.13 -12.42
N THR L 322 -66.13 25.02 -11.51
CA THR L 322 -65.93 23.74 -10.80
C THR L 322 -66.13 23.80 -9.29
N SER L 323 -66.52 24.98 -8.79
CA SER L 323 -66.88 25.17 -7.38
C SER L 323 -67.99 24.21 -6.94
N GLN L 324 -67.71 23.42 -5.91
CA GLN L 324 -68.70 22.45 -5.43
C GLN L 324 -69.89 23.11 -4.73
N PHE L 325 -69.66 24.28 -4.13
CA PHE L 325 -70.76 25.23 -3.83
C PHE L 325 -70.76 26.17 -5.02
N PRO L 326 -71.72 25.99 -5.95
CA PRO L 326 -71.61 26.59 -7.28
C PRO L 326 -71.72 28.11 -7.35
N SER L 327 -71.14 28.68 -8.41
CA SER L 327 -71.25 30.11 -8.71
C SER L 327 -72.53 30.37 -9.47
N GLY L 328 -72.92 31.64 -9.56
CA GLY L 328 -74.09 32.00 -10.36
C GLY L 328 -74.67 33.35 -9.99
N VAL L 329 -75.67 33.75 -10.76
CA VAL L 329 -76.42 34.98 -10.54
C VAL L 329 -77.92 34.70 -10.67
N ILE L 330 -78.68 35.03 -9.63
CA ILE L 330 -80.14 35.00 -9.66
C ILE L 330 -80.67 36.42 -9.63
N THR L 331 -81.66 36.70 -10.48
CA THR L 331 -82.29 38.02 -10.57
C THR L 331 -83.79 37.91 -10.34
N GLY L 332 -84.34 38.86 -9.58
CA GLY L 332 -85.78 38.97 -9.38
C GLY L 332 -86.43 37.73 -8.79
N ARG L 333 -85.68 37.06 -7.91
CA ARG L 333 -86.11 35.84 -7.21
C ARG L 333 -86.40 34.67 -8.14
N ASP L 334 -85.91 34.75 -9.38
CA ASP L 334 -86.24 33.74 -10.38
C ASP L 334 -85.28 32.55 -10.30
N LEU L 335 -85.70 31.52 -9.57
CA LEU L 335 -84.90 30.30 -9.38
C LEU L 335 -84.85 29.41 -10.64
N GLY L 336 -85.67 29.73 -11.64
CA GLY L 336 -85.69 29.02 -12.91
C GLY L 336 -84.55 29.39 -13.84
N LYS L 337 -83.81 30.43 -13.48
CA LYS L 337 -82.72 30.89 -14.31
C LYS L 337 -81.54 31.26 -13.44
N VAL L 338 -80.47 30.50 -13.54
CA VAL L 338 -79.24 30.89 -12.90
C VAL L 338 -78.27 31.25 -14.02
N ASP L 339 -77.84 32.51 -14.04
CA ASP L 339 -76.91 32.97 -15.05
C ASP L 339 -75.47 32.76 -14.61
N ASN L 340 -74.59 32.57 -15.58
CA ASN L 340 -73.14 32.56 -15.32
C ASN L 340 -72.62 33.91 -14.89
N VAL L 341 -71.67 33.94 -13.97
CA VAL L 341 -71.08 35.18 -13.53
C VAL L 341 -70.23 35.72 -14.68
N ASP L 342 -70.48 36.96 -15.05
CA ASP L 342 -69.59 37.65 -15.97
C ASP L 342 -68.75 38.61 -15.15
N LEU L 343 -67.47 38.31 -15.01
CA LEU L 343 -66.54 39.13 -14.22
C LEU L 343 -66.33 40.54 -14.78
N GLY L 344 -66.62 40.74 -16.06
CA GLY L 344 -66.52 42.06 -16.65
C GLY L 344 -67.70 42.95 -16.32
N ALA L 345 -68.76 42.39 -15.72
CA ALA L 345 -70.03 43.14 -15.50
C ALA L 345 -70.09 43.79 -14.10
N ILE L 346 -69.04 43.53 -13.33
CA ILE L 346 -68.93 44.06 -11.97
C ILE L 346 -68.33 45.46 -12.02
N TYR L 347 -68.97 46.42 -11.34
CA TYR L 347 -68.36 47.75 -11.15
C TYR L 347 -68.72 48.31 -9.78
N GLU L 348 -68.06 49.40 -9.39
CA GLU L 348 -68.35 50.08 -8.12
C GLU L 348 -68.64 51.55 -8.33
N ASP L 349 -69.71 52.01 -7.69
CA ASP L 349 -70.09 53.43 -7.67
C ASP L 349 -69.58 54.10 -6.38
N VAL L 350 -69.44 55.43 -6.42
CA VAL L 350 -69.05 56.21 -5.24
C VAL L 350 -69.97 57.39 -5.02
N LYS L 351 -70.96 57.55 -5.91
CA LYS L 351 -71.89 58.69 -5.87
C LYS L 351 -72.36 59.06 -4.45
N TYR L 352 -72.81 58.06 -3.68
CA TYR L 352 -73.33 58.27 -2.31
C TYR L 352 -72.30 57.93 -1.21
N SER L 353 -71.03 57.87 -1.59
CA SER L 353 -69.94 57.48 -0.70
C SER L 353 -68.97 58.62 -0.44
N TRP L 354 -68.12 58.47 0.58
CA TRP L 354 -67.12 59.49 0.89
C TRP L 354 -65.87 59.36 0.01
N TYR L 355 -66.07 59.44 -1.32
CA TYR L 355 -64.94 59.47 -2.28
C TYR L 355 -65.15 60.65 -3.21
N ALA L 356 -64.08 61.04 -3.90
CA ALA L 356 -64.14 62.13 -4.86
C ALA L 356 -65.19 61.85 -5.95
N PRO L 357 -65.92 62.89 -6.39
CA PRO L 357 -66.96 62.65 -7.40
C PRO L 357 -66.33 62.29 -8.76
N GLY L 358 -67.07 61.57 -9.60
CA GLY L 358 -66.52 61.13 -10.88
C GLY L 358 -65.67 59.88 -10.80
N GLY L 359 -65.87 59.09 -9.74
CA GLY L 359 -65.30 57.75 -9.64
C GLY L 359 -66.35 56.66 -9.84
N ASP L 360 -67.54 57.01 -10.34
CA ASP L 360 -68.61 56.03 -10.57
C ASP L 360 -68.31 55.05 -11.69
N GLY L 361 -68.93 53.87 -11.63
CA GLY L 361 -68.96 52.95 -12.76
C GLY L 361 -67.64 52.25 -13.04
N LYS L 362 -66.72 52.21 -12.08
CA LYS L 362 -65.41 51.60 -12.32
C LYS L 362 -65.41 50.08 -12.12
N HIS L 363 -65.04 49.35 -13.17
CA HIS L 363 -64.63 47.97 -13.01
C HIS L 363 -63.42 47.96 -12.10
N PRO L 364 -63.31 46.94 -11.22
CA PRO L 364 -62.21 46.95 -10.23
C PRO L 364 -60.77 46.93 -10.81
N TYR L 365 -60.57 46.48 -12.05
CA TYR L 365 -59.23 46.61 -12.64
C TYR L 365 -58.88 48.10 -12.86
N ASP L 366 -59.91 48.94 -12.92
CA ASP L 366 -59.75 50.39 -13.12
C ASP L 366 -60.18 51.15 -11.88
N GLY L 367 -60.24 50.45 -10.75
CA GLY L 367 -60.71 51.02 -9.49
C GLY L 367 -59.92 52.22 -8.99
N VAL L 368 -60.64 53.13 -8.35
CA VAL L 368 -60.06 54.36 -7.81
C VAL L 368 -60.47 54.50 -6.35
N THR L 369 -59.51 54.85 -5.49
CA THR L 369 -59.82 55.01 -4.05
C THR L 369 -59.28 56.35 -3.59
N ASP L 370 -60.15 57.36 -3.67
CA ASP L 370 -59.78 58.75 -3.45
C ASP L 370 -60.68 59.31 -2.37
N PRO L 371 -60.30 59.14 -1.09
CA PRO L 371 -61.21 59.45 0.00
C PRO L 371 -61.52 60.94 0.11
N LYS L 372 -62.79 61.26 0.35
CA LYS L 372 -63.22 62.65 0.53
C LYS L 372 -64.39 62.70 1.51
N TYR L 373 -64.11 63.10 2.75
CA TYR L 373 -65.16 63.13 3.75
C TYR L 373 -65.96 64.42 3.59
N THR L 374 -67.26 64.36 3.89
CA THR L 374 -68.07 65.57 3.89
C THR L 374 -68.53 65.81 5.33
N LYS L 375 -69.66 65.25 5.73
CA LYS L 375 -70.08 65.33 7.12
C LYS L 375 -71.08 64.24 7.49
N LEU L 376 -71.18 63.98 8.79
CA LEU L 376 -72.03 62.93 9.32
C LEU L 376 -73.49 63.08 8.90
N ASP L 377 -74.03 62.03 8.29
CA ASP L 377 -75.45 62.04 7.86
C ASP L 377 -75.76 62.96 6.68
N ASP L 378 -74.75 63.33 5.91
CA ASP L 378 -74.95 63.97 4.61
C ASP L 378 -75.66 62.96 3.70
N LYS L 379 -76.93 63.22 3.39
CA LYS L 379 -77.70 62.30 2.56
C LYS L 379 -77.13 62.04 1.17
N ASP L 380 -76.27 62.93 0.72
CA ASP L 380 -75.62 62.80 -0.58
C ASP L 380 -74.33 62.00 -0.52
N HIS L 381 -73.68 61.96 0.65
CA HIS L 381 -72.48 61.15 0.87
C HIS L 381 -72.46 60.65 2.32
N TYR L 382 -72.74 59.36 2.51
CA TYR L 382 -73.03 58.84 3.87
C TYR L 382 -72.34 57.55 4.23
N SER L 383 -71.36 57.11 3.44
CA SER L 383 -70.69 55.87 3.80
C SER L 383 -69.28 55.83 3.28
N TRP L 384 -68.38 55.23 4.06
CA TRP L 384 -67.04 54.85 3.51
C TRP L 384 -67.02 53.62 2.60
N MET L 385 -68.12 52.87 2.50
CA MET L 385 -68.17 51.78 1.51
C MET L 385 -68.52 52.31 0.13
N LYS L 386 -67.85 51.76 -0.89
CA LYS L 386 -68.30 51.88 -2.26
C LYS L 386 -69.61 51.09 -2.43
N ALA L 387 -70.27 51.27 -3.58
CA ALA L 387 -71.50 50.55 -3.91
C ALA L 387 -71.29 49.63 -5.12
N PRO L 388 -70.94 48.35 -4.87
CA PRO L 388 -70.75 47.44 -6.01
C PRO L 388 -72.09 47.12 -6.63
N ARG L 389 -72.11 47.09 -7.95
CA ARG L 389 -73.30 46.76 -8.70
C ARG L 389 -72.96 45.79 -9.82
N TYR L 390 -73.95 45.04 -10.26
CA TYR L 390 -73.78 44.05 -11.32
C TYR L 390 -74.83 44.29 -12.39
N LYS L 391 -74.38 44.64 -13.59
CA LYS L 391 -75.29 45.04 -14.66
C LYS L 391 -76.39 45.99 -14.12
N GLY L 392 -76.04 46.83 -13.15
CA GLY L 392 -76.97 47.83 -12.64
C GLY L 392 -77.89 47.35 -11.53
N LYS L 393 -77.66 46.14 -11.04
CA LYS L 393 -78.44 45.62 -9.93
C LYS L 393 -77.56 45.46 -8.69
N ALA L 394 -78.11 45.85 -7.54
CA ALA L 394 -77.51 45.50 -6.27
C ALA L 394 -77.66 43.98 -6.13
N MET L 395 -76.65 43.33 -5.55
CA MET L 395 -76.66 41.89 -5.37
C MET L 395 -76.47 41.55 -3.90
N GLU L 396 -77.33 40.68 -3.35
CA GLU L 396 -77.08 40.06 -2.05
C GLU L 396 -76.09 38.89 -2.24
N VAL L 397 -75.08 38.84 -1.39
CA VAL L 397 -74.09 37.77 -1.39
C VAL L 397 -74.06 37.08 -0.01
N GLY L 398 -73.52 35.87 0.05
CA GLY L 398 -73.43 35.15 1.33
C GLY L 398 -74.17 33.83 1.34
N PRO L 399 -74.42 33.29 2.55
CA PRO L 399 -75.02 31.94 2.65
C PRO L 399 -76.36 31.83 1.95
N LEU L 400 -77.20 32.85 2.04
CA LEU L 400 -78.51 32.78 1.36
C LEU L 400 -78.36 32.75 -0.17
N ALA L 401 -77.47 33.60 -0.70
CA ALA L 401 -77.17 33.60 -2.13
C ALA L 401 -76.66 32.22 -2.57
N ARG L 402 -75.67 31.68 -1.86
CA ARG L 402 -75.13 30.37 -2.21
C ARG L 402 -76.20 29.27 -2.15
N THR L 403 -77.06 29.35 -1.14
CA THR L 403 -78.13 28.38 -0.95
C THR L 403 -79.16 28.39 -2.10
N PHE L 404 -79.63 29.57 -2.48
CA PHE L 404 -80.57 29.68 -3.60
C PHE L 404 -79.95 29.20 -4.91
N ILE L 405 -78.70 29.60 -5.17
CA ILE L 405 -78.00 29.22 -6.41
C ILE L 405 -77.79 27.71 -6.47
N ALA L 406 -77.34 27.14 -5.35
CA ALA L 406 -77.14 25.70 -5.26
C ALA L 406 -78.44 24.93 -5.33
N TYR L 407 -79.49 25.42 -4.67
CA TYR L 407 -80.80 24.79 -4.71
C TYR L 407 -81.34 24.79 -6.15
N ALA L 408 -81.23 25.95 -6.79
CA ALA L 408 -81.74 26.14 -8.17
C ALA L 408 -81.02 25.23 -9.16
N LYS L 409 -79.72 25.04 -8.96
CA LYS L 409 -78.93 24.13 -9.79
C LYS L 409 -79.10 22.64 -9.43
N GLY L 410 -79.92 22.34 -8.42
CA GLY L 410 -80.11 20.97 -7.96
C GLY L 410 -78.86 20.34 -7.34
N GLN L 411 -78.01 21.15 -6.70
CA GLN L 411 -76.88 20.60 -5.95
C GLN L 411 -77.47 19.66 -4.88
N PRO L 412 -77.06 18.37 -4.88
CA PRO L 412 -77.82 17.38 -4.09
C PRO L 412 -77.79 17.56 -2.57
N ASP L 413 -76.66 18.00 -2.02
CA ASP L 413 -76.56 18.31 -0.59
C ASP L 413 -77.51 19.44 -0.22
N PHE L 414 -77.48 20.52 -1.00
CA PHE L 414 -78.33 21.67 -0.74
C PHE L 414 -79.80 21.35 -0.94
N LYS L 415 -80.16 20.58 -1.99
CA LYS L 415 -81.56 20.19 -2.21
C LYS L 415 -82.07 19.42 -0.97
N LYS L 416 -81.28 18.47 -0.50
CA LYS L 416 -81.60 17.66 0.68
C LYS L 416 -81.75 18.48 1.99
N VAL L 417 -80.75 19.30 2.32
CA VAL L 417 -80.78 20.05 3.58
C VAL L 417 -81.86 21.14 3.58
N VAL L 418 -81.97 21.88 2.47
CA VAL L 418 -83.03 22.90 2.35
C VAL L 418 -84.41 22.28 2.55
N ASP L 419 -84.67 21.18 1.84
CA ASP L 419 -85.96 20.50 1.93
C ASP L 419 -86.26 19.99 3.34
N MET L 420 -85.23 19.50 4.04
CA MET L 420 -85.36 19.16 5.45
C MET L 420 -85.86 20.38 6.21
N VAL L 421 -85.18 21.51 6.05
CA VAL L 421 -85.52 22.74 6.80
C VAL L 421 -86.93 23.22 6.47
N LEU L 422 -87.28 23.24 5.17
CA LEU L 422 -88.63 23.64 4.76
C LEU L 422 -89.68 22.70 5.32
N GLY L 423 -89.35 21.42 5.38
CA GLY L 423 -90.24 20.41 5.95
C GLY L 423 -90.45 20.63 7.45
N LYS L 424 -89.35 20.89 8.18
CA LYS L 424 -89.41 21.13 9.64
C LYS L 424 -90.20 22.39 10.02
N LEU L 425 -90.01 23.47 9.28
CA LEU L 425 -90.67 24.74 9.60
C LEU L 425 -92.02 24.83 8.91
N SER L 426 -92.25 23.91 7.96
CA SER L 426 -93.49 23.87 7.17
C SER L 426 -93.80 25.21 6.48
N VAL L 427 -92.82 25.71 5.74
CA VAL L 427 -92.95 26.95 4.96
C VAL L 427 -92.46 26.69 3.52
N PRO L 428 -92.98 27.45 2.53
CA PRO L 428 -92.51 27.24 1.14
C PRO L 428 -91.11 27.83 0.92
N ALA L 429 -90.45 27.46 -0.17
CA ALA L 429 -89.11 28.00 -0.44
C ALA L 429 -89.12 29.52 -0.60
N THR L 430 -90.26 30.08 -0.96
CA THR L 430 -90.35 31.53 -1.14
C THR L 430 -90.15 32.29 0.19
N ALA L 431 -90.47 31.62 1.31
CA ALA L 431 -90.27 32.20 2.63
C ALA L 431 -88.79 32.41 2.94
N LEU L 432 -87.91 31.76 2.19
CA LEU L 432 -86.47 31.94 2.41
C LEU L 432 -85.93 33.31 1.98
N HIS L 433 -86.67 34.03 1.13
CA HIS L 433 -86.31 35.41 0.77
C HIS L 433 -86.76 36.32 1.90
N SER L 434 -86.00 36.27 2.99
CA SER L 434 -86.36 36.97 4.23
C SER L 434 -85.19 36.92 5.19
N THR L 435 -85.29 37.68 6.27
CA THR L 435 -84.32 37.63 7.34
C THR L 435 -84.22 36.25 8.00
N LEU L 436 -85.36 35.61 8.21
CA LEU L 436 -85.39 34.23 8.69
C LEU L 436 -84.62 33.28 7.77
N GLY L 437 -84.88 33.40 6.46
CA GLY L 437 -84.22 32.58 5.48
C GLY L 437 -82.71 32.81 5.46
N ARG L 438 -82.31 34.07 5.58
CA ARG L 438 -80.91 34.46 5.56
C ARG L 438 -80.18 33.80 6.73
N THR L 439 -80.84 33.83 7.88
CA THR L 439 -80.34 33.19 9.10
C THR L 439 -80.27 31.66 8.97
N ALA L 440 -81.34 31.05 8.47
CA ALA L 440 -81.37 29.61 8.21
C ALA L 440 -80.29 29.16 7.24
N ALA L 441 -80.11 29.91 6.15
CA ALA L 441 -79.15 29.54 5.12
C ALA L 441 -77.72 29.39 5.65
N ARG L 442 -77.36 30.26 6.59
CA ARG L 442 -76.08 30.22 7.24
C ARG L 442 -75.88 28.86 7.93
N GLY L 443 -76.92 28.38 8.60
CA GLY L 443 -76.90 27.07 9.26
C GLY L 443 -76.88 25.93 8.25
N ILE L 444 -77.76 26.00 7.25
CA ILE L 444 -77.81 24.99 6.18
C ILE L 444 -76.40 24.71 5.62
N GLU L 445 -75.69 25.77 5.24
CA GLU L 445 -74.39 25.53 4.62
C GLU L 445 -73.31 25.05 5.60
N THR L 446 -73.43 25.42 6.88
CA THR L 446 -72.53 24.90 7.90
C THR L 446 -72.67 23.38 7.98
N ALA L 447 -73.91 22.88 8.04
CA ALA L 447 -74.15 21.42 8.02
C ALA L 447 -73.53 20.72 6.81
N ILE L 448 -73.64 21.33 5.63
CA ILE L 448 -73.10 20.79 4.40
C ILE L 448 -71.55 20.78 4.39
N VAL L 449 -70.93 21.86 4.86
CA VAL L 449 -69.45 21.86 4.98
C VAL L 449 -69.08 20.67 5.87
N CYS L 450 -69.77 20.54 7.00
CA CYS L 450 -69.52 19.44 7.94
C CYS L 450 -69.59 18.08 7.25
N ALA L 451 -70.65 17.87 6.48
CA ALA L 451 -70.88 16.61 5.80
C ALA L 451 -69.79 16.28 4.79
N ASN L 452 -68.98 17.27 4.41
CA ASN L 452 -67.93 17.06 3.43
C ASN L 452 -66.53 16.98 4.00
N MET L 453 -66.37 17.24 5.29
CA MET L 453 -65.02 17.39 5.84
C MET L 453 -64.17 16.13 5.71
N GLU L 454 -64.73 14.98 6.12
CA GLU L 454 -63.98 13.72 6.09
C GLU L 454 -63.49 13.36 4.68
N LYS L 455 -64.36 13.55 3.69
CA LYS L 455 -64.03 13.29 2.29
C LYS L 455 -62.84 14.17 1.84
N TRP L 456 -62.96 15.47 2.08
CA TRP L 456 -61.90 16.40 1.72
C TRP L 456 -60.58 16.10 2.41
N ILE L 457 -60.65 15.76 3.70
CA ILE L 457 -59.44 15.43 4.45
C ILE L 457 -58.80 14.17 3.91
N LYS L 458 -59.60 13.12 3.66
CA LYS L 458 -59.05 11.87 3.14
C LYS L 458 -58.39 12.08 1.77
N GLU L 459 -59.00 12.93 0.95
CA GLU L 459 -58.49 13.21 -0.38
C GLU L 459 -57.09 13.79 -0.28
N MET L 460 -56.93 14.78 0.59
CA MET L 460 -55.63 15.45 0.76
C MET L 460 -54.60 14.57 1.45
N ALA L 461 -55.04 13.82 2.47
CA ALA L 461 -54.17 12.83 3.14
C ALA L 461 -53.58 11.82 2.15
N ASP L 462 -54.45 11.27 1.31
CA ASP L 462 -54.02 10.31 0.27
C ASP L 462 -53.08 10.91 -0.76
N SER L 463 -53.40 12.11 -1.23
CA SER L 463 -52.55 12.77 -2.21
C SER L 463 -51.17 13.10 -1.59
N GLY L 464 -51.19 13.65 -0.38
CA GLY L 464 -49.99 14.08 0.35
C GLY L 464 -49.08 12.91 0.70
N ALA L 465 -49.69 11.76 0.92
CA ALA L 465 -48.93 10.52 1.13
C ALA L 465 -48.13 10.14 -0.12
N LYS L 466 -48.70 10.38 -1.29
CA LYS L 466 -48.10 9.91 -2.53
C LYS L 466 -47.04 10.84 -3.14
N ASP L 467 -47.28 12.14 -3.04
CA ASP L 467 -46.39 13.15 -3.57
C ASP L 467 -46.68 14.40 -2.75
N ASN L 468 -45.66 15.00 -2.17
CA ASN L 468 -45.93 16.17 -1.31
C ASN L 468 -45.60 17.52 -1.94
N THR L 469 -45.58 17.56 -3.29
CA THR L 469 -45.53 18.83 -4.00
C THR L 469 -46.63 19.77 -3.48
N LEU L 470 -46.21 20.98 -3.10
CA LEU L 470 -47.14 21.90 -2.47
C LEU L 470 -47.03 23.32 -3.03
N CYS L 471 -45.92 23.61 -3.69
CA CYS L 471 -45.67 24.93 -4.28
C CYS L 471 -45.12 24.79 -5.69
N ALA L 472 -45.65 25.58 -6.62
CA ALA L 472 -45.17 25.54 -8.00
C ALA L 472 -44.16 26.67 -8.23
N LYS L 473 -43.30 26.51 -9.25
CA LYS L 473 -42.33 27.54 -9.64
C LYS L 473 -43.06 28.58 -10.46
N TRP L 474 -42.61 29.83 -10.36
CA TRP L 474 -43.26 30.93 -11.04
C TRP L 474 -42.26 32.04 -11.22
N GLU L 475 -42.59 32.99 -12.09
CA GLU L 475 -41.75 34.15 -12.38
C GLU L 475 -42.59 35.40 -12.35
N MET L 476 -42.03 36.48 -11.81
CA MET L 476 -42.74 37.76 -11.77
C MET L 476 -42.69 38.48 -13.13
N PRO L 477 -43.87 38.85 -13.67
CA PRO L 477 -43.92 39.55 -14.96
C PRO L 477 -43.66 41.03 -14.79
N GLU L 478 -43.14 41.67 -15.84
CA GLU L 478 -42.99 43.12 -15.81
C GLU L 478 -44.37 43.78 -15.70
N GLU L 479 -45.32 43.30 -16.50
CA GLU L 479 -46.66 43.88 -16.51
C GLU L 479 -47.71 42.78 -16.64
N SER L 480 -48.78 42.89 -15.87
CA SER L 480 -49.84 41.88 -15.93
C SER L 480 -51.08 42.34 -15.18
N LYS L 481 -52.12 41.54 -15.23
CA LYS L 481 -53.29 41.75 -14.36
C LYS L 481 -53.77 40.38 -13.91
N GLY L 482 -54.53 40.35 -12.83
CA GLY L 482 -55.06 39.11 -12.29
C GLY L 482 -56.20 39.34 -11.32
N VAL L 483 -57.09 38.36 -11.21
CA VAL L 483 -58.20 38.43 -10.26
C VAL L 483 -58.22 37.13 -9.45
N GLY L 484 -58.41 37.27 -8.14
CA GLY L 484 -58.60 36.12 -7.24
C GLY L 484 -60.04 36.15 -6.75
N LEU L 485 -60.74 35.04 -6.93
CA LEU L 485 -62.14 34.94 -6.52
C LEU L 485 -62.23 33.99 -5.34
N ALA L 486 -63.13 34.27 -4.42
CA ALA L 486 -63.44 33.33 -3.33
C ALA L 486 -64.87 33.58 -2.87
N ASP L 487 -65.53 32.55 -2.34
CA ASP L 487 -66.76 32.84 -1.60
C ASP L 487 -66.44 32.68 -0.14
N ALA L 488 -66.21 33.81 0.50
CA ALA L 488 -65.92 33.86 1.93
C ALA L 488 -67.23 33.61 2.71
N PRO L 489 -67.14 33.41 4.04
CA PRO L 489 -68.36 33.16 4.81
C PRO L 489 -69.47 34.17 4.57
N ARG L 490 -69.13 35.44 4.31
CA ARG L 490 -70.17 36.46 4.07
C ARG L 490 -70.52 36.65 2.59
N GLY L 491 -69.79 35.96 1.72
CA GLY L 491 -70.10 36.00 0.28
C GLY L 491 -68.97 36.27 -0.69
N ALA L 492 -69.40 36.70 -1.87
CA ALA L 492 -68.54 36.77 -3.05
C ALA L 492 -67.41 37.80 -2.84
N LEU L 493 -66.16 37.34 -2.86
CA LEU L 493 -64.97 38.19 -2.60
C LEU L 493 -64.06 38.16 -3.81
N SER L 494 -63.60 39.33 -4.24
CA SER L 494 -62.64 39.37 -5.31
C SER L 494 -61.57 40.42 -5.05
N HIS L 495 -60.33 40.03 -5.36
CA HIS L 495 -59.18 40.94 -5.34
C HIS L 495 -58.67 41.06 -6.77
N TRP L 496 -58.26 42.27 -7.15
CA TRP L 496 -57.92 42.57 -8.54
C TRP L 496 -56.63 43.35 -8.56
N ILE L 497 -55.61 42.84 -9.24
CA ILE L 497 -54.30 43.50 -9.26
C ILE L 497 -53.89 43.94 -10.67
N ARG L 498 -53.24 45.11 -10.76
CA ARG L 498 -52.45 45.48 -11.93
C ARG L 498 -50.99 45.56 -11.52
N ILE L 499 -50.13 44.81 -12.21
CA ILE L 499 -48.68 44.84 -11.98
C ILE L 499 -48.03 45.65 -13.08
N LYS L 500 -47.19 46.60 -12.70
CA LYS L 500 -46.40 47.38 -13.66
C LYS L 500 -45.04 47.55 -13.01
N GLY L 501 -43.98 47.40 -13.79
CA GLY L 501 -42.61 47.46 -13.27
C GLY L 501 -42.37 46.44 -12.17
N LYS L 502 -43.05 45.28 -12.25
CA LYS L 502 -42.94 44.20 -11.24
C LYS L 502 -43.42 44.59 -9.83
N LYS L 503 -44.16 45.71 -9.74
CA LYS L 503 -44.73 46.23 -8.50
C LYS L 503 -46.25 46.41 -8.64
N ILE L 504 -46.91 46.60 -7.51
CA ILE L 504 -48.37 46.85 -7.51
C ILE L 504 -48.66 48.24 -8.10
N ASP L 505 -49.41 48.28 -9.20
CA ASP L 505 -49.81 49.54 -9.82
C ASP L 505 -51.24 49.89 -9.37
N ASN L 506 -52.08 48.87 -9.22
CA ASN L 506 -53.40 49.06 -8.63
C ASN L 506 -53.77 47.74 -7.95
N PHE L 507 -54.45 47.84 -6.82
CA PHE L 507 -54.93 46.67 -6.13
C PHE L 507 -56.25 47.08 -5.54
N GLN L 508 -57.30 46.39 -5.95
CA GLN L 508 -58.65 46.74 -5.51
C GLN L 508 -59.33 45.51 -4.90
N LEU L 509 -59.95 45.72 -3.74
CA LEU L 509 -60.73 44.69 -3.04
C LEU L 509 -62.21 45.01 -3.22
N VAL L 510 -63.00 44.02 -3.65
CA VAL L 510 -64.48 44.16 -3.64
C VAL L 510 -64.97 43.03 -2.76
N VAL L 511 -65.62 43.37 -1.65
CA VAL L 511 -65.73 42.46 -0.53
C VAL L 511 -67.23 42.11 -0.26
N PRO L 512 -67.54 40.94 0.32
CA PRO L 512 -68.96 40.63 0.42
C PRO L 512 -69.77 41.68 1.15
N SER L 513 -69.26 42.21 2.27
CA SER L 513 -70.00 43.25 2.98
C SER L 513 -70.10 44.56 2.21
N THR L 514 -69.19 44.79 1.25
CA THR L 514 -69.35 45.90 0.30
C THR L 514 -70.62 45.69 -0.53
N TRP L 515 -70.82 44.48 -1.05
CA TRP L 515 -72.04 44.15 -1.80
C TRP L 515 -73.29 44.32 -0.98
N ASN L 516 -73.27 43.82 0.26
CA ASN L 516 -74.50 43.73 1.10
C ASN L 516 -74.86 45.03 1.83
N LEU L 517 -73.84 45.72 2.31
CA LEU L 517 -74.06 46.81 3.25
C LEU L 517 -73.58 48.17 2.78
N GLY L 518 -73.17 48.25 1.51
CA GLY L 518 -72.78 49.52 0.93
C GLY L 518 -73.95 50.49 0.81
N PRO L 519 -73.67 51.75 0.44
CA PRO L 519 -74.74 52.72 0.28
C PRO L 519 -75.46 52.57 -1.07
N ARG L 520 -76.31 53.54 -1.39
CA ARG L 520 -76.95 53.62 -2.70
C ARG L 520 -75.92 53.69 -3.84
N GLY L 521 -76.30 53.18 -5.01
CA GLY L 521 -75.47 53.27 -6.23
C GLY L 521 -75.72 54.58 -6.93
N ALA L 522 -75.10 54.74 -8.10
CA ALA L 522 -75.15 56.00 -8.85
C ALA L 522 -76.57 56.45 -9.19
N GLN L 523 -77.50 55.52 -9.34
CA GLN L 523 -78.87 55.93 -9.68
C GLN L 523 -79.75 56.11 -8.44
N GLY L 524 -79.16 55.96 -7.26
CA GLY L 524 -79.89 56.16 -6.00
C GLY L 524 -80.60 54.92 -5.49
N ASP L 525 -80.25 53.77 -6.06
CA ASP L 525 -80.86 52.49 -5.69
C ASP L 525 -80.25 51.95 -4.40
N LYS L 526 -81.12 51.53 -3.48
CA LYS L 526 -80.71 51.05 -2.17
C LYS L 526 -79.91 49.77 -2.26
N SER L 527 -78.96 49.61 -1.35
CA SER L 527 -78.18 48.38 -1.26
C SER L 527 -79.07 47.25 -0.67
N PRO L 528 -78.58 46.00 -0.70
CA PRO L 528 -79.40 44.91 -0.13
C PRO L 528 -79.87 45.16 1.31
N VAL L 529 -78.98 45.58 2.20
CA VAL L 529 -79.36 45.85 3.60
C VAL L 529 -80.40 46.99 3.74
N GLU L 530 -80.25 48.03 2.91
CA GLU L 530 -81.16 49.16 2.93
C GLU L 530 -82.53 48.73 2.43
N GLU L 531 -82.55 47.94 1.36
CA GLU L 531 -83.80 47.40 0.84
C GLU L 531 -84.50 46.52 1.87
N ALA L 532 -83.71 45.59 2.42
CA ALA L 532 -84.17 44.58 3.38
C ALA L 532 -84.83 45.20 4.60
N LEU L 533 -84.29 46.33 5.04
CA LEU L 533 -84.85 47.10 6.17
C LEU L 533 -86.21 47.76 5.96
N ILE L 534 -86.54 48.07 4.71
CA ILE L 534 -87.89 48.59 4.41
C ILE L 534 -88.97 47.60 4.83
N GLY L 535 -89.99 48.09 5.53
CA GLY L 535 -91.05 47.25 6.07
C GLY L 535 -90.80 46.65 7.45
N THR L 536 -89.63 46.90 8.05
CA THR L 536 -89.30 46.36 9.37
C THR L 536 -90.27 46.94 10.42
N PRO L 537 -90.98 46.06 11.16
CA PRO L 537 -91.86 46.59 12.22
C PRO L 537 -91.00 46.93 13.43
N ILE L 538 -91.43 47.94 14.18
CA ILE L 538 -90.69 48.42 15.36
C ILE L 538 -91.66 48.41 16.54
N ALA L 539 -91.53 47.39 17.40
CA ALA L 539 -92.43 47.26 18.56
C ALA L 539 -92.16 48.34 19.58
N ASP L 540 -90.91 48.74 19.72
CA ASP L 540 -90.49 49.70 20.73
C ASP L 540 -89.31 50.53 20.19
N PRO L 541 -89.58 51.80 19.84
CA PRO L 541 -88.58 52.62 19.14
C PRO L 541 -87.33 52.94 19.96
N LYS L 542 -87.43 52.88 21.27
CA LYS L 542 -86.29 53.04 22.13
C LYS L 542 -85.36 51.79 22.14
N ARG L 543 -85.88 50.63 21.76
CA ARG L 543 -85.15 49.37 21.77
C ARG L 543 -85.42 48.65 20.47
N PRO L 544 -84.85 49.16 19.36
CA PRO L 544 -85.26 48.67 18.04
C PRO L 544 -84.55 47.37 17.61
N VAL L 545 -84.80 46.30 18.36
CA VAL L 545 -84.20 44.99 18.10
C VAL L 545 -84.45 44.49 16.67
N GLU L 546 -85.60 44.83 16.10
CA GLU L 546 -85.93 44.37 14.76
C GLU L 546 -84.96 44.87 13.70
N ILE L 547 -84.47 46.11 13.85
CA ILE L 547 -83.37 46.61 13.01
C ILE L 547 -82.16 45.69 13.12
N LEU L 548 -81.82 45.31 14.35
CA LEU L 548 -80.61 44.49 14.58
C LEU L 548 -80.79 43.11 13.97
N ARG L 549 -82.00 42.57 14.03
CA ARG L 549 -82.23 41.22 13.53
C ARG L 549 -81.89 41.14 12.05
N THR L 550 -82.40 42.12 11.29
CA THR L 550 -82.15 42.15 9.85
C THR L 550 -80.70 42.46 9.51
N VAL L 551 -80.16 43.48 10.17
CA VAL L 551 -78.75 43.87 9.90
C VAL L 551 -77.79 42.72 10.23
N HIS L 552 -77.93 42.16 11.42
CA HIS L 552 -77.13 41.00 11.82
C HIS L 552 -77.29 39.78 10.91
N ALA L 553 -78.48 39.59 10.32
CA ALA L 553 -78.71 38.44 9.43
C ALA L 553 -77.72 38.41 8.26
N PHE L 554 -77.26 39.61 7.85
CA PHE L 554 -76.29 39.79 6.77
C PHE L 554 -74.86 39.53 7.23
N ASP L 555 -74.66 39.39 8.55
CA ASP L 555 -73.33 39.16 9.15
C ASP L 555 -72.34 40.28 8.71
N PRO L 556 -72.67 41.54 9.02
CA PRO L 556 -71.85 42.68 8.60
C PRO L 556 -70.40 42.64 9.07
N CSS L 557 -69.54 43.09 8.18
CA CSS L 557 -68.15 43.23 8.46
CB CSS L 557 -67.37 42.10 7.81
SG CSS L 557 -67.28 40.60 8.77
SD CSS L 557 -65.76 39.65 7.79
C CSS L 557 -67.67 44.51 7.82
O CSS L 557 -67.40 44.55 6.62
N CYS L 557 -69.54 43.09 8.18
CA CYS L 557 -68.15 43.23 8.46
C CYS L 557 -67.67 44.51 7.82
N ILE L 558 -67.55 45.58 8.61
CA ILE L 558 -67.34 46.91 8.05
C ILE L 558 -65.87 47.14 7.73
N ALA L 559 -64.98 46.54 8.51
CA ALA L 559 -63.54 46.55 8.17
C ALA L 559 -63.33 45.87 6.83
N CYS L 560 -63.92 44.68 6.65
CA CYS L 560 -63.99 44.05 5.31
C CYS L 560 -64.57 44.96 4.23
N GLY L 561 -65.76 45.53 4.48
CA GLY L 561 -66.48 46.29 3.49
C GLY L 561 -65.78 47.54 2.97
N VAL L 562 -65.07 48.25 3.86
CA VAL L 562 -64.43 49.51 3.51
C VAL L 562 -62.94 49.29 3.20
N HIS L 563 -62.27 48.45 3.98
CA HIS L 563 -60.83 48.25 3.86
C HIS L 563 -60.05 49.57 3.70
FE1 SF4 M . -18.88 -24.00 20.52
FE2 SF4 M . -20.63 -23.58 22.68
FE3 SF4 M . -18.38 -25.06 22.98
FE4 SF4 M . -20.39 -26.02 21.50
S1 SF4 M . -20.49 -25.51 23.71
S2 SF4 M . -18.21 -26.14 20.91
S3 SF4 M . -21.14 -24.07 20.51
S4 SF4 M . -18.45 -22.86 22.49
FE1 F3S N . -10.25 -26.20 13.80
FE3 F3S N . -12.38 -25.81 15.32
FE4 F3S N . -10.33 -27.39 16.21
S1 F3S N . -11.32 -24.24 14.05
S2 F3S N . -8.46 -26.50 15.22
S3 F3S N . -11.68 -27.85 14.44
S4 F3S N . -11.46 -25.82 17.35
FE1 SF4 O . -2.06 -24.58 5.29
FE2 SF4 O . -2.45 -27.17 6.11
FE3 SF4 O . -3.71 -26.12 3.89
FE4 SF4 O . -4.45 -25.25 6.34
S1 SF4 O . -4.60 -27.46 5.62
S2 SF4 O . -4.06 -23.94 4.50
S3 SF4 O . -2.47 -25.26 7.47
S4 SF4 O . -1.52 -26.50 4.01
FE1 SF4 P . 80.95 13.30 -34.17
FE2 SF4 P . 82.33 15.24 -35.59
FE3 SF4 P . 83.67 13.43 -34.08
FE4 SF4 P . 82.15 15.33 -32.88
S1 SF4 P . 84.10 15.67 -34.13
S2 SF4 P . 82.23 13.17 -32.26
S3 SF4 P . 80.37 15.52 -34.34
S4 SF4 P . 82.43 12.99 -35.95
FE1 F3S Q . 69.84 14.24 -32.78
FE3 F3S Q . 72.41 14.13 -33.25
FE4 F3S Q . 71.40 16.25 -31.93
S1 F3S Q . 71.13 12.40 -32.71
S2 F3S Q . 69.63 15.35 -30.81
S3 F3S Q . 71.00 15.76 -34.07
S4 F3S Q . 73.29 15.12 -31.51
FE1 SF4 R . 58.54 10.94 -31.26
FE2 SF4 R . 58.39 11.47 -33.90
FE3 SF4 R . 60.75 11.52 -32.64
FE4 SF4 R . 58.90 13.48 -32.07
S1 SF4 R . 59.95 13.19 -34.08
S2 SF4 R . 60.28 12.33 -30.56
S3 SF4 R . 56.91 12.28 -32.32
S4 SF4 R . 59.38 9.59 -32.92
FE1 SF4 S . 34.43 -38.98 -12.22
FE2 SF4 S . 31.74 -39.28 -12.05
FE3 SF4 S . 33.08 -40.09 -14.28
FE4 SF4 S . 32.74 -37.48 -13.78
S1 SF4 S . 31.09 -39.08 -14.20
S2 SF4 S . 34.72 -38.44 -14.45
S3 SF4 S . 32.91 -37.36 -11.53
S4 SF4 S . 33.29 -40.94 -12.18
FE1 F3S T . 45.37 -39.13 -14.56
FE3 F3S T . 42.76 -38.94 -14.04
FE4 F3S T . 43.59 -39.88 -16.48
S1 F3S T . 44.39 -39.62 -12.60
S2 F3S T . 45.59 -40.84 -16.05
S3 F3S T . 43.85 -37.74 -15.62
S4 F3S T . 41.92 -40.66 -15.28
FE1 SF4 U . 57.10 -40.11 -12.83
FE2 SF4 U . 54.72 -38.94 -12.91
FE3 SF4 U . 56.33 -39.02 -15.19
FE4 SF4 U . 56.97 -37.47 -12.98
S1 SF4 U . 55.15 -37.22 -14.42
S2 SF4 U . 58.43 -38.74 -14.18
S3 SF4 U . 56.28 -38.78 -11.22
S4 SF4 U . 55.26 -40.81 -14.17
FE1 SF4 V . 18.71 23.40 -20.60
FE2 SF4 V . 20.57 23.32 -22.67
FE3 SF4 V . 17.91 23.50 -23.18
FE4 SF4 V . 18.93 21.23 -22.21
S1 SF4 V . 19.48 22.16 -24.25
S2 SF4 V . 17.02 22.14 -21.53
S3 SF4 V . 20.52 22.05 -20.76
S4 SF4 V . 19.16 25.07 -22.16
FE1 F3S W . 9.76 24.57 -14.01
FE3 F3S W . 11.90 24.12 -15.52
FE4 F3S W . 9.37 24.25 -16.64
S1 F3S W . 11.78 25.52 -13.81
S2 F3S W . 8.29 25.71 -15.25
S3 F3S W . 10.16 22.65 -15.16
S4 F3S W . 11.29 25.09 -17.44
FE1 SF4 X . 3.17 28.06 -4.73
FE2 SF4 X . 2.13 26.04 -6.20
FE3 SF4 X . 3.57 25.52 -3.93
FE4 SF4 X . 4.86 26.49 -6.07
S1 SF4 X . 3.74 24.46 -6.02
S2 SF4 X . 5.12 27.22 -3.96
S3 SF4 X . 3.32 27.87 -6.99
S4 SF4 X . 1.57 26.47 -3.99
FE1 SF4 Y . -77.18 -1.05 35.92
FE2 SF4 Y . -79.34 0.61 36.01
FE3 SF4 Y . -77.34 0.93 37.81
FE4 SF4 Y . -76.89 1.57 35.27
S1 SF4 Y . -78.39 2.61 36.72
S2 SF4 Y . -75.49 0.34 36.59
S3 SF4 Y . -78.11 0.06 34.07
S4 SF4 Y . -78.75 -0.96 37.57
FE1 F3S Z . -67.33 -6.12 33.88
FE3 F3S Z . -69.58 -4.86 34.50
FE4 F3S Z . -67.44 -3.40 33.71
S1 F3S Z . -69.37 -6.83 33.43
S2 F3S Z . -66.36 -4.75 32.26
S3 F3S Z . -67.56 -4.62 35.59
S4 F3S Z . -69.58 -3.16 33.17
FE1 SF4 AA . -59.68 -14.57 30.61
FE2 SF4 AA . -59.47 -14.89 33.26
FE3 SF4 AA . -58.61 -12.61 32.10
FE4 SF4 AA . -61.28 -13.24 32.30
S1 SF4 AA . -59.84 -12.76 34.07
S2 SF4 AA . -60.25 -12.31 30.45
S3 SF4 AA . -61.23 -15.59 31.89
S4 SF4 AA . -57.64 -14.70 31.89
FE1 SF4 BA . -36.55 32.17 11.22
FE2 SF4 BA . -34.47 30.44 10.75
FE3 SF4 BA . -36.24 29.97 12.77
FE4 SF4 BA . -34.48 31.99 12.98
S1 SF4 BA . -33.94 29.75 12.84
S2 SF4 BA . -36.69 32.14 13.47
S3 SF4 BA . -34.33 32.74 10.85
S4 SF4 BA . -36.69 29.96 10.54
FE1 F3S CA . -45.91 37.43 14.29
FE3 F3S CA . -43.60 36.32 13.68
FE4 F3S CA . -45.04 35.37 15.82
S1 F3S CA . -45.17 37.05 12.20
S2 F3S CA . -47.17 35.81 15.25
S3 F3S CA . -44.00 37.44 15.59
S4 F3S CA . -43.95 34.17 14.26
FE1 SF4 DA . -56.05 43.60 13.35
FE2 SF4 DA . -53.42 43.24 13.55
FE3 SF4 DA . -54.49 45.56 14.16
FE4 SF4 DA . -54.99 43.44 15.83
S1 SF4 DA . -52.96 44.37 15.49
S2 SF4 DA . -56.51 45.08 15.07
S3 SF4 DA . -54.96 41.70 14.26
S4 SF4 DA . -54.49 44.69 12.07
FE FCO EA . 5.44 -14.23 5.78
C1 FCO EA . 6.52 -13.54 4.39
N1 FCO EA . 7.17 -13.13 3.54
C2 FCO EA . 6.60 -13.55 7.13
N2 FCO EA . 7.31 -13.16 7.96
C3 FCO EA . 4.55 -12.73 6.00
O3 FCO EA . 3.99 -11.75 6.14
NI NI FA . 5.27 -16.98 5.37
NI NI FA . 5.52 -17.50 7.19
S H2S GA . 6.51 -16.23 5.85
MG MG HA . -0.87 -9.15 -3.41
CA CA IA . -0.89 -9.17 -3.39
MG MG JA . 23.73 -39.85 -2.64
C1 GOL KA . 2.58 -2.69 23.75
O1 GOL KA . 2.11 -1.40 23.32
C2 GOL KA . 4.09 -2.71 24.06
O2 GOL KA . 4.44 -1.79 25.10
C3 GOL KA . 4.87 -2.32 22.81
O3 GOL KA . 4.63 -3.34 21.82
C1 GOL LA . 25.84 -33.77 -4.19
O1 GOL LA . 24.41 -33.82 -4.30
C2 GOL LA . 26.33 -35.08 -3.59
O2 GOL LA . 25.66 -35.39 -2.38
C3 GOL LA . 27.84 -35.01 -3.30
O3 GOL LA . 28.09 -33.95 -2.36
FE FCO MA . 55.65 2.99 -21.66
C1 FCO MA . 54.04 1.98 -21.42
N1 FCO MA . 53.06 1.37 -21.28
C2 FCO MA . 55.93 3.11 -19.78
N2 FCO MA . 56.10 3.17 -18.62
C3 FCO MA . 56.70 1.58 -21.58
O3 FCO MA . 57.39 0.65 -21.52
NI NI NA . 54.98 5.28 -23.08
NI NI NA . 55.97 6.51 -21.99
S H2S OA . 54.62 5.03 -21.62
MG MG PA . 54.35 -6.35 -29.52
CA CA QA . 54.37 -6.31 -29.52
MG MG RA . 32.66 25.91 -23.24
C1 GOL SA . 31.36 20.20 -20.41
O1 GOL SA . 31.92 19.91 -21.69
C2 GOL SA . 31.04 21.68 -20.33
O2 GOL SA . 32.31 22.32 -20.23
C3 GOL SA . 30.22 21.96 -19.06
O3 GOL SA . 30.81 21.32 -17.91
C1 GOL TA . 72.40 -0.88 -8.69
O1 GOL TA . 72.62 -2.29 -8.80
C2 GOL TA . 71.55 -0.44 -7.50
O2 GOL TA . 72.15 -0.80 -6.23
C3 GOL TA . 70.15 -1.05 -7.51
O3 GOL TA . 69.49 -0.64 -8.70
FE FCO UA . 61.67 -50.66 -7.10
C1 FCO UA . 63.42 -50.91 -6.38
N1 FCO UA . 64.47 -51.05 -5.94
C2 FCO UA . 61.51 -52.53 -7.47
N2 FCO UA . 61.41 -53.65 -7.69
C3 FCO UA . 60.89 -51.05 -5.58
O3 FCO UA . 60.36 -51.31 -4.58
NI NI VA . 61.93 -48.89 -9.18
NI NI VA . 60.78 -49.82 -10.42
S H2S WA . 62.43 -50.24 -9.24
MG MG XA . 63.71 -44.28 3.17
CA CA YA . 63.64 -44.30 3.16
C1 GOL ZA . 46.49 -65.29 -3.47
O1 GOL ZA . 46.24 -65.55 -2.08
C2 GOL ZA . 47.23 -66.44 -4.15
O2 GOL ZA . 46.63 -67.72 -3.88
C3 GOL ZA . 48.67 -66.49 -3.73
O3 GOL ZA . 49.21 -65.18 -3.94
FE FCO AB . 2.66 40.49 -1.75
C1 FCO AB . 2.00 41.22 -0.13
N1 FCO AB . 1.62 41.66 0.84
C2 FCO AB . 2.17 42.02 -2.77
N2 FCO AB . 1.87 42.97 -3.40
C3 FCO AB . 4.24 41.25 -1.63
O3 FCO AB . 5.29 41.77 -1.54
NI NI BB . 1.23 38.15 -2.21
NI NI BB . 0.90 38.31 -4.01
S H2S CB . 0.70 39.45 -2.27
MG MG DB . 9.95 38.52 7.92
CA CA EB . 9.95 38.49 7.88
MG MG FB . -27.28 28.13 1.03
C1 GOL GB . 13.00 52.97 -16.13
O1 GOL GB . 13.99 53.52 -15.24
C2 GOL GB . 11.69 53.75 -16.15
O2 GOL GB . 11.92 54.96 -16.87
C3 GOL GB . 11.27 54.08 -14.73
O3 GOL GB . 10.60 52.91 -14.20
C1 GOL HB . -25.77 33.63 4.10
O1 GOL HB . -24.65 32.74 4.18
C2 GOL HB . -26.92 33.01 3.30
O2 GOL HB . -26.48 32.69 1.98
C3 GOL HB . -28.07 33.99 3.17
O3 GOL HB . -27.60 35.19 2.53
FE FCO IB . -60.82 -19.88 19.03
C1 FCO IB . -60.01 -21.51 18.43
N1 FCO IB . -59.51 -22.50 18.08
C2 FCO IB . -60.83 -19.14 17.27
N2 FCO IB . -60.84 -18.69 16.20
C3 FCO IB . -62.44 -20.43 18.65
O3 FCO IB . -63.51 -20.79 18.38
NI NI JB . -59.12 -18.80 20.94
NI NI JB . -59.19 -17.00 20.36
S H2S KB . -58.82 -18.84 19.45
MG MG LB . -65.54 -30.10 23.94
CA CA MB . -65.58 -30.08 23.94
MG MG NB . -29.17 -14.98 24.90
C1 GOL OB . -31.06 -19.58 20.55
O1 GOL OB . -31.88 -19.66 21.72
C2 GOL OB . -30.01 -18.49 20.73
O2 GOL OB . -30.66 -17.22 20.90
C3 GOL OB . -29.10 -18.43 19.50
O3 GOL OB . -29.81 -18.13 18.29
C1 GOL PB . -75.62 -10.25 6.90
O1 GOL PB . -76.63 -11.24 6.62
C2 GOL PB . -74.64 -9.97 5.77
O2 GOL PB . -75.35 -9.68 4.56
C3 GOL PB . -73.69 -11.15 5.53
O3 GOL PB . -73.10 -11.58 6.76
FE FCO QB . -65.14 39.36 5.34
C1 FCO QB . -66.66 40.35 4.71
N1 FCO QB . -67.57 40.95 4.35
C2 FCO QB . -66.06 37.70 5.17
N2 FCO QB . -66.60 36.67 5.07
C3 FCO QB . -64.54 39.05 3.73
O3 FCO QB . -64.14 38.85 2.68
NI NI RB . -64.56 40.34 7.84
NI NI RB . -64.23 38.70 8.72
S H2S SB . -65.71 39.53 7.55
MG MG TB . -62.43 48.29 -2.61
CA CA UB . -62.38 48.25 -2.65
C1 GOL VB . -60.20 20.31 -3.49
O1 GOL VB . -60.23 20.52 -4.91
C2 GOL VB . -61.52 19.74 -2.94
O2 GOL VB . -61.76 18.42 -3.44
C3 GOL VB . -62.70 20.60 -3.33
O3 GOL VB . -62.57 21.86 -2.69
C CO3 WB . -43.22 56.46 14.49
O1 CO3 WB . -43.90 57.48 14.63
O2 CO3 WB . -42.04 56.43 14.79
O3 CO3 WB . -43.73 55.44 14.04
#